data_2JSW
#
_entry.id   2JSW
#
_entity_poly.entity_id   1
_entity_poly.type   'polypeptide(L)'
_entity_poly.pdbx_seq_one_letter_code
;GIDPFTDPTVIAENELLGAAAAIEAAAKKLEQLKPRAKPKEADESLNFEEQILEAAKSIAAATSALVKAASAAQRELVAQ
GKVGAIPANALDDGQWSQGLISAARMVAAATNNLCEAANAAVQGHASQEKLISSAKQVAASTAQLLVACKVKADQDSEAM
KRLQAAGNAVKRASDNLVKAAQKAAAFED
;
_entity_poly.pdbx_strand_id   A
#
# COMPACT_ATOMS: atom_id res chain seq x y z
N GLY A 1 -19.02 12.83 2.61
CA GLY A 1 -18.12 13.91 3.08
C GLY A 1 -18.74 14.71 4.20
N ILE A 2 -19.33 15.85 3.86
CA ILE A 2 -20.04 16.64 4.84
C ILE A 2 -21.47 16.13 5.01
N ASP A 3 -21.62 15.09 5.80
CA ASP A 3 -22.93 14.50 6.06
C ASP A 3 -23.43 14.94 7.43
N PRO A 4 -24.74 15.14 7.55
CA PRO A 4 -25.37 15.71 8.75
C PRO A 4 -25.45 14.73 9.91
N PHE A 5 -24.84 13.57 9.76
CA PHE A 5 -24.91 12.54 10.79
C PHE A 5 -23.54 11.98 11.13
N THR A 6 -22.50 12.47 10.45
CA THR A 6 -21.14 11.94 10.61
C THR A 6 -21.14 10.40 10.63
N ASP A 7 -21.61 9.84 9.53
CA ASP A 7 -21.75 8.40 9.40
C ASP A 7 -20.39 7.72 9.56
N PRO A 8 -20.34 6.58 10.28
CA PRO A 8 -19.09 5.90 10.61
C PRO A 8 -18.26 5.54 9.38
N THR A 9 -18.95 5.24 8.29
CA THR A 9 -18.30 4.91 7.04
C THR A 9 -17.57 6.12 6.46
N VAL A 10 -18.15 7.30 6.68
CA VAL A 10 -17.53 8.54 6.23
C VAL A 10 -16.34 8.87 7.13
N ILE A 11 -16.46 8.50 8.40
CA ILE A 11 -15.37 8.68 9.35
C ILE A 11 -14.14 7.91 8.89
N ALA A 12 -14.39 6.72 8.34
CA ALA A 12 -13.32 5.88 7.81
C ALA A 12 -12.64 6.53 6.62
N GLU A 13 -13.43 7.16 5.76
CA GLU A 13 -12.89 7.84 4.58
C GLU A 13 -11.83 8.85 4.97
N ASN A 14 -12.11 9.62 6.02
CA ASN A 14 -11.16 10.62 6.50
C ASN A 14 -9.87 9.96 6.95
N GLU A 15 -10.02 8.84 7.63
CA GLU A 15 -8.88 8.08 8.12
C GLU A 15 -8.07 7.51 6.96
N LEU A 16 -8.77 7.08 5.92
CA LEU A 16 -8.12 6.53 4.73
C LEU A 16 -7.31 7.61 4.01
N LEU A 17 -7.87 8.81 3.91
CA LEU A 17 -7.15 9.93 3.33
C LEU A 17 -5.93 10.27 4.17
N GLY A 18 -6.08 10.19 5.49
CA GLY A 18 -4.96 10.41 6.39
C GLY A 18 -3.87 9.39 6.17
N ALA A 19 -4.26 8.14 5.99
CA ALA A 19 -3.31 7.07 5.70
C ALA A 19 -2.66 7.28 4.35
N ALA A 20 -3.47 7.67 3.36
CA ALA A 20 -2.98 7.95 2.02
C ALA A 20 -1.91 9.05 2.06
N ALA A 21 -2.20 10.13 2.76
CA ALA A 21 -1.26 11.24 2.90
C ALA A 21 0.04 10.76 3.52
N ALA A 22 -0.05 9.88 4.51
CA ALA A 22 1.12 9.33 5.17
C ALA A 22 1.95 8.48 4.21
N ILE A 23 1.26 7.66 3.42
CA ILE A 23 1.94 6.81 2.43
C ILE A 23 2.57 7.66 1.33
N GLU A 24 1.84 8.65 0.85
CA GLU A 24 2.34 9.52 -0.22
C GLU A 24 3.53 10.35 0.25
N ALA A 25 3.60 10.62 1.55
CA ALA A 25 4.75 11.33 2.10
C ALA A 25 5.98 10.43 2.09
N ALA A 26 5.79 9.15 2.40
CA ALA A 26 6.86 8.18 2.31
C ALA A 26 7.25 7.98 0.85
N ALA A 27 6.24 7.97 -0.01
CA ALA A 27 6.45 7.88 -1.45
C ALA A 27 7.26 9.08 -1.96
N LYS A 28 7.03 10.22 -1.34
CA LYS A 28 7.74 11.44 -1.68
C LYS A 28 9.21 11.31 -1.29
N LYS A 29 9.43 10.85 -0.07
CA LYS A 29 10.78 10.63 0.45
C LYS A 29 11.51 9.60 -0.42
N LEU A 30 10.76 8.63 -0.93
CA LEU A 30 11.30 7.62 -1.84
C LEU A 30 11.89 8.26 -3.10
N GLU A 31 11.24 9.30 -3.59
CA GLU A 31 11.69 10.02 -4.76
C GLU A 31 12.88 10.91 -4.43
N GLN A 32 13.05 11.20 -3.14
CA GLN A 32 14.16 12.04 -2.69
C GLN A 32 15.42 11.20 -2.46
N LEU A 33 15.33 9.91 -2.77
CA LEU A 33 16.44 9.00 -2.56
C LEU A 33 17.34 8.94 -3.78
N LYS A 34 18.58 9.37 -3.61
CA LYS A 34 19.54 9.34 -4.70
C LYS A 34 20.34 8.04 -4.65
N PRO A 35 20.25 7.21 -5.70
CA PRO A 35 20.94 5.93 -5.78
C PRO A 35 22.46 6.09 -5.86
N ARG A 36 23.17 5.00 -5.65
CA ARG A 36 24.62 5.00 -5.75
C ARG A 36 25.05 4.95 -7.21
N ALA A 37 24.78 6.02 -7.92
CA ALA A 37 25.09 6.10 -9.33
C ALA A 37 25.99 7.29 -9.62
N LYS A 38 27.23 7.01 -9.98
CA LYS A 38 28.18 8.03 -10.36
C LYS A 38 28.89 7.62 -11.64
N PRO A 39 29.25 8.61 -12.47
CA PRO A 39 29.97 8.39 -13.72
C PRO A 39 31.43 8.02 -13.47
N LYS A 40 31.64 6.89 -12.84
CA LYS A 40 32.97 6.43 -12.50
C LYS A 40 33.21 5.04 -13.07
N GLU A 41 34.36 4.47 -12.73
CA GLU A 41 34.72 3.14 -13.19
C GLU A 41 34.04 2.08 -12.33
N ALA A 42 32.77 1.85 -12.58
CA ALA A 42 32.00 0.88 -11.83
C ALA A 42 31.11 0.06 -12.75
N ASP A 43 31.73 -0.73 -13.61
CA ASP A 43 30.99 -1.59 -14.51
C ASP A 43 30.66 -2.90 -13.80
N GLU A 44 29.51 -2.93 -13.17
CA GLU A 44 29.05 -4.10 -12.45
C GLU A 44 27.59 -4.35 -12.75
N SER A 45 27.06 -5.46 -12.28
CA SER A 45 25.65 -5.77 -12.45
C SER A 45 24.87 -5.24 -11.27
N LEU A 46 25.39 -4.18 -10.67
CA LEU A 46 24.86 -3.66 -9.42
C LEU A 46 24.15 -2.33 -9.62
N ASN A 47 23.02 -2.37 -10.31
CA ASN A 47 22.12 -1.24 -10.40
C ASN A 47 20.98 -1.48 -9.42
N PHE A 48 21.33 -2.20 -8.36
CA PHE A 48 20.39 -2.59 -7.31
C PHE A 48 19.61 -1.40 -6.79
N GLU A 49 20.33 -0.35 -6.41
CA GLU A 49 19.71 0.86 -5.89
C GLU A 49 18.63 1.38 -6.84
N GLU A 50 18.92 1.36 -8.13
CA GLU A 50 17.99 1.84 -9.13
C GLU A 50 16.81 0.89 -9.30
N GLN A 51 17.10 -0.41 -9.34
CA GLN A 51 16.06 -1.42 -9.47
C GLN A 51 15.13 -1.39 -8.26
N ILE A 52 15.67 -1.00 -7.12
CA ILE A 52 14.87 -0.84 -5.92
C ILE A 52 14.11 0.48 -5.98
N LEU A 53 14.77 1.52 -6.44
CA LEU A 53 14.17 2.85 -6.55
C LEU A 53 12.89 2.80 -7.38
N GLU A 54 12.97 2.22 -8.57
CA GLU A 54 11.80 2.09 -9.44
C GLU A 54 10.69 1.30 -8.76
N ALA A 55 11.04 0.15 -8.20
CA ALA A 55 10.05 -0.73 -7.64
C ALA A 55 9.44 -0.15 -6.37
N ALA A 56 10.25 0.58 -5.61
CA ALA A 56 9.75 1.27 -4.42
C ALA A 56 8.67 2.25 -4.81
N LYS A 57 8.90 2.93 -5.94
CA LYS A 57 7.93 3.88 -6.46
C LYS A 57 6.71 3.16 -7.04
N SER A 58 6.94 2.00 -7.65
CA SER A 58 5.86 1.21 -8.22
C SER A 58 4.90 0.78 -7.11
N ILE A 59 5.47 0.40 -5.97
CA ILE A 59 4.69 0.09 -4.77
C ILE A 59 4.04 1.35 -4.24
N ALA A 60 4.85 2.38 -4.06
CA ALA A 60 4.38 3.66 -3.51
C ALA A 60 3.19 4.20 -4.29
N ALA A 61 3.27 4.15 -5.62
CA ALA A 61 2.19 4.63 -6.47
C ALA A 61 0.98 3.72 -6.38
N ALA A 62 1.22 2.41 -6.35
CA ALA A 62 0.15 1.43 -6.31
C ALA A 62 -0.53 1.40 -4.94
N THR A 63 0.27 1.50 -3.88
CA THR A 63 -0.27 1.45 -2.53
C THR A 63 -1.16 2.65 -2.27
N SER A 64 -0.67 3.82 -2.65
CA SER A 64 -1.43 5.05 -2.49
C SER A 64 -2.72 4.99 -3.31
N ALA A 65 -2.63 4.42 -4.50
CA ALA A 65 -3.79 4.26 -5.35
C ALA A 65 -4.78 3.27 -4.74
N LEU A 66 -4.25 2.28 -4.05
CA LEU A 66 -5.05 1.24 -3.43
C LEU A 66 -5.89 1.83 -2.28
N VAL A 67 -5.24 2.55 -1.38
CA VAL A 67 -5.96 3.13 -0.23
C VAL A 67 -7.00 4.15 -0.70
N LYS A 68 -6.70 4.86 -1.78
CA LYS A 68 -7.64 5.82 -2.36
C LYS A 68 -8.80 5.07 -3.03
N ALA A 69 -8.51 3.87 -3.53
CA ALA A 69 -9.52 3.04 -4.18
C ALA A 69 -10.42 2.39 -3.13
N ALA A 70 -9.83 2.03 -1.99
CA ALA A 70 -10.60 1.50 -0.87
C ALA A 70 -11.62 2.53 -0.41
N SER A 71 -11.16 3.76 -0.23
CA SER A 71 -12.02 4.88 0.09
C SER A 71 -13.10 5.06 -0.97
N ALA A 72 -12.73 4.88 -2.23
CA ALA A 72 -13.67 5.00 -3.34
C ALA A 72 -14.75 3.93 -3.25
N ALA A 73 -14.33 2.67 -3.17
CA ALA A 73 -15.26 1.55 -3.08
C ALA A 73 -16.18 1.71 -1.88
N GLN A 74 -15.59 2.07 -0.75
CA GLN A 74 -16.34 2.32 0.47
C GLN A 74 -17.34 3.46 0.28
N ARG A 75 -16.87 4.56 -0.29
CA ARG A 75 -17.70 5.75 -0.51
C ARG A 75 -18.88 5.44 -1.42
N GLU A 76 -18.67 4.57 -2.41
CA GLU A 76 -19.74 4.15 -3.31
C GLU A 76 -20.87 3.49 -2.52
N LEU A 77 -20.49 2.66 -1.56
CA LEU A 77 -21.46 1.99 -0.70
C LEU A 77 -22.18 3.00 0.19
N VAL A 78 -21.44 4.02 0.61
CA VAL A 78 -21.99 5.06 1.46
C VAL A 78 -23.05 5.87 0.71
N ALA A 79 -22.71 6.30 -0.50
CA ALA A 79 -23.60 7.10 -1.32
C ALA A 79 -24.90 6.35 -1.65
N GLN A 80 -24.77 5.05 -1.91
CA GLN A 80 -25.91 4.21 -2.25
C GLN A 80 -26.68 3.81 -1.00
N GLY A 81 -26.01 3.83 0.14
CA GLY A 81 -26.61 3.39 1.38
C GLY A 81 -26.79 1.89 1.40
N LYS A 82 -25.75 1.16 1.04
CA LYS A 82 -25.81 -0.29 0.95
C LYS A 82 -24.76 -0.95 1.85
N VAL A 83 -24.14 -0.15 2.71
CA VAL A 83 -23.07 -0.66 3.56
C VAL A 83 -23.44 -0.63 5.04
N GLY A 84 -24.25 0.33 5.38
CA GLY A 84 -24.56 0.59 6.77
C GLY A 84 -24.09 1.96 7.19
N ALA A 85 -24.14 2.89 6.24
CA ALA A 85 -23.64 4.24 6.43
C ALA A 85 -24.62 5.10 7.23
N ILE A 86 -25.14 4.52 8.29
CA ILE A 86 -26.10 5.19 9.16
C ILE A 86 -25.75 4.87 10.61
N PRO A 87 -25.47 5.88 11.45
CA PRO A 87 -25.18 5.69 12.88
C PRO A 87 -26.14 4.72 13.58
N ALA A 88 -27.41 4.73 13.17
CA ALA A 88 -28.41 3.82 13.75
C ALA A 88 -28.14 2.36 13.40
N ASN A 89 -27.27 2.14 12.42
CA ASN A 89 -26.87 0.79 12.02
C ASN A 89 -25.36 0.68 12.01
N ALA A 90 -24.72 1.57 12.78
CA ALA A 90 -23.27 1.66 12.83
C ALA A 90 -22.66 0.47 13.56
N LEU A 91 -23.48 -0.24 14.32
CA LEU A 91 -23.00 -1.44 15.01
C LEU A 91 -22.40 -2.40 13.99
N ASP A 92 -23.04 -2.53 12.83
CA ASP A 92 -22.56 -3.41 11.78
C ASP A 92 -21.41 -2.76 11.00
N ASP A 93 -21.65 -1.55 10.52
CA ASP A 93 -20.66 -0.87 9.67
C ASP A 93 -19.44 -0.43 10.46
N GLY A 94 -19.63 -0.06 11.71
CA GLY A 94 -18.53 0.37 12.54
C GLY A 94 -17.44 -0.68 12.65
N GLN A 95 -17.83 -1.94 12.60
CA GLN A 95 -16.87 -3.03 12.70
C GLN A 95 -16.20 -3.27 11.36
N TRP A 96 -16.89 -2.90 10.28
CA TRP A 96 -16.30 -2.95 8.95
C TRP A 96 -15.39 -1.75 8.76
N SER A 97 -15.88 -0.60 9.19
CA SER A 97 -15.13 0.65 9.15
C SER A 97 -13.81 0.51 9.91
N GLN A 98 -13.90 0.14 11.18
CA GLN A 98 -12.70 -0.03 12.00
C GLN A 98 -11.81 -1.15 11.45
N GLY A 99 -12.44 -2.17 10.88
CA GLY A 99 -11.69 -3.24 10.25
C GLY A 99 -10.88 -2.75 9.06
N LEU A 100 -11.53 -1.96 8.22
CA LEU A 100 -10.88 -1.35 7.06
C LEU A 100 -9.80 -0.36 7.53
N ILE A 101 -10.16 0.44 8.53
CA ILE A 101 -9.25 1.44 9.09
C ILE A 101 -8.00 0.79 9.67
N SER A 102 -8.18 -0.23 10.50
CA SER A 102 -7.06 -0.91 11.13
C SER A 102 -6.18 -1.57 10.08
N ALA A 103 -6.80 -2.18 9.08
CA ALA A 103 -6.08 -2.81 7.99
C ALA A 103 -5.29 -1.76 7.20
N ALA A 104 -5.88 -0.57 7.03
CA ALA A 104 -5.22 0.51 6.32
C ALA A 104 -3.97 0.96 7.07
N ARG A 105 -4.04 1.04 8.39
CA ARG A 105 -2.86 1.38 9.19
C ARG A 105 -1.83 0.26 9.13
N MET A 106 -2.33 -0.94 8.91
CA MET A 106 -1.47 -2.10 8.73
C MET A 106 -0.68 -1.99 7.43
N VAL A 107 -1.39 -1.68 6.35
CA VAL A 107 -0.74 -1.50 5.06
C VAL A 107 0.14 -0.26 5.09
N ALA A 108 -0.31 0.77 5.78
CA ALA A 108 0.44 2.01 5.92
C ALA A 108 1.77 1.75 6.61
N ALA A 109 1.74 0.98 7.69
CA ALA A 109 2.96 0.69 8.44
C ALA A 109 3.86 -0.23 7.61
N ALA A 110 3.28 -1.26 7.03
CA ALA A 110 4.04 -2.21 6.22
C ALA A 110 4.73 -1.50 5.05
N THR A 111 3.94 -0.74 4.29
CA THR A 111 4.47 -0.03 3.13
C THR A 111 5.48 1.04 3.55
N ASN A 112 5.29 1.57 4.76
CA ASN A 112 6.20 2.57 5.31
C ASN A 112 7.51 1.92 5.72
N ASN A 113 7.41 0.73 6.30
CA ASN A 113 8.59 -0.01 6.72
C ASN A 113 9.40 -0.43 5.51
N LEU A 114 8.72 -0.74 4.42
CA LEU A 114 9.38 -1.08 3.18
C LEU A 114 10.11 0.14 2.64
N CYS A 115 9.52 1.31 2.84
CA CYS A 115 10.16 2.57 2.46
C CYS A 115 11.48 2.73 3.21
N GLU A 116 11.50 2.32 4.48
CA GLU A 116 12.70 2.39 5.29
C GLU A 116 13.72 1.35 4.85
N ALA A 117 13.24 0.16 4.49
CA ALA A 117 14.10 -0.89 3.99
C ALA A 117 14.73 -0.49 2.66
N ALA A 118 13.91 0.08 1.78
CA ALA A 118 14.38 0.59 0.51
C ALA A 118 15.34 1.75 0.73
N ASN A 119 15.04 2.57 1.73
CA ASN A 119 15.87 3.72 2.08
C ASN A 119 17.31 3.29 2.34
N ALA A 120 17.46 2.17 3.03
CA ALA A 120 18.78 1.62 3.30
C ALA A 120 19.43 1.13 2.02
N ALA A 121 18.66 0.41 1.21
CA ALA A 121 19.16 -0.21 -0.02
C ALA A 121 19.72 0.83 -0.99
N VAL A 122 18.94 1.88 -1.23
CA VAL A 122 19.33 2.93 -2.18
C VAL A 122 20.60 3.64 -1.75
N GLN A 123 20.79 3.74 -0.43
CA GLN A 123 21.87 4.54 0.12
C GLN A 123 23.15 3.73 0.28
N GLY A 124 23.06 2.41 0.17
CA GLY A 124 24.24 1.58 0.25
C GLY A 124 24.10 0.41 1.19
N HIS A 125 23.29 0.57 2.22
CA HIS A 125 23.08 -0.49 3.20
C HIS A 125 22.11 -1.53 2.64
N ALA A 126 22.62 -2.36 1.74
CA ALA A 126 21.82 -3.38 1.10
C ALA A 126 21.48 -4.50 2.09
N SER A 127 20.20 -4.58 2.45
CA SER A 127 19.74 -5.57 3.39
C SER A 127 18.64 -6.39 2.74
N GLN A 128 19.03 -7.47 2.10
CA GLN A 128 18.11 -8.28 1.33
C GLN A 128 17.08 -8.92 2.24
N GLU A 129 17.50 -9.31 3.43
CA GLU A 129 16.60 -9.91 4.41
C GLU A 129 15.50 -8.92 4.79
N LYS A 130 15.90 -7.73 5.22
CA LYS A 130 14.96 -6.69 5.62
C LYS A 130 14.03 -6.36 4.46
N LEU A 131 14.62 -6.14 3.29
CA LEU A 131 13.89 -5.69 2.12
C LEU A 131 12.85 -6.73 1.70
N ILE A 132 13.28 -7.98 1.53
CA ILE A 132 12.38 -9.03 1.09
C ILE A 132 11.29 -9.31 2.12
N SER A 133 11.67 -9.41 3.39
CA SER A 133 10.72 -9.70 4.44
C SER A 133 9.64 -8.62 4.51
N SER A 134 10.06 -7.36 4.45
CA SER A 134 9.13 -6.24 4.52
C SER A 134 8.25 -6.20 3.27
N ALA A 135 8.82 -6.58 2.12
CA ALA A 135 8.08 -6.56 0.86
C ALA A 135 6.96 -7.58 0.90
N LYS A 136 7.24 -8.73 1.48
CA LYS A 136 6.24 -9.78 1.61
C LYS A 136 5.16 -9.35 2.60
N GLN A 137 5.57 -8.57 3.60
CA GLN A 137 4.63 -8.03 4.57
C GLN A 137 3.78 -6.94 3.94
N VAL A 138 4.39 -6.11 3.11
CA VAL A 138 3.68 -5.08 2.37
C VAL A 138 2.62 -5.70 1.49
N ALA A 139 3.04 -6.62 0.65
CA ALA A 139 2.15 -7.30 -0.27
C ALA A 139 1.01 -7.98 0.48
N ALA A 140 1.34 -8.67 1.56
CA ALA A 140 0.33 -9.41 2.32
C ALA A 140 -0.64 -8.46 3.00
N SER A 141 -0.10 -7.45 3.68
CA SER A 141 -0.94 -6.51 4.40
C SER A 141 -1.80 -5.70 3.44
N THR A 142 -1.18 -5.19 2.39
CA THR A 142 -1.87 -4.32 1.45
C THR A 142 -2.93 -5.09 0.67
N ALA A 143 -2.58 -6.28 0.20
CA ALA A 143 -3.52 -7.07 -0.59
C ALA A 143 -4.69 -7.53 0.28
N GLN A 144 -4.46 -7.60 1.60
CA GLN A 144 -5.51 -7.98 2.53
C GLN A 144 -6.47 -6.83 2.75
N LEU A 145 -5.99 -5.61 2.52
CA LEU A 145 -6.84 -4.42 2.59
C LEU A 145 -7.93 -4.52 1.52
N LEU A 146 -7.61 -5.21 0.43
CA LEU A 146 -8.58 -5.51 -0.62
C LEU A 146 -9.62 -6.50 -0.12
N VAL A 147 -9.16 -7.47 0.67
CA VAL A 147 -10.05 -8.49 1.23
C VAL A 147 -11.10 -7.84 2.12
N ALA A 148 -10.70 -6.77 2.81
CA ALA A 148 -11.63 -6.01 3.64
C ALA A 148 -12.66 -5.30 2.79
N CYS A 149 -12.23 -4.82 1.62
CA CYS A 149 -13.13 -4.13 0.70
C CYS A 149 -14.04 -5.13 -0.03
N LYS A 150 -13.57 -6.36 -0.16
CA LYS A 150 -14.39 -7.45 -0.71
C LYS A 150 -15.60 -7.71 0.20
N VAL A 151 -15.51 -7.24 1.43
CA VAL A 151 -16.60 -7.31 2.37
C VAL A 151 -17.46 -6.07 2.19
N LYS A 152 -18.77 -6.29 2.09
CA LYS A 152 -19.77 -5.24 1.89
C LYS A 152 -19.86 -4.80 0.43
N ALA A 153 -18.72 -4.60 -0.21
CA ALA A 153 -18.68 -4.09 -1.58
C ALA A 153 -18.79 -5.22 -2.60
N ASP A 154 -19.24 -4.87 -3.79
CA ASP A 154 -19.30 -5.81 -4.90
C ASP A 154 -18.04 -5.69 -5.75
N GLN A 155 -17.57 -6.83 -6.24
CA GLN A 155 -16.27 -6.92 -6.89
C GLN A 155 -16.27 -6.31 -8.29
N ASP A 156 -17.42 -6.35 -8.96
CA ASP A 156 -17.50 -5.90 -10.35
C ASP A 156 -17.73 -4.39 -10.44
N SER A 157 -17.77 -3.72 -9.30
CA SER A 157 -17.84 -2.27 -9.27
C SER A 157 -16.56 -1.67 -9.85
N GLU A 158 -16.66 -0.52 -10.50
CA GLU A 158 -15.49 0.10 -11.11
C GLU A 158 -14.52 0.62 -10.06
N ALA A 159 -15.06 1.11 -8.95
CA ALA A 159 -14.24 1.51 -7.82
C ALA A 159 -13.46 0.33 -7.27
N MET A 160 -14.09 -0.85 -7.33
CA MET A 160 -13.46 -2.08 -6.86
C MET A 160 -12.53 -2.61 -7.92
N LYS A 161 -12.86 -2.33 -9.17
CA LYS A 161 -12.06 -2.73 -10.31
C LYS A 161 -10.68 -2.10 -10.23
N ARG A 162 -10.66 -0.81 -9.91
CA ARG A 162 -9.43 -0.07 -9.70
C ARG A 162 -8.74 -0.55 -8.43
N LEU A 163 -9.56 -0.84 -7.43
CA LEU A 163 -9.08 -1.32 -6.12
C LEU A 163 -8.32 -2.63 -6.30
N GLN A 164 -8.96 -3.60 -6.94
CA GLN A 164 -8.40 -4.93 -7.15
C GLN A 164 -7.07 -4.86 -7.91
N ALA A 165 -7.04 -4.06 -8.96
CA ALA A 165 -5.85 -3.92 -9.79
C ALA A 165 -4.70 -3.28 -9.02
N ALA A 166 -5.03 -2.28 -8.20
CA ALA A 166 -4.01 -1.58 -7.42
C ALA A 166 -3.37 -2.52 -6.39
N GLY A 167 -4.21 -3.28 -5.70
CA GLY A 167 -3.71 -4.23 -4.72
C GLY A 167 -2.87 -5.32 -5.35
N ASN A 168 -3.27 -5.74 -6.53
CA ASN A 168 -2.53 -6.75 -7.28
C ASN A 168 -1.15 -6.21 -7.63
N ALA A 169 -1.12 -4.95 -8.04
CA ALA A 169 0.13 -4.27 -8.37
C ALA A 169 1.08 -4.24 -7.17
N VAL A 170 0.54 -4.10 -5.95
CA VAL A 170 1.37 -4.10 -4.75
C VAL A 170 2.12 -5.42 -4.63
N LYS A 171 1.38 -6.51 -4.74
CA LYS A 171 1.96 -7.85 -4.65
C LYS A 171 2.97 -8.07 -5.77
N ARG A 172 2.60 -7.66 -6.96
CA ARG A 172 3.45 -7.82 -8.13
C ARG A 172 4.75 -7.03 -7.98
N ALA A 173 4.61 -5.79 -7.56
CA ALA A 173 5.76 -4.91 -7.37
C ALA A 173 6.64 -5.41 -6.22
N SER A 174 6.01 -5.91 -5.16
CA SER A 174 6.74 -6.43 -4.02
C SER A 174 7.53 -7.68 -4.43
N ASP A 175 6.90 -8.52 -5.24
CA ASP A 175 7.57 -9.71 -5.80
C ASP A 175 8.83 -9.29 -6.53
N ASN A 176 8.65 -8.34 -7.45
CA ASN A 176 9.75 -7.79 -8.23
C ASN A 176 10.85 -7.23 -7.33
N LEU A 177 10.44 -6.52 -6.29
CA LEU A 177 11.36 -5.97 -5.31
C LEU A 177 12.14 -7.09 -4.63
N VAL A 178 11.42 -8.15 -4.28
CA VAL A 178 12.05 -9.34 -3.72
C VAL A 178 13.05 -9.94 -4.71
N LYS A 179 12.59 -10.14 -5.95
CA LYS A 179 13.43 -10.66 -7.01
C LYS A 179 14.72 -9.85 -7.14
N ALA A 180 14.57 -8.53 -7.18
CA ALA A 180 15.72 -7.63 -7.34
C ALA A 180 16.65 -7.71 -6.13
N ALA A 181 16.07 -7.85 -4.94
CA ALA A 181 16.86 -8.00 -3.72
C ALA A 181 17.73 -9.25 -3.78
N GLN A 182 17.19 -10.29 -4.39
CA GLN A 182 17.90 -11.55 -4.54
C GLN A 182 19.15 -11.38 -5.41
N LYS A 183 19.13 -10.35 -6.28
CA LYS A 183 20.24 -10.07 -7.17
C LYS A 183 21.43 -9.51 -6.39
N ALA A 184 21.11 -8.80 -5.30
CA ALA A 184 22.13 -8.17 -4.48
C ALA A 184 22.51 -9.06 -3.31
N ALA A 185 22.13 -10.32 -3.40
CA ALA A 185 22.44 -11.27 -2.35
C ALA A 185 23.11 -12.50 -2.94
N ALA A 186 24.01 -13.09 -2.17
CA ALA A 186 24.69 -14.30 -2.59
C ALA A 186 24.07 -15.53 -1.95
N PHE A 187 23.08 -16.09 -2.60
CA PHE A 187 22.45 -17.32 -2.15
C PHE A 187 22.62 -18.39 -3.20
N GLU A 188 23.77 -19.05 -3.15
CA GLU A 188 24.11 -20.07 -4.12
C GLU A 188 23.38 -21.36 -3.81
N ASP A 189 22.33 -21.62 -4.57
CA ASP A 189 21.56 -22.85 -4.44
C ASP A 189 21.28 -23.42 -5.81
N GLY A 1 -22.74 6.42 15.88
CA GLY A 1 -23.45 5.47 16.77
C GLY A 1 -24.70 6.09 17.37
N ILE A 2 -24.54 6.74 18.52
CA ILE A 2 -25.68 7.36 19.20
C ILE A 2 -25.96 8.74 18.62
N ASP A 3 -24.98 9.28 17.90
CA ASP A 3 -25.17 10.54 17.21
C ASP A 3 -25.26 10.33 15.71
N PRO A 4 -26.02 11.19 15.03
CA PRO A 4 -26.23 11.15 13.59
C PRO A 4 -25.12 11.83 12.79
N PHE A 5 -24.00 12.09 13.45
CA PHE A 5 -22.91 12.80 12.80
C PHE A 5 -21.79 11.84 12.41
N THR A 6 -21.68 10.77 13.16
CA THR A 6 -20.62 9.80 12.96
C THR A 6 -21.02 8.71 11.98
N ASP A 7 -21.12 9.07 10.71
CA ASP A 7 -21.29 8.08 9.65
C ASP A 7 -20.05 7.20 9.61
N PRO A 8 -20.21 5.90 9.90
CA PRO A 8 -19.09 4.96 9.98
C PRO A 8 -18.25 4.93 8.71
N THR A 9 -18.90 5.14 7.59
CA THR A 9 -18.23 5.17 6.29
C THR A 9 -17.33 6.40 6.19
N VAL A 10 -17.88 7.56 6.54
CA VAL A 10 -17.14 8.81 6.50
C VAL A 10 -15.94 8.78 7.45
N ILE A 11 -16.13 8.15 8.60
CA ILE A 11 -15.05 7.97 9.57
C ILE A 11 -13.90 7.19 8.92
N ALA A 12 -14.23 6.07 8.30
CA ALA A 12 -13.24 5.23 7.65
C ALA A 12 -12.59 5.96 6.48
N GLU A 13 -13.41 6.71 5.73
CA GLU A 13 -12.92 7.48 4.59
C GLU A 13 -11.87 8.49 5.03
N ASN A 14 -12.16 9.19 6.14
CA ASN A 14 -11.25 10.19 6.68
C ASN A 14 -9.95 9.55 7.12
N GLU A 15 -10.04 8.33 7.64
CA GLU A 15 -8.87 7.60 8.09
C GLU A 15 -8.02 7.14 6.92
N LEU A 16 -8.68 6.70 5.85
CA LEU A 16 -7.97 6.33 4.63
C LEU A 16 -7.19 7.51 4.06
N LEU A 17 -7.81 8.69 4.05
CA LEU A 17 -7.12 9.90 3.64
C LEU A 17 -5.88 10.16 4.51
N GLY A 18 -6.01 9.87 5.80
CA GLY A 18 -4.90 10.02 6.71
C GLY A 18 -3.78 9.04 6.41
N ALA A 19 -4.17 7.79 6.15
CA ALA A 19 -3.21 6.76 5.77
C ALA A 19 -2.54 7.10 4.44
N ALA A 20 -3.33 7.63 3.52
CA ALA A 20 -2.81 8.07 2.23
C ALA A 20 -1.73 9.13 2.42
N ALA A 21 -1.99 10.08 3.31
CA ALA A 21 -1.04 11.14 3.60
C ALA A 21 0.26 10.57 4.17
N ALA A 22 0.14 9.49 4.92
CA ALA A 22 1.31 8.82 5.49
C ALA A 22 2.09 8.09 4.41
N ILE A 23 1.38 7.38 3.54
CA ILE A 23 2.00 6.63 2.45
C ILE A 23 2.65 7.58 1.45
N GLU A 24 1.95 8.66 1.11
CA GLU A 24 2.49 9.64 0.18
C GLU A 24 3.73 10.32 0.74
N ALA A 25 3.77 10.51 2.05
CA ALA A 25 4.94 11.09 2.71
C ALA A 25 6.12 10.13 2.60
N ALA A 26 5.83 8.84 2.68
CA ALA A 26 6.85 7.81 2.49
C ALA A 26 7.30 7.79 1.04
N ALA A 27 6.34 7.85 0.13
CA ALA A 27 6.63 7.94 -1.30
C ALA A 27 7.47 9.17 -1.61
N LYS A 28 7.27 10.21 -0.81
CA LYS A 28 7.97 11.49 -1.00
C LYS A 28 9.44 11.34 -0.67
N LYS A 29 9.75 10.47 0.30
CA LYS A 29 11.13 10.14 0.59
C LYS A 29 11.77 9.52 -0.64
N LEU A 30 11.04 8.55 -1.20
CA LEU A 30 11.46 7.82 -2.38
C LEU A 30 11.68 8.75 -3.58
N GLU A 31 10.81 9.72 -3.74
CA GLU A 31 10.90 10.66 -4.86
C GLU A 31 12.12 11.56 -4.73
N GLN A 32 12.64 11.68 -3.51
CA GLN A 32 13.81 12.51 -3.25
C GLN A 32 15.08 11.68 -3.22
N LEU A 33 14.93 10.37 -3.42
CA LEU A 33 16.07 9.47 -3.46
C LEU A 33 16.52 9.27 -4.90
N LYS A 34 17.67 9.83 -5.24
CA LYS A 34 18.18 9.72 -6.58
C LYS A 34 19.54 9.04 -6.59
N PRO A 35 19.62 7.83 -7.16
CA PRO A 35 20.89 7.15 -7.39
C PRO A 35 21.81 8.02 -8.24
N ARG A 36 23.06 8.10 -7.85
CA ARG A 36 24.00 9.00 -8.49
C ARG A 36 25.24 8.25 -8.94
N ALA A 37 25.24 7.85 -10.21
CA ALA A 37 26.35 7.09 -10.76
C ALA A 37 27.61 7.94 -10.85
N LYS A 38 28.65 7.49 -10.17
CA LYS A 38 29.94 8.17 -10.19
C LYS A 38 30.55 8.07 -11.58
N PRO A 39 31.39 9.04 -11.95
CA PRO A 39 32.04 9.07 -13.27
C PRO A 39 32.94 7.86 -13.51
N LYS A 40 32.31 6.79 -13.96
CA LYS A 40 32.97 5.53 -14.26
C LYS A 40 32.38 4.96 -15.54
N GLU A 41 32.59 3.69 -15.80
CA GLU A 41 31.90 3.05 -16.92
C GLU A 41 30.56 2.50 -16.43
N ALA A 42 29.72 2.09 -17.37
CA ALA A 42 28.36 1.67 -17.03
C ALA A 42 28.30 0.19 -16.68
N ASP A 43 29.45 -0.40 -16.42
CA ASP A 43 29.52 -1.80 -16.05
C ASP A 43 29.11 -1.96 -14.59
N GLU A 44 27.99 -2.64 -14.38
CA GLU A 44 27.41 -2.84 -13.05
C GLU A 44 27.24 -1.52 -12.32
N SER A 45 28.17 -1.22 -11.43
CA SER A 45 28.15 0.00 -10.64
C SER A 45 26.86 0.11 -9.83
N LEU A 46 26.40 -1.04 -9.36
CA LEU A 46 25.15 -1.15 -8.61
C LEU A 46 23.95 -0.64 -9.40
N ASN A 47 23.41 -1.52 -10.23
CA ASN A 47 22.16 -1.24 -10.93
C ASN A 47 21.02 -1.54 -9.97
N PHE A 48 21.37 -2.30 -8.96
CA PHE A 48 20.47 -2.69 -7.89
C PHE A 48 19.80 -1.47 -7.25
N GLU A 49 20.59 -0.42 -7.01
CA GLU A 49 20.09 0.80 -6.38
C GLU A 49 18.88 1.35 -7.14
N GLU A 50 18.95 1.31 -8.47
CA GLU A 50 17.89 1.84 -9.31
C GLU A 50 16.72 0.89 -9.37
N GLN A 51 17.02 -0.41 -9.49
CA GLN A 51 15.97 -1.44 -9.57
C GLN A 51 15.12 -1.42 -8.31
N ILE A 52 15.76 -1.14 -7.18
CA ILE A 52 15.04 -1.00 -5.92
C ILE A 52 14.23 0.28 -5.93
N LEU A 53 14.84 1.36 -6.41
CA LEU A 53 14.20 2.67 -6.45
C LEU A 53 12.90 2.62 -7.25
N GLU A 54 12.97 2.13 -8.48
CA GLU A 54 11.81 2.08 -9.36
C GLU A 54 10.71 1.21 -8.75
N ALA A 55 11.10 0.05 -8.25
CA ALA A 55 10.12 -0.87 -7.72
C ALA A 55 9.52 -0.33 -6.43
N ALA A 56 10.33 0.37 -5.64
CA ALA A 56 9.83 1.02 -4.45
C ALA A 56 8.80 2.09 -4.81
N LYS A 57 9.09 2.84 -5.87
CA LYS A 57 8.17 3.84 -6.37
C LYS A 57 6.91 3.19 -6.92
N SER A 58 7.07 2.05 -7.59
CA SER A 58 5.92 1.32 -8.13
C SER A 58 4.99 0.91 -6.97
N ILE A 59 5.56 0.48 -5.85
CA ILE A 59 4.81 0.17 -4.65
C ILE A 59 4.22 1.44 -4.07
N ALA A 60 5.06 2.47 -3.96
CA ALA A 60 4.62 3.76 -3.42
C ALA A 60 3.40 4.30 -4.17
N ALA A 61 3.44 4.21 -5.49
CA ALA A 61 2.32 4.65 -6.31
C ALA A 61 1.12 3.72 -6.16
N ALA A 62 1.37 2.42 -6.25
CA ALA A 62 0.31 1.42 -6.17
C ALA A 62 -0.36 1.42 -4.81
N THR A 63 0.43 1.59 -3.76
CA THR A 63 -0.10 1.58 -2.41
C THR A 63 -0.97 2.82 -2.16
N SER A 64 -0.47 3.97 -2.58
CA SER A 64 -1.22 5.21 -2.49
C SER A 64 -2.49 5.11 -3.33
N ALA A 65 -2.38 4.42 -4.46
CA ALA A 65 -3.52 4.21 -5.33
C ALA A 65 -4.54 3.30 -4.67
N LEU A 66 -4.07 2.34 -3.89
CA LEU A 66 -4.96 1.40 -3.22
C LEU A 66 -5.84 2.09 -2.20
N VAL A 67 -5.21 2.80 -1.27
CA VAL A 67 -5.94 3.44 -0.19
C VAL A 67 -6.94 4.47 -0.72
N LYS A 68 -6.58 5.13 -1.83
CA LYS A 68 -7.47 6.10 -2.44
C LYS A 68 -8.56 5.41 -3.26
N ALA A 69 -8.23 4.26 -3.84
CA ALA A 69 -9.21 3.47 -4.58
C ALA A 69 -10.21 2.83 -3.63
N ALA A 70 -9.71 2.40 -2.47
CA ALA A 70 -10.58 1.84 -1.43
C ALA A 70 -11.53 2.90 -0.90
N SER A 71 -11.02 4.12 -0.76
CA SER A 71 -11.84 5.25 -0.39
C SER A 71 -12.90 5.52 -1.46
N ALA A 72 -12.51 5.39 -2.72
CA ALA A 72 -13.43 5.55 -3.83
C ALA A 72 -14.45 4.42 -3.83
N ALA A 73 -13.99 3.23 -3.44
CA ALA A 73 -14.86 2.07 -3.30
C ALA A 73 -15.95 2.34 -2.28
N GLN A 74 -15.56 2.94 -1.15
CA GLN A 74 -16.51 3.33 -0.11
C GLN A 74 -17.61 4.20 -0.71
N ARG A 75 -17.18 5.29 -1.33
CA ARG A 75 -18.07 6.28 -1.93
C ARG A 75 -19.14 5.64 -2.81
N GLU A 76 -18.73 4.79 -3.73
CA GLU A 76 -19.66 4.13 -4.63
C GLU A 76 -20.47 3.08 -3.88
N LEU A 77 -19.82 2.41 -2.93
CA LEU A 77 -20.48 1.38 -2.13
C LEU A 77 -21.60 1.98 -1.28
N VAL A 78 -21.33 3.16 -0.74
CA VAL A 78 -22.30 3.91 0.03
C VAL A 78 -23.52 4.23 -0.83
N ALA A 79 -23.26 4.59 -2.07
CA ALA A 79 -24.31 4.88 -3.03
C ALA A 79 -25.12 3.62 -3.35
N GLN A 80 -24.41 2.49 -3.48
CA GLN A 80 -25.07 1.22 -3.79
C GLN A 80 -25.87 0.70 -2.60
N GLY A 81 -25.49 1.16 -1.41
CA GLY A 81 -26.21 0.77 -0.21
C GLY A 81 -25.88 -0.64 0.23
N LYS A 82 -24.82 -1.22 -0.33
CA LYS A 82 -24.36 -2.54 0.10
C LYS A 82 -23.90 -2.48 1.55
N VAL A 83 -23.34 -1.34 1.91
CA VAL A 83 -23.02 -1.04 3.29
C VAL A 83 -24.12 -0.18 3.87
N GLY A 84 -24.35 -0.29 5.17
CA GLY A 84 -25.42 0.47 5.80
C GLY A 84 -25.27 1.96 5.61
N ALA A 85 -24.06 2.46 5.89
CA ALA A 85 -23.72 3.86 5.69
C ALA A 85 -24.55 4.76 6.61
N ILE A 86 -25.02 4.19 7.71
CA ILE A 86 -25.87 4.91 8.64
C ILE A 86 -25.21 4.98 10.02
N PRO A 87 -25.00 6.20 10.55
CA PRO A 87 -24.45 6.43 11.89
C PRO A 87 -25.20 5.64 12.98
N ALA A 88 -26.50 5.48 12.81
CA ALA A 88 -27.30 4.71 13.76
C ALA A 88 -27.11 3.20 13.56
N ASN A 89 -26.59 2.83 12.40
CA ASN A 89 -26.34 1.42 12.08
C ASN A 89 -24.86 1.11 12.32
N ALA A 90 -24.25 1.93 13.19
CA ALA A 90 -22.82 1.88 13.45
C ALA A 90 -22.37 0.55 14.04
N LEU A 91 -23.30 -0.23 14.56
CA LEU A 91 -22.95 -1.53 15.14
C LEU A 91 -22.26 -2.41 14.10
N ASP A 92 -22.97 -2.69 13.00
CA ASP A 92 -22.41 -3.53 11.94
C ASP A 92 -21.47 -2.74 11.04
N ASP A 93 -21.88 -1.53 10.67
CA ASP A 93 -21.08 -0.70 9.77
C ASP A 93 -19.77 -0.30 10.41
N GLY A 94 -19.79 -0.12 11.72
CA GLY A 94 -18.60 0.23 12.46
C GLY A 94 -17.56 -0.88 12.40
N GLN A 95 -18.02 -2.11 12.26
CA GLN A 95 -17.13 -3.25 12.19
C GLN A 95 -16.38 -3.23 10.86
N TRP A 96 -17.07 -2.81 9.81
CA TRP A 96 -16.46 -2.66 8.50
C TRP A 96 -15.52 -1.46 8.51
N SER A 97 -15.97 -0.39 9.16
CA SER A 97 -15.17 0.81 9.29
C SER A 97 -13.87 0.50 10.02
N GLN A 98 -13.97 -0.05 11.23
CA GLN A 98 -12.80 -0.38 12.03
C GLN A 98 -11.89 -1.36 11.30
N GLY A 99 -12.50 -2.32 10.62
CA GLY A 99 -11.74 -3.29 9.86
C GLY A 99 -10.94 -2.65 8.74
N LEU A 100 -11.59 -1.76 7.99
CA LEU A 100 -10.95 -1.04 6.91
C LEU A 100 -9.90 -0.08 7.45
N ILE A 101 -10.24 0.62 8.52
CA ILE A 101 -9.34 1.58 9.15
C ILE A 101 -8.06 0.89 9.64
N SER A 102 -8.22 -0.16 10.44
CA SER A 102 -7.07 -0.84 11.02
C SER A 102 -6.19 -1.46 9.92
N ALA A 103 -6.84 -2.01 8.89
CA ALA A 103 -6.13 -2.56 7.75
C ALA A 103 -5.34 -1.47 7.03
N ALA A 104 -5.95 -0.29 6.89
CA ALA A 104 -5.28 0.85 6.28
C ALA A 104 -4.08 1.26 7.11
N ARG A 105 -4.25 1.28 8.43
CA ARG A 105 -3.16 1.58 9.35
C ARG A 105 -2.05 0.54 9.21
N MET A 106 -2.46 -0.71 9.00
CA MET A 106 -1.52 -1.81 8.81
C MET A 106 -0.76 -1.64 7.51
N VAL A 107 -1.47 -1.33 6.43
CA VAL A 107 -0.85 -1.11 5.14
C VAL A 107 0.11 0.07 5.21
N ALA A 108 -0.37 1.19 5.74
CA ALA A 108 0.45 2.39 5.85
C ALA A 108 1.70 2.13 6.68
N ALA A 109 1.60 1.25 7.66
CA ALA A 109 2.74 0.92 8.51
C ALA A 109 3.71 0.00 7.76
N ALA A 110 3.18 -1.11 7.24
CA ALA A 110 4.01 -2.10 6.56
C ALA A 110 4.70 -1.50 5.34
N THR A 111 3.93 -0.78 4.52
CA THR A 111 4.47 -0.17 3.31
C THR A 111 5.49 0.92 3.68
N ASN A 112 5.31 1.53 4.84
CA ASN A 112 6.21 2.59 5.30
C ASN A 112 7.55 2.00 5.69
N ASN A 113 7.50 0.84 6.34
CA ASN A 113 8.72 0.15 6.74
C ASN A 113 9.48 -0.32 5.52
N LEU A 114 8.75 -0.78 4.50
CA LEU A 114 9.36 -1.18 3.25
C LEU A 114 9.97 0.03 2.56
N CYS A 115 9.27 1.16 2.64
CA CYS A 115 9.78 2.43 2.14
C CYS A 115 11.13 2.74 2.76
N GLU A 116 11.23 2.56 4.07
CA GLU A 116 12.46 2.84 4.79
C GLU A 116 13.53 1.80 4.45
N ALA A 117 13.11 0.57 4.23
CA ALA A 117 14.02 -0.49 3.82
C ALA A 117 14.63 -0.17 2.45
N ALA A 118 13.76 0.21 1.52
CA ALA A 118 14.21 0.61 0.19
C ALA A 118 15.04 1.89 0.26
N ASN A 119 14.58 2.83 1.09
CA ASN A 119 15.28 4.09 1.31
C ASN A 119 16.74 3.84 1.68
N ALA A 120 16.95 2.92 2.61
CA ALA A 120 18.29 2.55 3.03
C ALA A 120 19.08 1.94 1.87
N ALA A 121 18.43 1.05 1.12
CA ALA A 121 19.06 0.35 0.02
C ALA A 121 19.58 1.31 -1.06
N VAL A 122 18.76 2.30 -1.40
CA VAL A 122 19.14 3.29 -2.42
C VAL A 122 20.35 4.08 -1.94
N GLN A 123 20.52 4.16 -0.63
CA GLN A 123 21.57 4.96 -0.04
C GLN A 123 22.76 4.09 0.37
N GLY A 124 22.80 2.86 -0.12
CA GLY A 124 23.97 2.02 0.08
C GLY A 124 23.80 1.00 1.18
N HIS A 125 22.72 1.10 1.94
CA HIS A 125 22.48 0.17 3.03
C HIS A 125 21.49 -0.91 2.60
N ALA A 126 22.01 -1.93 1.94
CA ALA A 126 21.16 -2.95 1.37
C ALA A 126 21.24 -4.25 2.16
N SER A 127 20.17 -4.56 2.85
CA SER A 127 20.05 -5.82 3.56
C SER A 127 18.94 -6.62 2.91
N GLN A 128 19.31 -7.44 1.95
CA GLN A 128 18.33 -8.12 1.11
C GLN A 128 17.45 -9.03 1.95
N GLU A 129 18.03 -9.62 2.98
CA GLU A 129 17.29 -10.49 3.90
C GLU A 129 16.05 -9.78 4.44
N LYS A 130 16.24 -8.59 5.02
CA LYS A 130 15.14 -7.86 5.61
C LYS A 130 14.26 -7.24 4.53
N LEU A 131 14.88 -6.91 3.40
CA LEU A 131 14.17 -6.30 2.28
C LEU A 131 13.15 -7.26 1.69
N ILE A 132 13.56 -8.50 1.48
CA ILE A 132 12.67 -9.54 0.95
C ILE A 132 11.52 -9.82 1.92
N SER A 133 11.87 -10.08 3.17
CA SER A 133 10.87 -10.39 4.18
C SER A 133 9.82 -9.30 4.30
N SER A 134 10.27 -8.06 4.45
CA SER A 134 9.35 -6.93 4.59
C SER A 134 8.46 -6.77 3.37
N ALA A 135 9.02 -7.01 2.18
CA ALA A 135 8.28 -6.83 0.94
C ALA A 135 7.18 -7.86 0.81
N LYS A 136 7.47 -9.08 1.23
CA LYS A 136 6.51 -10.16 1.17
C LYS A 136 5.37 -9.90 2.13
N GLN A 137 5.71 -9.35 3.28
CA GLN A 137 4.72 -9.00 4.29
C GLN A 137 3.85 -7.84 3.81
N VAL A 138 4.47 -6.88 3.14
CA VAL A 138 3.75 -5.75 2.57
C VAL A 138 2.69 -6.22 1.58
N ALA A 139 3.08 -7.11 0.69
CA ALA A 139 2.15 -7.66 -0.29
C ALA A 139 0.95 -8.31 0.40
N ALA A 140 1.20 -9.02 1.50
CA ALA A 140 0.16 -9.70 2.23
C ALA A 140 -0.73 -8.72 2.99
N SER A 141 -0.11 -7.78 3.70
CA SER A 141 -0.85 -6.82 4.49
C SER A 141 -1.65 -5.86 3.62
N THR A 142 -1.03 -5.39 2.54
CA THR A 142 -1.67 -4.46 1.64
C THR A 142 -2.85 -5.11 0.94
N ALA A 143 -2.66 -6.34 0.48
CA ALA A 143 -3.71 -7.07 -0.20
C ALA A 143 -4.86 -7.37 0.76
N GLN A 144 -4.57 -7.34 2.06
CA GLN A 144 -5.58 -7.59 3.08
C GLN A 144 -6.48 -6.37 3.25
N LEU A 145 -5.97 -5.20 2.87
CA LEU A 145 -6.77 -3.98 2.88
C LEU A 145 -7.91 -4.11 1.89
N LEU A 146 -7.65 -4.86 0.81
CA LEU A 146 -8.71 -5.20 -0.13
C LEU A 146 -9.76 -6.05 0.55
N VAL A 147 -9.30 -7.12 1.20
CA VAL A 147 -10.18 -8.07 1.88
C VAL A 147 -11.09 -7.36 2.88
N ALA A 148 -10.51 -6.40 3.60
CA ALA A 148 -11.27 -5.62 4.58
C ALA A 148 -12.46 -4.92 3.93
N CYS A 149 -12.23 -4.35 2.76
CA CYS A 149 -13.29 -3.67 2.03
C CYS A 149 -14.25 -4.69 1.42
N LYS A 150 -13.68 -5.76 0.85
CA LYS A 150 -14.44 -6.79 0.13
C LYS A 150 -15.60 -7.36 0.96
N VAL A 151 -15.50 -7.28 2.28
CA VAL A 151 -16.55 -7.79 3.16
C VAL A 151 -17.90 -7.15 2.83
N LYS A 152 -17.92 -5.82 2.68
CA LYS A 152 -19.15 -5.11 2.35
C LYS A 152 -19.15 -4.66 0.90
N ALA A 153 -17.98 -4.66 0.28
CA ALA A 153 -17.83 -4.16 -1.09
C ALA A 153 -18.63 -4.98 -2.09
N ASP A 154 -19.13 -4.31 -3.10
CA ASP A 154 -19.86 -4.94 -4.17
C ASP A 154 -18.89 -5.35 -5.27
N GLN A 155 -18.74 -6.65 -5.47
CA GLN A 155 -17.78 -7.17 -6.43
C GLN A 155 -18.25 -6.89 -7.85
N ASP A 156 -17.29 -6.90 -8.79
CA ASP A 156 -17.54 -6.62 -10.22
C ASP A 156 -17.69 -5.12 -10.47
N SER A 157 -17.95 -4.37 -9.42
CA SER A 157 -18.09 -2.92 -9.50
C SER A 157 -16.75 -2.30 -9.90
N GLU A 158 -16.79 -1.21 -10.67
CA GLU A 158 -15.58 -0.56 -11.17
C GLU A 158 -14.70 -0.05 -10.02
N ALA A 159 -15.31 0.47 -8.97
CA ALA A 159 -14.57 0.91 -7.80
C ALA A 159 -13.80 -0.25 -7.19
N MET A 160 -14.45 -1.41 -7.15
CA MET A 160 -13.83 -2.63 -6.64
C MET A 160 -12.81 -3.14 -7.65
N LYS A 161 -13.07 -2.88 -8.92
CA LYS A 161 -12.18 -3.26 -10.01
C LYS A 161 -10.82 -2.57 -9.83
N ARG A 162 -10.86 -1.27 -9.56
CA ARG A 162 -9.66 -0.50 -9.29
C ARG A 162 -8.98 -1.00 -8.02
N LEU A 163 -9.80 -1.23 -7.00
CA LEU A 163 -9.32 -1.72 -5.70
C LEU A 163 -8.51 -3.00 -5.89
N GLN A 164 -9.10 -3.96 -6.59
CA GLN A 164 -8.46 -5.24 -6.84
C GLN A 164 -7.15 -5.07 -7.59
N ALA A 165 -7.18 -4.30 -8.67
CA ALA A 165 -6.01 -4.06 -9.50
C ALA A 165 -4.89 -3.40 -8.70
N ALA A 166 -5.24 -2.41 -7.90
CA ALA A 166 -4.27 -1.69 -7.09
C ALA A 166 -3.59 -2.63 -6.08
N GLY A 167 -4.39 -3.48 -5.45
CA GLY A 167 -3.85 -4.45 -4.50
C GLY A 167 -2.96 -5.46 -5.17
N ASN A 168 -3.38 -5.92 -6.34
CA ASN A 168 -2.60 -6.86 -7.13
C ASN A 168 -1.27 -6.23 -7.53
N ALA A 169 -1.32 -4.93 -7.85
CA ALA A 169 -0.14 -4.18 -8.22
C ALA A 169 0.90 -4.20 -7.11
N VAL A 170 0.44 -4.06 -5.86
CA VAL A 170 1.35 -4.08 -4.71
C VAL A 170 2.12 -5.39 -4.65
N LYS A 171 1.40 -6.48 -4.86
CA LYS A 171 1.98 -7.80 -4.79
C LYS A 171 3.04 -7.98 -5.89
N ARG A 172 2.73 -7.52 -7.09
CA ARG A 172 3.65 -7.64 -8.21
C ARG A 172 4.86 -6.75 -7.98
N ALA A 173 4.59 -5.55 -7.53
CA ALA A 173 5.63 -4.57 -7.25
C ALA A 173 6.58 -5.07 -6.16
N SER A 174 6.03 -5.64 -5.09
CA SER A 174 6.85 -6.17 -4.01
C SER A 174 7.58 -7.43 -4.45
N ASP A 175 6.91 -8.25 -5.27
CA ASP A 175 7.53 -9.44 -5.86
C ASP A 175 8.78 -9.03 -6.62
N ASN A 176 8.61 -8.01 -7.44
CA ASN A 176 9.70 -7.45 -8.24
C ASN A 176 10.82 -6.93 -7.34
N LEU A 177 10.43 -6.26 -6.26
CA LEU A 177 11.39 -5.74 -5.29
C LEU A 177 12.15 -6.91 -4.66
N VAL A 178 11.42 -7.97 -4.33
CA VAL A 178 12.01 -9.21 -3.85
C VAL A 178 12.97 -9.77 -4.89
N LYS A 179 12.49 -9.87 -6.13
CA LYS A 179 13.30 -10.36 -7.24
C LYS A 179 14.62 -9.59 -7.32
N ALA A 180 14.54 -8.27 -7.30
CA ALA A 180 15.72 -7.42 -7.37
C ALA A 180 16.65 -7.67 -6.17
N ALA A 181 16.05 -7.82 -4.99
CA ALA A 181 16.81 -8.10 -3.78
C ALA A 181 17.54 -9.43 -3.88
N GLN A 182 16.88 -10.42 -4.49
CA GLN A 182 17.46 -11.75 -4.67
C GLN A 182 18.69 -11.69 -5.57
N LYS A 183 18.80 -10.63 -6.35
CA LYS A 183 19.92 -10.44 -7.25
C LYS A 183 21.15 -9.94 -6.51
N ALA A 184 20.93 -9.25 -5.41
CA ALA A 184 22.03 -8.65 -4.65
C ALA A 184 22.43 -9.52 -3.47
N ALA A 185 21.92 -10.73 -3.45
CA ALA A 185 22.21 -11.67 -2.39
C ALA A 185 22.25 -13.09 -2.93
N ALA A 186 22.64 -14.03 -2.10
CA ALA A 186 22.69 -15.42 -2.50
C ALA A 186 21.78 -16.27 -1.64
N PHE A 187 20.60 -16.57 -2.16
CA PHE A 187 19.67 -17.48 -1.50
C PHE A 187 19.41 -18.67 -2.40
N GLU A 188 20.34 -19.61 -2.40
CA GLU A 188 20.25 -20.77 -3.24
C GLU A 188 20.93 -21.97 -2.59
N ASP A 189 20.25 -22.59 -1.65
CA ASP A 189 20.76 -23.75 -0.95
C ASP A 189 19.70 -24.84 -0.94
N GLY A 1 -25.53 14.66 15.23
CA GLY A 1 -26.75 13.84 15.51
C GLY A 1 -27.93 14.26 14.67
N ILE A 2 -27.65 14.68 13.44
CA ILE A 2 -28.68 15.13 12.52
C ILE A 2 -28.07 15.20 11.12
N ASP A 3 -27.06 14.37 10.94
CA ASP A 3 -26.18 14.47 9.79
C ASP A 3 -25.69 13.11 9.35
N PRO A 4 -25.43 12.97 8.04
CA PRO A 4 -24.85 11.76 7.45
C PRO A 4 -23.32 11.80 7.48
N PHE A 5 -22.78 12.73 8.25
CA PHE A 5 -21.34 12.91 8.30
C PHE A 5 -20.76 12.21 9.52
N THR A 6 -21.64 11.70 10.37
CA THR A 6 -21.24 10.93 11.52
C THR A 6 -21.52 9.45 11.31
N ASP A 7 -21.59 9.10 10.04
CA ASP A 7 -21.78 7.72 9.65
C ASP A 7 -20.43 7.02 9.65
N PRO A 8 -20.37 5.78 10.15
CA PRO A 8 -19.10 5.03 10.27
C PRO A 8 -18.34 4.94 8.96
N THR A 9 -19.07 4.86 7.86
CA THR A 9 -18.47 4.82 6.53
C THR A 9 -17.71 6.11 6.23
N VAL A 10 -18.27 7.24 6.65
CA VAL A 10 -17.64 8.53 6.46
C VAL A 10 -16.40 8.65 7.33
N ILE A 11 -16.48 8.09 8.54
CA ILE A 11 -15.35 8.05 9.46
C ILE A 11 -14.16 7.38 8.77
N ALA A 12 -14.41 6.22 8.17
CA ALA A 12 -13.39 5.47 7.47
C ALA A 12 -12.83 6.27 6.30
N GLU A 13 -13.69 6.98 5.59
CA GLU A 13 -13.27 7.80 4.45
C GLU A 13 -12.19 8.78 4.86
N ASN A 14 -12.44 9.52 5.93
CA ASN A 14 -11.51 10.55 6.40
C ASN A 14 -10.21 9.91 6.86
N GLU A 15 -10.30 8.71 7.40
CA GLU A 15 -9.14 8.00 7.88
C GLU A 15 -8.32 7.42 6.73
N LEU A 16 -8.99 7.07 5.64
CA LEU A 16 -8.29 6.57 4.47
C LEU A 16 -7.50 7.68 3.81
N LEU A 17 -8.10 8.86 3.69
CA LEU A 17 -7.41 10.01 3.15
C LEU A 17 -6.28 10.45 4.08
N GLY A 18 -6.49 10.27 5.38
CA GLY A 18 -5.45 10.55 6.35
C GLY A 18 -4.29 9.58 6.23
N ALA A 19 -4.61 8.34 5.87
CA ALA A 19 -3.59 7.32 5.65
C ALA A 19 -2.87 7.57 4.33
N ALA A 20 -3.63 8.04 3.34
CA ALA A 20 -3.06 8.37 2.03
C ALA A 20 -1.96 9.42 2.17
N ALA A 21 -2.20 10.40 3.01
CA ALA A 21 -1.22 11.46 3.27
C ALA A 21 0.07 10.87 3.84
N ALA A 22 -0.07 9.83 4.64
CA ALA A 22 1.08 9.16 5.24
C ALA A 22 1.80 8.31 4.20
N ILE A 23 1.04 7.64 3.35
CA ILE A 23 1.61 6.81 2.29
C ILE A 23 2.35 7.69 1.27
N GLU A 24 1.77 8.83 0.94
CA GLU A 24 2.40 9.75 0.01
C GLU A 24 3.64 10.39 0.64
N ALA A 25 3.66 10.44 1.97
CA ALA A 25 4.84 10.92 2.68
C ALA A 25 5.98 9.90 2.55
N ALA A 26 5.60 8.62 2.47
CA ALA A 26 6.56 7.56 2.23
C ALA A 26 7.04 7.63 0.79
N ALA A 27 6.11 7.89 -0.12
CA ALA A 27 6.45 8.11 -1.53
C ALA A 27 7.37 9.32 -1.68
N LYS A 28 7.23 10.26 -0.77
CA LYS A 28 7.97 11.51 -0.81
C LYS A 28 9.41 11.31 -0.36
N LYS A 29 9.61 10.54 0.70
CA LYS A 29 10.96 10.29 1.21
C LYS A 29 11.78 9.54 0.16
N LEU A 30 11.09 8.67 -0.59
CA LEU A 30 11.69 7.96 -1.71
C LEU A 30 12.21 8.92 -2.77
N GLU A 31 11.38 9.90 -3.15
CA GLU A 31 11.75 10.87 -4.15
C GLU A 31 12.92 11.73 -3.69
N GLN A 32 13.00 11.94 -2.38
CA GLN A 32 14.03 12.79 -1.81
C GLN A 32 15.33 12.03 -1.57
N LEU A 33 15.31 10.71 -1.77
CA LEU A 33 16.52 9.92 -1.66
C LEU A 33 17.47 10.30 -2.78
N LYS A 34 17.01 10.13 -4.02
CA LYS A 34 17.69 10.63 -5.20
C LYS A 34 19.13 10.14 -5.29
N PRO A 35 19.36 8.99 -5.96
CA PRO A 35 20.70 8.46 -6.16
C PRO A 35 21.53 9.35 -7.08
N ARG A 36 22.30 10.23 -6.49
CA ARG A 36 23.10 11.18 -7.25
C ARG A 36 24.41 10.58 -7.72
N ALA A 37 24.31 9.60 -8.61
CA ALA A 37 25.47 8.95 -9.18
C ALA A 37 25.12 8.33 -10.51
N LYS A 38 25.51 9.01 -11.59
CA LYS A 38 25.24 8.54 -12.91
C LYS A 38 26.37 7.65 -13.42
N PRO A 39 26.03 6.62 -14.19
CA PRO A 39 27.00 5.69 -14.75
C PRO A 39 27.84 6.32 -15.86
N LYS A 40 29.01 6.83 -15.49
CA LYS A 40 29.95 7.39 -16.45
C LYS A 40 31.34 6.84 -16.21
N GLU A 41 31.38 5.72 -15.52
CA GLU A 41 32.62 5.05 -15.17
C GLU A 41 32.30 3.69 -14.60
N ALA A 42 33.03 2.68 -15.06
CA ALA A 42 32.80 1.29 -14.65
C ALA A 42 31.35 0.89 -14.90
N ASP A 43 30.93 1.02 -16.16
CA ASP A 43 29.56 0.67 -16.54
C ASP A 43 29.36 -0.84 -16.43
N GLU A 44 28.78 -1.27 -15.32
CA GLU A 44 28.63 -2.70 -15.04
C GLU A 44 27.17 -3.05 -14.80
N SER A 45 26.96 -4.25 -14.28
CA SER A 45 25.61 -4.77 -14.02
C SER A 45 25.13 -4.37 -12.62
N LEU A 46 25.53 -3.19 -12.20
CA LEU A 46 25.17 -2.68 -10.88
C LEU A 46 24.02 -1.69 -11.00
N ASN A 47 22.81 -2.21 -10.97
CA ASN A 47 21.62 -1.38 -11.10
C ASN A 47 20.61 -1.75 -10.03
N PHE A 48 21.07 -2.50 -9.04
CA PHE A 48 20.23 -2.95 -7.94
C PHE A 48 19.54 -1.77 -7.26
N GLU A 49 20.32 -0.77 -6.90
CA GLU A 49 19.80 0.43 -6.26
C GLU A 49 18.68 1.05 -7.06
N GLU A 50 18.83 1.05 -8.39
CA GLU A 50 17.85 1.62 -9.28
C GLU A 50 16.59 0.76 -9.34
N GLN A 51 16.78 -0.55 -9.50
CA GLN A 51 15.67 -1.49 -9.56
C GLN A 51 14.83 -1.42 -8.28
N ILE A 52 15.52 -1.28 -7.15
CA ILE A 52 14.84 -1.13 -5.87
C ILE A 52 14.09 0.20 -5.82
N LEU A 53 14.75 1.26 -6.27
CA LEU A 53 14.18 2.60 -6.25
C LEU A 53 12.87 2.66 -7.02
N GLU A 54 12.88 2.20 -8.26
CA GLU A 54 11.67 2.23 -9.09
C GLU A 54 10.58 1.36 -8.51
N ALA A 55 10.94 0.15 -8.07
CA ALA A 55 9.94 -0.77 -7.57
C ALA A 55 9.30 -0.23 -6.30
N ALA A 56 10.11 0.42 -5.47
CA ALA A 56 9.61 1.07 -4.28
C ALA A 56 8.65 2.19 -4.64
N LYS A 57 8.99 2.95 -5.68
CA LYS A 57 8.12 4.00 -6.19
C LYS A 57 6.80 3.41 -6.66
N SER A 58 6.87 2.27 -7.36
CA SER A 58 5.69 1.59 -7.85
C SER A 58 4.77 1.18 -6.71
N ILE A 59 5.35 0.70 -5.61
CA ILE A 59 4.60 0.40 -4.40
C ILE A 59 4.00 1.67 -3.82
N ALA A 60 4.84 2.66 -3.56
CA ALA A 60 4.42 3.91 -2.95
C ALA A 60 3.29 4.58 -3.76
N ALA A 61 3.42 4.56 -5.08
CA ALA A 61 2.41 5.14 -5.94
C ALA A 61 1.12 4.32 -5.94
N ALA A 62 1.27 3.01 -6.11
CA ALA A 62 0.12 2.11 -6.20
C ALA A 62 -0.60 2.00 -4.87
N THR A 63 0.15 2.01 -3.77
CA THR A 63 -0.45 1.91 -2.44
C THR A 63 -1.31 3.13 -2.14
N SER A 64 -0.82 4.30 -2.54
CA SER A 64 -1.56 5.55 -2.37
C SER A 64 -2.86 5.48 -3.18
N ALA A 65 -2.75 5.00 -4.42
CA ALA A 65 -3.93 4.84 -5.27
C ALA A 65 -4.88 3.82 -4.67
N LEU A 66 -4.32 2.80 -4.03
CA LEU A 66 -5.10 1.74 -3.43
C LEU A 66 -6.01 2.26 -2.32
N VAL A 67 -5.44 2.99 -1.38
CA VAL A 67 -6.21 3.49 -0.24
C VAL A 67 -7.27 4.50 -0.69
N LYS A 68 -6.98 5.21 -1.78
CA LYS A 68 -7.93 6.17 -2.34
C LYS A 68 -9.02 5.45 -3.11
N ALA A 69 -8.64 4.37 -3.79
CA ALA A 69 -9.61 3.53 -4.50
C ALA A 69 -10.55 2.85 -3.52
N ALA A 70 -10.00 2.42 -2.40
CA ALA A 70 -10.80 1.81 -1.34
C ALA A 70 -11.83 2.79 -0.80
N SER A 71 -11.42 4.05 -0.68
CA SER A 71 -12.31 5.11 -0.22
C SER A 71 -13.46 5.30 -1.21
N ALA A 72 -13.13 5.23 -2.50
CA ALA A 72 -14.15 5.35 -3.54
C ALA A 72 -15.03 4.10 -3.55
N ALA A 73 -14.43 2.95 -3.28
CA ALA A 73 -15.14 1.69 -3.22
C ALA A 73 -16.24 1.76 -2.17
N GLN A 74 -15.92 2.31 -1.01
CA GLN A 74 -16.90 2.51 0.05
C GLN A 74 -18.07 3.32 -0.46
N ARG A 75 -17.77 4.42 -1.15
CA ARG A 75 -18.80 5.34 -1.62
C ARG A 75 -19.78 4.66 -2.57
N GLU A 76 -19.26 3.91 -3.54
CA GLU A 76 -20.11 3.17 -4.47
C GLU A 76 -20.93 2.14 -3.72
N LEU A 77 -20.29 1.49 -2.76
CA LEU A 77 -20.90 0.45 -1.96
C LEU A 77 -22.00 1.03 -1.06
N VAL A 78 -21.77 2.26 -0.60
CA VAL A 78 -22.75 3.00 0.18
C VAL A 78 -23.91 3.41 -0.71
N ALA A 79 -23.59 3.87 -1.93
CA ALA A 79 -24.59 4.27 -2.89
C ALA A 79 -25.50 3.08 -3.24
N GLN A 80 -24.90 1.90 -3.34
CA GLN A 80 -25.66 0.68 -3.59
C GLN A 80 -26.44 0.26 -2.36
N GLY A 81 -26.00 0.72 -1.19
CA GLY A 81 -26.63 0.33 0.06
C GLY A 81 -26.32 -1.11 0.42
N LYS A 82 -25.15 -1.57 -0.01
CA LYS A 82 -24.72 -2.94 0.26
C LYS A 82 -24.14 -3.04 1.67
N VAL A 83 -23.68 -1.92 2.18
CA VAL A 83 -23.11 -1.85 3.51
C VAL A 83 -24.13 -1.30 4.49
N GLY A 84 -23.71 -1.12 5.74
CA GLY A 84 -24.56 -0.48 6.71
C GLY A 84 -24.69 0.99 6.40
N ALA A 85 -23.55 1.69 6.38
CA ALA A 85 -23.48 3.11 6.02
C ALA A 85 -24.33 3.97 6.94
N ILE A 86 -24.70 3.41 8.08
CA ILE A 86 -25.65 4.04 8.99
C ILE A 86 -25.29 3.70 10.43
N PRO A 87 -25.20 4.72 11.32
CA PRO A 87 -24.95 4.51 12.75
C PRO A 87 -25.86 3.45 13.38
N ALA A 88 -27.11 3.40 12.94
CA ALA A 88 -28.07 2.38 13.40
C ALA A 88 -27.60 0.97 13.05
N ASN A 89 -26.67 0.87 12.12
CA ASN A 89 -26.13 -0.42 11.69
C ASN A 89 -24.63 -0.46 11.96
N ALA A 90 -24.18 0.39 12.87
CA ALA A 90 -22.75 0.55 13.13
C ALA A 90 -22.20 -0.62 13.92
N LEU A 91 -23.07 -1.39 14.57
CA LEU A 91 -22.63 -2.57 15.27
C LEU A 91 -21.88 -3.51 14.30
N ASP A 92 -22.44 -3.69 13.11
CA ASP A 92 -21.77 -4.45 12.05
C ASP A 92 -20.82 -3.56 11.26
N ASP A 93 -21.36 -2.50 10.67
CA ASP A 93 -20.62 -1.64 9.73
C ASP A 93 -19.47 -0.93 10.41
N GLY A 94 -19.67 -0.58 11.68
CA GLY A 94 -18.65 0.13 12.42
C GLY A 94 -17.40 -0.72 12.62
N GLN A 95 -17.55 -2.04 12.57
CA GLN A 95 -16.40 -2.92 12.67
C GLN A 95 -15.73 -3.05 11.32
N TRP A 96 -16.53 -2.95 10.27
CA TRP A 96 -16.02 -3.03 8.91
C TRP A 96 -15.25 -1.76 8.57
N SER A 97 -15.83 -0.61 8.85
CA SER A 97 -15.18 0.66 8.63
C SER A 97 -13.92 0.77 9.47
N GLN A 98 -14.00 0.30 10.72
CA GLN A 98 -12.85 0.26 11.60
C GLN A 98 -11.79 -0.67 11.04
N GLY A 99 -12.24 -1.76 10.42
CA GLY A 99 -11.32 -2.72 9.83
C GLY A 99 -10.52 -2.09 8.72
N LEU A 100 -11.20 -1.30 7.89
CA LEU A 100 -10.56 -0.57 6.82
C LEU A 100 -9.57 0.46 7.38
N ILE A 101 -9.98 1.14 8.44
CA ILE A 101 -9.11 2.09 9.12
C ILE A 101 -7.85 1.40 9.64
N SER A 102 -8.03 0.34 10.40
CA SER A 102 -6.92 -0.40 10.97
C SER A 102 -6.05 -1.02 9.88
N ALA A 103 -6.69 -1.50 8.82
CA ALA A 103 -5.95 -2.04 7.68
C ALA A 103 -5.12 -0.96 7.01
N ALA A 104 -5.71 0.23 6.87
CA ALA A 104 -5.01 1.36 6.28
C ALA A 104 -3.79 1.76 7.12
N ARG A 105 -3.93 1.69 8.43
CA ARG A 105 -2.81 1.94 9.33
C ARG A 105 -1.73 0.88 9.14
N MET A 106 -2.18 -0.35 8.97
CA MET A 106 -1.28 -1.48 8.77
C MET A 106 -0.54 -1.38 7.45
N VAL A 107 -1.27 -1.12 6.37
CA VAL A 107 -0.65 -1.02 5.06
C VAL A 107 0.29 0.18 5.01
N ALA A 108 -0.10 1.27 5.67
CA ALA A 108 0.74 2.45 5.72
C ALA A 108 2.04 2.16 6.44
N ALA A 109 1.97 1.41 7.53
CA ALA A 109 3.15 1.08 8.29
C ALA A 109 4.00 0.05 7.54
N ALA A 110 3.35 -0.98 7.03
CA ALA A 110 4.05 -2.04 6.30
C ALA A 110 4.78 -1.48 5.09
N THR A 111 4.05 -0.73 4.26
CA THR A 111 4.63 -0.17 3.04
C THR A 111 5.72 0.86 3.39
N ASN A 112 5.57 1.51 4.55
CA ASN A 112 6.54 2.51 5.00
C ASN A 112 7.81 1.83 5.48
N ASN A 113 7.64 0.72 6.20
CA ASN A 113 8.76 -0.05 6.69
C ASN A 113 9.57 -0.60 5.53
N LEU A 114 8.87 -0.94 4.45
CA LEU A 114 9.53 -1.40 3.24
C LEU A 114 10.29 -0.25 2.59
N CYS A 115 9.73 0.95 2.68
CA CYS A 115 10.39 2.14 2.17
C CYS A 115 11.71 2.38 2.91
N GLU A 116 11.71 2.10 4.21
CA GLU A 116 12.90 2.24 5.02
C GLU A 116 13.90 1.12 4.74
N ALA A 117 13.38 -0.03 4.33
CA ALA A 117 14.22 -1.15 3.92
C ALA A 117 14.88 -0.84 2.59
N ALA A 118 14.08 -0.35 1.65
CA ALA A 118 14.56 0.06 0.34
C ALA A 118 15.56 1.22 0.47
N ASN A 119 15.27 2.13 1.40
CA ASN A 119 16.13 3.29 1.65
C ASN A 119 17.60 2.88 1.78
N ALA A 120 17.86 1.86 2.59
CA ALA A 120 19.22 1.39 2.81
C ALA A 120 19.85 0.91 1.51
N ALA A 121 19.09 0.17 0.73
CA ALA A 121 19.58 -0.40 -0.52
C ALA A 121 19.98 0.69 -1.51
N VAL A 122 19.15 1.74 -1.60
CA VAL A 122 19.41 2.85 -2.50
C VAL A 122 20.70 3.58 -2.10
N GLN A 123 20.96 3.60 -0.81
CA GLN A 123 22.08 4.33 -0.27
C GLN A 123 23.36 3.48 -0.24
N GLY A 124 23.31 2.32 -0.87
CA GLY A 124 24.50 1.51 -1.03
C GLY A 124 24.59 0.37 -0.04
N HIS A 125 23.57 0.17 0.76
CA HIS A 125 23.57 -0.91 1.72
C HIS A 125 22.51 -1.95 1.34
N ALA A 126 22.92 -2.95 0.59
CA ALA A 126 22.02 -3.99 0.16
C ALA A 126 21.59 -4.85 1.34
N SER A 127 20.30 -4.90 1.60
CA SER A 127 19.77 -5.67 2.69
C SER A 127 18.70 -6.62 2.19
N GLN A 128 19.15 -7.75 1.70
CA GLN A 128 18.28 -8.73 1.08
C GLN A 128 17.28 -9.27 2.09
N GLU A 129 17.76 -9.46 3.30
CA GLU A 129 16.98 -10.02 4.38
C GLU A 129 15.75 -9.16 4.67
N LYS A 130 15.97 -7.89 5.02
CA LYS A 130 14.89 -7.00 5.38
C LYS A 130 14.02 -6.68 4.15
N LEU A 131 14.66 -6.56 2.99
CA LEU A 131 13.95 -6.19 1.78
C LEU A 131 12.96 -7.27 1.37
N ILE A 132 13.40 -8.52 1.39
CA ILE A 132 12.54 -9.64 1.03
C ILE A 132 11.45 -9.84 2.08
N SER A 133 11.85 -9.89 3.35
CA SER A 133 10.92 -10.17 4.44
C SER A 133 9.81 -9.11 4.50
N SER A 134 10.19 -7.84 4.39
CA SER A 134 9.24 -6.75 4.50
C SER A 134 8.28 -6.75 3.31
N ALA A 135 8.80 -7.05 2.11
CA ALA A 135 8.00 -6.97 0.89
C ALA A 135 6.91 -8.03 0.90
N LYS A 136 7.24 -9.20 1.45
CA LYS A 136 6.30 -10.30 1.52
C LYS A 136 5.20 -9.98 2.53
N GLN A 137 5.54 -9.18 3.53
CA GLN A 137 4.57 -8.73 4.52
C GLN A 137 3.74 -7.58 3.96
N VAL A 138 4.40 -6.69 3.23
CA VAL A 138 3.71 -5.58 2.57
C VAL A 138 2.65 -6.09 1.63
N ALA A 139 3.05 -6.96 0.71
CA ALA A 139 2.13 -7.54 -0.26
C ALA A 139 0.92 -8.16 0.43
N ALA A 140 1.16 -8.89 1.52
CA ALA A 140 0.10 -9.57 2.23
C ALA A 140 -0.81 -8.59 2.97
N SER A 141 -0.21 -7.65 3.69
CA SER A 141 -0.96 -6.70 4.49
C SER A 141 -1.71 -5.71 3.61
N THR A 142 -1.08 -5.32 2.51
CA THR A 142 -1.68 -4.34 1.62
C THR A 142 -2.81 -4.98 0.81
N ALA A 143 -2.59 -6.22 0.37
CA ALA A 143 -3.64 -6.94 -0.33
C ALA A 143 -4.79 -7.24 0.64
N GLN A 144 -4.46 -7.27 1.93
CA GLN A 144 -5.47 -7.47 2.97
C GLN A 144 -6.39 -6.25 3.05
N LEU A 145 -5.89 -5.08 2.66
CA LEU A 145 -6.70 -3.89 2.59
C LEU A 145 -7.83 -4.11 1.59
N LEU A 146 -7.52 -4.85 0.53
CA LEU A 146 -8.55 -5.27 -0.43
C LEU A 146 -9.53 -6.20 0.24
N VAL A 147 -8.99 -7.20 0.92
CA VAL A 147 -9.80 -8.22 1.60
C VAL A 147 -10.75 -7.58 2.62
N ALA A 148 -10.25 -6.58 3.34
CA ALA A 148 -11.05 -5.86 4.33
C ALA A 148 -12.27 -5.23 3.67
N CYS A 149 -12.07 -4.58 2.54
CA CYS A 149 -13.17 -3.97 1.80
C CYS A 149 -14.05 -5.06 1.21
N LYS A 150 -13.41 -6.09 0.63
CA LYS A 150 -14.11 -7.18 -0.06
C LYS A 150 -15.11 -7.90 0.85
N VAL A 151 -14.94 -7.79 2.17
CA VAL A 151 -15.88 -8.38 3.11
C VAL A 151 -17.30 -7.89 2.82
N LYS A 152 -17.41 -6.64 2.43
CA LYS A 152 -18.69 -6.06 2.05
C LYS A 152 -18.75 -5.79 0.55
N ALA A 153 -17.61 -5.41 -0.02
CA ALA A 153 -17.54 -4.99 -1.40
C ALA A 153 -17.57 -6.18 -2.36
N ASP A 154 -18.40 -6.05 -3.37
CA ASP A 154 -18.47 -7.03 -4.44
C ASP A 154 -17.48 -6.66 -5.54
N GLN A 155 -16.87 -7.65 -6.16
CA GLN A 155 -15.80 -7.42 -7.11
C GLN A 155 -16.30 -6.81 -8.43
N ASP A 156 -17.61 -6.70 -8.59
CA ASP A 156 -18.16 -6.10 -9.80
C ASP A 156 -18.16 -4.58 -9.73
N SER A 157 -18.05 -4.06 -8.51
CA SER A 157 -18.01 -2.63 -8.30
C SER A 157 -16.77 -2.03 -8.98
N GLU A 158 -16.96 -0.91 -9.68
CA GLU A 158 -15.89 -0.32 -10.48
C GLU A 158 -14.72 0.14 -9.62
N ALA A 159 -15.01 0.81 -8.51
CA ALA A 159 -13.97 1.25 -7.60
C ALA A 159 -13.29 0.05 -6.95
N MET A 160 -14.04 -1.05 -6.84
CA MET A 160 -13.50 -2.28 -6.27
C MET A 160 -12.65 -2.98 -7.31
N LYS A 161 -12.99 -2.78 -8.57
CA LYS A 161 -12.22 -3.31 -9.68
C LYS A 161 -10.85 -2.64 -9.70
N ARG A 162 -10.86 -1.32 -9.52
CA ARG A 162 -9.62 -0.56 -9.41
C ARG A 162 -8.88 -0.94 -8.13
N LEU A 163 -9.65 -1.17 -7.06
CA LEU A 163 -9.12 -1.62 -5.79
C LEU A 163 -8.32 -2.91 -5.99
N GLN A 164 -8.93 -3.86 -6.71
CA GLN A 164 -8.29 -5.11 -7.04
C GLN A 164 -7.02 -4.88 -7.87
N ALA A 165 -7.12 -4.02 -8.87
CA ALA A 165 -5.99 -3.73 -9.75
C ALA A 165 -4.81 -3.13 -8.97
N ALA A 166 -5.11 -2.16 -8.11
CA ALA A 166 -4.09 -1.51 -7.31
C ALA A 166 -3.46 -2.48 -6.31
N GLY A 167 -4.31 -3.32 -5.70
CA GLY A 167 -3.82 -4.33 -4.78
C GLY A 167 -2.94 -5.35 -5.47
N ASN A 168 -3.35 -5.77 -6.66
CA ASN A 168 -2.59 -6.69 -7.47
C ASN A 168 -1.21 -6.09 -7.76
N ALA A 169 -1.20 -4.79 -8.04
CA ALA A 169 0.04 -4.08 -8.34
C ALA A 169 1.01 -4.09 -7.17
N VAL A 170 0.48 -4.03 -5.95
CA VAL A 170 1.33 -4.07 -4.76
C VAL A 170 2.06 -5.40 -4.68
N LYS A 171 1.31 -6.48 -4.90
CA LYS A 171 1.89 -7.81 -4.86
C LYS A 171 2.95 -7.97 -5.93
N ARG A 172 2.66 -7.50 -7.14
CA ARG A 172 3.61 -7.58 -8.26
C ARG A 172 4.88 -6.86 -7.90
N ALA A 173 4.72 -5.62 -7.48
CA ALA A 173 5.84 -4.77 -7.10
C ALA A 173 6.64 -5.37 -5.96
N SER A 174 5.95 -6.03 -5.03
CA SER A 174 6.62 -6.68 -3.91
C SER A 174 7.43 -7.87 -4.41
N ASP A 175 6.79 -8.68 -5.26
CA ASP A 175 7.48 -9.81 -5.89
C ASP A 175 8.69 -9.35 -6.67
N ASN A 176 8.50 -8.28 -7.43
CA ASN A 176 9.57 -7.68 -8.24
C ASN A 176 10.71 -7.21 -7.35
N LEU A 177 10.35 -6.57 -6.23
CA LEU A 177 11.32 -6.07 -5.28
C LEU A 177 12.08 -7.22 -4.63
N VAL A 178 11.35 -8.26 -4.23
CA VAL A 178 11.94 -9.47 -3.67
C VAL A 178 12.91 -10.11 -4.66
N LYS A 179 12.48 -10.22 -5.92
CA LYS A 179 13.30 -10.77 -6.97
C LYS A 179 14.59 -9.96 -7.11
N ALA A 180 14.47 -8.65 -7.15
CA ALA A 180 15.63 -7.78 -7.32
C ALA A 180 16.63 -7.97 -6.19
N ALA A 181 16.11 -8.17 -4.98
CA ALA A 181 16.96 -8.43 -3.82
C ALA A 181 17.77 -9.71 -3.99
N GLN A 182 17.20 -10.67 -4.71
CA GLN A 182 17.86 -11.94 -4.98
C GLN A 182 19.05 -11.74 -5.90
N LYS A 183 19.10 -10.61 -6.58
CA LYS A 183 20.19 -10.29 -7.49
C LYS A 183 21.35 -9.64 -6.74
N ALA A 184 21.07 -9.13 -5.55
CA ALA A 184 22.10 -8.51 -4.72
C ALA A 184 22.83 -9.57 -3.93
N ALA A 185 22.25 -10.74 -3.92
CA ALA A 185 22.83 -11.89 -3.27
C ALA A 185 22.29 -13.15 -3.93
N ALA A 186 23.05 -13.67 -4.87
CA ALA A 186 22.58 -14.76 -5.71
C ALA A 186 22.68 -16.08 -4.98
N PHE A 187 21.62 -16.84 -5.08
CA PHE A 187 21.56 -18.17 -4.49
C PHE A 187 21.98 -19.21 -5.51
N GLU A 188 22.73 -18.76 -6.51
CA GLU A 188 23.22 -19.63 -7.56
C GLU A 188 24.24 -20.61 -6.99
N ASP A 189 23.78 -21.81 -6.69
CA ASP A 189 24.62 -22.84 -6.11
C ASP A 189 24.97 -23.87 -7.15
N GLY A 1 -14.78 13.03 2.44
CA GLY A 1 -15.92 13.93 2.73
C GLY A 1 -16.12 14.13 4.22
N ILE A 2 -17.11 14.94 4.58
CA ILE A 2 -17.36 15.27 5.97
C ILE A 2 -18.77 14.84 6.37
N ASP A 3 -18.86 13.98 7.38
CA ASP A 3 -20.13 13.48 7.86
C ASP A 3 -20.86 14.52 8.70
N PRO A 4 -22.17 14.70 8.46
CA PRO A 4 -22.99 15.66 9.19
C PRO A 4 -23.55 15.11 10.49
N PHE A 5 -23.17 13.89 10.81
CA PHE A 5 -23.67 13.22 12.01
C PHE A 5 -22.53 12.62 12.81
N THR A 6 -22.04 11.49 12.34
CA THR A 6 -20.96 10.76 12.98
C THR A 6 -20.80 9.41 12.28
N ASP A 7 -21.01 9.45 10.97
CA ASP A 7 -21.03 8.25 10.14
C ASP A 7 -19.69 7.53 10.21
N PRO A 8 -19.69 6.31 10.76
CA PRO A 8 -18.47 5.50 10.93
C PRO A 8 -17.74 5.31 9.60
N THR A 9 -18.53 5.08 8.57
CA THR A 9 -18.01 4.86 7.23
C THR A 9 -17.28 6.08 6.72
N VAL A 10 -17.84 7.27 6.96
CA VAL A 10 -17.22 8.50 6.52
C VAL A 10 -15.98 8.81 7.38
N ILE A 11 -16.06 8.46 8.65
CA ILE A 11 -14.91 8.58 9.54
C ILE A 11 -13.77 7.72 9.01
N ALA A 12 -14.08 6.48 8.63
CA ALA A 12 -13.11 5.57 8.03
C ALA A 12 -12.55 6.15 6.73
N GLU A 13 -13.42 6.79 5.96
CA GLU A 13 -13.03 7.42 4.71
C GLU A 13 -11.96 8.49 4.95
N ASN A 14 -12.14 9.27 5.99
CA ASN A 14 -11.18 10.32 6.34
C ASN A 14 -9.87 9.70 6.79
N GLU A 15 -9.95 8.52 7.38
CA GLU A 15 -8.76 7.80 7.81
C GLU A 15 -7.99 7.28 6.61
N LEU A 16 -8.72 6.90 5.56
CA LEU A 16 -8.10 6.43 4.33
C LEU A 16 -7.29 7.54 3.67
N LEU A 17 -7.89 8.72 3.57
CA LEU A 17 -7.20 9.87 2.97
C LEU A 17 -6.01 10.27 3.81
N GLY A 18 -6.15 10.18 5.13
CA GLY A 18 -5.03 10.45 6.02
C GLY A 18 -3.92 9.44 5.86
N ALA A 19 -4.31 8.19 5.61
CA ALA A 19 -3.34 7.12 5.36
C ALA A 19 -2.66 7.32 4.01
N ALA A 20 -3.44 7.77 3.03
CA ALA A 20 -2.92 8.08 1.71
C ALA A 20 -1.81 9.11 1.80
N ALA A 21 -2.07 10.18 2.56
CA ALA A 21 -1.09 11.24 2.76
C ALA A 21 0.19 10.68 3.37
N ALA A 22 0.05 9.68 4.23
CA ALA A 22 1.19 9.06 4.89
C ALA A 22 2.01 8.24 3.89
N ILE A 23 1.32 7.53 3.01
CA ILE A 23 1.98 6.73 1.99
C ILE A 23 2.65 7.62 0.95
N GLU A 24 1.96 8.69 0.56
CA GLU A 24 2.53 9.66 -0.37
C GLU A 24 3.75 10.34 0.23
N ALA A 25 3.76 10.46 1.56
CA ALA A 25 4.92 11.00 2.26
C ALA A 25 6.10 10.04 2.19
N ALA A 26 5.78 8.74 2.09
CA ALA A 26 6.80 7.72 1.93
C ALA A 26 7.37 7.77 0.52
N ALA A 27 6.51 8.01 -0.45
CA ALA A 27 6.96 8.19 -1.83
C ALA A 27 7.85 9.42 -1.94
N LYS A 28 7.56 10.40 -1.10
CA LYS A 28 8.31 11.64 -1.07
C LYS A 28 9.75 11.39 -0.64
N LYS A 29 9.93 10.67 0.47
CA LYS A 29 11.26 10.37 0.97
C LYS A 29 12.00 9.44 0.00
N LEU A 30 11.22 8.67 -0.75
CA LEU A 30 11.77 7.82 -1.80
C LEU A 30 12.34 8.66 -2.93
N GLU A 31 11.60 9.68 -3.34
CA GLU A 31 12.04 10.56 -4.40
C GLU A 31 13.16 11.49 -3.93
N GLN A 32 13.26 11.66 -2.60
CA GLN A 32 14.32 12.48 -2.02
C GLN A 32 15.66 11.78 -2.12
N LEU A 33 15.63 10.46 -2.30
CA LEU A 33 16.86 9.68 -2.46
C LEU A 33 17.55 10.06 -3.75
N LYS A 34 16.76 10.17 -4.82
CA LYS A 34 17.25 10.61 -6.13
C LYS A 34 18.10 9.54 -6.81
N PRO A 35 17.70 9.13 -8.02
CA PRO A 35 18.53 8.25 -8.85
C PRO A 35 19.81 8.94 -9.27
N ARG A 36 20.91 8.21 -9.33
CA ARG A 36 22.19 8.82 -9.66
C ARG A 36 22.32 9.03 -11.16
N ALA A 37 21.70 10.09 -11.64
CA ALA A 37 21.79 10.47 -13.03
C ALA A 37 22.86 11.54 -13.21
N LYS A 38 24.06 11.09 -13.50
CA LYS A 38 25.20 11.97 -13.66
C LYS A 38 25.52 12.12 -15.14
N PRO A 39 26.30 13.17 -15.49
CA PRO A 39 26.76 13.40 -16.86
C PRO A 39 27.74 12.32 -17.36
N LYS A 40 27.26 11.08 -17.34
CA LYS A 40 27.96 9.90 -17.84
C LYS A 40 27.15 8.67 -17.52
N GLU A 41 27.59 7.51 -17.98
CA GLU A 41 26.83 6.29 -17.75
C GLU A 41 27.18 5.67 -16.39
N ALA A 42 26.15 5.15 -15.72
CA ALA A 42 26.32 4.51 -14.42
C ALA A 42 25.91 3.05 -14.49
N ASP A 43 25.97 2.49 -15.69
CA ASP A 43 25.55 1.12 -15.92
C ASP A 43 26.63 0.14 -15.48
N GLU A 44 26.37 -0.51 -14.35
CA GLU A 44 27.25 -1.55 -13.83
C GLU A 44 26.42 -2.64 -13.19
N SER A 45 27.05 -3.72 -12.77
CA SER A 45 26.34 -4.84 -12.16
C SER A 45 26.09 -4.58 -10.68
N LEU A 46 25.82 -3.33 -10.36
CA LEU A 46 25.55 -2.92 -8.99
C LEU A 46 24.40 -1.91 -8.95
N ASN A 47 23.58 -1.94 -9.99
CA ASN A 47 22.47 -1.01 -10.11
C ASN A 47 21.25 -1.56 -9.38
N PHE A 48 21.49 -2.56 -8.54
CA PHE A 48 20.46 -3.13 -7.69
C PHE A 48 19.81 -2.05 -6.84
N GLU A 49 20.60 -1.07 -6.44
CA GLU A 49 20.12 0.03 -5.61
C GLU A 49 19.07 0.84 -6.35
N GLU A 50 19.27 1.07 -7.64
CA GLU A 50 18.31 1.80 -8.44
C GLU A 50 17.06 0.95 -8.67
N GLN A 51 17.25 -0.37 -8.74
CA GLN A 51 16.13 -1.30 -8.91
C GLN A 51 15.23 -1.28 -7.69
N ILE A 52 15.81 -1.09 -6.52
CA ILE A 52 15.04 -0.98 -5.30
C ILE A 52 14.25 0.32 -5.30
N LEU A 53 14.92 1.40 -5.69
CA LEU A 53 14.32 2.72 -5.71
C LEU A 53 13.07 2.76 -6.60
N GLU A 54 13.20 2.27 -7.83
CA GLU A 54 12.07 2.26 -8.76
C GLU A 54 10.91 1.44 -8.22
N ALA A 55 11.21 0.23 -7.75
CA ALA A 55 10.18 -0.68 -7.31
C ALA A 55 9.48 -0.16 -6.06
N ALA A 56 10.24 0.48 -5.19
CA ALA A 56 9.67 1.10 -3.99
C ALA A 56 8.68 2.18 -4.38
N LYS A 57 9.06 3.00 -5.36
CA LYS A 57 8.17 4.03 -5.88
C LYS A 57 6.90 3.40 -6.45
N SER A 58 7.08 2.29 -7.16
CA SER A 58 5.96 1.56 -7.73
C SER A 58 4.96 1.15 -6.66
N ILE A 59 5.46 0.65 -5.53
CA ILE A 59 4.62 0.29 -4.40
C ILE A 59 3.98 1.52 -3.81
N ALA A 60 4.77 2.54 -3.51
CA ALA A 60 4.26 3.76 -2.91
C ALA A 60 3.15 4.39 -3.75
N ALA A 61 3.32 4.37 -5.06
CA ALA A 61 2.31 4.89 -5.97
C ALA A 61 1.08 3.99 -6.02
N ALA A 62 1.32 2.68 -6.17
CA ALA A 62 0.23 1.72 -6.28
C ALA A 62 -0.55 1.61 -4.97
N THR A 63 0.15 1.72 -3.85
CA THR A 63 -0.50 1.63 -2.56
C THR A 63 -1.39 2.84 -2.31
N SER A 64 -0.89 4.02 -2.68
CA SER A 64 -1.67 5.25 -2.59
C SER A 64 -2.92 5.12 -3.46
N ALA A 65 -2.74 4.57 -4.65
CA ALA A 65 -3.87 4.34 -5.55
C ALA A 65 -4.88 3.38 -4.91
N LEU A 66 -4.36 2.40 -4.19
CA LEU A 66 -5.20 1.41 -3.52
C LEU A 66 -6.05 2.05 -2.44
N VAL A 67 -5.42 2.78 -1.52
CA VAL A 67 -6.13 3.38 -0.40
C VAL A 67 -7.12 4.45 -0.89
N LYS A 68 -6.78 5.13 -1.98
CA LYS A 68 -7.67 6.10 -2.59
C LYS A 68 -8.85 5.39 -3.27
N ALA A 69 -8.59 4.20 -3.80
CA ALA A 69 -9.63 3.41 -4.46
C ALA A 69 -10.59 2.83 -3.44
N ALA A 70 -10.07 2.51 -2.26
CA ALA A 70 -10.89 2.00 -1.17
C ALA A 70 -11.96 3.03 -0.77
N SER A 71 -11.57 4.30 -0.80
CA SER A 71 -12.49 5.38 -0.49
C SER A 71 -13.57 5.48 -1.57
N ALA A 72 -13.20 5.17 -2.81
CA ALA A 72 -14.15 5.17 -3.91
C ALA A 72 -15.10 3.98 -3.78
N ALA A 73 -14.56 2.84 -3.36
CA ALA A 73 -15.35 1.65 -3.11
C ALA A 73 -16.38 1.90 -2.03
N GLN A 74 -15.97 2.64 -1.00
CA GLN A 74 -16.88 3.03 0.06
C GLN A 74 -18.00 3.86 -0.50
N ARG A 75 -17.64 4.89 -1.26
CA ARG A 75 -18.60 5.83 -1.81
C ARG A 75 -19.70 5.12 -2.59
N GLU A 76 -19.30 4.16 -3.41
CA GLU A 76 -20.26 3.45 -4.26
C GLU A 76 -21.11 2.50 -3.43
N LEU A 77 -20.50 1.90 -2.41
CA LEU A 77 -21.20 1.01 -1.50
C LEU A 77 -22.18 1.78 -0.61
N VAL A 78 -21.73 2.93 -0.13
CA VAL A 78 -22.55 3.79 0.72
C VAL A 78 -23.79 4.26 -0.04
N ALA A 79 -23.61 4.66 -1.29
CA ALA A 79 -24.70 5.13 -2.11
C ALA A 79 -25.78 4.07 -2.29
N GLN A 80 -25.37 2.87 -2.68
CA GLN A 80 -26.32 1.79 -2.96
C GLN A 80 -26.89 1.21 -1.67
N GLY A 81 -26.18 1.40 -0.57
CA GLY A 81 -26.61 0.85 0.70
C GLY A 81 -26.06 -0.55 0.92
N LYS A 82 -24.94 -0.83 0.28
CA LYS A 82 -24.27 -2.12 0.41
C LYS A 82 -23.66 -2.25 1.81
N VAL A 83 -23.30 -1.11 2.38
CA VAL A 83 -22.73 -1.07 3.72
C VAL A 83 -23.71 -0.41 4.68
N GLY A 84 -23.28 -0.26 5.93
CA GLY A 84 -24.11 0.41 6.91
C GLY A 84 -24.32 1.86 6.55
N ALA A 85 -23.23 2.62 6.55
CA ALA A 85 -23.24 4.03 6.16
C ALA A 85 -24.16 4.86 7.05
N ILE A 86 -24.46 4.34 8.22
CA ILE A 86 -25.42 4.95 9.12
C ILE A 86 -24.92 4.85 10.57
N PRO A 87 -24.83 5.99 11.28
CA PRO A 87 -24.48 6.00 12.71
C PRO A 87 -25.33 5.06 13.56
N ALA A 88 -26.61 4.93 13.21
CA ALA A 88 -27.51 4.01 13.92
C ALA A 88 -27.20 2.55 13.56
N ASN A 89 -26.55 2.37 12.43
CA ASN A 89 -26.16 1.04 11.97
C ASN A 89 -24.66 0.86 12.14
N ALA A 90 -24.08 1.66 13.02
CA ALA A 90 -22.65 1.67 13.26
C ALA A 90 -22.22 0.42 14.02
N LEU A 91 -23.18 -0.26 14.62
CA LEU A 91 -22.88 -1.53 15.27
C LEU A 91 -22.32 -2.51 14.24
N ASP A 92 -22.98 -2.61 13.09
CA ASP A 92 -22.53 -3.46 12.00
C ASP A 92 -21.42 -2.78 11.20
N ASP A 93 -21.71 -1.59 10.70
CA ASP A 93 -20.78 -0.87 9.83
C ASP A 93 -19.50 -0.53 10.54
N GLY A 94 -19.61 -0.14 11.81
CA GLY A 94 -18.45 0.22 12.58
C GLY A 94 -17.45 -0.90 12.70
N GLN A 95 -17.93 -2.13 12.63
CA GLN A 95 -17.05 -3.28 12.72
C GLN A 95 -16.30 -3.45 11.41
N TRP A 96 -16.94 -3.02 10.34
CA TRP A 96 -16.34 -3.06 9.02
C TRP A 96 -15.41 -1.87 8.82
N SER A 97 -15.91 -0.67 9.07
CA SER A 97 -15.16 0.55 8.84
C SER A 97 -13.91 0.61 9.72
N GLN A 98 -14.04 0.26 11.00
CA GLN A 98 -12.88 0.29 11.90
C GLN A 98 -11.88 -0.78 11.51
N GLY A 99 -12.37 -1.89 10.97
CA GLY A 99 -11.50 -2.92 10.46
C GLY A 99 -10.74 -2.43 9.24
N LEU A 100 -11.47 -1.76 8.36
CA LEU A 100 -10.89 -1.14 7.18
C LEU A 100 -9.84 -0.10 7.58
N ILE A 101 -10.17 0.70 8.61
CA ILE A 101 -9.23 1.67 9.16
C ILE A 101 -7.96 0.97 9.64
N SER A 102 -8.14 -0.08 10.42
CA SER A 102 -7.00 -0.81 10.98
C SER A 102 -6.12 -1.38 9.87
N ALA A 103 -6.75 -1.97 8.85
CA ALA A 103 -6.03 -2.49 7.71
C ALA A 103 -5.27 -1.39 6.99
N ALA A 104 -5.89 -0.22 6.87
CA ALA A 104 -5.24 0.93 6.24
C ALA A 104 -4.05 1.41 7.06
N ARG A 105 -4.19 1.37 8.38
CA ARG A 105 -3.08 1.70 9.27
C ARG A 105 -1.96 0.68 9.10
N MET A 106 -2.36 -0.57 8.92
CA MET A 106 -1.42 -1.66 8.72
C MET A 106 -0.64 -1.50 7.43
N VAL A 107 -1.36 -1.28 6.32
CA VAL A 107 -0.70 -1.12 5.03
C VAL A 107 0.15 0.14 5.02
N ALA A 108 -0.31 1.17 5.71
CA ALA A 108 0.45 2.41 5.82
C ALA A 108 1.78 2.17 6.50
N ALA A 109 1.78 1.35 7.55
CA ALA A 109 2.99 1.05 8.28
C ALA A 109 3.86 0.08 7.48
N ALA A 110 3.24 -0.97 6.96
CA ALA A 110 3.94 -2.00 6.21
C ALA A 110 4.67 -1.40 5.00
N THR A 111 3.95 -0.65 4.20
CA THR A 111 4.50 -0.09 2.98
C THR A 111 5.53 1.00 3.30
N ASN A 112 5.37 1.65 4.45
CA ASN A 112 6.23 2.76 4.83
C ASN A 112 7.56 2.25 5.35
N ASN A 113 7.53 1.21 6.19
CA ASN A 113 8.77 0.68 6.73
C ASN A 113 9.58 0.00 5.64
N LEU A 114 8.87 -0.48 4.61
CA LEU A 114 9.53 -1.03 3.43
C LEU A 114 10.22 0.10 2.67
N CYS A 115 9.55 1.25 2.59
CA CYS A 115 10.14 2.44 1.99
C CYS A 115 11.36 2.88 2.79
N GLU A 116 11.32 2.66 4.09
CA GLU A 116 12.46 2.95 4.95
C GLU A 116 13.57 1.93 4.73
N ALA A 117 13.20 0.68 4.47
CA ALA A 117 14.15 -0.36 4.12
C ALA A 117 14.82 -0.03 2.79
N ALA A 118 13.98 0.39 1.83
CA ALA A 118 14.47 0.82 0.52
C ALA A 118 15.46 1.97 0.67
N ASN A 119 15.14 2.92 1.54
CA ASN A 119 16.01 4.07 1.80
C ASN A 119 17.44 3.63 2.07
N ALA A 120 17.60 2.66 2.95
CA ALA A 120 18.92 2.16 3.30
C ALA A 120 19.53 1.36 2.15
N ALA A 121 18.69 0.57 1.49
CA ALA A 121 19.13 -0.31 0.42
C ALA A 121 19.72 0.46 -0.76
N VAL A 122 19.04 1.53 -1.15
CA VAL A 122 19.49 2.36 -2.27
C VAL A 122 20.80 3.05 -1.93
N GLN A 123 21.04 3.23 -0.64
CA GLN A 123 22.20 3.97 -0.18
C GLN A 123 23.32 3.05 0.28
N GLY A 124 23.21 1.77 -0.07
CA GLY A 124 24.32 0.85 0.14
C GLY A 124 24.13 -0.15 1.25
N HIS A 125 23.32 0.20 2.24
CA HIS A 125 23.15 -0.67 3.40
C HIS A 125 21.87 -1.48 3.28
N ALA A 126 21.99 -2.67 2.71
CA ALA A 126 20.83 -3.49 2.43
C ALA A 126 20.99 -4.89 3.00
N SER A 127 19.98 -5.32 3.74
CA SER A 127 19.91 -6.69 4.23
C SER A 127 18.84 -7.40 3.43
N GLN A 128 19.25 -8.10 2.39
CA GLN A 128 18.32 -8.62 1.42
C GLN A 128 17.36 -9.62 2.05
N GLU A 129 17.82 -10.29 3.09
CA GLU A 129 16.98 -11.24 3.82
C GLU A 129 15.76 -10.54 4.41
N LYS A 130 15.99 -9.48 5.17
CA LYS A 130 14.91 -8.74 5.81
C LYS A 130 14.17 -7.89 4.77
N LEU A 131 14.86 -7.57 3.68
CA LEU A 131 14.27 -6.80 2.60
C LEU A 131 13.19 -7.62 1.89
N ILE A 132 13.56 -8.83 1.48
CA ILE A 132 12.61 -9.73 0.83
C ILE A 132 11.48 -10.11 1.80
N SER A 133 11.84 -10.42 3.03
CA SER A 133 10.87 -10.78 4.05
C SER A 133 9.85 -9.65 4.24
N SER A 134 10.34 -8.42 4.30
CA SER A 134 9.47 -7.26 4.49
C SER A 134 8.58 -7.05 3.26
N ALA A 135 9.18 -7.13 2.07
CA ALA A 135 8.45 -6.87 0.84
C ALA A 135 7.31 -7.86 0.66
N LYS A 136 7.59 -9.12 0.98
CA LYS A 136 6.59 -10.17 0.91
C LYS A 136 5.46 -9.89 1.89
N GLN A 137 5.80 -9.39 3.07
CA GLN A 137 4.84 -9.11 4.10
C GLN A 137 4.02 -7.88 3.74
N VAL A 138 4.66 -6.92 3.10
CA VAL A 138 3.98 -5.72 2.63
C VAL A 138 2.91 -6.09 1.60
N ALA A 139 3.30 -6.87 0.61
CA ALA A 139 2.36 -7.35 -0.40
C ALA A 139 1.17 -8.04 0.25
N ALA A 140 1.44 -8.92 1.19
CA ALA A 140 0.40 -9.68 1.89
C ALA A 140 -0.53 -8.75 2.66
N SER A 141 0.05 -7.86 3.46
CA SER A 141 -0.74 -6.98 4.31
C SER A 141 -1.54 -5.98 3.48
N THR A 142 -0.95 -5.49 2.41
CA THR A 142 -1.62 -4.50 1.57
C THR A 142 -2.75 -5.15 0.77
N ALA A 143 -2.49 -6.35 0.26
CA ALA A 143 -3.51 -7.09 -0.47
C ALA A 143 -4.65 -7.47 0.48
N GLN A 144 -4.33 -7.54 1.77
CA GLN A 144 -5.30 -7.85 2.80
C GLN A 144 -6.22 -6.64 3.05
N LEU A 145 -5.75 -5.46 2.67
CA LEU A 145 -6.58 -4.26 2.73
C LEU A 145 -7.75 -4.41 1.78
N LEU A 146 -7.52 -5.11 0.69
CA LEU A 146 -8.60 -5.45 -0.25
C LEU A 146 -9.61 -6.35 0.44
N VAL A 147 -9.10 -7.31 1.21
CA VAL A 147 -9.95 -8.24 1.95
C VAL A 147 -10.83 -7.48 2.95
N ALA A 148 -10.26 -6.42 3.53
CA ALA A 148 -10.99 -5.59 4.48
C ALA A 148 -12.22 -4.97 3.83
N CYS A 149 -12.04 -4.40 2.65
CA CYS A 149 -13.15 -3.85 1.90
C CYS A 149 -14.08 -4.99 1.47
N LYS A 150 -13.48 -6.06 0.96
CA LYS A 150 -14.21 -7.22 0.44
C LYS A 150 -15.23 -7.78 1.44
N VAL A 151 -15.02 -7.53 2.73
CA VAL A 151 -15.94 -8.01 3.78
C VAL A 151 -17.38 -7.55 3.50
N LYS A 152 -17.52 -6.32 3.04
CA LYS A 152 -18.84 -5.77 2.72
C LYS A 152 -18.94 -5.47 1.23
N ALA A 153 -17.86 -5.65 0.51
CA ALA A 153 -17.79 -5.25 -0.89
C ALA A 153 -17.69 -6.43 -1.84
N ASP A 154 -18.45 -6.37 -2.92
CA ASP A 154 -18.32 -7.33 -4.00
C ASP A 154 -17.35 -6.77 -5.03
N GLN A 155 -16.50 -7.63 -5.57
CA GLN A 155 -15.47 -7.17 -6.49
C GLN A 155 -16.02 -6.99 -7.91
N ASP A 156 -17.33 -7.19 -8.06
CA ASP A 156 -18.00 -6.90 -9.32
C ASP A 156 -18.25 -5.41 -9.41
N SER A 157 -18.35 -4.81 -8.23
CA SER A 157 -18.51 -3.38 -8.08
C SER A 157 -17.40 -2.62 -8.79
N GLU A 158 -17.75 -1.45 -9.32
CA GLU A 158 -16.87 -0.68 -10.19
C GLU A 158 -15.55 -0.31 -9.51
N ALA A 159 -15.63 0.31 -8.35
CA ALA A 159 -14.44 0.75 -7.66
C ALA A 159 -13.65 -0.45 -7.14
N MET A 160 -14.37 -1.52 -6.82
CA MET A 160 -13.76 -2.76 -6.38
C MET A 160 -12.90 -3.37 -7.48
N LYS A 161 -13.26 -3.13 -8.73
CA LYS A 161 -12.46 -3.59 -9.87
C LYS A 161 -11.07 -2.99 -9.82
N ARG A 162 -11.01 -1.67 -9.71
CA ARG A 162 -9.74 -0.96 -9.65
C ARG A 162 -9.06 -1.18 -8.31
N LEU A 163 -9.86 -1.38 -7.26
CA LEU A 163 -9.35 -1.70 -5.94
C LEU A 163 -8.54 -3.00 -6.01
N GLN A 164 -9.12 -4.01 -6.65
CA GLN A 164 -8.42 -5.28 -6.88
C GLN A 164 -7.16 -5.04 -7.70
N ALA A 165 -7.28 -4.27 -8.77
CA ALA A 165 -6.16 -4.01 -9.67
C ALA A 165 -5.02 -3.28 -8.96
N ALA A 166 -5.36 -2.43 -8.01
CA ALA A 166 -4.37 -1.68 -7.24
C ALA A 166 -3.64 -2.60 -6.27
N GLY A 167 -4.39 -3.42 -5.55
CA GLY A 167 -3.80 -4.38 -4.62
C GLY A 167 -2.96 -5.41 -5.36
N ASN A 168 -3.42 -5.79 -6.53
CA ASN A 168 -2.72 -6.71 -7.40
C ASN A 168 -1.40 -6.07 -7.86
N ALA A 169 -1.43 -4.76 -8.06
CA ALA A 169 -0.24 -4.01 -8.45
C ALA A 169 0.76 -3.95 -7.31
N VAL A 170 0.26 -3.84 -6.06
CA VAL A 170 1.13 -3.84 -4.89
C VAL A 170 1.91 -5.15 -4.82
N LYS A 171 1.19 -6.24 -5.00
CA LYS A 171 1.77 -7.57 -4.90
C LYS A 171 2.85 -7.76 -5.96
N ARG A 172 2.58 -7.28 -7.18
CA ARG A 172 3.55 -7.36 -8.26
C ARG A 172 4.76 -6.49 -7.95
N ALA A 173 4.47 -5.27 -7.55
CA ALA A 173 5.51 -4.31 -7.20
C ALA A 173 6.41 -4.83 -6.09
N SER A 174 5.82 -5.38 -5.04
CA SER A 174 6.57 -5.92 -3.92
C SER A 174 7.34 -7.17 -4.36
N ASP A 175 6.70 -7.98 -5.20
CA ASP A 175 7.32 -9.18 -5.74
C ASP A 175 8.56 -8.80 -6.55
N ASN A 176 8.38 -7.81 -7.39
CA ASN A 176 9.47 -7.28 -8.22
C ASN A 176 10.60 -6.73 -7.35
N LEU A 177 10.23 -6.12 -6.23
CA LEU A 177 11.21 -5.64 -5.27
C LEU A 177 11.98 -6.83 -4.69
N VAL A 178 11.26 -7.90 -4.40
CA VAL A 178 11.86 -9.16 -3.99
C VAL A 178 12.81 -9.68 -5.07
N LYS A 179 12.31 -9.69 -6.30
CA LYS A 179 13.10 -10.12 -7.46
C LYS A 179 14.41 -9.35 -7.54
N ALA A 180 14.33 -8.02 -7.44
CA ALA A 180 15.51 -7.17 -7.49
C ALA A 180 16.45 -7.49 -6.32
N ALA A 181 15.86 -7.69 -5.15
CA ALA A 181 16.62 -8.03 -3.96
C ALA A 181 17.38 -9.34 -4.14
N GLN A 182 16.77 -10.28 -4.85
CA GLN A 182 17.41 -11.57 -5.15
C GLN A 182 18.71 -11.36 -5.91
N LYS A 183 18.74 -10.33 -6.74
CA LYS A 183 19.89 -10.04 -7.59
C LYS A 183 21.09 -9.60 -6.77
N ALA A 184 20.84 -9.16 -5.54
CA ALA A 184 21.92 -8.79 -4.63
C ALA A 184 21.89 -9.64 -3.39
N ALA A 185 21.20 -10.75 -3.47
CA ALA A 185 21.03 -11.61 -2.32
C ALA A 185 21.89 -12.85 -2.42
N ALA A 186 22.14 -13.48 -1.29
CA ALA A 186 22.93 -14.69 -1.23
C ALA A 186 22.04 -15.92 -1.03
N PHE A 187 20.83 -15.88 -1.58
CA PHE A 187 19.91 -16.99 -1.48
C PHE A 187 20.23 -18.06 -2.52
N GLU A 188 21.38 -18.67 -2.35
CA GLU A 188 21.83 -19.72 -3.25
C GLU A 188 21.88 -21.06 -2.53
N ASP A 189 20.82 -21.34 -1.82
CA ASP A 189 20.67 -22.58 -1.07
C ASP A 189 19.25 -22.70 -0.52
N GLY A 1 -17.53 13.36 14.74
CA GLY A 1 -17.10 14.05 15.98
C GLY A 1 -18.28 14.35 16.88
N ILE A 2 -18.47 15.63 17.19
CA ILE A 2 -19.60 16.07 18.00
C ILE A 2 -20.86 16.20 17.14
N ASP A 3 -20.73 15.81 15.89
CA ASP A 3 -21.82 15.88 14.93
C ASP A 3 -22.57 14.57 14.88
N PRO A 4 -23.86 14.63 14.52
CA PRO A 4 -24.70 13.46 14.31
C PRO A 4 -24.50 12.85 12.92
N PHE A 5 -23.50 13.34 12.21
CA PHE A 5 -23.24 12.91 10.85
C PHE A 5 -22.01 12.01 10.80
N THR A 6 -21.66 11.48 11.96
CA THR A 6 -20.50 10.62 12.09
C THR A 6 -20.81 9.19 11.63
N ASP A 7 -21.09 9.06 10.33
CA ASP A 7 -21.38 7.77 9.73
C ASP A 7 -20.15 6.87 9.85
N PRO A 8 -20.29 5.69 10.48
CA PRO A 8 -19.18 4.79 10.76
C PRO A 8 -18.39 4.41 9.52
N THR A 9 -19.10 4.15 8.43
CA THR A 9 -18.46 3.77 7.19
C THR A 9 -17.63 4.93 6.62
N VAL A 10 -18.11 6.15 6.81
CA VAL A 10 -17.42 7.33 6.32
C VAL A 10 -16.20 7.64 7.19
N ILE A 11 -16.23 7.17 8.43
CA ILE A 11 -15.11 7.32 9.34
C ILE A 11 -13.85 6.69 8.73
N ALA A 12 -14.04 5.50 8.16
CA ALA A 12 -12.94 4.78 7.53
C ALA A 12 -12.36 5.59 6.37
N GLU A 13 -13.23 6.27 5.64
CA GLU A 13 -12.81 7.12 4.53
C GLU A 13 -11.86 8.22 5.02
N ASN A 14 -12.11 8.71 6.22
CA ASN A 14 -11.26 9.74 6.81
C ASN A 14 -9.88 9.15 7.12
N GLU A 15 -9.88 7.93 7.63
CA GLU A 15 -8.64 7.26 8.00
C GLU A 15 -7.86 6.83 6.76
N LEU A 16 -8.56 6.63 5.65
CA LEU A 16 -7.91 6.33 4.38
C LEU A 16 -6.99 7.48 3.99
N LEU A 17 -7.55 8.68 3.97
CA LEU A 17 -6.78 9.86 3.63
C LEU A 17 -5.72 10.15 4.69
N GLY A 18 -6.03 9.80 5.93
CA GLY A 18 -5.06 9.94 7.00
C GLY A 18 -3.87 9.02 6.81
N ALA A 19 -4.13 7.80 6.35
CA ALA A 19 -3.08 6.83 6.07
C ALA A 19 -2.36 7.20 4.78
N ALA A 20 -3.11 7.72 3.83
CA ALA A 20 -2.57 8.15 2.54
C ALA A 20 -1.52 9.24 2.74
N ALA A 21 -1.70 10.06 3.77
CA ALA A 21 -0.75 11.12 4.10
C ALA A 21 0.62 10.52 4.40
N ALA A 22 0.63 9.32 4.94
CA ALA A 22 1.88 8.61 5.21
C ALA A 22 2.42 7.98 3.94
N ILE A 23 1.55 7.25 3.25
CA ILE A 23 1.92 6.52 2.03
C ILE A 23 2.48 7.46 0.96
N GLU A 24 1.75 8.54 0.68
CA GLU A 24 2.14 9.46 -0.38
C GLU A 24 3.39 10.24 0.03
N ALA A 25 3.58 10.42 1.33
CA ALA A 25 4.78 11.07 1.84
C ALA A 25 5.99 10.16 1.67
N ALA A 26 5.75 8.85 1.74
CA ALA A 26 6.81 7.87 1.53
C ALA A 26 7.33 7.94 0.10
N ALA A 27 6.42 8.14 -0.85
CA ALA A 27 6.79 8.32 -2.25
C ALA A 27 7.59 9.60 -2.41
N LYS A 28 7.27 10.59 -1.60
CA LYS A 28 7.97 11.86 -1.60
C LYS A 28 9.39 11.67 -1.12
N LYS A 29 9.54 10.92 -0.03
CA LYS A 29 10.86 10.58 0.50
C LYS A 29 11.69 9.92 -0.58
N LEU A 30 11.04 9.04 -1.31
CA LEU A 30 11.66 8.29 -2.39
C LEU A 30 12.19 9.22 -3.49
N GLU A 31 11.41 10.24 -3.83
CA GLU A 31 11.84 11.20 -4.85
C GLU A 31 12.87 12.17 -4.29
N GLN A 32 12.92 12.28 -2.96
CA GLN A 32 13.93 13.09 -2.29
C GLN A 32 15.27 12.34 -2.26
N LEU A 33 15.25 11.10 -2.75
CA LEU A 33 16.43 10.28 -2.81
C LEU A 33 16.93 10.23 -4.24
N LYS A 34 18.18 9.85 -4.42
CA LYS A 34 18.78 9.79 -5.73
C LYS A 34 19.23 8.38 -6.07
N PRO A 35 18.72 7.82 -7.18
CA PRO A 35 19.17 6.51 -7.68
C PRO A 35 20.66 6.56 -8.05
N ARG A 36 21.47 5.92 -7.21
CA ARG A 36 22.92 6.00 -7.31
C ARG A 36 23.36 7.43 -7.04
N ALA A 37 23.45 7.77 -5.76
CA ALA A 37 23.88 9.10 -5.36
C ALA A 37 25.34 9.30 -5.70
N LYS A 38 25.72 10.58 -5.82
CA LYS A 38 27.08 11.04 -6.11
C LYS A 38 27.68 10.43 -7.39
N PRO A 39 28.66 11.13 -7.98
CA PRO A 39 29.36 10.65 -9.18
C PRO A 39 30.10 9.34 -8.93
N LYS A 40 29.40 8.25 -9.13
CA LYS A 40 29.95 6.92 -9.03
C LYS A 40 30.60 6.53 -10.35
N GLU A 41 31.58 5.64 -10.29
CA GLU A 41 32.22 5.14 -11.50
C GLU A 41 31.25 4.25 -12.27
N ALA A 42 31.56 3.97 -13.54
CA ALA A 42 30.70 3.14 -14.38
C ALA A 42 30.77 1.66 -14.00
N ASP A 43 31.28 1.39 -12.81
CA ASP A 43 31.28 0.05 -12.27
C ASP A 43 29.92 -0.23 -11.66
N GLU A 44 29.14 -1.10 -12.30
CA GLU A 44 27.79 -1.38 -11.88
C GLU A 44 27.79 -2.16 -10.58
N SER A 45 28.19 -3.42 -10.66
CA SER A 45 28.18 -4.32 -9.52
C SER A 45 26.77 -4.43 -8.98
N LEU A 46 25.84 -4.70 -9.90
CA LEU A 46 24.42 -4.80 -9.62
C LEU A 46 23.81 -3.41 -9.44
N ASN A 47 22.71 -3.18 -10.13
CA ASN A 47 21.98 -1.92 -10.02
C ASN A 47 20.93 -2.06 -8.92
N PHE A 48 21.27 -2.91 -7.96
CA PHE A 48 20.40 -3.24 -6.84
C PHE A 48 19.82 -1.99 -6.19
N GLU A 49 20.69 -1.04 -5.86
CA GLU A 49 20.25 0.21 -5.27
C GLU A 49 19.14 0.84 -6.11
N GLU A 50 19.38 0.94 -7.41
CA GLU A 50 18.43 1.54 -8.33
C GLU A 50 17.15 0.72 -8.42
N GLN A 51 17.31 -0.59 -8.62
CA GLN A 51 16.18 -1.48 -8.84
C GLN A 51 15.26 -1.52 -7.62
N ILE A 52 15.83 -1.34 -6.44
CA ILE A 52 15.04 -1.31 -5.22
C ILE A 52 14.30 0.02 -5.11
N LEU A 53 15.01 1.11 -5.37
CA LEU A 53 14.42 2.44 -5.26
C LEU A 53 13.24 2.58 -6.21
N GLU A 54 13.46 2.28 -7.48
CA GLU A 54 12.39 2.39 -8.48
C GLU A 54 11.18 1.54 -8.12
N ALA A 55 11.42 0.29 -7.74
CA ALA A 55 10.34 -0.61 -7.45
C ALA A 55 9.57 -0.17 -6.21
N ALA A 56 10.30 0.36 -5.23
CA ALA A 56 9.67 0.92 -4.04
C ALA A 56 8.78 2.11 -4.41
N LYS A 57 9.26 2.92 -5.35
CA LYS A 57 8.49 4.05 -5.85
C LYS A 57 7.24 3.57 -6.56
N SER A 58 7.36 2.45 -7.27
CA SER A 58 6.22 1.83 -7.92
C SER A 58 5.17 1.40 -6.90
N ILE A 59 5.62 0.76 -5.83
CA ILE A 59 4.73 0.36 -4.72
C ILE A 59 4.14 1.59 -4.08
N ALA A 60 4.95 2.60 -3.79
CA ALA A 60 4.47 3.83 -3.18
C ALA A 60 3.38 4.48 -4.04
N ALA A 61 3.60 4.51 -5.35
CA ALA A 61 2.61 5.06 -6.27
C ALA A 61 1.36 4.18 -6.31
N ALA A 62 1.56 2.88 -6.45
CA ALA A 62 0.47 1.93 -6.54
C ALA A 62 -0.33 1.88 -5.24
N THR A 63 0.35 1.95 -4.11
CA THR A 63 -0.31 1.89 -2.83
C THR A 63 -1.14 3.15 -2.59
N SER A 64 -0.58 4.29 -3.01
CA SER A 64 -1.30 5.56 -2.98
C SER A 64 -2.58 5.47 -3.79
N ALA A 65 -2.48 4.81 -4.95
CA ALA A 65 -3.64 4.60 -5.81
C ALA A 65 -4.65 3.70 -5.12
N LEU A 66 -4.15 2.69 -4.41
CA LEU A 66 -5.00 1.73 -3.71
C LEU A 66 -5.83 2.40 -2.62
N VAL A 67 -5.17 3.11 -1.72
CA VAL A 67 -5.84 3.73 -0.59
C VAL A 67 -6.86 4.78 -1.03
N LYS A 68 -6.56 5.48 -2.12
CA LYS A 68 -7.48 6.47 -2.67
C LYS A 68 -8.61 5.79 -3.43
N ALA A 69 -8.34 4.62 -3.98
CA ALA A 69 -9.36 3.85 -4.68
C ALA A 69 -10.35 3.25 -3.69
N ALA A 70 -9.84 2.89 -2.51
CA ALA A 70 -10.68 2.35 -1.44
C ALA A 70 -11.72 3.37 -1.01
N SER A 71 -11.35 4.64 -1.05
CA SER A 71 -12.26 5.72 -0.71
C SER A 71 -13.43 5.78 -1.70
N ALA A 72 -13.13 5.58 -2.98
CA ALA A 72 -14.17 5.52 -4.00
C ALA A 72 -14.95 4.22 -3.90
N ALA A 73 -14.23 3.14 -3.59
CA ALA A 73 -14.82 1.83 -3.39
C ALA A 73 -15.92 1.88 -2.33
N GLN A 74 -15.61 2.50 -1.20
CA GLN A 74 -16.57 2.67 -0.12
C GLN A 74 -17.77 3.47 -0.59
N ARG A 75 -17.52 4.56 -1.29
CA ARG A 75 -18.56 5.53 -1.63
C ARG A 75 -19.66 4.87 -2.46
N GLU A 76 -19.27 3.95 -3.34
CA GLU A 76 -20.23 3.19 -4.13
C GLU A 76 -21.19 2.42 -3.22
N LEU A 77 -20.64 1.85 -2.17
CA LEU A 77 -21.41 1.06 -1.23
C LEU A 77 -22.20 1.96 -0.29
N VAL A 78 -21.63 3.10 0.07
CA VAL A 78 -22.27 4.06 0.96
C VAL A 78 -23.48 4.70 0.30
N ALA A 79 -23.28 5.19 -0.92
CA ALA A 79 -24.35 5.85 -1.66
C ALA A 79 -25.48 4.88 -1.95
N GLN A 80 -25.13 3.66 -2.32
CA GLN A 80 -26.12 2.63 -2.63
C GLN A 80 -26.76 2.09 -1.35
N GLY A 81 -26.06 2.25 -0.22
CA GLY A 81 -26.62 1.89 1.06
C GLY A 81 -26.43 0.42 1.39
N LYS A 82 -25.41 -0.19 0.81
CA LYS A 82 -25.13 -1.60 1.10
C LYS A 82 -24.46 -1.74 2.45
N VAL A 83 -23.66 -0.73 2.82
CA VAL A 83 -23.02 -0.70 4.12
C VAL A 83 -23.90 0.01 5.13
N GLY A 84 -23.48 -0.02 6.39
CA GLY A 84 -24.18 0.71 7.41
C GLY A 84 -23.83 2.17 7.39
N ALA A 85 -24.44 2.90 6.45
CA ALA A 85 -24.15 4.31 6.25
C ALA A 85 -24.97 5.17 7.21
N ILE A 86 -25.43 4.54 8.28
CA ILE A 86 -26.22 5.23 9.29
C ILE A 86 -25.59 4.97 10.67
N PRO A 87 -25.22 6.03 11.41
CA PRO A 87 -24.62 5.91 12.76
C PRO A 87 -25.48 5.09 13.74
N ALA A 88 -26.75 4.88 13.42
CA ALA A 88 -27.62 4.04 14.24
C ALA A 88 -27.35 2.56 13.96
N ASN A 89 -26.51 2.30 12.97
CA ASN A 89 -26.08 0.95 12.61
C ASN A 89 -24.56 0.84 12.76
N ALA A 90 -24.00 1.70 13.59
CA ALA A 90 -22.56 1.81 13.73
C ALA A 90 -21.96 0.62 14.47
N LEU A 91 -22.78 -0.12 15.19
CA LEU A 91 -22.31 -1.31 15.88
C LEU A 91 -21.75 -2.32 14.88
N ASP A 92 -22.53 -2.61 13.86
CA ASP A 92 -22.15 -3.63 12.90
C ASP A 92 -21.11 -3.11 11.92
N ASP A 93 -21.42 -2.02 11.24
CA ASP A 93 -20.54 -1.50 10.19
C ASP A 93 -19.33 -0.82 10.81
N GLY A 94 -19.45 -0.41 12.06
CA GLY A 94 -18.31 0.15 12.76
C GLY A 94 -17.20 -0.86 12.94
N GLN A 95 -17.59 -2.13 13.02
CA GLN A 95 -16.62 -3.21 13.10
C GLN A 95 -15.99 -3.46 11.73
N TRP A 96 -16.74 -3.14 10.68
CA TRP A 96 -16.22 -3.25 9.32
C TRP A 96 -15.24 -2.12 9.04
N SER A 97 -15.65 -0.90 9.36
CA SER A 97 -14.78 0.26 9.20
C SER A 97 -13.53 0.09 10.06
N GLN A 98 -13.71 -0.53 11.23
CA GLN A 98 -12.59 -0.90 12.08
C GLN A 98 -11.61 -1.80 11.32
N GLY A 99 -12.16 -2.81 10.67
CA GLY A 99 -11.35 -3.72 9.88
C GLY A 99 -10.65 -3.02 8.74
N LEU A 100 -11.33 -2.06 8.13
CA LEU A 100 -10.78 -1.31 7.03
C LEU A 100 -9.70 -0.34 7.53
N ILE A 101 -9.98 0.36 8.63
CA ILE A 101 -9.01 1.28 9.23
C ILE A 101 -7.75 0.53 9.63
N SER A 102 -7.93 -0.55 10.38
CA SER A 102 -6.80 -1.33 10.87
C SER A 102 -5.93 -1.81 9.71
N ALA A 103 -6.56 -2.15 8.59
CA ALA A 103 -5.82 -2.56 7.41
C ALA A 103 -5.19 -1.37 6.70
N ALA A 104 -5.97 -0.33 6.46
CA ALA A 104 -5.48 0.85 5.74
C ALA A 104 -4.35 1.54 6.50
N ARG A 105 -4.47 1.61 7.81
CA ARG A 105 -3.45 2.20 8.63
C ARG A 105 -2.27 1.24 8.74
N MET A 106 -2.55 -0.04 8.57
CA MET A 106 -1.52 -1.08 8.54
C MET A 106 -0.70 -1.00 7.26
N VAL A 107 -1.40 -0.89 6.13
CA VAL A 107 -0.72 -0.81 4.84
C VAL A 107 0.17 0.44 4.79
N ALA A 108 -0.31 1.52 5.38
CA ALA A 108 0.46 2.75 5.43
C ALA A 108 1.78 2.54 6.16
N ALA A 109 1.72 1.83 7.29
CA ALA A 109 2.91 1.57 8.08
C ALA A 109 3.81 0.55 7.38
N ALA A 110 3.20 -0.52 6.89
CA ALA A 110 3.95 -1.59 6.23
C ALA A 110 4.68 -1.08 4.99
N THR A 111 3.96 -0.35 4.14
CA THR A 111 4.55 0.17 2.91
C THR A 111 5.57 1.27 3.23
N ASN A 112 5.33 2.00 4.32
CA ASN A 112 6.24 3.06 4.75
C ASN A 112 7.53 2.44 5.26
N ASN A 113 7.40 1.34 5.99
CA ASN A 113 8.55 0.62 6.50
C ASN A 113 9.36 0.02 5.37
N LEU A 114 8.67 -0.39 4.31
CA LEU A 114 9.34 -0.91 3.13
C LEU A 114 10.10 0.21 2.43
N CYS A 115 9.49 1.38 2.39
CA CYS A 115 10.16 2.58 1.86
C CYS A 115 11.45 2.85 2.63
N GLU A 116 11.40 2.67 3.95
CA GLU A 116 12.56 2.87 4.80
C GLU A 116 13.61 1.78 4.55
N ALA A 117 13.15 0.56 4.33
CA ALA A 117 14.04 -0.56 4.05
C ALA A 117 14.70 -0.38 2.68
N ALA A 118 13.89 0.03 1.71
CA ALA A 118 14.38 0.31 0.36
C ALA A 118 15.37 1.47 0.39
N ASN A 119 15.05 2.48 1.19
CA ASN A 119 15.93 3.63 1.36
C ASN A 119 17.31 3.18 1.83
N ALA A 120 17.33 2.38 2.89
CA ALA A 120 18.59 1.89 3.44
C ALA A 120 19.41 1.18 2.37
N ALA A 121 18.74 0.33 1.59
CA ALA A 121 19.39 -0.44 0.53
C ALA A 121 19.94 0.48 -0.56
N VAL A 122 19.15 1.47 -0.96
CA VAL A 122 19.56 2.38 -2.03
C VAL A 122 20.62 3.36 -1.53
N GLN A 123 20.70 3.52 -0.24
CA GLN A 123 21.74 4.36 0.36
C GLN A 123 23.07 3.61 0.46
N GLY A 124 23.03 2.32 0.14
CA GLY A 124 24.25 1.53 0.15
C GLY A 124 24.23 0.44 1.20
N HIS A 125 23.26 0.49 2.09
CA HIS A 125 23.15 -0.51 3.15
C HIS A 125 22.21 -1.63 2.73
N ALA A 126 22.77 -2.63 2.06
CA ALA A 126 21.98 -3.73 1.55
C ALA A 126 21.57 -4.68 2.66
N SER A 127 20.30 -5.08 2.62
CA SER A 127 19.79 -6.06 3.56
C SER A 127 18.70 -6.88 2.87
N GLN A 128 19.13 -7.91 2.16
CA GLN A 128 18.22 -8.72 1.35
C GLN A 128 17.25 -9.49 2.23
N GLU A 129 17.78 -10.06 3.31
CA GLU A 129 16.99 -10.87 4.23
C GLU A 129 15.76 -10.11 4.72
N LYS A 130 15.99 -8.93 5.29
CA LYS A 130 14.89 -8.15 5.83
C LYS A 130 14.05 -7.54 4.73
N LEU A 131 14.68 -7.24 3.59
CA LEU A 131 14.00 -6.62 2.46
C LEU A 131 12.97 -7.57 1.86
N ILE A 132 13.40 -8.79 1.59
CA ILE A 132 12.52 -9.83 1.05
C ILE A 132 11.35 -10.06 2.00
N SER A 133 11.65 -10.10 3.28
CA SER A 133 10.63 -10.34 4.29
C SER A 133 9.63 -9.19 4.35
N SER A 134 10.12 -7.98 4.54
CA SER A 134 9.26 -6.81 4.71
C SER A 134 8.41 -6.56 3.47
N ALA A 135 8.94 -6.89 2.30
CA ALA A 135 8.21 -6.69 1.05
C ALA A 135 7.03 -7.65 0.96
N LYS A 136 7.24 -8.87 1.42
CA LYS A 136 6.18 -9.87 1.45
C LYS A 136 5.09 -9.48 2.44
N GLN A 137 5.51 -8.95 3.59
CA GLN A 137 4.56 -8.47 4.59
C GLN A 137 3.77 -7.30 4.05
N VAL A 138 4.42 -6.47 3.23
CA VAL A 138 3.74 -5.37 2.55
C VAL A 138 2.63 -5.91 1.65
N ALA A 139 3.01 -6.81 0.74
CA ALA A 139 2.06 -7.41 -0.18
C ALA A 139 0.85 -7.99 0.55
N ALA A 140 1.12 -8.73 1.62
CA ALA A 140 0.07 -9.38 2.39
C ALA A 140 -0.82 -8.37 3.10
N SER A 141 -0.22 -7.43 3.81
CA SER A 141 -0.98 -6.46 4.59
C SER A 141 -1.73 -5.50 3.68
N THR A 142 -1.13 -5.16 2.54
CA THR A 142 -1.73 -4.20 1.63
C THR A 142 -2.87 -4.85 0.85
N ALA A 143 -2.66 -6.08 0.39
CA ALA A 143 -3.72 -6.80 -0.30
C ALA A 143 -4.87 -7.10 0.66
N GLN A 144 -4.54 -7.16 1.96
CA GLN A 144 -5.52 -7.35 3.01
C GLN A 144 -6.45 -6.15 3.12
N LEU A 145 -5.94 -4.98 2.76
CA LEU A 145 -6.74 -3.77 2.70
C LEU A 145 -7.91 -3.97 1.76
N LEU A 146 -7.67 -4.70 0.67
CA LEU A 146 -8.73 -5.05 -0.27
C LEU A 146 -9.70 -6.04 0.37
N VAL A 147 -9.15 -7.05 1.02
CA VAL A 147 -9.93 -8.11 1.64
C VAL A 147 -10.88 -7.54 2.71
N ALA A 148 -10.43 -6.50 3.39
CA ALA A 148 -11.24 -5.82 4.39
C ALA A 148 -12.44 -5.15 3.74
N CYS A 149 -12.19 -4.42 2.65
CA CYS A 149 -13.27 -3.74 1.93
C CYS A 149 -14.22 -4.76 1.31
N LYS A 150 -13.64 -5.84 0.77
CA LYS A 150 -14.39 -6.92 0.12
C LYS A 150 -15.55 -7.43 0.99
N VAL A 151 -15.40 -7.36 2.30
CA VAL A 151 -16.42 -7.84 3.23
C VAL A 151 -17.79 -7.23 2.94
N LYS A 152 -17.81 -5.95 2.58
CA LYS A 152 -19.05 -5.23 2.33
C LYS A 152 -19.20 -4.88 0.85
N ALA A 153 -18.27 -5.36 0.03
CA ALA A 153 -18.15 -4.89 -1.34
C ALA A 153 -18.56 -5.95 -2.35
N ASP A 154 -18.70 -5.51 -3.60
CA ASP A 154 -18.97 -6.41 -4.71
C ASP A 154 -17.72 -6.55 -5.57
N GLN A 155 -17.19 -7.76 -5.65
CA GLN A 155 -15.92 -8.01 -6.33
C GLN A 155 -15.98 -7.66 -7.81
N ASP A 156 -17.15 -7.75 -8.41
CA ASP A 156 -17.29 -7.56 -9.84
C ASP A 156 -17.74 -6.14 -10.18
N SER A 157 -17.73 -5.26 -9.19
CA SER A 157 -18.10 -3.87 -9.40
C SER A 157 -16.91 -3.10 -9.98
N GLU A 158 -17.18 -2.15 -10.87
CA GLU A 158 -16.12 -1.44 -11.59
C GLU A 158 -15.19 -0.67 -10.66
N ALA A 159 -15.76 0.10 -9.74
CA ALA A 159 -14.96 0.88 -8.81
C ALA A 159 -14.17 -0.04 -7.88
N MET A 160 -14.70 -1.22 -7.66
CA MET A 160 -14.06 -2.19 -6.80
C MET A 160 -12.97 -2.92 -7.56
N LYS A 161 -13.14 -2.97 -8.88
CA LYS A 161 -12.15 -3.55 -9.77
C LYS A 161 -10.91 -2.68 -9.79
N ARG A 162 -11.15 -1.36 -9.77
CA ARG A 162 -10.07 -0.38 -9.69
C ARG A 162 -9.28 -0.61 -8.41
N LEU A 163 -10.00 -0.96 -7.34
CA LEU A 163 -9.40 -1.27 -6.06
C LEU A 163 -8.61 -2.57 -6.13
N GLN A 164 -9.22 -3.60 -6.69
CA GLN A 164 -8.60 -4.91 -6.81
C GLN A 164 -7.30 -4.85 -7.61
N ALA A 165 -7.35 -4.21 -8.77
CA ALA A 165 -6.17 -4.04 -9.62
C ALA A 165 -5.07 -3.25 -8.91
N ALA A 166 -5.46 -2.30 -8.08
CA ALA A 166 -4.50 -1.50 -7.34
C ALA A 166 -3.76 -2.36 -6.30
N GLY A 167 -4.54 -3.17 -5.57
CA GLY A 167 -3.95 -4.11 -4.62
C GLY A 167 -3.10 -5.15 -5.32
N ASN A 168 -3.50 -5.48 -6.54
CA ASN A 168 -2.79 -6.44 -7.37
C ASN A 168 -1.40 -5.90 -7.71
N ALA A 169 -1.36 -4.61 -8.05
CA ALA A 169 -0.12 -3.94 -8.37
C ALA A 169 0.86 -3.98 -7.21
N VAL A 170 0.34 -3.89 -5.98
CA VAL A 170 1.19 -3.94 -4.79
C VAL A 170 1.91 -5.28 -4.72
N LYS A 171 1.15 -6.35 -4.87
CA LYS A 171 1.70 -7.71 -4.81
C LYS A 171 2.72 -7.93 -5.91
N ARG A 172 2.39 -7.46 -7.10
CA ARG A 172 3.27 -7.61 -8.25
C ARG A 172 4.56 -6.82 -8.07
N ALA A 173 4.42 -5.58 -7.63
CA ALA A 173 5.58 -4.72 -7.42
C ALA A 173 6.46 -5.21 -6.26
N SER A 174 5.83 -5.69 -5.20
CA SER A 174 6.58 -6.20 -4.06
C SER A 174 7.30 -7.50 -4.44
N ASP A 175 6.66 -8.32 -5.26
CA ASP A 175 7.29 -9.51 -5.81
C ASP A 175 8.54 -9.14 -6.55
N ASN A 176 8.39 -8.17 -7.45
CA ASN A 176 9.50 -7.64 -8.23
C ASN A 176 10.62 -7.16 -7.32
N LEU A 177 10.24 -6.49 -6.24
CA LEU A 177 11.20 -6.01 -5.26
C LEU A 177 11.91 -7.18 -4.59
N VAL A 178 11.12 -8.17 -4.17
CA VAL A 178 11.65 -9.40 -3.61
C VAL A 178 12.60 -10.07 -4.60
N LYS A 179 12.13 -10.23 -5.83
CA LYS A 179 12.92 -10.82 -6.90
C LYS A 179 14.27 -10.13 -7.01
N ALA A 180 14.24 -8.81 -7.08
CA ALA A 180 15.46 -8.02 -7.22
C ALA A 180 16.43 -8.28 -6.07
N ALA A 181 15.89 -8.36 -4.86
CA ALA A 181 16.68 -8.62 -3.67
C ALA A 181 17.31 -10.02 -3.71
N GLN A 182 16.57 -10.97 -4.26
CA GLN A 182 17.04 -12.35 -4.37
C GLN A 182 18.29 -12.43 -5.25
N LYS A 183 18.33 -11.61 -6.28
CA LYS A 183 19.45 -11.57 -7.22
C LYS A 183 20.67 -10.95 -6.56
N ALA A 184 20.43 -10.04 -5.62
CA ALA A 184 21.50 -9.37 -4.91
C ALA A 184 21.99 -10.21 -3.74
N ALA A 185 21.56 -11.45 -3.71
CA ALA A 185 22.02 -12.39 -2.70
C ALA A 185 22.51 -13.67 -3.36
N ALA A 186 21.61 -14.62 -3.56
CA ALA A 186 21.95 -15.88 -4.22
C ALA A 186 20.70 -16.71 -4.46
N PHE A 187 19.55 -16.04 -4.56
CA PHE A 187 18.28 -16.73 -4.67
C PHE A 187 17.75 -16.69 -6.09
N GLU A 188 18.51 -17.26 -7.02
CA GLU A 188 18.02 -17.42 -8.38
C GLU A 188 17.29 -18.75 -8.47
N ASP A 189 16.07 -18.76 -7.98
CA ASP A 189 15.30 -19.98 -7.84
C ASP A 189 13.83 -19.72 -8.18
N GLY A 1 -25.17 10.55 4.74
CA GLY A 1 -24.94 11.52 3.64
C GLY A 1 -25.00 12.94 4.13
N ILE A 2 -26.13 13.34 4.69
CA ILE A 2 -26.26 14.64 5.30
C ILE A 2 -25.90 14.53 6.78
N ASP A 3 -26.81 13.91 7.54
CA ASP A 3 -26.55 13.50 8.92
C ASP A 3 -26.36 14.68 9.86
N PRO A 4 -26.57 14.45 11.16
CA PRO A 4 -26.39 15.49 12.17
C PRO A 4 -24.95 15.95 12.27
N PHE A 5 -24.11 15.08 12.78
CA PHE A 5 -22.69 15.39 12.92
C PHE A 5 -21.81 14.15 12.72
N THR A 6 -22.43 13.01 12.39
CA THR A 6 -21.70 11.75 12.33
C THR A 6 -22.22 10.82 11.24
N ASP A 7 -21.50 10.77 10.14
CA ASP A 7 -21.69 9.74 9.13
C ASP A 7 -20.57 8.72 9.29
N PRO A 8 -20.91 7.44 9.53
CA PRO A 8 -19.91 6.41 9.85
C PRO A 8 -18.90 6.17 8.73
N THR A 9 -19.34 6.31 7.48
CA THR A 9 -18.45 6.07 6.35
C THR A 9 -17.54 7.27 6.13
N VAL A 10 -18.03 8.45 6.49
CA VAL A 10 -17.22 9.65 6.48
C VAL A 10 -16.11 9.53 7.52
N ILE A 11 -16.43 8.90 8.65
CA ILE A 11 -15.43 8.61 9.67
C ILE A 11 -14.30 7.79 9.06
N ALA A 12 -14.68 6.76 8.32
CA ALA A 12 -13.73 5.82 7.74
C ALA A 12 -12.87 6.48 6.66
N GLU A 13 -13.50 7.23 5.75
CA GLU A 13 -12.76 7.85 4.65
C GLU A 13 -11.70 8.81 5.16
N ASN A 14 -12.02 9.55 6.23
CA ASN A 14 -11.07 10.49 6.81
C ASN A 14 -9.88 9.74 7.39
N GLU A 15 -10.13 8.55 7.92
CA GLU A 15 -9.08 7.70 8.46
C GLU A 15 -8.25 7.10 7.33
N LEU A 16 -8.91 6.70 6.26
CA LEU A 16 -8.23 6.15 5.08
C LEU A 16 -7.33 7.19 4.45
N LEU A 17 -7.85 8.40 4.27
CA LEU A 17 -7.07 9.52 3.76
C LEU A 17 -5.92 9.84 4.73
N GLY A 18 -6.14 9.59 6.00
CA GLY A 18 -5.10 9.77 7.00
C GLY A 18 -3.99 8.75 6.85
N ALA A 19 -4.37 7.53 6.48
CA ALA A 19 -3.40 6.47 6.23
C ALA A 19 -2.68 6.72 4.91
N ALA A 20 -3.43 7.20 3.92
CA ALA A 20 -2.88 7.53 2.61
C ALA A 20 -1.78 8.58 2.74
N ALA A 21 -2.00 9.54 3.63
CA ALA A 21 -1.04 10.60 3.87
C ALA A 21 0.31 10.04 4.31
N ALA A 22 0.27 8.98 5.10
CA ALA A 22 1.48 8.34 5.59
C ALA A 22 2.19 7.58 4.47
N ILE A 23 1.41 7.06 3.54
CA ILE A 23 1.95 6.34 2.40
C ILE A 23 2.55 7.33 1.40
N GLU A 24 1.84 8.41 1.15
CA GLU A 24 2.33 9.45 0.25
C GLU A 24 3.55 10.14 0.84
N ALA A 25 3.65 10.12 2.17
CA ALA A 25 4.81 10.67 2.86
C ALA A 25 6.04 9.81 2.57
N ALA A 26 5.81 8.50 2.42
CA ALA A 26 6.88 7.59 2.05
C ALA A 26 7.36 7.88 0.63
N ALA A 27 6.40 8.11 -0.26
CA ALA A 27 6.72 8.47 -1.64
C ALA A 27 7.49 9.78 -1.70
N LYS A 28 7.21 10.65 -0.74
CA LYS A 28 7.90 11.93 -0.63
C LYS A 28 9.39 11.71 -0.36
N LYS A 29 9.68 10.75 0.50
CA LYS A 29 11.05 10.39 0.83
C LYS A 29 11.73 9.77 -0.39
N LEU A 30 10.96 8.93 -1.10
CA LEU A 30 11.44 8.27 -2.31
C LEU A 30 11.96 9.26 -3.35
N GLU A 31 11.20 10.32 -3.60
CA GLU A 31 11.60 11.33 -4.57
C GLU A 31 12.85 12.10 -4.14
N GLN A 32 13.15 12.05 -2.85
CA GLN A 32 14.38 12.66 -2.33
C GLN A 32 15.55 11.72 -2.55
N LEU A 33 15.23 10.49 -2.92
CA LEU A 33 16.24 9.46 -3.17
C LEU A 33 16.54 9.34 -4.65
N LYS A 34 17.79 9.57 -4.99
CA LYS A 34 18.25 9.43 -6.35
C LYS A 34 19.69 8.94 -6.34
N PRO A 35 19.97 7.81 -7.00
CA PRO A 35 21.30 7.21 -7.04
C PRO A 35 22.35 8.20 -7.52
N ARG A 36 23.16 8.67 -6.60
CA ARG A 36 24.18 9.66 -6.92
C ARG A 36 25.44 8.97 -7.43
N ALA A 37 26.00 9.51 -8.50
CA ALA A 37 27.16 8.92 -9.13
C ALA A 37 28.40 9.10 -8.28
N LYS A 38 28.84 8.01 -7.69
CA LYS A 38 30.06 7.99 -6.93
C LYS A 38 31.23 7.87 -7.90
N PRO A 39 32.41 8.36 -7.49
CA PRO A 39 33.62 8.27 -8.29
C PRO A 39 34.06 6.82 -8.46
N LYS A 40 33.51 6.18 -9.47
CA LYS A 40 33.78 4.78 -9.74
C LYS A 40 34.57 4.63 -11.02
N GLU A 41 35.50 3.68 -11.01
CA GLU A 41 36.28 3.38 -12.20
C GLU A 41 36.23 1.88 -12.45
N ALA A 42 35.35 1.48 -13.38
CA ALA A 42 35.10 0.07 -13.68
C ALA A 42 34.44 -0.62 -12.50
N ASP A 43 33.86 0.17 -11.61
CA ASP A 43 33.18 -0.37 -10.44
C ASP A 43 31.68 -0.17 -10.58
N GLU A 44 30.97 -1.24 -10.86
CA GLU A 44 29.52 -1.17 -10.90
C GLU A 44 28.93 -1.79 -9.63
N SER A 45 28.00 -1.07 -9.01
CA SER A 45 27.31 -1.56 -7.83
C SER A 45 25.95 -2.10 -8.24
N LEU A 46 25.89 -2.52 -9.50
CA LEU A 46 24.68 -3.05 -10.12
C LEU A 46 23.60 -1.97 -10.27
N ASN A 47 22.62 -2.24 -11.10
CA ASN A 47 21.48 -1.35 -11.28
C ASN A 47 20.45 -1.64 -10.20
N PHE A 48 20.79 -2.60 -9.36
CA PHE A 48 19.94 -3.05 -8.25
C PHE A 48 19.42 -1.86 -7.45
N GLU A 49 20.32 -0.92 -7.14
CA GLU A 49 19.95 0.26 -6.35
C GLU A 49 18.83 1.04 -7.04
N GLU A 50 18.89 1.11 -8.35
CA GLU A 50 17.89 1.81 -9.13
C GLU A 50 16.63 0.97 -9.26
N GLN A 51 16.81 -0.34 -9.45
CA GLN A 51 15.69 -1.28 -9.52
C GLN A 51 14.84 -1.19 -8.27
N ILE A 52 15.50 -1.10 -7.12
CA ILE A 52 14.81 -0.99 -5.85
C ILE A 52 14.06 0.34 -5.76
N LEU A 53 14.72 1.41 -6.22
CA LEU A 53 14.11 2.73 -6.19
C LEU A 53 12.83 2.77 -7.03
N GLU A 54 12.92 2.34 -8.29
CA GLU A 54 11.74 2.33 -9.16
C GLU A 54 10.64 1.44 -8.60
N ALA A 55 11.01 0.27 -8.13
CA ALA A 55 10.04 -0.67 -7.62
C ALA A 55 9.36 -0.13 -6.37
N ALA A 56 10.14 0.54 -5.53
CA ALA A 56 9.60 1.18 -4.33
C ALA A 56 8.58 2.25 -4.71
N LYS A 57 8.89 3.05 -5.72
CA LYS A 57 7.96 4.06 -6.20
C LYS A 57 6.72 3.40 -6.76
N SER A 58 6.90 2.27 -7.42
CA SER A 58 5.79 1.48 -7.94
C SER A 58 4.85 1.08 -6.80
N ILE A 59 5.42 0.59 -5.71
CA ILE A 59 4.66 0.27 -4.50
C ILE A 59 4.02 1.52 -3.94
N ALA A 60 4.82 2.56 -3.71
CA ALA A 60 4.32 3.82 -3.15
C ALA A 60 3.13 4.36 -3.94
N ALA A 61 3.23 4.33 -5.26
CA ALA A 61 2.15 4.78 -6.12
C ALA A 61 0.93 3.86 -6.02
N ALA A 62 1.17 2.57 -6.21
CA ALA A 62 0.10 1.58 -6.20
C ALA A 62 -0.60 1.53 -4.85
N THR A 63 0.19 1.64 -3.78
CA THR A 63 -0.37 1.58 -2.44
C THR A 63 -1.24 2.80 -2.14
N SER A 64 -0.74 3.98 -2.51
CA SER A 64 -1.49 5.21 -2.33
C SER A 64 -2.78 5.17 -3.14
N ALA A 65 -2.70 4.63 -4.35
CA ALA A 65 -3.86 4.47 -5.20
C ALA A 65 -4.84 3.49 -4.56
N LEU A 66 -4.30 2.42 -3.97
CA LEU A 66 -5.13 1.39 -3.35
C LEU A 66 -5.95 1.94 -2.20
N VAL A 67 -5.29 2.60 -1.25
CA VAL A 67 -5.97 3.11 -0.06
C VAL A 67 -7.00 4.19 -0.43
N LYS A 68 -6.71 4.96 -1.46
CA LYS A 68 -7.64 5.97 -1.94
C LYS A 68 -8.79 5.32 -2.71
N ALA A 69 -8.49 4.21 -3.38
CA ALA A 69 -9.51 3.44 -4.09
C ALA A 69 -10.42 2.74 -3.11
N ALA A 70 -9.88 2.38 -1.95
CA ALA A 70 -10.67 1.79 -0.88
C ALA A 70 -11.69 2.79 -0.35
N SER A 71 -11.27 4.05 -0.28
CA SER A 71 -12.16 5.13 0.12
C SER A 71 -13.21 5.37 -0.97
N ALA A 72 -12.77 5.31 -2.22
CA ALA A 72 -13.68 5.45 -3.36
C ALA A 72 -14.66 4.29 -3.41
N ALA A 73 -14.19 3.12 -2.98
CA ALA A 73 -15.03 1.93 -2.89
C ALA A 73 -16.18 2.18 -1.93
N GLN A 74 -15.90 2.84 -0.82
CA GLN A 74 -16.92 3.21 0.13
C GLN A 74 -17.95 4.10 -0.55
N ARG A 75 -17.48 5.14 -1.23
CA ARG A 75 -18.34 6.11 -1.89
C ARG A 75 -19.37 5.44 -2.79
N GLU A 76 -18.93 4.50 -3.62
CA GLU A 76 -19.81 3.83 -4.56
C GLU A 76 -20.70 2.84 -3.82
N LEU A 77 -20.12 2.15 -2.84
CA LEU A 77 -20.86 1.21 -2.01
C LEU A 77 -21.98 1.92 -1.27
N VAL A 78 -21.66 3.09 -0.74
CA VAL A 78 -22.60 3.91 0.01
C VAL A 78 -23.64 4.53 -0.91
N ALA A 79 -23.21 4.90 -2.12
CA ALA A 79 -24.11 5.48 -3.11
C ALA A 79 -25.24 4.53 -3.47
N GLN A 80 -24.96 3.24 -3.40
CA GLN A 80 -25.96 2.22 -3.70
C GLN A 80 -26.51 1.61 -2.41
N GLY A 81 -26.10 2.16 -1.27
CA GLY A 81 -26.60 1.72 0.03
C GLY A 81 -26.31 0.25 0.30
N LYS A 82 -25.07 -0.16 0.05
CA LYS A 82 -24.68 -1.54 0.27
C LYS A 82 -23.94 -1.69 1.59
N VAL A 83 -24.12 -0.72 2.48
CA VAL A 83 -23.47 -0.74 3.78
C VAL A 83 -24.28 0.14 4.74
N GLY A 84 -24.09 -0.06 6.05
CA GLY A 84 -24.77 0.75 7.04
C GLY A 84 -24.21 2.15 7.14
N ALA A 85 -24.30 2.90 6.04
CA ALA A 85 -23.73 4.22 5.94
C ALA A 85 -24.55 5.26 6.71
N ILE A 86 -25.57 4.77 7.36
CA ILE A 86 -26.45 5.60 8.16
C ILE A 86 -26.01 5.56 9.62
N PRO A 87 -25.77 6.74 10.24
CA PRO A 87 -25.42 6.88 11.67
C PRO A 87 -26.21 5.94 12.60
N ALA A 88 -27.49 5.76 12.32
CA ALA A 88 -28.35 4.92 13.15
C ALA A 88 -28.04 3.43 12.95
N ASN A 89 -27.25 3.13 11.94
CA ASN A 89 -26.88 1.76 11.61
C ASN A 89 -25.35 1.65 11.56
N ALA A 90 -24.70 2.56 12.27
CA ALA A 90 -23.25 2.64 12.29
C ALA A 90 -22.64 1.40 12.95
N LEU A 91 -23.46 0.69 13.72
CA LEU A 91 -23.01 -0.55 14.37
C LEU A 91 -22.58 -1.57 13.31
N ASP A 92 -23.24 -1.56 12.17
CA ASP A 92 -22.91 -2.48 11.09
C ASP A 92 -21.68 -2.00 10.32
N ASP A 93 -21.71 -0.73 9.92
CA ASP A 93 -20.62 -0.17 9.14
C ASP A 93 -19.34 -0.07 9.94
N GLY A 94 -19.47 0.26 11.22
CA GLY A 94 -18.30 0.39 12.07
C GLY A 94 -17.48 -0.89 12.12
N GLN A 95 -18.14 -2.02 11.96
CA GLN A 95 -17.45 -3.30 11.98
C GLN A 95 -16.69 -3.51 10.69
N TRP A 96 -17.23 -2.97 9.60
CA TRP A 96 -16.59 -3.06 8.31
C TRP A 96 -15.50 -1.99 8.17
N SER A 97 -15.88 -0.75 8.47
CA SER A 97 -14.98 0.37 8.32
C SER A 97 -13.79 0.29 9.27
N GLN A 98 -14.01 -0.07 10.53
CA GLN A 98 -12.92 -0.14 11.49
C GLN A 98 -11.94 -1.26 11.15
N GLY A 99 -12.44 -2.30 10.50
CA GLY A 99 -11.57 -3.34 9.98
C GLY A 99 -10.76 -2.84 8.81
N LEU A 100 -11.41 -2.08 7.95
CA LEU A 100 -10.78 -1.45 6.80
C LEU A 100 -9.75 -0.42 7.26
N ILE A 101 -10.14 0.37 8.26
CA ILE A 101 -9.28 1.41 8.84
C ILE A 101 -8.00 0.82 9.43
N SER A 102 -8.15 -0.20 10.27
CA SER A 102 -7.01 -0.84 10.90
C SER A 102 -6.08 -1.45 9.86
N ALA A 103 -6.67 -2.05 8.83
CA ALA A 103 -5.90 -2.61 7.74
C ALA A 103 -5.15 -1.52 7.00
N ALA A 104 -5.79 -0.38 6.79
CA ALA A 104 -5.17 0.74 6.11
C ALA A 104 -3.97 1.26 6.88
N ARG A 105 -4.06 1.31 8.19
CA ARG A 105 -2.91 1.71 9.01
C ARG A 105 -1.84 0.63 8.95
N MET A 106 -2.27 -0.62 8.90
CA MET A 106 -1.34 -1.73 8.77
C MET A 106 -0.56 -1.64 7.46
N VAL A 107 -1.27 -1.39 6.36
CA VAL A 107 -0.60 -1.25 5.07
C VAL A 107 0.24 0.01 5.05
N ALA A 108 -0.26 1.07 5.69
CA ALA A 108 0.46 2.34 5.74
C ALA A 108 1.75 2.20 6.52
N ALA A 109 1.77 1.33 7.51
CA ALA A 109 2.98 1.08 8.28
C ALA A 109 3.93 0.16 7.51
N ALA A 110 3.39 -0.94 7.02
CA ALA A 110 4.20 -1.92 6.29
C ALA A 110 4.86 -1.29 5.07
N THR A 111 4.07 -0.60 4.26
CA THR A 111 4.57 0.01 3.03
C THR A 111 5.54 1.16 3.37
N ASN A 112 5.37 1.75 4.55
CA ASN A 112 6.21 2.86 4.99
C ASN A 112 7.57 2.33 5.44
N ASN A 113 7.55 1.20 6.14
CA ASN A 113 8.79 0.58 6.60
C ASN A 113 9.59 0.06 5.42
N LEU A 114 8.89 -0.33 4.37
CA LEU A 114 9.55 -0.77 3.14
C LEU A 114 10.25 0.41 2.48
N CYS A 115 9.69 1.60 2.64
CA CYS A 115 10.32 2.82 2.17
C CYS A 115 11.66 3.02 2.85
N GLU A 116 11.71 2.77 4.16
CA GLU A 116 12.94 2.88 4.92
C GLU A 116 13.97 1.86 4.44
N ALA A 117 13.50 0.66 4.12
CA ALA A 117 14.36 -0.41 3.64
C ALA A 117 14.96 -0.06 2.28
N ALA A 118 14.09 0.37 1.36
CA ALA A 118 14.53 0.78 0.03
C ALA A 118 15.46 1.99 0.12
N ASN A 119 15.16 2.88 1.07
CA ASN A 119 15.95 4.08 1.29
C ASN A 119 17.44 3.77 1.41
N ALA A 120 17.77 2.80 2.26
CA ALA A 120 19.17 2.45 2.49
C ALA A 120 19.77 1.77 1.26
N ALA A 121 18.95 0.99 0.57
CA ALA A 121 19.40 0.23 -0.60
C ALA A 121 19.88 1.15 -1.71
N VAL A 122 19.18 2.27 -1.90
CA VAL A 122 19.54 3.24 -2.93
C VAL A 122 20.86 3.92 -2.57
N GLN A 123 21.17 3.98 -1.29
CA GLN A 123 22.31 4.72 -0.81
C GLN A 123 23.48 3.80 -0.44
N GLY A 124 23.52 2.63 -1.06
CA GLY A 124 24.69 1.76 -0.94
C GLY A 124 24.67 0.86 0.28
N HIS A 125 23.58 0.90 1.05
CA HIS A 125 23.47 0.06 2.23
C HIS A 125 22.30 -0.90 2.07
N ALA A 126 22.51 -1.95 1.29
CA ALA A 126 21.45 -2.87 0.97
C ALA A 126 21.42 -4.06 1.93
N SER A 127 20.23 -4.40 2.39
CA SER A 127 20.02 -5.58 3.20
C SER A 127 18.88 -6.37 2.61
N GLN A 128 19.19 -7.34 1.78
CA GLN A 128 18.19 -8.12 1.09
C GLN A 128 17.36 -8.91 2.10
N GLU A 129 18.02 -9.32 3.18
CA GLU A 129 17.35 -10.08 4.23
C GLU A 129 16.18 -9.30 4.81
N LYS A 130 16.42 -8.05 5.19
CA LYS A 130 15.38 -7.24 5.79
C LYS A 130 14.42 -6.71 4.72
N LEU A 131 14.94 -6.58 3.50
CA LEU A 131 14.16 -6.07 2.39
C LEU A 131 13.09 -7.09 1.97
N ILE A 132 13.52 -8.33 1.73
CA ILE A 132 12.61 -9.39 1.32
C ILE A 132 11.53 -9.63 2.37
N SER A 133 11.95 -9.72 3.63
CA SER A 133 11.02 -9.97 4.73
C SER A 133 9.94 -8.90 4.80
N SER A 134 10.34 -7.65 4.59
CA SER A 134 9.40 -6.54 4.64
C SER A 134 8.46 -6.56 3.43
N ALA A 135 9.03 -6.87 2.27
CA ALA A 135 8.27 -6.85 1.02
C ALA A 135 7.19 -7.92 1.02
N LYS A 136 7.48 -9.03 1.67
CA LYS A 136 6.52 -10.12 1.80
C LYS A 136 5.33 -9.66 2.62
N GLN A 137 5.62 -8.97 3.72
CA GLN A 137 4.58 -8.48 4.60
C GLN A 137 3.80 -7.34 3.97
N VAL A 138 4.49 -6.49 3.23
CA VAL A 138 3.85 -5.40 2.53
C VAL A 138 2.78 -5.93 1.57
N ALA A 139 3.18 -6.81 0.67
CA ALA A 139 2.25 -7.39 -0.29
C ALA A 139 1.08 -8.07 0.42
N ALA A 140 1.39 -8.86 1.44
CA ALA A 140 0.38 -9.63 2.15
C ALA A 140 -0.61 -8.72 2.90
N SER A 141 -0.08 -7.76 3.63
CA SER A 141 -0.93 -6.90 4.45
C SER A 141 -1.73 -5.95 3.57
N THR A 142 -1.12 -5.47 2.50
CA THR A 142 -1.75 -4.50 1.62
C THR A 142 -2.82 -5.17 0.76
N ALA A 143 -2.53 -6.38 0.27
CA ALA A 143 -3.52 -7.12 -0.50
C ALA A 143 -4.69 -7.53 0.40
N GLN A 144 -4.41 -7.60 1.70
CA GLN A 144 -5.42 -7.91 2.69
C GLN A 144 -6.36 -6.71 2.89
N LEU A 145 -5.85 -5.51 2.59
CA LEU A 145 -6.65 -4.29 2.64
C LEU A 145 -7.82 -4.41 1.66
N LEU A 146 -7.58 -5.10 0.55
CA LEU A 146 -8.64 -5.40 -0.40
C LEU A 146 -9.70 -6.29 0.23
N VAL A 147 -9.23 -7.34 0.91
CA VAL A 147 -10.11 -8.31 1.55
C VAL A 147 -11.04 -7.62 2.55
N ALA A 148 -10.51 -6.59 3.21
CA ALA A 148 -11.28 -5.82 4.18
C ALA A 148 -12.48 -5.13 3.52
N CYS A 149 -12.31 -4.65 2.29
CA CYS A 149 -13.39 -4.00 1.57
C CYS A 149 -14.36 -5.04 1.00
N LYS A 150 -13.81 -6.17 0.53
CA LYS A 150 -14.61 -7.24 -0.06
C LYS A 150 -15.72 -7.74 0.86
N VAL A 151 -15.60 -7.48 2.16
CA VAL A 151 -16.61 -7.89 3.13
C VAL A 151 -18.01 -7.41 2.72
N LYS A 152 -18.09 -6.19 2.22
CA LYS A 152 -19.36 -5.65 1.73
C LYS A 152 -19.34 -5.52 0.20
N ALA A 153 -18.19 -5.13 -0.34
CA ALA A 153 -18.07 -4.87 -1.78
C ALA A 153 -18.06 -6.17 -2.57
N ASP A 154 -18.71 -6.14 -3.73
CA ASP A 154 -18.78 -7.31 -4.60
C ASP A 154 -17.64 -7.27 -5.61
N GLN A 155 -17.29 -8.42 -6.19
CA GLN A 155 -16.16 -8.50 -7.10
C GLN A 155 -16.49 -7.89 -8.48
N ASP A 156 -17.76 -7.59 -8.71
CA ASP A 156 -18.15 -6.96 -9.97
C ASP A 156 -18.32 -5.46 -9.77
N SER A 157 -18.14 -5.01 -8.53
CA SER A 157 -18.21 -3.59 -8.20
C SER A 157 -17.11 -2.81 -8.94
N GLU A 158 -17.47 -1.67 -9.49
CA GLU A 158 -16.55 -0.87 -10.29
C GLU A 158 -15.38 -0.38 -9.44
N ALA A 159 -15.68 0.05 -8.23
CA ALA A 159 -14.65 0.52 -7.31
C ALA A 159 -13.77 -0.64 -6.88
N MET A 160 -14.33 -1.84 -6.89
CA MET A 160 -13.59 -3.04 -6.52
C MET A 160 -12.59 -3.38 -7.63
N LYS A 161 -12.94 -3.05 -8.87
CA LYS A 161 -12.06 -3.33 -10.01
C LYS A 161 -10.73 -2.60 -9.86
N ARG A 162 -10.80 -1.31 -9.54
CA ARG A 162 -9.60 -0.52 -9.34
C ARG A 162 -8.88 -0.94 -8.06
N LEU A 163 -9.66 -1.38 -7.07
CA LEU A 163 -9.09 -1.93 -5.84
C LEU A 163 -8.25 -3.15 -6.15
N GLN A 164 -8.83 -4.11 -6.85
CA GLN A 164 -8.15 -5.34 -7.19
C GLN A 164 -6.92 -5.09 -8.05
N ALA A 165 -7.05 -4.15 -8.98
CA ALA A 165 -5.93 -3.79 -9.84
C ALA A 165 -4.77 -3.20 -9.06
N ALA A 166 -5.09 -2.28 -8.15
CA ALA A 166 -4.06 -1.63 -7.33
C ALA A 166 -3.46 -2.62 -6.35
N GLY A 167 -4.29 -3.46 -5.75
CA GLY A 167 -3.82 -4.48 -4.83
C GLY A 167 -2.93 -5.49 -5.52
N ASN A 168 -3.33 -5.88 -6.72
CA ASN A 168 -2.54 -6.79 -7.55
C ASN A 168 -1.17 -6.17 -7.81
N ALA A 169 -1.18 -4.86 -8.06
CA ALA A 169 0.04 -4.11 -8.31
C ALA A 169 0.97 -4.14 -7.12
N VAL A 170 0.42 -3.99 -5.90
CA VAL A 170 1.25 -4.03 -4.69
C VAL A 170 1.98 -5.36 -4.60
N LYS A 171 1.22 -6.44 -4.76
CA LYS A 171 1.79 -7.78 -4.71
C LYS A 171 2.86 -7.96 -5.78
N ARG A 172 2.54 -7.54 -7.00
CA ARG A 172 3.44 -7.70 -8.12
C ARG A 172 4.70 -6.85 -7.97
N ALA A 173 4.53 -5.65 -7.44
CA ALA A 173 5.66 -4.78 -7.18
C ALA A 173 6.53 -5.34 -6.06
N SER A 174 5.89 -5.95 -5.07
CA SER A 174 6.62 -6.56 -3.96
C SER A 174 7.32 -7.83 -4.45
N ASP A 175 6.63 -8.64 -5.24
CA ASP A 175 7.24 -9.82 -5.87
C ASP A 175 8.46 -9.41 -6.69
N ASN A 176 8.31 -8.31 -7.42
CA ASN A 176 9.41 -7.73 -8.18
C ASN A 176 10.56 -7.32 -7.27
N LEU A 177 10.23 -6.64 -6.18
CA LEU A 177 11.22 -6.18 -5.22
C LEU A 177 11.94 -7.35 -4.57
N VAL A 178 11.19 -8.37 -4.19
CA VAL A 178 11.76 -9.59 -3.61
C VAL A 178 12.71 -10.25 -4.60
N LYS A 179 12.22 -10.47 -5.81
CA LYS A 179 13.02 -11.10 -6.86
C LYS A 179 14.32 -10.33 -7.08
N ALA A 180 14.20 -9.01 -7.21
CA ALA A 180 15.37 -8.17 -7.43
C ALA A 180 16.37 -8.32 -6.28
N ALA A 181 15.84 -8.38 -5.05
CA ALA A 181 16.68 -8.57 -3.87
C ALA A 181 17.36 -9.92 -3.90
N GLN A 182 16.63 -10.95 -4.33
CA GLN A 182 17.18 -12.30 -4.42
C GLN A 182 18.36 -12.33 -5.39
N LYS A 183 18.32 -11.46 -6.39
CA LYS A 183 19.39 -11.38 -7.37
C LYS A 183 20.63 -10.69 -6.79
N ALA A 184 20.43 -9.91 -5.73
CA ALA A 184 21.53 -9.17 -5.12
C ALA A 184 22.13 -9.94 -3.96
N ALA A 185 21.77 -11.20 -3.86
CA ALA A 185 22.31 -12.07 -2.82
C ALA A 185 22.52 -13.48 -3.35
N ALA A 186 21.60 -13.91 -4.21
CA ALA A 186 21.65 -15.23 -4.83
C ALA A 186 21.42 -16.34 -3.80
N PHE A 187 20.18 -16.77 -3.68
CA PHE A 187 19.84 -17.85 -2.77
C PHE A 187 19.61 -19.13 -3.56
N GLU A 188 20.08 -19.13 -4.80
CA GLU A 188 19.91 -20.25 -5.69
C GLU A 188 21.08 -21.21 -5.58
N ASP A 189 20.90 -22.26 -4.78
CA ASP A 189 21.95 -23.24 -4.56
C ASP A 189 21.35 -24.56 -4.09
N GLY A 1 -21.58 4.62 17.75
CA GLY A 1 -22.79 5.30 17.22
C GLY A 1 -23.58 5.99 18.30
N ILE A 2 -22.88 6.73 19.17
CA ILE A 2 -23.52 7.46 20.25
C ILE A 2 -24.43 8.55 19.71
N ASP A 3 -23.89 9.36 18.82
CA ASP A 3 -24.64 10.44 18.19
C ASP A 3 -24.87 10.15 16.72
N PRO A 4 -25.95 10.70 16.16
CA PRO A 4 -26.27 10.55 14.74
C PRO A 4 -25.45 11.47 13.83
N PHE A 5 -24.35 11.99 14.36
CA PHE A 5 -23.50 12.91 13.61
C PHE A 5 -22.20 12.23 13.22
N THR A 6 -22.02 11.00 13.68
CA THR A 6 -20.81 10.26 13.43
C THR A 6 -21.09 9.03 12.57
N ASP A 7 -21.14 9.25 11.26
CA ASP A 7 -21.33 8.18 10.30
C ASP A 7 -20.08 7.30 10.28
N PRO A 8 -20.27 5.97 10.42
CA PRO A 8 -19.15 5.03 10.56
C PRO A 8 -18.25 5.02 9.34
N THR A 9 -18.88 4.92 8.17
CA THR A 9 -18.17 4.93 6.90
C THR A 9 -17.30 6.19 6.75
N VAL A 10 -17.85 7.34 7.12
CA VAL A 10 -17.13 8.60 7.00
C VAL A 10 -15.91 8.63 7.92
N ILE A 11 -16.09 8.15 9.15
CA ILE A 11 -14.99 8.07 10.11
C ILE A 11 -13.88 7.17 9.58
N ALA A 12 -14.26 6.05 8.97
CA ALA A 12 -13.30 5.13 8.38
C ALA A 12 -12.54 5.78 7.22
N GLU A 13 -13.26 6.53 6.41
CA GLU A 13 -12.67 7.22 5.27
C GLU A 13 -11.64 8.25 5.73
N ASN A 14 -11.91 8.88 6.86
CA ASN A 14 -10.99 9.85 7.43
C ASN A 14 -9.68 9.19 7.82
N GLU A 15 -9.75 7.90 8.17
CA GLU A 15 -8.57 7.13 8.49
C GLU A 15 -7.81 6.76 7.21
N LEU A 16 -8.56 6.58 6.12
CA LEU A 16 -7.94 6.27 4.84
C LEU A 16 -7.02 7.40 4.40
N LEU A 17 -7.55 8.62 4.38
CA LEU A 17 -6.76 9.79 4.02
C LEU A 17 -5.63 10.02 5.03
N GLY A 18 -5.87 9.63 6.27
CA GLY A 18 -4.84 9.71 7.28
C GLY A 18 -3.70 8.75 7.01
N ALA A 19 -4.05 7.55 6.56
CA ALA A 19 -3.07 6.55 6.18
C ALA A 19 -2.32 6.97 4.92
N ALA A 20 -3.06 7.55 3.98
CA ALA A 20 -2.48 8.04 2.73
C ALA A 20 -1.39 9.08 3.00
N ALA A 21 -1.55 9.84 4.07
CA ALA A 21 -0.58 10.86 4.44
C ALA A 21 0.81 10.24 4.71
N ALA A 22 0.82 9.01 5.17
CA ALA A 22 2.07 8.31 5.41
C ALA A 22 2.64 7.77 4.09
N ILE A 23 1.74 7.23 3.27
CA ILE A 23 2.12 6.63 2.00
C ILE A 23 2.66 7.67 1.03
N GLU A 24 1.95 8.79 0.90
CA GLU A 24 2.37 9.84 -0.02
C GLU A 24 3.66 10.50 0.45
N ALA A 25 3.90 10.46 1.76
CA ALA A 25 5.14 10.96 2.32
C ALA A 25 6.29 10.02 1.98
N ALA A 26 6.00 8.73 1.97
CA ALA A 26 6.97 7.71 1.60
C ALA A 26 7.35 7.85 0.14
N ALA A 27 6.34 8.11 -0.70
CA ALA A 27 6.57 8.34 -2.13
C ALA A 27 7.39 9.61 -2.34
N LYS A 28 7.22 10.56 -1.43
CA LYS A 28 7.93 11.83 -1.48
C LYS A 28 9.41 11.61 -1.17
N LYS A 29 9.68 10.79 -0.17
CA LYS A 29 11.05 10.44 0.19
C LYS A 29 11.71 9.65 -0.93
N LEU A 30 10.89 8.93 -1.68
CA LEU A 30 11.34 8.18 -2.83
C LEU A 30 11.81 9.10 -3.95
N GLU A 31 11.28 10.32 -3.96
CA GLU A 31 11.66 11.31 -4.96
C GLU A 31 13.02 11.90 -4.62
N GLN A 32 13.42 11.76 -3.37
CA GLN A 32 14.73 12.22 -2.92
C GLN A 32 15.81 11.23 -3.32
N LEU A 33 15.39 10.00 -3.59
CA LEU A 33 16.30 8.94 -3.96
C LEU A 33 16.69 9.04 -5.42
N LYS A 34 17.98 9.12 -5.68
CA LYS A 34 18.49 9.16 -7.03
C LYS A 34 19.68 8.21 -7.17
N PRO A 35 19.55 7.19 -8.03
CA PRO A 35 20.62 6.22 -8.26
C PRO A 35 21.86 6.88 -8.84
N ARG A 36 22.86 7.11 -7.98
CA ARG A 36 24.09 7.75 -8.41
C ARG A 36 25.03 6.71 -9.01
N ALA A 37 24.72 6.31 -10.23
CA ALA A 37 25.53 5.34 -10.95
C ALA A 37 25.84 5.85 -12.34
N LYS A 38 27.06 6.34 -12.52
CA LYS A 38 27.49 6.84 -13.81
C LYS A 38 27.44 5.74 -14.87
N PRO A 39 27.18 6.12 -16.13
CA PRO A 39 26.98 5.17 -17.23
C PRO A 39 28.19 4.28 -17.47
N LYS A 40 28.16 3.13 -16.81
CA LYS A 40 29.18 2.11 -16.99
C LYS A 40 28.57 0.90 -17.69
N GLU A 41 29.17 0.48 -18.79
CA GLU A 41 28.72 -0.72 -19.47
C GLU A 41 29.86 -1.72 -19.58
N ALA A 42 29.79 -2.77 -18.78
CA ALA A 42 30.81 -3.80 -18.75
C ALA A 42 30.17 -5.18 -18.65
N ASP A 43 28.97 -5.29 -19.23
CA ASP A 43 28.17 -6.50 -19.17
C ASP A 43 27.77 -6.79 -17.73
N GLU A 44 26.97 -5.90 -17.17
CA GLU A 44 26.53 -6.01 -15.81
C GLU A 44 25.01 -5.85 -15.72
N SER A 45 24.40 -6.50 -14.76
CA SER A 45 22.98 -6.35 -14.49
C SER A 45 22.80 -5.74 -13.11
N LEU A 46 23.71 -4.83 -12.77
CA LEU A 46 23.78 -4.27 -11.44
C LEU A 46 22.86 -3.06 -11.32
N ASN A 47 21.60 -3.26 -11.67
CA ASN A 47 20.60 -2.21 -11.55
C ASN A 47 19.79 -2.40 -10.28
N PHE A 48 20.32 -3.20 -9.37
CA PHE A 48 19.63 -3.55 -8.12
C PHE A 48 19.12 -2.30 -7.40
N GLU A 49 20.00 -1.34 -7.17
CA GLU A 49 19.63 -0.12 -6.44
C GLU A 49 18.52 0.63 -7.15
N GLU A 50 18.48 0.50 -8.48
CA GLU A 50 17.45 1.14 -9.28
C GLU A 50 16.15 0.35 -9.21
N GLN A 51 16.26 -0.96 -9.38
CA GLN A 51 15.10 -1.86 -9.34
C GLN A 51 14.35 -1.71 -8.02
N ILE A 52 15.10 -1.62 -6.93
CA ILE A 52 14.51 -1.42 -5.62
C ILE A 52 13.80 -0.07 -5.55
N LEU A 53 14.44 0.93 -6.14
CA LEU A 53 13.91 2.29 -6.13
C LEU A 53 12.61 2.38 -6.92
N GLU A 54 12.62 1.91 -8.17
CA GLU A 54 11.41 1.95 -9.00
C GLU A 54 10.30 1.11 -8.42
N ALA A 55 10.63 -0.08 -7.95
CA ALA A 55 9.61 -0.97 -7.43
C ALA A 55 8.97 -0.39 -6.17
N ALA A 56 9.79 0.25 -5.34
CA ALA A 56 9.28 0.95 -4.17
C ALA A 56 8.31 2.05 -4.58
N LYS A 57 8.66 2.75 -5.66
CA LYS A 57 7.79 3.78 -6.21
C LYS A 57 6.49 3.19 -6.71
N SER A 58 6.58 2.04 -7.38
CA SER A 58 5.41 1.33 -7.85
C SER A 58 4.47 1.01 -6.69
N ILE A 59 5.04 0.52 -5.60
CA ILE A 59 4.31 0.28 -4.37
C ILE A 59 3.70 1.57 -3.85
N ALA A 60 4.54 2.57 -3.58
CA ALA A 60 4.08 3.83 -3.01
C ALA A 60 2.98 4.49 -3.84
N ALA A 61 3.07 4.34 -5.15
CA ALA A 61 2.05 4.89 -6.04
C ALA A 61 0.78 4.04 -6.01
N ALA A 62 0.95 2.73 -6.20
CA ALA A 62 -0.19 1.82 -6.23
C ALA A 62 -0.89 1.75 -4.88
N THR A 63 -0.13 1.83 -3.80
CA THR A 63 -0.70 1.75 -2.47
C THR A 63 -1.51 3.01 -2.16
N SER A 64 -0.98 4.16 -2.57
CA SER A 64 -1.67 5.43 -2.41
C SER A 64 -2.96 5.43 -3.23
N ALA A 65 -2.86 4.93 -4.47
CA ALA A 65 -4.03 4.81 -5.32
C ALA A 65 -5.01 3.80 -4.72
N LEU A 66 -4.47 2.80 -4.04
CA LEU A 66 -5.28 1.76 -3.42
C LEU A 66 -6.13 2.31 -2.28
N VAL A 67 -5.50 3.01 -1.34
CA VAL A 67 -6.21 3.55 -0.19
C VAL A 67 -7.27 4.57 -0.63
N LYS A 68 -6.98 5.27 -1.73
CA LYS A 68 -7.93 6.21 -2.30
C LYS A 68 -9.01 5.47 -3.09
N ALA A 69 -8.66 4.30 -3.62
CA ALA A 69 -9.61 3.46 -4.33
C ALA A 69 -10.57 2.82 -3.35
N ALA A 70 -10.09 2.56 -2.13
CA ALA A 70 -10.94 2.08 -1.06
C ALA A 70 -11.98 3.14 -0.71
N SER A 71 -11.53 4.39 -0.65
CA SER A 71 -12.42 5.51 -0.42
C SER A 71 -13.41 5.67 -1.57
N ALA A 72 -12.93 5.39 -2.78
CA ALA A 72 -13.78 5.42 -3.97
C ALA A 72 -14.80 4.29 -3.90
N ALA A 73 -14.34 3.12 -3.50
CA ALA A 73 -15.20 1.96 -3.33
C ALA A 73 -16.31 2.26 -2.34
N GLN A 74 -15.94 2.85 -1.20
CA GLN A 74 -16.92 3.27 -0.21
C GLN A 74 -17.92 4.23 -0.83
N ARG A 75 -17.41 5.28 -1.46
CA ARG A 75 -18.25 6.30 -2.09
C ARG A 75 -19.31 5.67 -3.00
N GLU A 76 -18.87 4.78 -3.88
CA GLU A 76 -19.77 4.13 -4.83
C GLU A 76 -20.84 3.30 -4.11
N LEU A 77 -20.39 2.50 -3.15
CA LEU A 77 -21.28 1.59 -2.43
C LEU A 77 -22.20 2.35 -1.48
N VAL A 78 -21.66 3.37 -0.84
CA VAL A 78 -22.41 4.19 0.10
C VAL A 78 -23.48 5.00 -0.63
N ALA A 79 -23.15 5.44 -1.85
CA ALA A 79 -24.11 6.15 -2.69
C ALA A 79 -25.32 5.26 -3.00
N GLN A 80 -25.07 3.96 -3.09
CA GLN A 80 -26.14 3.00 -3.34
C GLN A 80 -26.85 2.63 -2.04
N GLY A 81 -26.20 2.91 -0.92
CA GLY A 81 -26.75 2.53 0.38
C GLY A 81 -26.59 1.04 0.63
N LYS A 82 -25.64 0.43 -0.07
CA LYS A 82 -25.39 -1.00 0.07
C LYS A 82 -24.53 -1.26 1.32
N VAL A 83 -23.91 -0.20 1.79
CA VAL A 83 -23.09 -0.25 2.99
C VAL A 83 -23.79 0.48 4.14
N GLY A 84 -23.52 0.07 5.37
CA GLY A 84 -24.17 0.67 6.52
C GLY A 84 -23.59 2.03 6.86
N ALA A 85 -23.82 2.99 5.97
CA ALA A 85 -23.29 4.34 6.10
C ALA A 85 -24.09 5.18 7.10
N ILE A 86 -24.82 4.50 7.97
CA ILE A 86 -25.70 5.17 8.92
C ILE A 86 -25.24 4.84 10.34
N PRO A 87 -25.13 5.85 11.23
CA PRO A 87 -24.75 5.65 12.65
C PRO A 87 -25.58 4.57 13.36
N ALA A 88 -26.84 4.44 12.96
CA ALA A 88 -27.72 3.41 13.51
C ALA A 88 -27.35 2.04 12.95
N ASN A 89 -26.73 2.03 11.77
CA ASN A 89 -26.32 0.78 11.11
C ASN A 89 -24.87 0.49 11.45
N ALA A 90 -24.31 1.31 12.33
CA ALA A 90 -22.91 1.20 12.75
C ALA A 90 -22.64 -0.12 13.43
N LEU A 91 -23.69 -0.77 13.90
CA LEU A 91 -23.56 -2.06 14.54
C LEU A 91 -22.91 -3.06 13.60
N ASP A 92 -23.37 -3.07 12.35
CA ASP A 92 -22.79 -3.90 11.31
C ASP A 92 -21.54 -3.26 10.73
N ASP A 93 -21.68 -2.01 10.30
CA ASP A 93 -20.61 -1.33 9.57
C ASP A 93 -19.40 -1.07 10.45
N GLY A 94 -19.63 -0.80 11.72
CA GLY A 94 -18.53 -0.54 12.64
C GLY A 94 -17.55 -1.70 12.69
N GLN A 95 -18.05 -2.89 12.40
CA GLN A 95 -17.20 -4.07 12.34
C GLN A 95 -16.39 -4.07 11.05
N TRP A 96 -16.98 -3.50 10.00
CA TRP A 96 -16.32 -3.44 8.71
C TRP A 96 -15.35 -2.26 8.65
N SER A 97 -15.82 -1.08 9.05
CA SER A 97 -15.02 0.12 8.97
C SER A 97 -13.81 0.07 9.90
N GLN A 98 -13.95 -0.57 11.06
CA GLN A 98 -12.84 -0.74 11.96
C GLN A 98 -11.81 -1.69 11.35
N GLY A 99 -12.30 -2.68 10.62
CA GLY A 99 -11.43 -3.58 9.90
C GLY A 99 -10.73 -2.87 8.77
N LEU A 100 -11.45 -1.96 8.12
CA LEU A 100 -10.88 -1.14 7.07
C LEU A 100 -9.79 -0.23 7.64
N ILE A 101 -10.06 0.38 8.78
CA ILE A 101 -9.08 1.23 9.46
C ILE A 101 -7.82 0.45 9.79
N SER A 102 -7.99 -0.64 10.53
CA SER A 102 -6.87 -1.45 10.98
C SER A 102 -6.01 -1.90 9.81
N ALA A 103 -6.64 -2.28 8.71
CA ALA A 103 -5.94 -2.69 7.51
C ALA A 103 -5.26 -1.50 6.83
N ALA A 104 -6.00 -0.41 6.65
CA ALA A 104 -5.48 0.77 5.96
C ALA A 104 -4.33 1.41 6.73
N ARG A 105 -4.49 1.52 8.04
CA ARG A 105 -3.44 2.06 8.87
C ARG A 105 -2.25 1.09 8.91
N MET A 106 -2.55 -0.19 8.71
CA MET A 106 -1.52 -1.22 8.64
C MET A 106 -0.72 -1.11 7.34
N VAL A 107 -1.42 -0.96 6.21
CA VAL A 107 -0.75 -0.84 4.92
C VAL A 107 0.09 0.42 4.88
N ALA A 108 -0.40 1.48 5.52
CA ALA A 108 0.36 2.73 5.59
C ALA A 108 1.68 2.52 6.29
N ALA A 109 1.67 1.74 7.36
CA ALA A 109 2.88 1.49 8.11
C ALA A 109 3.78 0.51 7.38
N ALA A 110 3.22 -0.59 6.91
CA ALA A 110 3.97 -1.62 6.21
C ALA A 110 4.69 -1.06 4.99
N THR A 111 3.94 -0.37 4.14
CA THR A 111 4.49 0.19 2.92
C THR A 111 5.51 1.29 3.23
N ASN A 112 5.28 1.98 4.35
CA ASN A 112 6.16 3.07 4.77
C ASN A 112 7.49 2.50 5.26
N ASN A 113 7.40 1.41 6.02
CA ASN A 113 8.59 0.77 6.54
C ASN A 113 9.40 0.13 5.43
N LEU A 114 8.71 -0.25 4.36
CA LEU A 114 9.38 -0.79 3.18
C LEU A 114 10.11 0.32 2.45
N CYS A 115 9.50 1.52 2.44
CA CYS A 115 10.15 2.69 1.87
C CYS A 115 11.44 2.98 2.62
N GLU A 116 11.42 2.78 3.93
CA GLU A 116 12.60 2.96 4.76
C GLU A 116 13.69 1.99 4.36
N ALA A 117 13.30 0.75 4.08
CA ALA A 117 14.25 -0.29 3.67
C ALA A 117 14.83 0.03 2.30
N ALA A 118 13.96 0.38 1.36
CA ALA A 118 14.38 0.75 0.02
C ALA A 118 15.28 1.98 0.04
N ASN A 119 14.88 2.97 0.83
CA ASN A 119 15.62 4.23 0.96
C ASN A 119 17.08 3.96 1.36
N ALA A 120 17.27 3.06 2.31
CA ALA A 120 18.60 2.71 2.77
C ALA A 120 19.36 1.94 1.71
N ALA A 121 18.66 1.02 1.05
CA ALA A 121 19.27 0.14 0.06
C ALA A 121 19.85 0.92 -1.11
N VAL A 122 19.09 1.90 -1.60
CA VAL A 122 19.51 2.71 -2.74
C VAL A 122 20.74 3.55 -2.41
N GLN A 123 20.90 3.89 -1.14
CA GLN A 123 21.93 4.83 -0.74
C GLN A 123 23.14 4.14 -0.14
N GLY A 124 23.15 2.82 -0.15
CA GLY A 124 24.34 2.09 0.29
C GLY A 124 24.04 0.95 1.23
N HIS A 125 23.19 1.19 2.23
CA HIS A 125 22.88 0.16 3.21
C HIS A 125 21.80 -0.77 2.71
N ALA A 126 22.18 -1.65 1.80
CA ALA A 126 21.26 -2.63 1.25
C ALA A 126 21.27 -3.89 2.10
N SER A 127 20.10 -4.25 2.61
CA SER A 127 19.96 -5.46 3.40
C SER A 127 18.85 -6.30 2.80
N GLN A 128 19.25 -7.20 1.91
CA GLN A 128 18.31 -8.01 1.14
C GLN A 128 17.41 -8.83 2.06
N GLU A 129 17.98 -9.24 3.20
CA GLU A 129 17.25 -10.04 4.17
C GLU A 129 16.04 -9.29 4.70
N LYS A 130 16.26 -8.11 5.29
CA LYS A 130 15.16 -7.32 5.84
C LYS A 130 14.27 -6.79 4.72
N LEU A 131 14.85 -6.65 3.53
CA LEU A 131 14.13 -6.16 2.37
C LEU A 131 13.05 -7.16 1.96
N ILE A 132 13.44 -8.43 1.84
CA ILE A 132 12.50 -9.49 1.51
C ILE A 132 11.42 -9.62 2.59
N SER A 133 11.85 -9.58 3.86
CA SER A 133 10.93 -9.69 4.98
C SER A 133 9.84 -8.64 4.88
N SER A 134 10.25 -7.40 4.66
CA SER A 134 9.33 -6.27 4.61
C SER A 134 8.43 -6.36 3.39
N ALA A 135 8.99 -6.75 2.24
CA ALA A 135 8.24 -6.79 1.00
C ALA A 135 7.11 -7.81 1.07
N LYS A 136 7.40 -8.93 1.72
CA LYS A 136 6.42 -9.99 1.90
C LYS A 136 5.28 -9.51 2.80
N GLN A 137 5.66 -8.80 3.85
CA GLN A 137 4.68 -8.27 4.79
C GLN A 137 3.83 -7.19 4.12
N VAL A 138 4.48 -6.32 3.37
CA VAL A 138 3.78 -5.26 2.64
C VAL A 138 2.73 -5.85 1.72
N ALA A 139 3.14 -6.80 0.89
CA ALA A 139 2.22 -7.45 -0.05
C ALA A 139 1.03 -8.06 0.69
N ALA A 140 1.30 -8.70 1.82
CA ALA A 140 0.26 -9.36 2.59
C ALA A 140 -0.67 -8.35 3.26
N SER A 141 -0.10 -7.38 3.96
CA SER A 141 -0.88 -6.37 4.66
C SER A 141 -1.69 -5.52 3.69
N THR A 142 -1.07 -5.17 2.57
CA THR A 142 -1.70 -4.27 1.62
C THR A 142 -2.80 -4.98 0.82
N ALA A 143 -2.52 -6.19 0.36
CA ALA A 143 -3.52 -6.95 -0.38
C ALA A 143 -4.71 -7.28 0.53
N GLN A 144 -4.43 -7.32 1.84
CA GLN A 144 -5.44 -7.52 2.87
C GLN A 144 -6.44 -6.36 2.87
N LEU A 145 -5.94 -5.17 2.57
CA LEU A 145 -6.77 -3.97 2.50
C LEU A 145 -7.86 -4.15 1.46
N LEU A 146 -7.52 -4.87 0.40
CA LEU A 146 -8.51 -5.21 -0.64
C LEU A 146 -9.56 -6.14 -0.08
N VAL A 147 -9.09 -7.19 0.60
CA VAL A 147 -9.96 -8.18 1.22
C VAL A 147 -10.95 -7.49 2.15
N ALA A 148 -10.44 -6.53 2.92
CA ALA A 148 -11.27 -5.77 3.85
C ALA A 148 -12.39 -5.03 3.13
N CYS A 149 -12.06 -4.27 2.09
CA CYS A 149 -13.07 -3.52 1.38
C CYS A 149 -14.01 -4.46 0.62
N LYS A 150 -13.46 -5.55 0.09
CA LYS A 150 -14.24 -6.52 -0.68
C LYS A 150 -15.32 -7.17 0.18
N VAL A 151 -15.17 -7.12 1.51
CA VAL A 151 -16.18 -7.66 2.42
C VAL A 151 -17.55 -7.03 2.17
N LYS A 152 -17.58 -5.72 1.95
CA LYS A 152 -18.84 -5.03 1.69
C LYS A 152 -18.97 -4.66 0.21
N ALA A 153 -17.92 -4.88 -0.56
CA ALA A 153 -17.92 -4.53 -1.96
C ALA A 153 -18.25 -5.73 -2.84
N ASP A 154 -18.57 -5.45 -4.09
CA ASP A 154 -18.82 -6.49 -5.07
C ASP A 154 -17.60 -6.65 -5.96
N GLN A 155 -17.53 -7.76 -6.69
CA GLN A 155 -16.35 -8.02 -7.52
C GLN A 155 -16.41 -7.27 -8.83
N ASP A 156 -17.59 -7.23 -9.44
CA ASP A 156 -17.73 -6.57 -10.73
C ASP A 156 -18.15 -5.12 -10.54
N SER A 157 -17.22 -4.33 -10.04
CA SER A 157 -17.41 -2.90 -9.87
C SER A 157 -16.17 -2.18 -10.38
N GLU A 158 -16.35 -1.00 -10.96
CA GLU A 158 -15.22 -0.25 -11.51
C GLU A 158 -14.33 0.33 -10.42
N ALA A 159 -14.93 0.74 -9.31
CA ALA A 159 -14.17 1.24 -8.17
C ALA A 159 -13.29 0.12 -7.61
N MET A 160 -13.88 -1.05 -7.48
CA MET A 160 -13.16 -2.23 -6.98
C MET A 160 -12.24 -2.78 -8.06
N LYS A 161 -12.57 -2.52 -9.32
CA LYS A 161 -11.75 -2.94 -10.45
C LYS A 161 -10.37 -2.30 -10.35
N ARG A 162 -10.37 -1.02 -10.00
CA ARG A 162 -9.14 -0.27 -9.83
C ARG A 162 -8.50 -0.59 -8.48
N LEU A 163 -9.36 -0.81 -7.49
CA LEU A 163 -8.91 -1.21 -6.15
C LEU A 163 -8.12 -2.51 -6.23
N GLN A 164 -8.69 -3.50 -6.92
CA GLN A 164 -8.05 -4.79 -7.12
C GLN A 164 -6.70 -4.65 -7.81
N ALA A 165 -6.70 -3.92 -8.93
CA ALA A 165 -5.49 -3.73 -9.71
C ALA A 165 -4.39 -3.07 -8.89
N ALA A 166 -4.76 -2.09 -8.08
CA ALA A 166 -3.81 -1.40 -7.22
C ALA A 166 -3.18 -2.37 -6.22
N GLY A 167 -4.03 -3.15 -5.55
CA GLY A 167 -3.55 -4.13 -4.59
C GLY A 167 -2.71 -5.20 -5.23
N ASN A 168 -3.15 -5.66 -6.39
CA ASN A 168 -2.45 -6.68 -7.15
C ASN A 168 -1.09 -6.16 -7.59
N ALA A 169 -1.04 -4.87 -7.90
CA ALA A 169 0.21 -4.20 -8.27
C ALA A 169 1.19 -4.18 -7.10
N VAL A 170 0.66 -4.00 -5.89
CA VAL A 170 1.49 -4.02 -4.68
C VAL A 170 2.18 -5.36 -4.56
N LYS A 171 1.39 -6.42 -4.65
CA LYS A 171 1.87 -7.78 -4.51
C LYS A 171 2.86 -8.10 -5.64
N ARG A 172 2.54 -7.64 -6.83
CA ARG A 172 3.40 -7.84 -7.99
C ARG A 172 4.72 -7.08 -7.83
N ALA A 173 4.64 -5.84 -7.36
CA ALA A 173 5.83 -5.04 -7.12
C ALA A 173 6.65 -5.63 -5.99
N SER A 174 5.98 -6.19 -4.99
CA SER A 174 6.65 -6.85 -3.89
C SER A 174 7.37 -8.10 -4.39
N ASP A 175 6.70 -8.87 -5.26
CA ASP A 175 7.32 -10.00 -5.94
C ASP A 175 8.60 -9.58 -6.62
N ASN A 176 8.51 -8.49 -7.39
CA ASN A 176 9.67 -7.94 -8.09
C ASN A 176 10.76 -7.54 -7.11
N LEU A 177 10.35 -6.89 -6.03
CA LEU A 177 11.28 -6.42 -5.01
C LEU A 177 11.99 -7.59 -4.34
N VAL A 178 11.22 -8.63 -4.01
CA VAL A 178 11.78 -9.84 -3.42
C VAL A 178 12.75 -10.50 -4.40
N LYS A 179 12.31 -10.69 -5.63
CA LYS A 179 13.14 -11.29 -6.67
C LYS A 179 14.45 -10.51 -6.82
N ALA A 180 14.35 -9.19 -6.94
CA ALA A 180 15.52 -8.35 -7.09
C ALA A 180 16.49 -8.53 -5.92
N ALA A 181 15.94 -8.61 -4.71
CA ALA A 181 16.74 -8.83 -3.52
C ALA A 181 17.44 -10.18 -3.55
N GLN A 182 16.75 -11.19 -4.09
CA GLN A 182 17.31 -12.53 -4.19
C GLN A 182 18.52 -12.55 -5.12
N LYS A 183 18.50 -11.67 -6.12
CA LYS A 183 19.58 -11.58 -7.09
C LYS A 183 20.82 -10.98 -6.45
N ALA A 184 20.64 -10.16 -5.43
CA ALA A 184 21.75 -9.45 -4.80
C ALA A 184 22.26 -10.18 -3.57
N ALA A 185 21.82 -11.41 -3.39
CA ALA A 185 22.27 -12.22 -2.27
C ALA A 185 22.40 -13.69 -2.64
N ALA A 186 22.12 -14.00 -3.90
CA ALA A 186 22.18 -15.37 -4.41
C ALA A 186 21.33 -16.32 -3.56
N PHE A 187 20.01 -16.25 -3.76
CA PHE A 187 19.10 -17.15 -3.05
C PHE A 187 18.63 -18.27 -3.96
N GLU A 188 19.33 -18.46 -5.05
CA GLU A 188 19.03 -19.53 -5.99
C GLU A 188 19.71 -20.81 -5.52
N ASP A 189 18.93 -21.63 -4.79
CA ASP A 189 19.44 -22.86 -4.17
C ASP A 189 20.52 -22.54 -3.14
N GLY A 1 -27.01 8.98 18.57
CA GLY A 1 -25.68 9.63 18.47
C GLY A 1 -25.72 11.07 18.92
N ILE A 2 -24.61 11.55 19.47
CA ILE A 2 -24.53 12.92 19.95
C ILE A 2 -24.51 13.89 18.77
N ASP A 3 -23.76 13.55 17.75
CA ASP A 3 -23.69 14.37 16.55
C ASP A 3 -24.26 13.63 15.35
N PRO A 4 -24.94 14.36 14.46
CA PRO A 4 -25.66 13.79 13.32
C PRO A 4 -24.77 13.45 12.12
N PHE A 5 -23.49 13.73 12.22
CA PHE A 5 -22.60 13.59 11.07
C PHE A 5 -21.57 12.48 11.27
N THR A 6 -21.75 11.65 12.28
CA THR A 6 -20.86 10.51 12.48
C THR A 6 -21.40 9.26 11.80
N ASP A 7 -21.37 9.26 10.48
CA ASP A 7 -21.68 8.07 9.72
C ASP A 7 -20.47 7.16 9.73
N PRO A 8 -20.63 5.88 10.09
CA PRO A 8 -19.52 4.93 10.25
C PRO A 8 -18.60 4.89 9.04
N THR A 9 -19.21 4.88 7.86
CA THR A 9 -18.47 4.82 6.61
C THR A 9 -17.72 6.11 6.32
N VAL A 10 -18.33 7.24 6.65
CA VAL A 10 -17.71 8.54 6.44
C VAL A 10 -16.51 8.71 7.37
N ILE A 11 -16.64 8.19 8.59
CA ILE A 11 -15.55 8.20 9.55
C ILE A 11 -14.34 7.46 8.97
N ALA A 12 -14.60 6.26 8.45
CA ALA A 12 -13.55 5.44 7.86
C ALA A 12 -12.92 6.13 6.65
N GLU A 13 -13.76 6.77 5.84
CA GLU A 13 -13.29 7.46 4.64
C GLU A 13 -12.20 8.48 4.98
N ASN A 14 -12.45 9.30 5.99
CA ASN A 14 -11.50 10.33 6.39
C ASN A 14 -10.25 9.72 7.01
N GLU A 15 -10.41 8.54 7.61
CA GLU A 15 -9.29 7.82 8.19
C GLU A 15 -8.39 7.26 7.09
N LEU A 16 -9.00 6.80 6.01
CA LEU A 16 -8.26 6.31 4.86
C LEU A 16 -7.42 7.43 4.25
N LEU A 17 -8.01 8.61 4.15
CA LEU A 17 -7.34 9.78 3.60
C LEU A 17 -6.16 10.19 4.47
N GLY A 18 -6.36 10.12 5.79
CA GLY A 18 -5.30 10.46 6.72
C GLY A 18 -4.14 9.48 6.63
N ALA A 19 -4.45 8.20 6.49
CA ALA A 19 -3.43 7.18 6.34
C ALA A 19 -2.74 7.31 4.99
N ALA A 20 -3.50 7.73 3.98
CA ALA A 20 -2.98 7.90 2.64
C ALA A 20 -1.86 8.94 2.60
N ALA A 21 -1.99 9.97 3.43
CA ALA A 21 -1.00 11.04 3.49
C ALA A 21 0.39 10.48 3.82
N ALA A 22 0.44 9.50 4.72
CA ALA A 22 1.70 8.90 5.12
C ALA A 22 2.28 8.06 3.99
N ILE A 23 1.41 7.42 3.24
CA ILE A 23 1.82 6.58 2.11
C ILE A 23 2.42 7.43 1.00
N GLU A 24 1.74 8.52 0.66
CA GLU A 24 2.20 9.40 -0.42
C GLU A 24 3.44 10.17 0.00
N ALA A 25 3.57 10.43 1.30
CA ALA A 25 4.74 11.11 1.83
C ALA A 25 5.98 10.25 1.68
N ALA A 26 5.80 8.94 1.66
CA ALA A 26 6.90 8.02 1.45
C ALA A 26 7.36 8.08 0.01
N ALA A 27 6.41 8.03 -0.91
CA ALA A 27 6.73 8.15 -2.34
C ALA A 27 7.43 9.47 -2.61
N LYS A 28 7.06 10.49 -1.84
CA LYS A 28 7.64 11.81 -1.96
C LYS A 28 9.14 11.78 -1.69
N LYS A 29 9.54 11.21 -0.56
CA LYS A 29 10.95 11.14 -0.21
C LYS A 29 11.67 10.12 -1.10
N LEU A 30 10.93 9.13 -1.56
CA LEU A 30 11.46 8.12 -2.47
C LEU A 30 11.90 8.75 -3.79
N GLU A 31 11.16 9.75 -4.24
CA GLU A 31 11.51 10.45 -5.47
C GLU A 31 12.73 11.34 -5.29
N GLN A 32 12.91 11.82 -4.05
CA GLN A 32 14.07 12.63 -3.72
C GLN A 32 15.33 11.78 -3.72
N LEU A 33 15.16 10.52 -3.36
CA LEU A 33 16.26 9.57 -3.32
C LEU A 33 16.66 9.17 -4.74
N LYS A 34 17.96 9.15 -5.00
CA LYS A 34 18.48 8.71 -6.28
C LYS A 34 19.95 8.36 -6.12
N PRO A 35 20.33 7.13 -6.52
CA PRO A 35 21.71 6.67 -6.41
C PRO A 35 22.62 7.32 -7.44
N ARG A 36 23.12 8.50 -7.11
CA ARG A 36 24.02 9.23 -7.98
C ARG A 36 25.16 9.84 -7.20
N ALA A 37 26.22 9.07 -7.03
CA ALA A 37 27.44 9.56 -6.43
C ALA A 37 28.43 9.90 -7.54
N LYS A 38 28.65 11.20 -7.74
CA LYS A 38 29.43 11.74 -8.86
C LYS A 38 28.81 11.38 -10.21
N PRO A 39 29.09 12.19 -11.24
CA PRO A 39 28.66 11.92 -12.61
C PRO A 39 29.44 10.77 -13.24
N LYS A 40 29.28 9.59 -12.66
CA LYS A 40 29.96 8.41 -13.15
C LYS A 40 29.30 7.91 -14.42
N GLU A 41 30.07 7.28 -15.30
CA GLU A 41 29.54 6.75 -16.55
C GLU A 41 28.51 5.66 -16.27
N ALA A 42 27.47 5.61 -17.08
CA ALA A 42 26.35 4.71 -16.86
C ALA A 42 26.71 3.28 -17.27
N ASP A 43 27.45 2.60 -16.40
CA ASP A 43 27.80 1.20 -16.62
C ASP A 43 27.66 0.43 -15.32
N GLU A 44 26.53 -0.27 -15.18
CA GLU A 44 26.21 -1.02 -13.96
C GLU A 44 26.41 -0.19 -12.70
N SER A 45 27.58 -0.32 -12.09
CA SER A 45 27.94 0.43 -10.89
C SER A 45 26.95 0.13 -9.77
N LEU A 46 26.54 -1.14 -9.71
CA LEU A 46 25.52 -1.60 -8.78
C LEU A 46 24.20 -0.90 -9.03
N ASN A 47 23.44 -1.44 -9.97
CA ASN A 47 22.13 -0.89 -10.33
C ASN A 47 21.06 -1.44 -9.40
N PHE A 48 21.50 -2.32 -8.51
CA PHE A 48 20.63 -2.93 -7.50
C PHE A 48 19.88 -1.87 -6.72
N GLU A 49 20.61 -0.91 -6.18
CA GLU A 49 20.01 0.20 -5.42
C GLU A 49 18.94 0.92 -6.22
N GLU A 50 19.17 1.09 -7.52
CA GLU A 50 18.20 1.73 -8.38
C GLU A 50 16.97 0.86 -8.57
N GLN A 51 17.20 -0.44 -8.79
CA GLN A 51 16.11 -1.41 -8.95
C GLN A 51 15.23 -1.42 -7.71
N ILE A 52 15.85 -1.39 -6.54
CA ILE A 52 15.14 -1.37 -5.28
C ILE A 52 14.35 -0.08 -5.14
N LEU A 53 14.95 1.02 -5.56
CA LEU A 53 14.35 2.33 -5.45
C LEU A 53 13.09 2.42 -6.30
N GLU A 54 13.20 2.07 -7.58
CA GLU A 54 12.04 2.14 -8.48
C GLU A 54 10.94 1.21 -8.03
N ALA A 55 11.30 0.00 -7.62
CA ALA A 55 10.30 -0.97 -7.25
C ALA A 55 9.57 -0.53 -5.98
N ALA A 56 10.31 0.05 -5.04
CA ALA A 56 9.73 0.54 -3.81
C ALA A 56 8.78 1.71 -4.07
N LYS A 57 9.21 2.66 -4.91
CA LYS A 57 8.38 3.81 -5.22
C LYS A 57 7.18 3.39 -6.07
N SER A 58 7.32 2.27 -6.78
CA SER A 58 6.20 1.69 -7.51
C SER A 58 5.13 1.21 -6.53
N ILE A 59 5.56 0.58 -5.45
CA ILE A 59 4.66 0.18 -4.37
C ILE A 59 4.04 1.39 -3.74
N ALA A 60 4.86 2.37 -3.38
CA ALA A 60 4.37 3.60 -2.76
C ALA A 60 3.31 4.29 -3.63
N ALA A 61 3.51 4.27 -4.93
CA ALA A 61 2.55 4.85 -5.86
C ALA A 61 1.32 3.95 -6.00
N ALA A 62 1.55 2.65 -6.09
CA ALA A 62 0.47 1.69 -6.23
C ALA A 62 -0.37 1.60 -4.97
N THR A 63 0.27 1.70 -3.81
CA THR A 63 -0.43 1.65 -2.56
C THR A 63 -1.27 2.91 -2.36
N SER A 64 -0.73 4.03 -2.82
CA SER A 64 -1.46 5.29 -2.83
C SER A 64 -2.72 5.15 -3.67
N ALA A 65 -2.57 4.54 -4.85
CA ALA A 65 -3.70 4.28 -5.72
C ALA A 65 -4.72 3.38 -5.03
N LEU A 66 -4.20 2.39 -4.30
CA LEU A 66 -5.05 1.44 -3.60
C LEU A 66 -5.85 2.11 -2.49
N VAL A 67 -5.16 2.85 -1.63
CA VAL A 67 -5.83 3.48 -0.49
C VAL A 67 -6.86 4.51 -0.96
N LYS A 68 -6.53 5.26 -2.01
CA LYS A 68 -7.46 6.23 -2.59
C LYS A 68 -8.66 5.52 -3.22
N ALA A 69 -8.40 4.34 -3.79
CA ALA A 69 -9.44 3.53 -4.38
C ALA A 69 -10.38 3.00 -3.32
N ALA A 70 -9.82 2.74 -2.13
CA ALA A 70 -10.58 2.24 -1.00
C ALA A 70 -11.54 3.31 -0.47
N SER A 71 -11.05 4.54 -0.34
CA SER A 71 -11.87 5.63 0.10
C SER A 71 -13.00 5.90 -0.88
N ALA A 72 -12.69 5.77 -2.17
CA ALA A 72 -13.68 5.93 -3.22
C ALA A 72 -14.63 4.73 -3.22
N ALA A 73 -14.10 3.57 -2.87
CA ALA A 73 -14.87 2.34 -2.82
C ALA A 73 -16.03 2.46 -1.85
N GLN A 74 -15.75 2.99 -0.66
CA GLN A 74 -16.78 3.19 0.34
C GLN A 74 -17.89 4.08 -0.22
N ARG A 75 -17.50 5.24 -0.74
CA ARG A 75 -18.46 6.21 -1.28
C ARG A 75 -19.47 5.57 -2.23
N GLU A 76 -18.98 4.83 -3.22
CA GLU A 76 -19.85 4.17 -4.17
C GLU A 76 -20.69 3.10 -3.48
N LEU A 77 -20.04 2.37 -2.58
CA LEU A 77 -20.67 1.26 -1.86
C LEU A 77 -21.75 1.78 -0.90
N VAL A 78 -21.51 2.95 -0.33
CA VAL A 78 -22.46 3.59 0.55
C VAL A 78 -23.70 4.01 -0.24
N ALA A 79 -23.47 4.65 -1.38
CA ALA A 79 -24.55 5.08 -2.26
C ALA A 79 -25.35 3.88 -2.77
N GLN A 80 -24.67 2.76 -2.97
CA GLN A 80 -25.32 1.53 -3.42
C GLN A 80 -26.12 0.89 -2.28
N GLY A 81 -25.88 1.35 -1.06
CA GLY A 81 -26.60 0.83 0.09
C GLY A 81 -26.14 -0.56 0.47
N LYS A 82 -24.86 -0.83 0.30
CA LYS A 82 -24.31 -2.14 0.61
C LYS A 82 -23.65 -2.13 1.99
N VAL A 83 -23.43 -0.94 2.53
CA VAL A 83 -22.77 -0.78 3.81
C VAL A 83 -23.58 0.12 4.73
N GLY A 84 -23.03 0.42 5.90
CA GLY A 84 -23.73 1.25 6.87
C GLY A 84 -23.68 2.71 6.49
N ALA A 85 -24.74 3.17 5.85
CA ALA A 85 -24.83 4.57 5.45
C ALA A 85 -25.52 5.37 6.52
N ILE A 86 -25.93 4.67 7.57
CA ILE A 86 -26.65 5.26 8.68
C ILE A 86 -26.05 4.76 10.00
N PRO A 87 -25.70 5.69 10.91
CA PRO A 87 -25.15 5.35 12.25
C PRO A 87 -25.98 4.31 13.01
N ALA A 88 -27.26 4.18 12.67
CA ALA A 88 -28.11 3.14 13.25
C ALA A 88 -27.60 1.75 12.90
N ASN A 89 -26.88 1.66 11.79
CA ASN A 89 -26.29 0.39 11.33
C ASN A 89 -24.79 0.38 11.59
N ALA A 90 -24.35 1.22 12.51
CA ALA A 90 -22.93 1.31 12.85
C ALA A 90 -22.49 0.09 13.65
N LEU A 91 -23.45 -0.64 14.19
CA LEU A 91 -23.16 -1.87 14.94
C LEU A 91 -22.40 -2.85 14.03
N ASP A 92 -22.97 -3.11 12.86
CA ASP A 92 -22.34 -4.03 11.90
C ASP A 92 -21.22 -3.34 11.13
N ASP A 93 -21.53 -2.17 10.57
CA ASP A 93 -20.60 -1.47 9.70
C ASP A 93 -19.40 -0.99 10.47
N GLY A 94 -19.59 -0.68 11.74
CA GLY A 94 -18.49 -0.25 12.57
C GLY A 94 -17.42 -1.30 12.67
N GLN A 95 -17.82 -2.57 12.61
CA GLN A 95 -16.87 -3.67 12.68
C GLN A 95 -16.13 -3.78 11.35
N TRP A 96 -16.80 -3.37 10.29
CA TRP A 96 -16.22 -3.40 8.96
C TRP A 96 -15.31 -2.20 8.73
N SER A 97 -15.86 -1.00 8.97
CA SER A 97 -15.13 0.22 8.75
C SER A 97 -13.91 0.32 9.67
N GLN A 98 -14.05 -0.09 10.93
CA GLN A 98 -12.91 -0.10 11.85
C GLN A 98 -11.84 -1.07 11.37
N GLY A 99 -12.28 -2.20 10.80
CA GLY A 99 -11.35 -3.14 10.24
C GLY A 99 -10.61 -2.55 9.05
N LEU A 100 -11.35 -1.89 8.18
CA LEU A 100 -10.79 -1.19 7.03
C LEU A 100 -9.84 -0.09 7.49
N ILE A 101 -10.26 0.65 8.52
CA ILE A 101 -9.43 1.69 9.14
C ILE A 101 -8.12 1.11 9.65
N SER A 102 -8.21 0.01 10.39
CA SER A 102 -7.04 -0.64 10.96
C SER A 102 -6.11 -1.13 9.87
N ALA A 103 -6.69 -1.74 8.84
CA ALA A 103 -5.92 -2.23 7.71
C ALA A 103 -5.19 -1.11 7.02
N ALA A 104 -5.84 0.05 6.90
CA ALA A 104 -5.23 1.21 6.26
C ALA A 104 -3.99 1.69 7.03
N ARG A 105 -4.11 1.77 8.35
CA ARG A 105 -2.96 2.15 9.18
C ARG A 105 -1.89 1.08 9.09
N MET A 106 -2.32 -0.16 8.98
CA MET A 106 -1.41 -1.29 8.85
C MET A 106 -0.66 -1.24 7.52
N VAL A 107 -1.39 -1.06 6.42
CA VAL A 107 -0.76 -0.99 5.10
C VAL A 107 0.13 0.24 5.01
N ALA A 108 -0.31 1.33 5.63
CA ALA A 108 0.47 2.57 5.64
C ALA A 108 1.81 2.36 6.32
N ALA A 109 1.80 1.62 7.42
CA ALA A 109 3.02 1.38 8.17
C ALA A 109 3.90 0.36 7.45
N ALA A 110 3.31 -0.76 7.05
CA ALA A 110 4.04 -1.83 6.37
C ALA A 110 4.72 -1.31 5.11
N THR A 111 3.96 -0.62 4.26
CA THR A 111 4.49 -0.13 3.00
C THR A 111 5.54 0.95 3.24
N ASN A 112 5.37 1.72 4.32
CA ASN A 112 6.28 2.81 4.65
C ASN A 112 7.59 2.25 5.18
N ASN A 113 7.49 1.18 5.98
CA ASN A 113 8.66 0.54 6.53
C ASN A 113 9.52 -0.06 5.42
N LEU A 114 8.86 -0.54 4.38
CA LEU A 114 9.55 -1.08 3.21
C LEU A 114 10.24 0.04 2.45
N CYS A 115 9.60 1.21 2.42
CA CYS A 115 10.19 2.38 1.82
C CYS A 115 11.49 2.75 2.53
N GLU A 116 11.48 2.63 3.86
CA GLU A 116 12.66 2.84 4.67
C GLU A 116 13.71 1.76 4.43
N ALA A 117 13.25 0.55 4.16
CA ALA A 117 14.16 -0.56 3.85
C ALA A 117 14.87 -0.29 2.53
N ALA A 118 14.12 0.18 1.55
CA ALA A 118 14.69 0.58 0.27
C ALA A 118 15.64 1.77 0.45
N ASN A 119 15.22 2.73 1.26
CA ASN A 119 16.02 3.92 1.56
C ASN A 119 17.40 3.51 2.07
N ALA A 120 17.42 2.58 3.01
CA ALA A 120 18.67 2.06 3.57
C ALA A 120 19.52 1.43 2.48
N ALA A 121 18.89 0.62 1.64
CA ALA A 121 19.59 -0.10 0.57
C ALA A 121 20.30 0.87 -0.37
N VAL A 122 19.61 1.94 -0.76
CA VAL A 122 20.17 2.94 -1.66
C VAL A 122 21.40 3.58 -1.05
N GLN A 123 21.33 3.84 0.24
CA GLN A 123 22.37 4.57 0.95
C GLN A 123 23.51 3.65 1.40
N GLY A 124 23.52 2.43 0.86
CA GLY A 124 24.63 1.52 1.10
C GLY A 124 24.41 0.62 2.30
N HIS A 125 23.17 0.49 2.73
CA HIS A 125 22.84 -0.41 3.83
C HIS A 125 21.75 -1.39 3.38
N ALA A 126 22.15 -2.36 2.57
CA ALA A 126 21.19 -3.28 1.98
C ALA A 126 21.29 -4.66 2.59
N SER A 127 20.14 -5.22 2.92
CA SER A 127 20.03 -6.60 3.34
C SER A 127 18.81 -7.21 2.69
N GLN A 128 19.03 -8.04 1.68
CA GLN A 128 17.93 -8.63 0.95
C GLN A 128 17.09 -9.54 1.83
N GLU A 129 17.67 -9.95 2.95
CA GLU A 129 16.97 -10.79 3.91
C GLU A 129 15.78 -10.03 4.50
N LYS A 130 16.06 -8.89 5.12
CA LYS A 130 15.01 -8.06 5.70
C LYS A 130 14.10 -7.52 4.62
N LEU A 131 14.68 -7.28 3.44
CA LEU A 131 13.96 -6.69 2.33
C LEU A 131 12.91 -7.65 1.78
N ILE A 132 13.33 -8.87 1.45
CA ILE A 132 12.41 -9.87 0.92
C ILE A 132 11.33 -10.22 1.95
N SER A 133 11.74 -10.34 3.21
CA SER A 133 10.82 -10.70 4.29
C SER A 133 9.72 -9.65 4.46
N SER A 134 10.11 -8.39 4.52
CA SER A 134 9.15 -7.32 4.74
C SER A 134 8.31 -7.07 3.49
N ALA A 135 8.90 -7.26 2.31
CA ALA A 135 8.21 -7.04 1.05
C ALA A 135 7.04 -8.01 0.91
N LYS A 136 7.21 -9.21 1.44
CA LYS A 136 6.15 -10.20 1.46
C LYS A 136 5.01 -9.71 2.34
N GLN A 137 5.37 -9.24 3.53
CA GLN A 137 4.40 -8.73 4.48
C GLN A 137 3.66 -7.53 3.91
N VAL A 138 4.41 -6.66 3.24
CA VAL A 138 3.81 -5.50 2.59
C VAL A 138 2.75 -5.93 1.60
N ALA A 139 3.14 -6.79 0.67
CA ALA A 139 2.21 -7.31 -0.34
C ALA A 139 1.01 -7.98 0.32
N ALA A 140 1.27 -8.83 1.30
CA ALA A 140 0.21 -9.58 1.96
C ALA A 140 -0.75 -8.66 2.71
N SER A 141 -0.20 -7.74 3.50
CA SER A 141 -0.99 -6.85 4.33
C SER A 141 -1.78 -5.86 3.48
N THR A 142 -1.14 -5.36 2.43
CA THR A 142 -1.77 -4.37 1.57
C THR A 142 -2.85 -5.02 0.70
N ALA A 143 -2.57 -6.23 0.22
CA ALA A 143 -3.56 -6.97 -0.54
C ALA A 143 -4.73 -7.37 0.36
N GLN A 144 -4.48 -7.39 1.66
CA GLN A 144 -5.52 -7.67 2.64
C GLN A 144 -6.45 -6.47 2.80
N LEU A 145 -5.94 -5.28 2.49
CA LEU A 145 -6.75 -4.08 2.48
C LEU A 145 -7.89 -4.24 1.48
N LEU A 146 -7.61 -4.97 0.40
CA LEU A 146 -8.64 -5.34 -0.56
C LEU A 146 -9.68 -6.24 0.10
N VAL A 147 -9.18 -7.27 0.80
CA VAL A 147 -10.04 -8.25 1.45
C VAL A 147 -10.98 -7.57 2.44
N ALA A 148 -10.46 -6.58 3.14
CA ALA A 148 -11.27 -5.81 4.09
C ALA A 148 -12.51 -5.22 3.42
N CYS A 149 -12.32 -4.59 2.28
CA CYS A 149 -13.44 -4.00 1.55
C CYS A 149 -14.26 -5.09 0.87
N LYS A 150 -13.56 -6.13 0.39
CA LYS A 150 -14.17 -7.28 -0.27
C LYS A 150 -15.32 -7.88 0.55
N VAL A 151 -15.21 -7.78 1.88
CA VAL A 151 -16.24 -8.29 2.78
C VAL A 151 -17.62 -7.72 2.44
N LYS A 152 -17.68 -6.43 2.16
CA LYS A 152 -18.95 -5.77 1.87
C LYS A 152 -19.10 -5.49 0.38
N ALA A 153 -18.00 -5.21 -0.29
CA ALA A 153 -18.03 -4.86 -1.71
C ALA A 153 -18.24 -6.08 -2.58
N ASP A 154 -19.02 -5.94 -3.63
CA ASP A 154 -19.25 -7.03 -4.58
C ASP A 154 -18.11 -7.10 -5.57
N GLN A 155 -17.87 -8.28 -6.13
CA GLN A 155 -16.77 -8.50 -7.06
C GLN A 155 -16.96 -7.69 -8.34
N ASP A 156 -18.20 -7.44 -8.71
CA ASP A 156 -18.51 -6.74 -9.95
C ASP A 156 -18.67 -5.24 -9.71
N SER A 157 -18.38 -4.81 -8.49
CA SER A 157 -18.44 -3.40 -8.15
C SER A 157 -17.27 -2.67 -8.81
N GLU A 158 -17.53 -1.49 -9.35
CA GLU A 158 -16.50 -0.71 -10.02
C GLU A 158 -15.44 -0.25 -9.03
N ALA A 159 -15.84 -0.16 -7.76
CA ALA A 159 -14.93 0.13 -6.69
C ALA A 159 -13.92 -1.02 -6.54
N MET A 160 -14.44 -2.23 -6.63
CA MET A 160 -13.64 -3.44 -6.49
C MET A 160 -12.67 -3.56 -7.65
N LYS A 161 -13.10 -3.12 -8.84
CA LYS A 161 -12.28 -3.16 -10.04
C LYS A 161 -10.96 -2.44 -9.82
N ARG A 162 -11.04 -1.19 -9.36
CA ARG A 162 -9.87 -0.39 -9.07
C ARG A 162 -9.07 -1.02 -7.94
N LEU A 163 -9.78 -1.43 -6.90
CA LEU A 163 -9.18 -2.05 -5.73
C LEU A 163 -8.32 -3.24 -6.12
N GLN A 164 -8.89 -4.15 -6.88
CA GLN A 164 -8.18 -5.35 -7.28
C GLN A 164 -6.95 -4.99 -8.12
N ALA A 165 -7.12 -4.04 -9.03
CA ALA A 165 -6.03 -3.62 -9.92
C ALA A 165 -4.88 -3.02 -9.12
N ALA A 166 -5.21 -2.12 -8.20
CA ALA A 166 -4.20 -1.46 -7.38
C ALA A 166 -3.54 -2.45 -6.43
N GLY A 167 -4.35 -3.32 -5.84
CA GLY A 167 -3.84 -4.34 -4.95
C GLY A 167 -2.92 -5.31 -5.67
N ASN A 168 -3.32 -5.67 -6.88
CA ASN A 168 -2.52 -6.54 -7.73
C ASN A 168 -1.16 -5.91 -7.97
N ALA A 169 -1.18 -4.59 -8.18
CA ALA A 169 0.03 -3.83 -8.43
C ALA A 169 0.97 -3.85 -7.22
N VAL A 170 0.40 -3.80 -6.01
CA VAL A 170 1.21 -3.86 -4.80
C VAL A 170 1.97 -5.17 -4.72
N LYS A 171 1.24 -6.26 -4.86
CA LYS A 171 1.80 -7.60 -4.80
C LYS A 171 2.87 -7.76 -5.88
N ARG A 172 2.55 -7.33 -7.08
CA ARG A 172 3.45 -7.41 -8.21
C ARG A 172 4.74 -6.62 -7.96
N ALA A 173 4.56 -5.34 -7.67
CA ALA A 173 5.67 -4.48 -7.30
C ALA A 173 6.52 -5.07 -6.19
N SER A 174 5.88 -5.64 -5.17
CA SER A 174 6.60 -6.27 -4.08
C SER A 174 7.35 -7.50 -4.57
N ASP A 175 6.68 -8.29 -5.41
CA ASP A 175 7.30 -9.43 -6.06
C ASP A 175 8.51 -9.01 -6.89
N ASN A 176 8.40 -7.86 -7.53
CA ASN A 176 9.49 -7.30 -8.33
C ASN A 176 10.64 -6.89 -7.43
N LEU A 177 10.31 -6.32 -6.28
CA LEU A 177 11.32 -5.92 -5.31
C LEU A 177 12.04 -7.14 -4.75
N VAL A 178 11.28 -8.19 -4.46
CA VAL A 178 11.85 -9.45 -4.01
C VAL A 178 12.83 -9.98 -5.05
N LYS A 179 12.38 -10.02 -6.30
CA LYS A 179 13.20 -10.47 -7.41
C LYS A 179 14.53 -9.71 -7.45
N ALA A 180 14.45 -8.39 -7.34
CA ALA A 180 15.66 -7.56 -7.37
C ALA A 180 16.58 -7.89 -6.19
N ALA A 181 15.97 -8.10 -5.03
CA ALA A 181 16.72 -8.48 -3.83
C ALA A 181 17.44 -9.81 -4.05
N GLN A 182 16.79 -10.71 -4.77
CA GLN A 182 17.37 -12.01 -5.07
C GLN A 182 18.63 -11.85 -5.92
N LYS A 183 18.67 -10.80 -6.73
CA LYS A 183 19.84 -10.50 -7.55
C LYS A 183 21.03 -10.12 -6.66
N ALA A 184 20.77 -9.77 -5.41
CA ALA A 184 21.84 -9.38 -4.50
C ALA A 184 22.26 -10.54 -3.60
N ALA A 185 21.74 -11.71 -3.89
CA ALA A 185 22.09 -12.89 -3.10
C ALA A 185 22.31 -14.11 -3.99
N ALA A 186 21.36 -14.35 -4.90
CA ALA A 186 21.37 -15.50 -5.79
C ALA A 186 21.20 -16.81 -5.02
N PHE A 187 19.99 -17.34 -5.07
CA PHE A 187 19.68 -18.61 -4.42
C PHE A 187 19.47 -19.69 -5.47
N GLU A 188 19.94 -19.41 -6.68
CA GLU A 188 19.74 -20.31 -7.81
C GLU A 188 20.84 -21.38 -7.86
N ASP A 189 20.91 -22.16 -6.80
CA ASP A 189 21.87 -23.26 -6.74
C ASP A 189 21.13 -24.59 -6.74
N GLY A 1 -27.93 6.91 3.03
CA GLY A 1 -27.79 7.97 4.06
C GLY A 1 -26.36 8.41 4.22
N ILE A 2 -26.17 9.58 4.82
CA ILE A 2 -24.85 10.12 5.11
C ILE A 2 -24.98 11.47 5.81
N ASP A 3 -24.23 11.67 6.88
CA ASP A 3 -24.25 12.94 7.60
C ASP A 3 -22.84 13.37 8.00
N PRO A 4 -22.64 14.69 8.10
CA PRO A 4 -21.38 15.27 8.54
C PRO A 4 -21.23 15.30 10.05
N PHE A 5 -22.11 14.59 10.74
CA PHE A 5 -22.12 14.60 12.19
C PHE A 5 -21.26 13.48 12.74
N THR A 6 -21.68 12.26 12.51
CA THR A 6 -20.95 11.10 13.02
C THR A 6 -21.29 9.84 12.23
N ASP A 7 -21.54 10.02 10.95
CA ASP A 7 -21.76 8.90 10.04
C ASP A 7 -20.49 8.07 9.94
N PRO A 8 -20.57 6.76 10.19
CA PRO A 8 -19.41 5.88 10.21
C PRO A 8 -18.58 5.92 8.93
N THR A 9 -19.24 6.12 7.80
CA THR A 9 -18.55 6.08 6.51
C THR A 9 -17.72 7.34 6.30
N VAL A 10 -18.24 8.49 6.74
CA VAL A 10 -17.49 9.74 6.66
C VAL A 10 -16.27 9.67 7.56
N ILE A 11 -16.42 8.99 8.70
CA ILE A 11 -15.31 8.76 9.61
C ILE A 11 -14.23 7.94 8.92
N ALA A 12 -14.65 6.83 8.30
CA ALA A 12 -13.74 5.95 7.60
C ALA A 12 -12.99 6.69 6.48
N GLU A 13 -13.72 7.51 5.73
CA GLU A 13 -13.12 8.30 4.65
C GLU A 13 -11.98 9.17 5.18
N ASN A 14 -12.26 9.92 6.25
CA ASN A 14 -11.27 10.80 6.84
C ASN A 14 -10.04 10.03 7.31
N GLU A 15 -10.29 8.85 7.86
CA GLU A 15 -9.22 7.99 8.33
C GLU A 15 -8.37 7.46 7.17
N LEU A 16 -9.03 7.10 6.07
CA LEU A 16 -8.32 6.64 4.88
C LEU A 16 -7.45 7.75 4.30
N LEU A 17 -8.00 8.95 4.19
CA LEU A 17 -7.25 10.10 3.70
C LEU A 17 -6.06 10.39 4.60
N GLY A 18 -6.26 10.23 5.91
CA GLY A 18 -5.18 10.40 6.85
C GLY A 18 -4.08 9.38 6.66
N ALA A 19 -4.48 8.13 6.43
CA ALA A 19 -3.53 7.06 6.16
C ALA A 19 -2.83 7.29 4.82
N ALA A 20 -3.60 7.78 3.85
CA ALA A 20 -3.07 8.08 2.53
C ALA A 20 -1.96 9.12 2.62
N ALA A 21 -2.20 10.15 3.43
CA ALA A 21 -1.22 11.22 3.63
C ALA A 21 0.11 10.65 4.11
N ALA A 22 0.04 9.66 4.99
CA ALA A 22 1.24 9.02 5.52
C ALA A 22 1.94 8.21 4.43
N ILE A 23 1.15 7.46 3.66
CA ILE A 23 1.69 6.65 2.57
C ILE A 23 2.37 7.53 1.52
N GLU A 24 1.69 8.59 1.11
CA GLU A 24 2.21 9.48 0.09
C GLU A 24 3.43 10.25 0.60
N ALA A 25 3.50 10.43 1.92
CA ALA A 25 4.66 11.09 2.53
C ALA A 25 5.88 10.19 2.46
N ALA A 26 5.66 8.88 2.54
CA ALA A 26 6.73 7.92 2.42
C ALA A 26 7.19 7.82 0.97
N ALA A 27 6.22 7.90 0.06
CA ALA A 27 6.51 7.93 -1.37
C ALA A 27 7.32 9.17 -1.73
N LYS A 28 7.07 10.24 -0.98
CA LYS A 28 7.74 11.51 -1.19
C LYS A 28 9.24 11.39 -0.90
N LYS A 29 9.57 10.64 0.14
CA LYS A 29 10.97 10.40 0.47
C LYS A 29 11.58 9.43 -0.53
N LEU A 30 10.76 8.54 -1.06
CA LEU A 30 11.18 7.60 -2.09
C LEU A 30 11.59 8.34 -3.36
N GLU A 31 10.97 9.49 -3.59
CA GLU A 31 11.33 10.33 -4.73
C GLU A 31 12.64 11.07 -4.47
N GLN A 32 12.96 11.26 -3.18
CA GLN A 32 14.15 12.02 -2.79
C GLN A 32 15.43 11.23 -3.02
N LEU A 33 15.30 9.92 -3.03
CA LEU A 33 16.45 9.04 -3.15
C LEU A 33 17.06 9.11 -4.54
N LYS A 34 18.37 9.05 -4.62
CA LYS A 34 19.08 9.07 -5.89
C LYS A 34 20.03 7.88 -5.96
N PRO A 35 19.79 6.97 -6.91
CA PRO A 35 20.59 5.75 -7.06
C PRO A 35 22.04 6.05 -7.40
N ARG A 36 22.95 5.56 -6.58
CA ARG A 36 24.38 5.71 -6.81
C ARG A 36 24.91 4.50 -7.57
N ALA A 37 25.65 4.77 -8.64
CA ALA A 37 26.23 3.71 -9.44
C ALA A 37 27.64 4.08 -9.84
N LYS A 38 28.61 3.32 -9.35
CA LYS A 38 30.00 3.56 -9.68
C LYS A 38 30.28 3.17 -11.13
N PRO A 39 31.20 3.89 -11.79
CA PRO A 39 31.55 3.63 -13.19
C PRO A 39 32.18 2.27 -13.39
N LYS A 40 31.33 1.28 -13.67
CA LYS A 40 31.74 -0.09 -13.97
C LYS A 40 30.50 -0.96 -14.10
N GLU A 41 29.42 -0.35 -14.53
CA GLU A 41 28.11 -1.01 -14.60
C GLU A 41 28.04 -1.95 -15.79
N ALA A 42 28.40 -3.20 -15.59
CA ALA A 42 28.35 -4.21 -16.64
C ALA A 42 27.42 -5.34 -16.24
N ASP A 43 26.17 -4.99 -15.94
CA ASP A 43 25.17 -5.94 -15.47
C ASP A 43 25.67 -6.72 -14.25
N GLU A 44 25.71 -6.04 -13.12
CA GLU A 44 26.15 -6.65 -11.87
C GLU A 44 25.19 -6.23 -10.76
N SER A 45 25.70 -6.10 -9.54
CA SER A 45 24.90 -5.66 -8.42
C SER A 45 24.87 -4.13 -8.37
N LEU A 46 25.09 -3.53 -9.52
CA LEU A 46 25.08 -2.09 -9.65
C LEU A 46 23.76 -1.65 -10.24
N ASN A 47 23.29 -0.48 -9.81
CA ASN A 47 21.95 0.02 -10.17
C ASN A 47 20.88 -0.79 -9.46
N PHE A 48 21.32 -1.67 -8.58
CA PHE A 48 20.43 -2.48 -7.76
C PHE A 48 19.56 -1.59 -6.90
N GLU A 49 20.16 -0.54 -6.36
CA GLU A 49 19.45 0.40 -5.52
C GLU A 49 18.31 1.06 -6.30
N GLU A 50 18.51 1.25 -7.60
CA GLU A 50 17.50 1.88 -8.43
C GLU A 50 16.41 0.88 -8.78
N GLN A 51 16.78 -0.39 -8.92
CA GLN A 51 15.82 -1.45 -9.20
C GLN A 51 14.90 -1.63 -8.00
N ILE A 52 15.47 -1.50 -6.82
CA ILE A 52 14.71 -1.51 -5.59
C ILE A 52 13.87 -0.25 -5.49
N LEU A 53 14.47 0.87 -5.87
CA LEU A 53 13.82 2.17 -5.80
C LEU A 53 12.57 2.21 -6.66
N GLU A 54 12.67 1.80 -7.92
CA GLU A 54 11.52 1.81 -8.82
C GLU A 54 10.42 0.90 -8.33
N ALA A 55 10.79 -0.25 -7.82
CA ALA A 55 9.81 -1.21 -7.36
C ALA A 55 9.11 -0.68 -6.11
N ALA A 56 9.90 -0.12 -5.19
CA ALA A 56 9.36 0.59 -4.04
C ALA A 56 8.42 1.72 -4.49
N LYS A 57 8.85 2.49 -5.49
CA LYS A 57 8.01 3.56 -6.04
C LYS A 57 6.74 3.01 -6.65
N SER A 58 6.84 1.84 -7.28
CA SER A 58 5.69 1.17 -7.83
C SER A 58 4.68 0.83 -6.75
N ILE A 59 5.18 0.29 -5.63
CA ILE A 59 4.35 0.06 -4.45
C ILE A 59 3.82 1.39 -3.93
N ALA A 60 4.69 2.38 -3.83
CA ALA A 60 4.31 3.70 -3.36
C ALA A 60 3.12 4.25 -4.15
N ALA A 61 3.22 4.20 -5.48
CA ALA A 61 2.16 4.69 -6.35
C ALA A 61 0.94 3.78 -6.26
N ALA A 62 1.17 2.48 -6.26
CA ALA A 62 0.08 1.50 -6.22
C ALA A 62 -0.66 1.57 -4.90
N THR A 63 0.06 1.79 -3.81
CA THR A 63 -0.55 1.87 -2.50
C THR A 63 -1.34 3.17 -2.35
N SER A 64 -0.77 4.26 -2.87
CA SER A 64 -1.45 5.54 -2.91
C SER A 64 -2.76 5.41 -3.68
N ALA A 65 -2.71 4.70 -4.79
CA ALA A 65 -3.90 4.43 -5.59
C ALA A 65 -4.85 3.53 -4.82
N LEU A 66 -4.30 2.53 -4.14
CA LEU A 66 -5.11 1.56 -3.40
C LEU A 66 -5.93 2.21 -2.30
N VAL A 67 -5.28 3.02 -1.47
CA VAL A 67 -5.96 3.66 -0.35
C VAL A 67 -7.02 4.65 -0.84
N LYS A 68 -6.75 5.30 -1.97
CA LYS A 68 -7.72 6.21 -2.58
C LYS A 68 -8.84 5.42 -3.22
N ALA A 69 -8.50 4.27 -3.79
CA ALA A 69 -9.48 3.38 -4.41
C ALA A 69 -10.38 2.78 -3.35
N ALA A 70 -9.84 2.55 -2.16
CA ALA A 70 -10.63 2.05 -1.04
C ALA A 70 -11.72 3.05 -0.67
N SER A 71 -11.34 4.33 -0.63
CA SER A 71 -12.30 5.39 -0.34
C SER A 71 -13.30 5.52 -1.49
N ALA A 72 -12.81 5.34 -2.72
CA ALA A 72 -13.68 5.38 -3.89
C ALA A 72 -14.64 4.20 -3.89
N ALA A 73 -14.14 3.04 -3.46
CA ALA A 73 -14.97 1.85 -3.33
C ALA A 73 -16.10 2.10 -2.34
N GLN A 74 -15.74 2.65 -1.18
CA GLN A 74 -16.73 3.01 -0.17
C GLN A 74 -17.70 4.03 -0.75
N ARG A 75 -17.17 5.04 -1.43
CA ARG A 75 -17.97 6.13 -1.98
C ARG A 75 -19.19 5.60 -2.75
N GLU A 76 -18.97 4.63 -3.62
CA GLU A 76 -20.06 4.04 -4.38
C GLU A 76 -20.85 3.04 -3.54
N LEU A 77 -20.14 2.31 -2.69
CA LEU A 77 -20.75 1.29 -1.84
C LEU A 77 -21.70 1.95 -0.82
N VAL A 78 -21.32 3.14 -0.39
CA VAL A 78 -22.12 3.94 0.53
C VAL A 78 -23.33 4.51 -0.18
N ALA A 79 -23.11 5.04 -1.39
CA ALA A 79 -24.18 5.59 -2.21
C ALA A 79 -25.20 4.51 -2.54
N GLN A 80 -24.73 3.29 -2.72
CA GLN A 80 -25.56 2.16 -3.05
C GLN A 80 -26.25 1.62 -1.79
N GLY A 81 -25.70 1.98 -0.62
CA GLY A 81 -26.32 1.63 0.63
C GLY A 81 -26.12 0.17 1.02
N LYS A 82 -25.03 -0.41 0.55
CA LYS A 82 -24.75 -1.81 0.82
C LYS A 82 -24.00 -1.96 2.15
N VAL A 83 -23.51 -0.84 2.65
CA VAL A 83 -22.83 -0.81 3.94
C VAL A 83 -23.77 -0.23 5.00
N GLY A 84 -23.24 0.06 6.17
CA GLY A 84 -24.05 0.64 7.23
C GLY A 84 -23.80 2.13 7.34
N ALA A 85 -24.07 2.85 6.27
CA ALA A 85 -23.82 4.30 6.21
C ALA A 85 -24.90 5.06 6.96
N ILE A 86 -25.10 4.69 8.21
CA ILE A 86 -26.07 5.29 9.10
C ILE A 86 -25.57 5.10 10.53
N PRO A 87 -25.36 6.18 11.30
CA PRO A 87 -24.96 6.11 12.71
C PRO A 87 -25.74 5.08 13.52
N ALA A 88 -27.02 4.90 13.20
CA ALA A 88 -27.85 3.91 13.86
C ALA A 88 -27.42 2.49 13.48
N ASN A 89 -26.96 2.32 12.25
CA ASN A 89 -26.52 1.01 11.75
C ASN A 89 -25.01 0.88 11.84
N ALA A 90 -24.40 1.77 12.64
CA ALA A 90 -22.96 1.77 12.87
C ALA A 90 -22.52 0.49 13.57
N LEU A 91 -23.48 -0.21 14.16
CA LEU A 91 -23.22 -1.46 14.85
C LEU A 91 -22.44 -2.41 13.95
N ASP A 92 -22.96 -2.70 12.77
CA ASP A 92 -22.32 -3.64 11.86
C ASP A 92 -21.18 -2.97 11.09
N ASP A 93 -21.45 -1.77 10.60
CA ASP A 93 -20.50 -1.07 9.74
C ASP A 93 -19.27 -0.63 10.51
N GLY A 94 -19.47 -0.24 11.76
CA GLY A 94 -18.36 0.20 12.58
C GLY A 94 -17.30 -0.87 12.73
N GLN A 95 -17.73 -2.13 12.69
CA GLN A 95 -16.78 -3.23 12.82
C GLN A 95 -16.04 -3.44 11.52
N TRP A 96 -16.72 -3.12 10.43
CA TRP A 96 -16.13 -3.23 9.10
C TRP A 96 -15.21 -2.04 8.84
N SER A 97 -15.72 -0.84 9.05
CA SER A 97 -14.98 0.38 8.79
C SER A 97 -13.74 0.47 9.67
N GLN A 98 -13.86 0.12 10.96
CA GLN A 98 -12.70 0.11 11.84
C GLN A 98 -11.70 -0.95 11.39
N GLY A 99 -12.20 -2.02 10.80
CA GLY A 99 -11.32 -3.04 10.24
C GLY A 99 -10.58 -2.52 9.02
N LEU A 100 -11.31 -1.82 8.16
CA LEU A 100 -10.73 -1.20 6.98
C LEU A 100 -9.74 -0.11 7.39
N ILE A 101 -10.14 0.67 8.40
CA ILE A 101 -9.30 1.73 8.93
C ILE A 101 -8.00 1.18 9.52
N SER A 102 -8.11 0.18 10.38
CA SER A 102 -6.93 -0.42 11.00
C SER A 102 -6.05 -1.07 9.93
N ALA A 103 -6.68 -1.69 8.94
CA ALA A 103 -5.95 -2.28 7.83
C ALA A 103 -5.19 -1.21 7.05
N ALA A 104 -5.80 -0.04 6.91
CA ALA A 104 -5.15 1.07 6.21
C ALA A 104 -3.92 1.57 6.96
N ARG A 105 -4.00 1.59 8.29
CA ARG A 105 -2.84 1.94 9.10
C ARG A 105 -1.81 0.83 9.06
N MET A 106 -2.31 -0.40 8.94
CA MET A 106 -1.44 -1.56 8.82
C MET A 106 -0.67 -1.54 7.51
N VAL A 107 -1.38 -1.31 6.40
CA VAL A 107 -0.71 -1.23 5.10
C VAL A 107 0.23 -0.03 5.06
N ALA A 108 -0.18 1.06 5.71
CA ALA A 108 0.65 2.26 5.77
C ALA A 108 1.95 1.97 6.50
N ALA A 109 1.85 1.22 7.60
CA ALA A 109 3.04 0.89 8.37
C ALA A 109 3.92 -0.08 7.60
N ALA A 110 3.31 -1.12 7.04
CA ALA A 110 4.04 -2.13 6.27
C ALA A 110 4.76 -1.49 5.08
N THR A 111 4.02 -0.74 4.28
CA THR A 111 4.59 -0.10 3.09
C THR A 111 5.61 0.98 3.50
N ASN A 112 5.44 1.53 4.70
CA ASN A 112 6.36 2.52 5.25
C ASN A 112 7.67 1.85 5.63
N ASN A 113 7.55 0.66 6.20
CA ASN A 113 8.73 -0.13 6.57
C ASN A 113 9.55 -0.45 5.34
N LEU A 114 8.87 -0.71 4.23
CA LEU A 114 9.52 -0.98 2.97
C LEU A 114 10.16 0.29 2.43
N CYS A 115 9.48 1.41 2.60
CA CYS A 115 10.05 2.71 2.24
C CYS A 115 11.38 2.89 2.95
N GLU A 116 11.43 2.52 4.22
CA GLU A 116 12.65 2.60 4.99
C GLU A 116 13.65 1.52 4.56
N ALA A 117 13.15 0.37 4.11
CA ALA A 117 14.02 -0.70 3.66
C ALA A 117 14.72 -0.29 2.37
N ALA A 118 13.97 0.32 1.46
CA ALA A 118 14.52 0.83 0.23
C ALA A 118 15.46 1.99 0.50
N ASN A 119 15.02 2.90 1.38
CA ASN A 119 15.83 4.05 1.78
C ASN A 119 17.18 3.60 2.30
N ALA A 120 17.18 2.54 3.11
CA ALA A 120 18.41 2.00 3.65
C ALA A 120 19.24 1.35 2.55
N ALA A 121 18.58 0.58 1.69
CA ALA A 121 19.26 -0.17 0.63
C ALA A 121 20.02 0.76 -0.31
N VAL A 122 19.39 1.86 -0.68
CA VAL A 122 20.01 2.83 -1.59
C VAL A 122 21.24 3.46 -0.95
N GLN A 123 21.13 3.75 0.34
CA GLN A 123 22.14 4.53 1.04
C GLN A 123 23.26 3.66 1.61
N GLY A 124 23.36 2.43 1.13
CA GLY A 124 24.48 1.59 1.49
C GLY A 124 24.11 0.43 2.39
N HIS A 125 22.95 0.51 3.02
CA HIS A 125 22.51 -0.55 3.92
C HIS A 125 21.72 -1.60 3.15
N ALA A 126 22.44 -2.42 2.40
CA ALA A 126 21.82 -3.44 1.59
C ALA A 126 21.70 -4.75 2.36
N SER A 127 20.50 -5.04 2.80
CA SER A 127 20.21 -6.29 3.47
C SER A 127 19.04 -6.95 2.77
N GLN A 128 19.34 -7.91 1.91
CA GLN A 128 18.32 -8.56 1.11
C GLN A 128 17.37 -9.34 2.01
N GLU A 129 17.88 -9.77 3.16
CA GLU A 129 17.09 -10.50 4.13
C GLU A 129 15.90 -9.67 4.59
N LYS A 130 16.17 -8.45 5.04
CA LYS A 130 15.11 -7.57 5.53
C LYS A 130 14.30 -7.02 4.36
N LEU A 131 14.98 -6.83 3.23
CA LEU A 131 14.35 -6.25 2.05
C LEU A 131 13.28 -7.18 1.49
N ILE A 132 13.65 -8.45 1.32
CA ILE A 132 12.71 -9.45 0.83
C ILE A 132 11.57 -9.67 1.83
N SER A 133 11.93 -9.83 3.10
CA SER A 133 10.94 -10.08 4.14
C SER A 133 9.94 -8.93 4.23
N SER A 134 10.44 -7.70 4.23
CA SER A 134 9.58 -6.53 4.36
C SER A 134 8.64 -6.41 3.16
N ALA A 135 9.18 -6.67 1.96
CA ALA A 135 8.41 -6.53 0.74
C ALA A 135 7.31 -7.59 0.68
N LYS A 136 7.61 -8.77 1.22
CA LYS A 136 6.65 -9.85 1.25
C LYS A 136 5.58 -9.59 2.32
N GLN A 137 5.95 -8.88 3.37
CA GLN A 137 4.98 -8.43 4.37
C GLN A 137 4.07 -7.36 3.78
N VAL A 138 4.67 -6.43 3.05
CA VAL A 138 3.92 -5.39 2.38
C VAL A 138 2.85 -5.98 1.48
N ALA A 139 3.27 -6.83 0.55
CA ALA A 139 2.37 -7.43 -0.41
C ALA A 139 1.27 -8.21 0.30
N ALA A 140 1.58 -8.80 1.44
CA ALA A 140 0.60 -9.59 2.17
C ALA A 140 -0.41 -8.71 2.90
N SER A 141 0.08 -7.78 3.69
CA SER A 141 -0.79 -6.94 4.51
C SER A 141 -1.55 -5.93 3.66
N THR A 142 -0.95 -5.49 2.56
CA THR A 142 -1.59 -4.52 1.70
C THR A 142 -2.70 -5.17 0.87
N ALA A 143 -2.45 -6.39 0.40
CA ALA A 143 -3.46 -7.09 -0.37
C ALA A 143 -4.65 -7.45 0.52
N GLN A 144 -4.40 -7.52 1.84
CA GLN A 144 -5.46 -7.79 2.80
C GLN A 144 -6.39 -6.58 2.93
N LEU A 145 -5.87 -5.40 2.59
CA LEU A 145 -6.67 -4.19 2.57
C LEU A 145 -7.78 -4.34 1.53
N LEU A 146 -7.47 -5.05 0.47
CA LEU A 146 -8.46 -5.38 -0.55
C LEU A 146 -9.53 -6.30 0.04
N VAL A 147 -9.08 -7.32 0.75
CA VAL A 147 -9.98 -8.28 1.37
C VAL A 147 -10.94 -7.58 2.32
N ALA A 148 -10.43 -6.57 3.03
CA ALA A 148 -11.24 -5.79 3.96
C ALA A 148 -12.42 -5.14 3.23
N CYS A 149 -12.14 -4.51 2.10
CA CYS A 149 -13.20 -3.90 1.30
C CYS A 149 -14.13 -4.97 0.73
N LYS A 150 -13.53 -6.06 0.24
CA LYS A 150 -14.29 -7.16 -0.38
C LYS A 150 -15.33 -7.76 0.57
N VAL A 151 -15.15 -7.56 1.88
CA VAL A 151 -16.11 -8.05 2.86
C VAL A 151 -17.51 -7.49 2.58
N LYS A 152 -17.58 -6.21 2.24
CA LYS A 152 -18.87 -5.58 1.94
C LYS A 152 -19.01 -5.30 0.45
N ALA A 153 -17.90 -5.13 -0.24
CA ALA A 153 -17.91 -4.86 -1.69
C ALA A 153 -18.11 -6.15 -2.46
N ASP A 154 -18.61 -6.04 -3.68
CA ASP A 154 -18.82 -7.21 -4.52
C ASP A 154 -17.64 -7.39 -5.47
N GLN A 155 -17.34 -8.63 -5.80
CA GLN A 155 -16.19 -8.96 -6.64
C GLN A 155 -16.31 -8.34 -8.03
N ASP A 156 -17.52 -8.27 -8.55
CA ASP A 156 -17.75 -7.79 -9.91
C ASP A 156 -17.88 -6.27 -9.94
N SER A 157 -18.01 -5.67 -8.77
CA SER A 157 -18.22 -4.24 -8.66
C SER A 157 -16.99 -3.49 -9.20
N GLU A 158 -17.22 -2.60 -10.16
CA GLU A 158 -16.13 -1.88 -10.82
C GLU A 158 -15.27 -1.10 -9.83
N ALA A 159 -15.91 -0.51 -8.82
CA ALA A 159 -15.19 0.23 -7.79
C ALA A 159 -14.22 -0.69 -7.06
N MET A 160 -14.65 -1.92 -6.85
CA MET A 160 -13.84 -2.92 -6.17
C MET A 160 -12.85 -3.55 -7.14
N LYS A 161 -13.23 -3.57 -8.41
CA LYS A 161 -12.40 -4.15 -9.45
C LYS A 161 -11.14 -3.31 -9.68
N ARG A 162 -11.31 -1.99 -9.66
CA ARG A 162 -10.17 -1.09 -9.78
C ARG A 162 -9.31 -1.20 -8.52
N LEU A 163 -9.96 -1.41 -7.39
CA LEU A 163 -9.28 -1.60 -6.12
C LEU A 163 -8.42 -2.86 -6.19
N GLN A 164 -8.98 -3.91 -6.77
CA GLN A 164 -8.27 -5.17 -6.98
C GLN A 164 -7.01 -4.95 -7.81
N ALA A 165 -7.12 -4.14 -8.85
CA ALA A 165 -6.00 -3.86 -9.74
C ALA A 165 -4.85 -3.19 -8.99
N ALA A 166 -5.18 -2.33 -8.04
CA ALA A 166 -4.18 -1.63 -7.25
C ALA A 166 -3.46 -2.59 -6.31
N GLY A 167 -4.23 -3.48 -5.69
CA GLY A 167 -3.65 -4.49 -4.80
C GLY A 167 -2.76 -5.46 -5.54
N ASN A 168 -3.18 -5.81 -6.75
CA ASN A 168 -2.41 -6.69 -7.62
C ASN A 168 -1.04 -6.06 -7.89
N ALA A 169 -1.05 -4.75 -8.11
CA ALA A 169 0.16 -4.00 -8.38
C ALA A 169 1.11 -4.01 -7.17
N VAL A 170 0.56 -3.93 -5.97
CA VAL A 170 1.39 -3.96 -4.76
C VAL A 170 2.15 -5.27 -4.69
N LYS A 171 1.41 -6.36 -4.86
CA LYS A 171 1.98 -7.71 -4.84
C LYS A 171 3.04 -7.85 -5.91
N ARG A 172 2.71 -7.42 -7.12
CA ARG A 172 3.60 -7.55 -8.26
C ARG A 172 4.87 -6.73 -8.08
N ALA A 173 4.69 -5.50 -7.61
CA ALA A 173 5.84 -4.62 -7.35
C ALA A 173 6.70 -5.18 -6.23
N SER A 174 6.07 -5.76 -5.23
CA SER A 174 6.80 -6.39 -4.13
C SER A 174 7.52 -7.65 -4.62
N ASP A 175 6.85 -8.40 -5.48
CA ASP A 175 7.45 -9.57 -6.13
C ASP A 175 8.71 -9.17 -6.88
N ASN A 176 8.60 -8.14 -7.71
CA ASN A 176 9.73 -7.65 -8.49
C ASN A 176 10.84 -7.13 -7.59
N LEU A 177 10.44 -6.50 -6.49
CA LEU A 177 11.39 -5.98 -5.51
C LEU A 177 12.18 -7.13 -4.89
N VAL A 178 11.47 -8.21 -4.56
CA VAL A 178 12.11 -9.42 -4.06
C VAL A 178 13.05 -10.00 -5.13
N LYS A 179 12.56 -10.04 -6.36
CA LYS A 179 13.35 -10.53 -7.49
C LYS A 179 14.66 -9.74 -7.62
N ALA A 180 14.56 -8.40 -7.59
CA ALA A 180 15.73 -7.55 -7.71
C ALA A 180 16.70 -7.80 -6.55
N ALA A 181 16.16 -8.01 -5.37
CA ALA A 181 16.99 -8.33 -4.20
C ALA A 181 17.85 -9.57 -4.45
N GLN A 182 17.32 -10.50 -5.23
CA GLN A 182 18.04 -11.74 -5.53
C GLN A 182 19.26 -11.46 -6.42
N LYS A 183 19.22 -10.33 -7.11
CA LYS A 183 20.34 -9.89 -7.93
C LYS A 183 21.54 -9.49 -7.09
N ALA A 184 21.28 -8.89 -5.93
CA ALA A 184 22.35 -8.37 -5.09
C ALA A 184 22.76 -9.37 -4.02
N ALA A 185 22.34 -10.61 -4.20
CA ALA A 185 22.70 -11.66 -3.26
C ALA A 185 22.72 -13.01 -3.97
N ALA A 186 22.86 -14.08 -3.19
CA ALA A 186 22.86 -15.41 -3.75
C ALA A 186 21.79 -16.26 -3.08
N PHE A 187 20.63 -16.33 -3.71
CA PHE A 187 19.53 -17.16 -3.21
C PHE A 187 19.30 -18.31 -4.16
N GLU A 188 20.22 -18.47 -5.08
CA GLU A 188 20.13 -19.49 -6.11
C GLU A 188 20.83 -20.77 -5.67
N ASP A 189 20.12 -21.56 -4.89
CA ASP A 189 20.63 -22.81 -4.36
C ASP A 189 19.66 -23.94 -4.65
N GLY A 1 -20.93 22.18 11.48
CA GLY A 1 -20.79 22.02 12.95
C GLY A 1 -20.42 20.60 13.34
N ILE A 2 -21.43 19.79 13.59
CA ILE A 2 -21.24 18.40 13.93
C ILE A 2 -22.52 17.62 13.66
N ASP A 3 -22.47 16.71 12.70
CA ASP A 3 -23.65 15.98 12.30
C ASP A 3 -24.11 15.02 13.37
N PRO A 4 -25.43 14.88 13.50
CA PRO A 4 -26.05 13.99 14.45
C PRO A 4 -26.24 12.58 13.88
N PHE A 5 -25.64 12.35 12.73
CA PHE A 5 -25.78 11.08 12.04
C PHE A 5 -24.63 10.15 12.38
N THR A 6 -23.43 10.72 12.40
CA THR A 6 -22.19 9.99 12.67
C THR A 6 -22.09 8.73 11.81
N ASP A 7 -22.26 8.93 10.51
CA ASP A 7 -22.19 7.86 9.51
C ASP A 7 -20.86 7.12 9.64
N PRO A 8 -20.88 5.84 10.00
CA PRO A 8 -19.67 5.06 10.26
C PRO A 8 -18.74 5.01 9.05
N THR A 9 -19.31 4.72 7.89
CA THR A 9 -18.54 4.56 6.67
C THR A 9 -17.90 5.88 6.23
N VAL A 10 -18.57 6.99 6.50
CA VAL A 10 -18.04 8.30 6.16
C VAL A 10 -16.82 8.61 7.01
N ILE A 11 -16.92 8.28 8.29
CA ILE A 11 -15.80 8.46 9.21
C ILE A 11 -14.61 7.61 8.75
N ALA A 12 -14.90 6.43 8.21
CA ALA A 12 -13.87 5.51 7.75
C ALA A 12 -13.18 6.03 6.49
N GLU A 13 -13.97 6.46 5.50
CA GLU A 13 -13.41 6.91 4.23
C GLU A 13 -12.47 8.09 4.43
N ASN A 14 -12.78 8.93 5.41
CA ASN A 14 -11.97 10.10 5.72
C ASN A 14 -10.63 9.69 6.29
N GLU A 15 -10.62 8.62 7.07
CA GLU A 15 -9.40 8.12 7.69
C GLU A 15 -8.46 7.54 6.63
N LEU A 16 -9.03 7.02 5.55
CA LEU A 16 -8.24 6.51 4.45
C LEU A 16 -7.47 7.65 3.78
N LEU A 17 -8.13 8.81 3.67
CA LEU A 17 -7.48 10.00 3.14
C LEU A 17 -6.31 10.40 4.05
N GLY A 18 -6.50 10.26 5.36
CA GLY A 18 -5.45 10.55 6.30
C GLY A 18 -4.29 9.58 6.18
N ALA A 19 -4.62 8.29 6.03
CA ALA A 19 -3.61 7.27 5.84
C ALA A 19 -2.85 7.48 4.53
N ALA A 20 -3.58 7.92 3.51
CA ALA A 20 -2.99 8.24 2.22
C ALA A 20 -1.93 9.32 2.36
N ALA A 21 -2.23 10.33 3.16
CA ALA A 21 -1.30 11.44 3.39
C ALA A 21 -0.02 10.93 4.04
N ALA A 22 -0.14 9.90 4.87
CA ALA A 22 1.00 9.31 5.53
C ALA A 22 1.87 8.54 4.53
N ILE A 23 1.22 7.82 3.64
CA ILE A 23 1.92 7.07 2.61
C ILE A 23 2.61 8.02 1.64
N GLU A 24 1.88 9.06 1.22
CA GLU A 24 2.43 10.06 0.32
C GLU A 24 3.65 10.74 0.91
N ALA A 25 3.67 10.89 2.23
CA ALA A 25 4.80 11.52 2.90
C ALA A 25 6.05 10.64 2.83
N ALA A 26 5.83 9.33 2.77
CA ALA A 26 6.95 8.40 2.62
C ALA A 26 7.36 8.32 1.16
N ALA A 27 6.36 8.28 0.28
CA ALA A 27 6.61 8.31 -1.16
C ALA A 27 7.36 9.58 -1.54
N LYS A 28 7.07 10.65 -0.82
CA LYS A 28 7.69 11.94 -1.02
C LYS A 28 9.20 11.85 -0.82
N LYS A 29 9.63 11.34 0.33
CA LYS A 29 11.05 11.25 0.63
C LYS A 29 11.72 10.18 -0.24
N LEU A 30 10.94 9.22 -0.70
CA LEU A 30 11.42 8.23 -1.66
C LEU A 30 11.88 8.90 -2.95
N GLU A 31 11.10 9.87 -3.41
CA GLU A 31 11.44 10.62 -4.61
C GLU A 31 12.54 11.63 -4.33
N GLN A 32 12.66 12.04 -3.07
CA GLN A 32 13.72 12.95 -2.66
C GLN A 32 15.06 12.22 -2.56
N LEU A 33 15.01 10.90 -2.52
CA LEU A 33 16.22 10.08 -2.47
C LEU A 33 17.01 10.22 -3.75
N LYS A 34 18.33 10.21 -3.62
CA LYS A 34 19.21 10.35 -4.76
C LYS A 34 20.29 9.29 -4.71
N PRO A 35 20.22 8.30 -5.61
CA PRO A 35 21.25 7.28 -5.72
C PRO A 35 22.53 7.84 -6.32
N ARG A 36 23.64 7.69 -5.61
CA ARG A 36 24.91 8.22 -6.08
C ARG A 36 25.94 7.11 -6.23
N ALA A 37 26.62 7.11 -7.36
CA ALA A 37 27.68 6.16 -7.62
C ALA A 37 29.01 6.88 -7.56
N LYS A 38 29.87 6.42 -6.66
CA LYS A 38 31.16 7.07 -6.45
C LYS A 38 31.99 7.04 -7.72
N PRO A 39 32.80 8.07 -7.94
CA PRO A 39 33.68 8.15 -9.11
C PRO A 39 34.76 7.09 -9.07
N LYS A 40 34.43 5.92 -9.60
CA LYS A 40 35.36 4.81 -9.66
C LYS A 40 35.59 4.40 -11.10
N GLU A 41 36.79 3.95 -11.41
CA GLU A 41 37.09 3.40 -12.72
C GLU A 41 36.96 1.89 -12.67
N ALA A 42 36.26 1.43 -11.64
CA ALA A 42 36.02 0.01 -11.44
C ALA A 42 34.61 -0.34 -11.90
N ASP A 43 34.52 -1.07 -12.99
CA ASP A 43 33.24 -1.46 -13.56
C ASP A 43 32.52 -2.47 -12.67
N GLU A 44 31.57 -1.99 -11.88
CA GLU A 44 30.72 -2.86 -11.11
C GLU A 44 29.29 -2.75 -11.62
N SER A 45 28.89 -3.74 -12.39
CA SER A 45 27.59 -3.71 -13.04
C SER A 45 26.48 -4.15 -12.08
N LEU A 46 26.27 -3.34 -11.06
CA LEU A 46 25.28 -3.63 -10.04
C LEU A 46 24.22 -2.53 -10.04
N ASN A 47 23.12 -2.77 -10.74
CA ASN A 47 22.03 -1.80 -10.82
C ASN A 47 20.95 -2.17 -9.81
N PHE A 48 21.34 -2.96 -8.82
CA PHE A 48 20.43 -3.45 -7.80
C PHE A 48 19.69 -2.32 -7.11
N GLU A 49 20.42 -1.30 -6.65
CA GLU A 49 19.83 -0.17 -5.94
C GLU A 49 18.78 0.52 -6.81
N GLU A 50 19.05 0.60 -8.11
CA GLU A 50 18.11 1.21 -9.05
C GLU A 50 16.87 0.35 -9.19
N GLN A 51 17.07 -0.96 -9.34
CA GLN A 51 15.97 -1.92 -9.47
C GLN A 51 15.09 -1.91 -8.22
N ILE A 52 15.70 -1.62 -7.08
CA ILE A 52 14.97 -1.50 -5.82
C ILE A 52 14.23 -0.17 -5.78
N LEU A 53 14.91 0.89 -6.19
CA LEU A 53 14.37 2.24 -6.15
C LEU A 53 13.10 2.35 -7.00
N GLU A 54 13.16 1.87 -8.24
CA GLU A 54 12.01 1.91 -9.13
C GLU A 54 10.83 1.16 -8.53
N ALA A 55 11.07 -0.05 -8.06
CA ALA A 55 10.00 -0.89 -7.55
C ALA A 55 9.39 -0.28 -6.29
N ALA A 56 10.23 0.34 -5.47
CA ALA A 56 9.76 1.03 -4.27
C ALA A 56 8.80 2.16 -4.65
N LYS A 57 9.16 2.90 -5.69
CA LYS A 57 8.30 3.98 -6.20
C LYS A 57 6.99 3.42 -6.72
N SER A 58 7.07 2.26 -7.36
CA SER A 58 5.89 1.58 -7.88
C SER A 58 4.91 1.26 -6.74
N ILE A 59 5.43 0.71 -5.64
CA ILE A 59 4.62 0.42 -4.47
C ILE A 59 4.11 1.71 -3.85
N ALA A 60 4.99 2.69 -3.71
CA ALA A 60 4.61 4.00 -3.15
C ALA A 60 3.42 4.61 -3.90
N ALA A 61 3.49 4.56 -5.21
CA ALA A 61 2.41 5.10 -6.05
C ALA A 61 1.17 4.22 -5.98
N ALA A 62 1.38 2.91 -6.06
CA ALA A 62 0.28 1.97 -6.06
C ALA A 62 -0.47 1.96 -4.73
N THR A 63 0.29 2.06 -3.64
CA THR A 63 -0.32 2.02 -2.31
C THR A 63 -1.14 3.27 -2.05
N SER A 64 -0.59 4.42 -2.39
CA SER A 64 -1.29 5.69 -2.26
C SER A 64 -2.59 5.68 -3.06
N ALA A 65 -2.56 5.02 -4.21
CA ALA A 65 -3.74 4.89 -5.04
C ALA A 65 -4.72 3.89 -4.42
N LEU A 66 -4.18 2.79 -3.90
CA LEU A 66 -5.00 1.72 -3.32
C LEU A 66 -5.90 2.24 -2.21
N VAL A 67 -5.31 2.93 -1.24
CA VAL A 67 -6.05 3.41 -0.08
C VAL A 67 -7.12 4.43 -0.50
N LYS A 68 -6.84 5.21 -1.54
CA LYS A 68 -7.79 6.19 -2.05
C LYS A 68 -8.88 5.51 -2.88
N ALA A 69 -8.48 4.48 -3.62
CA ALA A 69 -9.43 3.71 -4.42
C ALA A 69 -10.40 2.98 -3.52
N ALA A 70 -9.90 2.49 -2.38
CA ALA A 70 -10.74 1.82 -1.39
C ALA A 70 -11.77 2.80 -0.83
N SER A 71 -11.36 4.05 -0.65
CA SER A 71 -12.24 5.09 -0.14
C SER A 71 -13.38 5.33 -1.15
N ALA A 72 -13.02 5.40 -2.42
CA ALA A 72 -14.01 5.57 -3.48
C ALA A 72 -14.89 4.33 -3.58
N ALA A 73 -14.27 3.16 -3.45
CA ALA A 73 -14.99 1.89 -3.45
C ALA A 73 -16.05 1.88 -2.37
N GLN A 74 -15.69 2.38 -1.18
CA GLN A 74 -16.65 2.53 -0.10
C GLN A 74 -17.82 3.37 -0.53
N ARG A 75 -17.50 4.58 -1.02
CA ARG A 75 -18.52 5.57 -1.31
C ARG A 75 -19.49 5.09 -2.39
N GLU A 76 -18.98 4.36 -3.39
CA GLU A 76 -19.85 3.76 -4.40
C GLU A 76 -20.81 2.78 -3.74
N LEU A 77 -20.26 1.92 -2.90
CA LEU A 77 -21.03 0.94 -2.15
C LEU A 77 -22.01 1.63 -1.19
N VAL A 78 -21.58 2.78 -0.69
CA VAL A 78 -22.41 3.62 0.18
C VAL A 78 -23.59 4.19 -0.60
N ALA A 79 -23.31 4.65 -1.82
CA ALA A 79 -24.35 5.16 -2.70
C ALA A 79 -25.36 4.06 -3.04
N GLN A 80 -24.85 2.85 -3.23
CA GLN A 80 -25.70 1.70 -3.53
C GLN A 80 -26.50 1.30 -2.29
N GLY A 81 -26.00 1.69 -1.13
CA GLY A 81 -26.71 1.44 0.12
C GLY A 81 -26.72 -0.01 0.53
N LYS A 82 -25.69 -0.75 0.13
CA LYS A 82 -25.59 -2.15 0.49
C LYS A 82 -24.69 -2.30 1.72
N VAL A 83 -23.89 -1.29 1.97
CA VAL A 83 -23.02 -1.27 3.14
C VAL A 83 -23.74 -0.55 4.29
N GLY A 84 -23.25 -0.73 5.51
CA GLY A 84 -23.87 -0.10 6.67
C GLY A 84 -23.56 1.38 6.77
N ALA A 85 -23.78 2.10 5.69
CA ALA A 85 -23.53 3.53 5.64
C ALA A 85 -24.65 4.29 6.32
N ILE A 86 -25.36 3.59 7.17
CA ILE A 86 -26.50 4.11 7.88
C ILE A 86 -26.23 4.08 9.38
N PRO A 87 -26.25 5.25 10.05
CA PRO A 87 -26.18 5.35 11.50
C PRO A 87 -26.91 4.24 12.26
N ALA A 88 -28.11 3.88 11.80
CA ALA A 88 -28.92 2.84 12.44
C ALA A 88 -28.39 1.43 12.13
N ASN A 89 -27.25 1.36 11.45
CA ASN A 89 -26.59 0.09 11.15
C ASN A 89 -25.09 0.25 11.36
N ALA A 90 -24.74 1.18 12.25
CA ALA A 90 -23.35 1.54 12.48
C ALA A 90 -22.59 0.43 13.20
N LEU A 91 -23.32 -0.46 13.86
CA LEU A 91 -22.71 -1.57 14.57
C LEU A 91 -22.05 -2.51 13.57
N ASP A 92 -22.80 -2.88 12.55
CA ASP A 92 -22.30 -3.79 11.51
C ASP A 92 -21.16 -3.15 10.72
N ASP A 93 -21.39 -1.92 10.25
CA ASP A 93 -20.39 -1.22 9.45
C ASP A 93 -19.17 -0.88 10.28
N GLY A 94 -19.39 -0.55 11.55
CA GLY A 94 -18.29 -0.25 12.44
C GLY A 94 -17.28 -1.37 12.51
N GLN A 95 -17.76 -2.60 12.37
CA GLN A 95 -16.88 -3.76 12.42
C GLN A 95 -16.11 -3.89 11.11
N TRP A 96 -16.71 -3.38 10.05
CA TRP A 96 -16.08 -3.38 8.75
C TRP A 96 -15.10 -2.22 8.61
N SER A 97 -15.60 -1.02 8.91
CA SER A 97 -14.82 0.20 8.75
C SER A 97 -13.65 0.28 9.72
N GLN A 98 -13.84 -0.08 10.99
CA GLN A 98 -12.76 0.02 11.97
C GLN A 98 -11.61 -0.91 11.60
N GLY A 99 -11.95 -2.09 11.07
CA GLY A 99 -10.93 -3.00 10.61
C GLY A 99 -10.23 -2.47 9.37
N LEU A 100 -11.02 -1.89 8.47
CA LEU A 100 -10.50 -1.26 7.26
C LEU A 100 -9.55 -0.11 7.62
N ILE A 101 -9.96 0.71 8.58
CA ILE A 101 -9.15 1.81 9.07
C ILE A 101 -7.82 1.30 9.64
N SER A 102 -7.91 0.27 10.48
CA SER A 102 -6.72 -0.32 11.07
C SER A 102 -5.82 -0.90 9.99
N ALA A 103 -6.43 -1.55 9.01
CA ALA A 103 -5.69 -2.11 7.89
C ALA A 103 -4.95 -1.02 7.12
N ALA A 104 -5.59 0.13 6.96
CA ALA A 104 -4.98 1.25 6.27
C ALA A 104 -3.75 1.76 7.02
N ARG A 105 -3.83 1.84 8.34
CA ARG A 105 -2.68 2.25 9.13
C ARG A 105 -1.64 1.15 9.15
N MET A 106 -2.10 -0.08 9.00
CA MET A 106 -1.19 -1.22 8.92
C MET A 106 -0.42 -1.20 7.60
N VAL A 107 -1.14 -1.04 6.49
CA VAL A 107 -0.50 -0.98 5.18
C VAL A 107 0.41 0.24 5.10
N ALA A 108 -0.03 1.34 5.70
CA ALA A 108 0.77 2.56 5.73
C ALA A 108 2.08 2.31 6.46
N ALA A 109 2.02 1.63 7.59
CA ALA A 109 3.20 1.34 8.37
C ALA A 109 4.10 0.33 7.67
N ALA A 110 3.48 -0.73 7.15
CA ALA A 110 4.23 -1.78 6.47
C ALA A 110 4.94 -1.24 5.24
N THR A 111 4.20 -0.55 4.37
CA THR A 111 4.76 0.00 3.15
C THR A 111 5.83 1.04 3.46
N ASN A 112 5.66 1.75 4.57
CA ASN A 112 6.59 2.79 4.99
C ASN A 112 7.88 2.17 5.48
N ASN A 113 7.76 1.03 6.16
CA ASN A 113 8.94 0.32 6.63
C ASN A 113 9.74 -0.22 5.45
N LEU A 114 9.04 -0.60 4.40
CA LEU A 114 9.69 -1.06 3.18
C LEU A 114 10.42 0.10 2.50
N CYS A 115 9.84 1.30 2.62
CA CYS A 115 10.47 2.50 2.11
C CYS A 115 11.82 2.73 2.80
N GLU A 116 11.88 2.37 4.08
CA GLU A 116 13.10 2.51 4.86
C GLU A 116 14.07 1.37 4.58
N ALA A 117 13.52 0.20 4.26
CA ALA A 117 14.34 -0.94 3.87
C ALA A 117 15.00 -0.67 2.53
N ALA A 118 14.22 -0.11 1.61
CA ALA A 118 14.74 0.30 0.31
C ALA A 118 15.70 1.48 0.47
N ASN A 119 15.39 2.36 1.41
CA ASN A 119 16.24 3.51 1.72
C ASN A 119 17.66 3.06 2.00
N ALA A 120 17.80 2.08 2.88
CA ALA A 120 19.11 1.54 3.24
C ALA A 120 19.79 0.92 2.03
N ALA A 121 19.02 0.23 1.20
CA ALA A 121 19.55 -0.43 0.01
C ALA A 121 20.19 0.57 -0.95
N VAL A 122 19.48 1.67 -1.19
CA VAL A 122 19.97 2.72 -2.09
C VAL A 122 21.25 3.34 -1.54
N GLN A 123 21.31 3.45 -0.22
CA GLN A 123 22.41 4.15 0.44
C GLN A 123 23.63 3.26 0.62
N GLY A 124 23.56 2.04 0.10
CA GLY A 124 24.73 1.17 0.07
C GLY A 124 24.76 0.17 1.21
N HIS A 125 23.65 0.04 1.92
CA HIS A 125 23.57 -0.95 3.00
C HIS A 125 22.29 -1.77 2.84
N ALA A 126 22.32 -2.71 1.92
CA ALA A 126 21.15 -3.52 1.62
C ALA A 126 21.23 -4.87 2.32
N SER A 127 20.08 -5.34 2.79
CA SER A 127 19.97 -6.65 3.39
C SER A 127 18.85 -7.40 2.71
N GLN A 128 19.20 -8.23 1.74
CA GLN A 128 18.20 -8.90 0.90
C GLN A 128 17.30 -9.79 1.74
N GLU A 129 17.81 -10.33 2.83
CA GLU A 129 17.04 -11.17 3.73
C GLU A 129 15.86 -10.37 4.31
N LYS A 130 16.17 -9.19 4.82
CA LYS A 130 15.14 -8.33 5.40
C LYS A 130 14.27 -7.74 4.31
N LEU A 131 14.91 -7.36 3.20
CA LEU A 131 14.23 -6.74 2.08
C LEU A 131 13.12 -7.64 1.52
N ILE A 132 13.46 -8.90 1.26
CA ILE A 132 12.49 -9.86 0.75
C ILE A 132 11.35 -10.04 1.75
N SER A 133 11.69 -10.30 3.00
CA SER A 133 10.71 -10.54 4.04
C SER A 133 9.78 -9.34 4.22
N SER A 134 10.37 -8.15 4.23
CA SER A 134 9.60 -6.92 4.41
C SER A 134 8.63 -6.72 3.24
N ALA A 135 9.11 -6.98 2.03
CA ALA A 135 8.30 -6.80 0.83
C ALA A 135 7.13 -7.77 0.83
N LYS A 136 7.37 -8.96 1.36
CA LYS A 136 6.34 -9.98 1.45
C LYS A 136 5.29 -9.56 2.46
N GLN A 137 5.74 -9.02 3.58
CA GLN A 137 4.85 -8.52 4.61
C GLN A 137 4.01 -7.37 4.08
N VAL A 138 4.64 -6.47 3.34
CA VAL A 138 3.96 -5.35 2.71
C VAL A 138 2.88 -5.87 1.77
N ALA A 139 3.27 -6.73 0.84
CA ALA A 139 2.34 -7.29 -0.12
C ALA A 139 1.17 -7.98 0.56
N ALA A 140 1.46 -8.74 1.62
CA ALA A 140 0.43 -9.48 2.32
C ALA A 140 -0.54 -8.55 3.04
N SER A 141 0.00 -7.58 3.76
CA SER A 141 -0.83 -6.67 4.54
C SER A 141 -1.62 -5.73 3.63
N THR A 142 -0.97 -5.22 2.61
CA THR A 142 -1.60 -4.27 1.70
C THR A 142 -2.66 -4.96 0.85
N ALA A 143 -2.39 -6.18 0.39
CA ALA A 143 -3.36 -6.93 -0.36
C ALA A 143 -4.53 -7.32 0.53
N GLN A 144 -4.27 -7.40 1.84
CA GLN A 144 -5.30 -7.72 2.82
C GLN A 144 -6.22 -6.51 3.02
N LEU A 145 -5.70 -5.32 2.72
CA LEU A 145 -6.51 -4.11 2.74
C LEU A 145 -7.67 -4.27 1.76
N LEU A 146 -7.43 -4.99 0.67
CA LEU A 146 -8.48 -5.34 -0.27
C LEU A 146 -9.47 -6.30 0.36
N VAL A 147 -8.94 -7.30 1.06
CA VAL A 147 -9.76 -8.31 1.72
C VAL A 147 -10.72 -7.67 2.71
N ALA A 148 -10.26 -6.62 3.37
CA ALA A 148 -11.10 -5.87 4.30
C ALA A 148 -12.33 -5.33 3.57
N CYS A 149 -12.13 -4.61 2.47
CA CYS A 149 -13.24 -4.05 1.73
C CYS A 149 -14.06 -5.15 1.06
N LYS A 150 -13.38 -6.23 0.67
CA LYS A 150 -14.00 -7.40 0.04
C LYS A 150 -15.20 -7.93 0.84
N VAL A 151 -15.14 -7.78 2.16
CA VAL A 151 -16.20 -8.29 3.03
C VAL A 151 -17.57 -7.72 2.68
N LYS A 152 -17.63 -6.42 2.44
CA LYS A 152 -18.91 -5.77 2.13
C LYS A 152 -19.02 -5.41 0.65
N ALA A 153 -17.88 -5.17 0.01
CA ALA A 153 -17.88 -4.71 -1.37
C ALA A 153 -17.64 -5.85 -2.34
N ASP A 154 -18.49 -5.95 -3.35
CA ASP A 154 -18.33 -6.94 -4.41
C ASP A 154 -17.34 -6.43 -5.44
N GLN A 155 -16.18 -7.08 -5.51
CA GLN A 155 -15.09 -6.64 -6.37
C GLN A 155 -15.37 -6.94 -7.84
N ASP A 156 -16.56 -7.47 -8.13
CA ASP A 156 -16.99 -7.66 -9.50
C ASP A 156 -17.64 -6.38 -10.02
N SER A 157 -17.83 -5.40 -9.14
CA SER A 157 -18.39 -4.11 -9.51
C SER A 157 -17.30 -3.19 -10.04
N GLU A 158 -17.70 -2.12 -10.72
CA GLU A 158 -16.77 -1.22 -11.41
C GLU A 158 -15.69 -0.65 -10.49
N ALA A 159 -16.11 -0.02 -9.39
CA ALA A 159 -15.17 0.65 -8.50
C ALA A 159 -14.28 -0.36 -7.78
N MET A 160 -14.85 -1.51 -7.45
CA MET A 160 -14.14 -2.51 -6.67
C MET A 160 -13.20 -3.31 -7.57
N LYS A 161 -13.51 -3.31 -8.85
CA LYS A 161 -12.66 -3.96 -9.84
C LYS A 161 -11.33 -3.24 -9.91
N ARG A 162 -11.39 -1.92 -9.79
CA ARG A 162 -10.21 -1.07 -9.82
C ARG A 162 -9.42 -1.24 -8.52
N LEU A 163 -10.15 -1.42 -7.43
CA LEU A 163 -9.54 -1.67 -6.12
C LEU A 163 -8.65 -2.91 -6.21
N GLN A 164 -9.17 -3.95 -6.86
CA GLN A 164 -8.45 -5.21 -7.04
C GLN A 164 -7.15 -4.99 -7.80
N ALA A 165 -7.23 -4.21 -8.88
CA ALA A 165 -6.06 -3.92 -9.71
C ALA A 165 -4.99 -3.18 -8.92
N ALA A 166 -5.41 -2.24 -8.09
CA ALA A 166 -4.48 -1.45 -7.28
C ALA A 166 -3.77 -2.34 -6.26
N GLY A 167 -4.53 -3.25 -5.64
CA GLY A 167 -3.95 -4.18 -4.70
C GLY A 167 -2.99 -5.13 -5.36
N ASN A 168 -3.37 -5.59 -6.55
CA ASN A 168 -2.53 -6.49 -7.35
C ASN A 168 -1.21 -5.79 -7.66
N ALA A 169 -1.28 -4.49 -7.91
CA ALA A 169 -0.09 -3.70 -8.21
C ALA A 169 0.90 -3.74 -7.05
N VAL A 170 0.39 -3.68 -5.82
CA VAL A 170 1.26 -3.74 -4.64
C VAL A 170 1.96 -5.08 -4.58
N LYS A 171 1.17 -6.14 -4.68
CA LYS A 171 1.69 -7.50 -4.62
C LYS A 171 2.71 -7.73 -5.72
N ARG A 172 2.39 -7.32 -6.92
CA ARG A 172 3.26 -7.52 -8.08
C ARG A 172 4.55 -6.72 -7.93
N ALA A 173 4.43 -5.47 -7.49
CA ALA A 173 5.59 -4.62 -7.27
C ALA A 173 6.46 -5.19 -6.15
N SER A 174 5.82 -5.77 -5.14
CA SER A 174 6.53 -6.41 -4.06
C SER A 174 7.22 -7.68 -4.54
N ASP A 175 6.49 -8.48 -5.34
CA ASP A 175 7.08 -9.66 -5.99
C ASP A 175 8.30 -9.27 -6.80
N ASN A 176 8.18 -8.18 -7.53
CA ASN A 176 9.27 -7.65 -8.34
C ASN A 176 10.44 -7.24 -7.45
N LEU A 177 10.13 -6.58 -6.34
CA LEU A 177 11.15 -6.14 -5.39
C LEU A 177 11.84 -7.35 -4.77
N VAL A 178 11.06 -8.38 -4.44
CA VAL A 178 11.60 -9.63 -3.94
C VAL A 178 12.55 -10.24 -4.96
N LYS A 179 12.10 -10.31 -6.20
CA LYS A 179 12.90 -10.86 -7.29
C LYS A 179 14.24 -10.14 -7.38
N ALA A 180 14.19 -8.81 -7.40
CA ALA A 180 15.41 -8.00 -7.50
C ALA A 180 16.37 -8.33 -6.36
N ALA A 181 15.83 -8.51 -5.17
CA ALA A 181 16.63 -8.86 -4.00
C ALA A 181 17.26 -10.24 -4.16
N GLN A 182 16.53 -11.16 -4.76
CA GLN A 182 17.02 -12.52 -4.99
C GLN A 182 18.24 -12.50 -5.91
N LYS A 183 18.29 -11.51 -6.78
CA LYS A 183 19.39 -11.36 -7.73
C LYS A 183 20.69 -11.01 -7.01
N ALA A 184 20.57 -10.17 -5.98
CA ALA A 184 21.74 -9.65 -5.28
C ALA A 184 22.17 -10.56 -4.15
N ALA A 185 21.49 -11.67 -4.00
CA ALA A 185 21.80 -12.60 -2.94
C ALA A 185 21.95 -14.02 -3.47
N ALA A 186 21.78 -14.17 -4.78
CA ALA A 186 21.93 -15.46 -5.46
C ALA A 186 21.05 -16.54 -4.82
N PHE A 187 19.76 -16.51 -5.13
CA PHE A 187 18.84 -17.51 -4.63
C PHE A 187 18.67 -18.64 -5.62
N GLU A 188 19.73 -19.43 -5.76
CA GLU A 188 19.67 -20.63 -6.57
C GLU A 188 18.88 -21.72 -5.83
N ASP A 189 17.59 -21.75 -6.11
CA ASP A 189 16.66 -22.64 -5.42
C ASP A 189 16.99 -24.10 -5.74
N GLY A 1 -22.80 7.92 21.19
CA GLY A 1 -22.49 6.57 20.63
C GLY A 1 -23.09 6.39 19.25
N ILE A 2 -24.36 6.03 19.19
CA ILE A 2 -25.06 5.92 17.93
C ILE A 2 -25.70 7.26 17.59
N ASP A 3 -24.91 8.16 17.03
CA ASP A 3 -25.41 9.50 16.72
C ASP A 3 -25.49 9.70 15.22
N PRO A 4 -26.49 10.48 14.79
CA PRO A 4 -26.85 10.63 13.37
C PRO A 4 -25.82 11.41 12.56
N PHE A 5 -24.86 11.98 13.25
CA PHE A 5 -23.84 12.78 12.59
C PHE A 5 -22.50 12.05 12.54
N THR A 6 -22.46 10.86 13.10
CA THR A 6 -21.25 10.06 13.08
C THR A 6 -21.39 8.85 12.16
N ASP A 7 -21.31 9.11 10.86
CA ASP A 7 -21.36 8.06 9.85
C ASP A 7 -20.08 7.23 9.92
N PRO A 8 -20.20 5.94 10.24
CA PRO A 8 -19.04 5.05 10.45
C PRO A 8 -18.15 4.97 9.23
N THR A 9 -18.74 4.55 8.12
CA THR A 9 -18.05 4.46 6.84
C THR A 9 -17.40 5.80 6.45
N VAL A 10 -18.07 6.91 6.73
CA VAL A 10 -17.54 8.23 6.39
C VAL A 10 -16.32 8.55 7.25
N ILE A 11 -16.36 8.15 8.52
CA ILE A 11 -15.20 8.32 9.38
C ILE A 11 -14.03 7.49 8.85
N ALA A 12 -14.32 6.26 8.47
CA ALA A 12 -13.31 5.40 7.87
C ALA A 12 -12.69 6.05 6.64
N GLU A 13 -13.54 6.73 5.87
CA GLU A 13 -13.10 7.44 4.67
C GLU A 13 -12.01 8.46 5.00
N ASN A 14 -12.27 9.33 5.97
CA ASN A 14 -11.32 10.39 6.30
C ASN A 14 -10.09 9.80 6.95
N GLU A 15 -10.26 8.68 7.63
CA GLU A 15 -9.15 7.93 8.20
C GLU A 15 -8.23 7.41 7.10
N LEU A 16 -8.84 6.95 6.01
CA LEU A 16 -8.08 6.47 4.85
C LEU A 16 -7.22 7.59 4.28
N LEU A 17 -7.80 8.78 4.15
CA LEU A 17 -7.06 9.94 3.68
C LEU A 17 -5.95 10.32 4.66
N GLY A 18 -6.22 10.14 5.94
CA GLY A 18 -5.22 10.41 6.96
C GLY A 18 -4.04 9.46 6.84
N ALA A 19 -4.33 8.19 6.58
CA ALA A 19 -3.29 7.19 6.37
C ALA A 19 -2.55 7.46 5.05
N ALA A 20 -3.30 7.88 4.04
CA ALA A 20 -2.74 8.20 2.73
C ALA A 20 -1.66 9.27 2.83
N ALA A 21 -1.89 10.24 3.71
CA ALA A 21 -0.94 11.33 3.91
C ALA A 21 0.45 10.79 4.29
N ALA A 22 0.46 9.74 5.10
CA ALA A 22 1.72 9.12 5.52
C ALA A 22 2.36 8.35 4.38
N ILE A 23 1.53 7.64 3.61
CA ILE A 23 2.00 6.83 2.50
C ILE A 23 2.61 7.71 1.40
N GLU A 24 1.90 8.78 1.04
CA GLU A 24 2.38 9.68 -0.01
C GLU A 24 3.65 10.41 0.43
N ALA A 25 3.78 10.60 1.73
CA ALA A 25 4.98 11.22 2.28
C ALA A 25 6.17 10.27 2.18
N ALA A 26 5.89 8.98 2.34
CA ALA A 26 6.92 7.97 2.18
C ALA A 26 7.39 7.92 0.73
N ALA A 27 6.44 8.05 -0.19
CA ALA A 27 6.75 8.11 -1.61
C ALA A 27 7.58 9.34 -1.94
N LYS A 28 7.41 10.38 -1.14
CA LYS A 28 8.14 11.63 -1.31
C LYS A 28 9.61 11.44 -0.98
N LYS A 29 9.88 10.70 0.10
CA LYS A 29 11.26 10.41 0.50
C LYS A 29 11.95 9.61 -0.60
N LEU A 30 11.21 8.71 -1.21
CA LEU A 30 11.69 7.92 -2.33
C LEU A 30 12.09 8.80 -3.51
N GLU A 31 11.41 9.93 -3.67
CA GLU A 31 11.73 10.87 -4.72
C GLU A 31 12.97 11.69 -4.36
N GLN A 32 13.29 11.72 -3.07
CA GLN A 32 14.47 12.43 -2.58
C GLN A 32 15.71 11.56 -2.78
N LEU A 33 15.47 10.31 -3.13
CA LEU A 33 16.54 9.37 -3.39
C LEU A 33 16.85 9.36 -4.87
N LYS A 34 18.13 9.31 -5.19
CA LYS A 34 18.57 9.35 -6.56
C LYS A 34 18.77 7.93 -7.08
N PRO A 35 18.00 7.54 -8.10
CA PRO A 35 18.05 6.19 -8.67
C PRO A 35 19.29 5.96 -9.52
N ARG A 36 20.44 6.03 -8.87
CA ARG A 36 21.75 5.79 -9.50
C ARG A 36 22.84 6.33 -8.59
N ALA A 37 24.03 5.77 -8.69
CA ALA A 37 25.20 6.34 -8.01
C ALA A 37 25.62 7.61 -8.72
N LYS A 38 25.96 8.64 -7.95
CA LYS A 38 26.36 9.93 -8.51
C LYS A 38 27.59 9.78 -9.41
N PRO A 39 27.71 10.66 -10.41
CA PRO A 39 28.81 10.64 -11.37
C PRO A 39 30.15 10.91 -10.72
N LYS A 40 30.82 9.84 -10.32
CA LYS A 40 32.14 9.91 -9.74
C LYS A 40 33.10 9.05 -10.54
N GLU A 41 32.84 8.97 -11.85
CA GLU A 41 33.59 8.10 -12.75
C GLU A 41 33.50 6.65 -12.30
N ALA A 42 32.41 6.32 -11.65
CA ALA A 42 32.18 5.00 -11.13
C ALA A 42 31.07 4.31 -11.90
N ASP A 43 31.42 3.74 -13.04
CA ASP A 43 30.45 3.03 -13.85
C ASP A 43 30.27 1.63 -13.31
N GLU A 44 29.39 1.51 -12.32
CA GLU A 44 29.16 0.25 -11.64
C GLU A 44 28.01 -0.51 -12.28
N SER A 45 28.12 -1.83 -12.28
CA SER A 45 27.06 -2.69 -12.80
C SER A 45 26.04 -2.96 -11.71
N LEU A 46 25.87 -1.98 -10.84
CA LEU A 46 24.95 -2.10 -9.72
C LEU A 46 23.63 -1.41 -10.05
N ASN A 47 22.73 -2.17 -10.64
CA ASN A 47 21.40 -1.66 -10.97
C ASN A 47 20.41 -2.08 -9.88
N PHE A 48 20.94 -2.79 -8.89
CA PHE A 48 20.15 -3.31 -7.79
C PHE A 48 19.45 -2.20 -7.03
N GLU A 49 20.23 -1.22 -6.57
CA GLU A 49 19.68 -0.09 -5.82
C GLU A 49 18.55 0.58 -6.59
N GLU A 50 18.74 0.66 -7.90
CA GLU A 50 17.77 1.29 -8.78
C GLU A 50 16.51 0.45 -8.91
N GLN A 51 16.69 -0.86 -9.09
CA GLN A 51 15.56 -1.78 -9.21
C GLN A 51 14.71 -1.78 -7.95
N ILE A 52 15.38 -1.70 -6.80
CA ILE A 52 14.69 -1.64 -5.52
C ILE A 52 13.91 -0.34 -5.42
N LEU A 53 14.54 0.76 -5.82
CA LEU A 53 13.93 2.08 -5.69
C LEU A 53 12.70 2.20 -6.60
N GLU A 54 12.85 1.86 -7.88
CA GLU A 54 11.72 1.95 -8.82
C GLU A 54 10.53 1.15 -8.32
N ALA A 55 10.78 -0.09 -7.92
CA ALA A 55 9.71 -0.97 -7.50
C ALA A 55 9.05 -0.45 -6.23
N ALA A 56 9.86 0.04 -5.29
CA ALA A 56 9.34 0.63 -4.07
C ALA A 56 8.50 1.86 -4.38
N LYS A 57 8.98 2.69 -5.31
CA LYS A 57 8.26 3.88 -5.74
C LYS A 57 6.95 3.50 -6.42
N SER A 58 6.99 2.39 -7.16
CA SER A 58 5.79 1.86 -7.79
C SER A 58 4.76 1.47 -6.72
N ILE A 59 5.21 0.77 -5.69
CA ILE A 59 4.35 0.41 -4.56
C ILE A 59 3.88 1.65 -3.83
N ALA A 60 4.79 2.56 -3.55
CA ALA A 60 4.46 3.80 -2.84
C ALA A 60 3.40 4.59 -3.58
N ALA A 61 3.49 4.61 -4.91
CA ALA A 61 2.52 5.31 -5.73
C ALA A 61 1.21 4.53 -5.81
N ALA A 62 1.31 3.22 -5.97
CA ALA A 62 0.15 2.36 -6.09
C ALA A 62 -0.62 2.25 -4.78
N THR A 63 0.11 2.22 -3.67
CA THR A 63 -0.52 2.05 -2.37
C THR A 63 -1.33 3.30 -2.00
N SER A 64 -0.76 4.46 -2.23
CA SER A 64 -1.44 5.72 -1.93
C SER A 64 -2.64 5.90 -2.84
N ALA A 65 -2.62 5.27 -4.01
CA ALA A 65 -3.76 5.26 -4.91
C ALA A 65 -4.78 4.23 -4.45
N LEU A 66 -4.27 3.11 -3.96
CA LEU A 66 -5.11 2.01 -3.46
C LEU A 66 -6.02 2.47 -2.33
N VAL A 67 -5.44 3.15 -1.35
CA VAL A 67 -6.19 3.60 -0.19
C VAL A 67 -7.26 4.62 -0.59
N LYS A 68 -6.99 5.42 -1.62
CA LYS A 68 -7.96 6.38 -2.11
C LYS A 68 -9.03 5.68 -2.95
N ALA A 69 -8.63 4.61 -3.63
CA ALA A 69 -9.57 3.79 -4.37
C ALA A 69 -10.51 3.07 -3.42
N ALA A 70 -9.97 2.61 -2.29
CA ALA A 70 -10.76 1.97 -1.26
C ALA A 70 -11.77 2.95 -0.68
N SER A 71 -11.36 4.21 -0.56
CA SER A 71 -12.22 5.26 -0.06
C SER A 71 -13.40 5.48 -1.01
N ALA A 72 -13.13 5.41 -2.30
CA ALA A 72 -14.17 5.53 -3.32
C ALA A 72 -15.01 4.25 -3.36
N ALA A 73 -14.36 3.12 -3.10
CA ALA A 73 -15.05 1.84 -3.02
C ALA A 73 -16.13 1.89 -1.96
N GLN A 74 -15.81 2.52 -0.83
CA GLN A 74 -16.78 2.74 0.23
C GLN A 74 -18.04 3.37 -0.32
N ARG A 75 -17.87 4.49 -1.01
CA ARG A 75 -18.98 5.25 -1.58
C ARG A 75 -19.84 4.36 -2.47
N GLU A 76 -19.19 3.50 -3.26
CA GLU A 76 -19.90 2.59 -4.14
C GLU A 76 -20.73 1.60 -3.34
N LEU A 77 -20.11 1.02 -2.31
CA LEU A 77 -20.79 0.09 -1.43
C LEU A 77 -21.92 0.78 -0.67
N VAL A 78 -21.69 2.03 -0.33
CA VAL A 78 -22.71 2.88 0.31
C VAL A 78 -23.89 3.09 -0.63
N ALA A 79 -23.60 3.49 -1.86
CA ALA A 79 -24.64 3.72 -2.86
C ALA A 79 -25.39 2.43 -3.19
N GLN A 80 -24.65 1.34 -3.26
CA GLN A 80 -25.26 0.03 -3.52
C GLN A 80 -25.98 -0.49 -2.29
N GLY A 81 -25.68 0.09 -1.14
CA GLY A 81 -26.33 -0.30 0.10
C GLY A 81 -25.92 -1.69 0.54
N LYS A 82 -24.68 -2.07 0.23
CA LYS A 82 -24.18 -3.38 0.62
C LYS A 82 -23.47 -3.28 1.96
N VAL A 83 -23.30 -2.07 2.45
CA VAL A 83 -22.71 -1.82 3.74
C VAL A 83 -23.72 -1.13 4.64
N GLY A 84 -23.32 -0.77 5.85
CA GLY A 84 -24.20 -0.05 6.74
C GLY A 84 -24.43 1.35 6.25
N ALA A 85 -23.34 2.11 6.10
CA ALA A 85 -23.36 3.46 5.53
C ALA A 85 -24.19 4.44 6.36
N ILE A 86 -24.58 4.01 7.55
CA ILE A 86 -25.53 4.75 8.36
C ILE A 86 -25.16 4.65 9.84
N PRO A 87 -25.09 5.78 10.55
CA PRO A 87 -24.89 5.82 12.01
C PRO A 87 -25.79 4.85 12.77
N ALA A 88 -27.08 4.84 12.43
CA ALA A 88 -28.03 3.95 13.09
C ALA A 88 -27.83 2.50 12.68
N ASN A 89 -27.03 2.30 11.64
CA ASN A 89 -26.75 0.97 11.12
C ASN A 89 -25.25 0.69 11.25
N ALA A 90 -24.67 1.26 12.30
CA ALA A 90 -23.23 1.22 12.53
C ALA A 90 -22.80 -0.10 13.15
N LEU A 91 -23.73 -0.86 13.70
CA LEU A 91 -23.41 -2.15 14.28
C LEU A 91 -22.67 -3.02 13.24
N ASP A 92 -23.21 -3.08 12.04
CA ASP A 92 -22.58 -3.84 10.97
C ASP A 92 -21.45 -3.04 10.31
N ASP A 93 -21.78 -1.84 9.85
CA ASP A 93 -20.81 -1.03 9.10
C ASP A 93 -19.63 -0.61 9.96
N GLY A 94 -19.89 -0.34 11.22
CA GLY A 94 -18.85 0.09 12.12
C GLY A 94 -17.75 -0.93 12.27
N GLN A 95 -18.09 -2.19 12.06
CA GLN A 95 -17.10 -3.27 12.14
C GLN A 95 -16.33 -3.35 10.83
N TRP A 96 -17.04 -3.07 9.74
CA TRP A 96 -16.44 -3.05 8.42
C TRP A 96 -15.50 -1.85 8.27
N SER A 97 -15.99 -0.69 8.68
CA SER A 97 -15.24 0.54 8.56
C SER A 97 -13.99 0.54 9.45
N GLN A 98 -14.15 0.14 10.70
CA GLN A 98 -13.01 0.07 11.62
C GLN A 98 -12.00 -0.98 11.16
N GLY A 99 -12.51 -2.07 10.57
CA GLY A 99 -11.63 -3.06 9.99
C GLY A 99 -10.84 -2.48 8.84
N LEU A 100 -11.51 -1.68 8.03
CA LEU A 100 -10.89 -0.98 6.91
C LEU A 100 -9.87 0.04 7.44
N ILE A 101 -10.25 0.75 8.49
CA ILE A 101 -9.38 1.74 9.14
C ILE A 101 -8.10 1.07 9.64
N SER A 102 -8.26 -0.05 10.34
CA SER A 102 -7.13 -0.76 10.92
C SER A 102 -6.19 -1.24 9.81
N ALA A 103 -6.77 -1.75 8.73
CA ALA A 103 -5.99 -2.21 7.59
C ALA A 103 -5.23 -1.06 6.96
N ALA A 104 -5.83 0.12 6.93
CA ALA A 104 -5.18 1.31 6.39
C ALA A 104 -3.94 1.68 7.20
N ARG A 105 -4.06 1.66 8.51
CA ARG A 105 -2.92 1.91 9.38
C ARG A 105 -1.87 0.83 9.17
N MET A 106 -2.35 -0.37 8.97
CA MET A 106 -1.49 -1.52 8.72
C MET A 106 -0.72 -1.36 7.42
N VAL A 107 -1.41 -1.01 6.33
CA VAL A 107 -0.75 -0.84 5.05
C VAL A 107 0.18 0.37 5.09
N ALA A 108 -0.24 1.42 5.81
CA ALA A 108 0.58 2.60 5.96
C ALA A 108 1.89 2.25 6.65
N ALA A 109 1.82 1.40 7.66
CA ALA A 109 3.01 0.99 8.38
C ALA A 109 3.88 0.06 7.53
N ALA A 110 3.25 -0.93 6.91
CA ALA A 110 3.97 -1.91 6.10
C ALA A 110 4.68 -1.24 4.93
N THR A 111 3.96 -0.41 4.21
CA THR A 111 4.52 0.26 3.04
C THR A 111 5.56 1.30 3.46
N ASN A 112 5.41 1.84 4.66
CA ASN A 112 6.36 2.80 5.21
C ASN A 112 7.66 2.09 5.56
N ASN A 113 7.53 0.87 6.07
CA ASN A 113 8.68 0.04 6.37
C ASN A 113 9.47 -0.27 5.11
N LEU A 114 8.75 -0.31 3.99
CA LEU A 114 9.37 -0.54 2.69
C LEU A 114 10.11 0.71 2.25
N CYS A 115 9.54 1.87 2.55
CA CYS A 115 10.19 3.15 2.29
C CYS A 115 11.54 3.21 2.99
N GLU A 116 11.55 2.72 4.23
CA GLU A 116 12.78 2.65 5.01
C GLU A 116 13.76 1.64 4.41
N ALA A 117 13.23 0.52 3.95
CA ALA A 117 14.05 -0.54 3.36
C ALA A 117 14.70 -0.08 2.06
N ALA A 118 13.89 0.53 1.19
CA ALA A 118 14.38 1.04 -0.08
C ALA A 118 15.40 2.15 0.14
N ASN A 119 15.11 3.02 1.10
CA ASN A 119 16.02 4.11 1.45
C ASN A 119 17.41 3.57 1.79
N ALA A 120 17.44 2.53 2.61
CA ALA A 120 18.68 1.89 3.01
C ALA A 120 19.43 1.33 1.81
N ALA A 121 18.70 0.64 0.95
CA ALA A 121 19.30 -0.02 -0.21
C ALA A 121 20.03 0.96 -1.12
N VAL A 122 19.37 2.08 -1.43
CA VAL A 122 19.96 3.10 -2.30
C VAL A 122 21.26 3.62 -1.71
N GLN A 123 21.27 3.80 -0.40
CA GLN A 123 22.38 4.42 0.31
C GLN A 123 23.56 3.46 0.48
N GLY A 124 23.35 2.19 0.13
CA GLY A 124 24.43 1.23 0.20
C GLY A 124 24.14 0.09 1.15
N HIS A 125 23.09 0.21 1.94
CA HIS A 125 22.71 -0.84 2.88
C HIS A 125 21.85 -1.89 2.18
N ALA A 126 22.53 -2.88 1.61
CA ALA A 126 21.84 -3.93 0.87
C ALA A 126 21.66 -5.17 1.75
N SER A 127 20.44 -5.37 2.20
CA SER A 127 20.11 -6.50 3.06
C SER A 127 18.96 -7.28 2.44
N GLN A 128 19.31 -8.18 1.53
CA GLN A 128 18.33 -8.94 0.77
C GLN A 128 17.37 -9.69 1.70
N GLU A 129 17.95 -10.40 2.66
CA GLU A 129 17.18 -11.24 3.58
C GLU A 129 16.03 -10.49 4.23
N LYS A 130 16.33 -9.34 4.84
CA LYS A 130 15.31 -8.57 5.54
C LYS A 130 14.42 -7.82 4.56
N LEU A 131 14.99 -7.46 3.41
CA LEU A 131 14.26 -6.74 2.37
C LEU A 131 13.15 -7.62 1.80
N ILE A 132 13.51 -8.84 1.43
CA ILE A 132 12.54 -9.79 0.92
C ILE A 132 11.44 -10.04 1.95
N SER A 133 11.85 -10.24 3.20
CA SER A 133 10.92 -10.50 4.28
C SER A 133 9.94 -9.34 4.45
N SER A 134 10.46 -8.11 4.46
CA SER A 134 9.61 -6.94 4.64
C SER A 134 8.72 -6.71 3.42
N ALA A 135 9.22 -7.03 2.23
CA ALA A 135 8.49 -6.77 1.00
C ALA A 135 7.28 -7.68 0.89
N LYS A 136 7.43 -8.92 1.34
CA LYS A 136 6.34 -9.88 1.32
C LYS A 136 5.28 -9.47 2.32
N GLN A 137 5.71 -8.86 3.42
CA GLN A 137 4.79 -8.34 4.41
C GLN A 137 4.00 -7.16 3.85
N VAL A 138 4.69 -6.29 3.12
CA VAL A 138 4.05 -5.15 2.47
C VAL A 138 2.92 -5.63 1.56
N ALA A 139 3.25 -6.54 0.68
CA ALA A 139 2.29 -7.12 -0.24
C ALA A 139 1.10 -7.73 0.51
N ALA A 140 1.42 -8.54 1.52
CA ALA A 140 0.39 -9.23 2.28
C ALA A 140 -0.52 -8.26 3.04
N SER A 141 0.08 -7.30 3.73
CA SER A 141 -0.69 -6.36 4.53
C SER A 141 -1.52 -5.43 3.65
N THR A 142 -0.93 -4.99 2.54
CA THR A 142 -1.61 -4.07 1.65
C THR A 142 -2.73 -4.75 0.89
N ALA A 143 -2.49 -5.98 0.44
CA ALA A 143 -3.50 -6.75 -0.26
C ALA A 143 -4.68 -7.04 0.67
N GLN A 144 -4.41 -7.06 1.97
CA GLN A 144 -5.44 -7.30 2.98
C GLN A 144 -6.39 -6.10 3.05
N LEU A 145 -5.89 -4.93 2.67
CA LEU A 145 -6.70 -3.72 2.60
C LEU A 145 -7.83 -3.93 1.59
N LEU A 146 -7.52 -4.65 0.53
CA LEU A 146 -8.54 -5.03 -0.45
C LEU A 146 -9.57 -5.95 0.20
N VAL A 147 -9.08 -6.96 0.91
CA VAL A 147 -9.92 -7.95 1.56
C VAL A 147 -10.90 -7.29 2.53
N ALA A 148 -10.43 -6.27 3.23
CA ALA A 148 -11.26 -5.52 4.16
C ALA A 148 -12.50 -4.97 3.48
N CYS A 149 -12.33 -4.41 2.28
CA CYS A 149 -13.45 -3.90 1.52
C CYS A 149 -14.24 -5.05 0.89
N LYS A 150 -13.52 -6.08 0.46
CA LYS A 150 -14.12 -7.25 -0.18
C LYS A 150 -15.13 -7.96 0.74
N VAL A 151 -15.00 -7.75 2.05
CA VAL A 151 -15.91 -8.36 3.02
C VAL A 151 -17.37 -8.06 2.67
N LYS A 152 -17.66 -6.80 2.38
CA LYS A 152 -19.03 -6.38 2.09
C LYS A 152 -19.25 -6.22 0.58
N ALA A 153 -18.20 -6.43 -0.20
CA ALA A 153 -18.27 -6.20 -1.64
C ALA A 153 -18.18 -7.51 -2.42
N ASP A 154 -18.47 -7.43 -3.71
CA ASP A 154 -18.29 -8.55 -4.61
C ASP A 154 -17.24 -8.20 -5.65
N GLN A 155 -16.91 -9.15 -6.50
CA GLN A 155 -15.91 -8.91 -7.54
C GLN A 155 -16.53 -8.13 -8.69
N ASP A 156 -17.87 -8.12 -8.75
CA ASP A 156 -18.58 -7.45 -9.84
C ASP A 156 -18.63 -5.95 -9.64
N SER A 157 -18.22 -5.49 -8.47
CA SER A 157 -18.19 -4.06 -8.18
C SER A 157 -17.10 -3.37 -8.99
N GLU A 158 -17.45 -2.28 -9.66
CA GLU A 158 -16.50 -1.54 -10.48
C GLU A 158 -15.36 -1.00 -9.63
N ALA A 159 -15.71 -0.49 -8.45
CA ALA A 159 -14.70 -0.01 -7.50
C ALA A 159 -13.78 -1.14 -7.07
N MET A 160 -14.31 -2.35 -7.06
CA MET A 160 -13.53 -3.53 -6.68
C MET A 160 -12.50 -3.85 -7.76
N LYS A 161 -12.83 -3.53 -9.01
CA LYS A 161 -11.87 -3.69 -10.10
C LYS A 161 -10.73 -2.70 -9.94
N ARG A 162 -11.06 -1.49 -9.50
CA ARG A 162 -10.06 -0.48 -9.22
C ARG A 162 -9.16 -0.95 -8.07
N LEU A 163 -9.80 -1.49 -7.04
CA LEU A 163 -9.11 -2.03 -5.89
C LEU A 163 -8.21 -3.19 -6.26
N GLN A 164 -8.79 -4.19 -6.90
CA GLN A 164 -8.09 -5.43 -7.21
C GLN A 164 -6.87 -5.18 -8.07
N ALA A 165 -6.96 -4.22 -8.98
CA ALA A 165 -5.86 -3.87 -9.87
C ALA A 165 -4.72 -3.22 -9.08
N ALA A 166 -5.07 -2.27 -8.22
CA ALA A 166 -4.08 -1.55 -7.43
C ALA A 166 -3.43 -2.45 -6.38
N GLY A 167 -4.24 -3.31 -5.76
CA GLY A 167 -3.72 -4.28 -4.82
C GLY A 167 -2.81 -5.29 -5.49
N ASN A 168 -3.16 -5.63 -6.73
CA ASN A 168 -2.37 -6.56 -7.53
C ASN A 168 -1.00 -5.95 -7.80
N ALA A 169 -0.99 -4.65 -8.02
CA ALA A 169 0.24 -3.91 -8.27
C ALA A 169 1.19 -3.99 -7.09
N VAL A 170 0.65 -3.86 -5.88
CA VAL A 170 1.47 -3.93 -4.67
C VAL A 170 2.15 -5.30 -4.58
N LYS A 171 1.35 -6.34 -4.72
CA LYS A 171 1.82 -7.71 -4.63
C LYS A 171 2.84 -8.00 -5.73
N ARG A 172 2.53 -7.57 -6.94
CA ARG A 172 3.39 -7.83 -8.09
C ARG A 172 4.70 -7.08 -7.98
N ALA A 173 4.63 -5.81 -7.58
CA ALA A 173 5.84 -5.01 -7.41
C ALA A 173 6.67 -5.53 -6.24
N SER A 174 6.00 -6.07 -5.22
CA SER A 174 6.70 -6.69 -4.10
C SER A 174 7.38 -7.97 -4.55
N ASP A 175 6.65 -8.80 -5.30
CA ASP A 175 7.23 -10.01 -5.89
C ASP A 175 8.44 -9.66 -6.74
N ASN A 176 8.29 -8.65 -7.58
CA ASN A 176 9.38 -8.17 -8.41
C ASN A 176 10.54 -7.68 -7.54
N LEU A 177 10.20 -6.99 -6.46
CA LEU A 177 11.19 -6.48 -5.53
C LEU A 177 11.96 -7.63 -4.88
N VAL A 178 11.23 -8.69 -4.51
CA VAL A 178 11.84 -9.89 -3.97
C VAL A 178 12.84 -10.47 -4.97
N LYS A 179 12.38 -10.66 -6.21
CA LYS A 179 13.23 -11.18 -7.27
C LYS A 179 14.46 -10.28 -7.46
N ALA A 180 14.25 -8.96 -7.50
CA ALA A 180 15.35 -8.03 -7.68
C ALA A 180 16.38 -8.15 -6.56
N ALA A 181 15.88 -8.41 -5.35
CA ALA A 181 16.75 -8.62 -4.20
C ALA A 181 17.57 -9.88 -4.38
N GLN A 182 16.95 -10.91 -4.98
CA GLN A 182 17.62 -12.16 -5.26
C GLN A 182 18.76 -11.96 -6.25
N LYS A 183 18.65 -10.91 -7.07
CA LYS A 183 19.70 -10.57 -8.02
C LYS A 183 20.92 -10.03 -7.29
N ALA A 184 20.72 -9.54 -6.07
CA ALA A 184 21.83 -9.06 -5.26
C ALA A 184 22.47 -10.22 -4.52
N ALA A 185 21.95 -11.39 -4.78
CA ALA A 185 22.50 -12.61 -4.24
C ALA A 185 22.93 -13.53 -5.37
N ALA A 186 23.26 -14.77 -5.04
CA ALA A 186 23.80 -15.69 -6.04
C ALA A 186 23.24 -17.10 -5.84
N PHE A 187 22.00 -17.21 -5.39
CA PHE A 187 21.40 -18.52 -5.18
C PHE A 187 20.13 -18.70 -6.01
N GLU A 188 19.98 -17.90 -7.05
CA GLU A 188 18.83 -18.06 -7.95
C GLU A 188 19.25 -18.90 -9.16
N ASP A 189 19.93 -19.98 -8.88
CA ASP A 189 20.40 -20.89 -9.91
C ASP A 189 19.41 -22.02 -10.08
N GLY A 1 -19.80 22.55 16.75
CA GLY A 1 -19.35 21.58 17.77
C GLY A 1 -19.12 20.20 17.18
N ILE A 2 -19.72 19.20 17.80
CA ILE A 2 -19.64 17.83 17.30
C ILE A 2 -20.95 17.44 16.66
N ASP A 3 -20.97 16.29 15.98
CA ASP A 3 -22.19 15.83 15.34
C ASP A 3 -22.87 14.75 16.17
N PRO A 4 -24.20 14.72 16.11
CA PRO A 4 -25.03 13.72 16.79
C PRO A 4 -25.17 12.42 15.99
N PHE A 5 -24.28 12.22 15.05
CA PHE A 5 -24.40 11.07 14.15
C PHE A 5 -23.32 10.04 14.44
N THR A 6 -22.08 10.48 14.35
CA THR A 6 -20.92 9.60 14.42
C THR A 6 -21.07 8.41 13.48
N ASP A 7 -21.06 8.71 12.19
CA ASP A 7 -21.23 7.70 11.15
C ASP A 7 -19.93 6.92 11.00
N PRO A 8 -19.98 5.59 11.22
CA PRO A 8 -18.76 4.75 11.18
C PRO A 8 -18.08 4.81 9.83
N THR A 9 -18.88 4.85 8.78
CA THR A 9 -18.38 4.84 7.42
C THR A 9 -17.81 6.20 7.02
N VAL A 10 -18.35 7.27 7.61
CA VAL A 10 -17.83 8.60 7.36
C VAL A 10 -16.49 8.77 8.06
N ILE A 11 -16.39 8.25 9.28
CA ILE A 11 -15.13 8.25 9.99
C ILE A 11 -14.10 7.43 9.24
N ALA A 12 -14.53 6.30 8.69
CA ALA A 12 -13.67 5.47 7.87
C ALA A 12 -13.14 6.25 6.68
N GLU A 13 -14.04 6.97 6.02
CA GLU A 13 -13.70 7.80 4.87
C GLU A 13 -12.60 8.79 5.21
N ASN A 14 -12.81 9.55 6.29
CA ASN A 14 -11.89 10.62 6.66
C ASN A 14 -10.53 10.07 7.05
N GLU A 15 -10.54 8.90 7.68
CA GLU A 15 -9.32 8.23 8.10
C GLU A 15 -8.55 7.68 6.90
N LEU A 16 -9.28 7.14 5.93
CA LEU A 16 -8.66 6.59 4.72
C LEU A 16 -7.91 7.67 3.96
N LEU A 17 -8.54 8.84 3.81
CA LEU A 17 -7.91 9.97 3.14
C LEU A 17 -6.64 10.39 3.87
N GLY A 18 -6.68 10.36 5.19
CA GLY A 18 -5.52 10.73 5.98
C GLY A 18 -4.40 9.71 5.86
N ALA A 19 -4.77 8.43 5.93
CA ALA A 19 -3.80 7.34 5.83
C ALA A 19 -3.12 7.36 4.46
N ALA A 20 -3.91 7.63 3.42
CA ALA A 20 -3.39 7.72 2.07
C ALA A 20 -2.37 8.84 1.95
N ALA A 21 -2.62 9.94 2.64
CA ALA A 21 -1.74 11.10 2.62
C ALA A 21 -0.40 10.76 3.26
N ALA A 22 -0.43 9.92 4.28
CA ALA A 22 0.80 9.49 4.95
C ALA A 22 1.69 8.73 3.98
N ILE A 23 1.07 7.88 3.18
CA ILE A 23 1.80 7.09 2.19
C ILE A 23 2.37 8.00 1.09
N GLU A 24 1.65 9.08 0.79
CA GLU A 24 2.13 10.07 -0.16
C GLU A 24 3.41 10.72 0.36
N ALA A 25 3.50 10.84 1.67
CA ALA A 25 4.69 11.41 2.30
C ALA A 25 5.85 10.43 2.26
N ALA A 26 5.54 9.14 2.24
CA ALA A 26 6.55 8.11 2.11
C ALA A 26 7.09 8.07 0.69
N ALA A 27 6.18 8.10 -0.28
CA ALA A 27 6.56 8.13 -1.70
C ALA A 27 7.38 9.38 -2.00
N LYS A 28 7.15 10.43 -1.22
CA LYS A 28 7.91 11.66 -1.34
C LYS A 28 9.38 11.41 -1.03
N LYS A 29 9.62 10.58 -0.02
CA LYS A 29 10.98 10.20 0.35
C LYS A 29 11.58 9.31 -0.73
N LEU A 30 10.72 8.53 -1.38
CA LEU A 30 11.12 7.68 -2.48
C LEU A 30 11.59 8.51 -3.67
N GLU A 31 10.94 9.64 -3.90
CA GLU A 31 11.34 10.55 -4.97
C GLU A 31 12.72 11.15 -4.65
N GLN A 32 12.92 11.47 -3.39
CA GLN A 32 14.15 12.11 -2.94
C GLN A 32 15.31 11.12 -2.91
N LEU A 33 15.01 9.83 -3.02
CA LEU A 33 16.05 8.82 -3.17
C LEU A 33 16.67 8.95 -4.55
N LYS A 34 17.78 9.66 -4.61
CA LYS A 34 18.43 9.99 -5.86
C LYS A 34 19.35 8.85 -6.29
N PRO A 35 19.40 8.56 -7.61
CA PRO A 35 20.29 7.55 -8.18
C PRO A 35 21.71 7.63 -7.61
N ARG A 36 22.27 6.48 -7.28
CA ARG A 36 23.54 6.41 -6.59
C ARG A 36 24.61 5.78 -7.48
N ALA A 37 25.79 5.56 -6.89
CA ALA A 37 26.91 4.90 -7.55
C ALA A 37 27.52 5.76 -8.66
N LYS A 38 28.77 5.49 -8.95
CA LYS A 38 29.46 6.12 -10.07
C LYS A 38 29.04 5.43 -11.36
N PRO A 39 29.06 6.17 -12.47
CA PRO A 39 28.67 5.65 -13.79
C PRO A 39 29.62 4.57 -14.30
N LYS A 40 29.40 3.35 -13.85
CA LYS A 40 30.22 2.21 -14.24
C LYS A 40 29.71 1.59 -15.54
N GLU A 41 30.47 0.65 -16.06
CA GLU A 41 30.04 -0.13 -17.20
C GLU A 41 29.11 -1.25 -16.71
N ALA A 42 28.28 -1.77 -17.60
CA ALA A 42 27.27 -2.74 -17.20
C ALA A 42 27.86 -4.12 -16.99
N ASP A 43 28.53 -4.31 -15.86
CA ASP A 43 28.94 -5.64 -15.42
C ASP A 43 29.16 -5.61 -13.92
N GLU A 44 28.40 -4.75 -13.28
CA GLU A 44 28.47 -4.56 -11.85
C GLU A 44 27.05 -4.41 -11.31
N SER A 45 26.85 -4.76 -10.05
CA SER A 45 25.52 -4.73 -9.46
C SER A 45 25.14 -3.32 -8.99
N LEU A 46 25.59 -2.34 -9.75
CA LEU A 46 25.26 -0.95 -9.46
C LEU A 46 24.09 -0.53 -10.34
N ASN A 47 22.91 -0.94 -9.91
CA ASN A 47 21.68 -0.82 -10.69
C ASN A 47 20.57 -1.61 -10.00
N PHE A 48 21.01 -2.56 -9.20
CA PHE A 48 20.13 -3.32 -8.33
C PHE A 48 19.31 -2.36 -7.47
N GLU A 49 19.98 -1.32 -6.98
CA GLU A 49 19.35 -0.29 -6.17
C GLU A 49 18.22 0.40 -6.95
N GLU A 50 18.42 0.53 -8.26
CA GLU A 50 17.43 1.15 -9.12
C GLU A 50 16.19 0.27 -9.23
N GLN A 51 16.41 -1.03 -9.35
CA GLN A 51 15.32 -2.00 -9.39
C GLN A 51 14.55 -1.98 -8.08
N ILE A 52 15.26 -1.83 -6.98
CA ILE A 52 14.65 -1.70 -5.67
C ILE A 52 13.85 -0.41 -5.59
N LEU A 53 14.47 0.67 -6.05
CA LEU A 53 13.88 1.99 -6.01
C LEU A 53 12.56 2.04 -6.78
N GLU A 54 12.57 1.60 -8.03
CA GLU A 54 11.37 1.65 -8.85
C GLU A 54 10.25 0.85 -8.23
N ALA A 55 10.56 -0.36 -7.77
CA ALA A 55 9.54 -1.25 -7.26
C ALA A 55 8.97 -0.71 -5.94
N ALA A 56 9.85 -0.27 -5.03
CA ALA A 56 9.41 0.30 -3.78
C ALA A 56 8.59 1.57 -4.02
N LYS A 57 9.06 2.40 -4.94
CA LYS A 57 8.34 3.62 -5.30
C LYS A 57 7.01 3.29 -5.96
N SER A 58 6.99 2.19 -6.72
CA SER A 58 5.78 1.71 -7.35
C SER A 58 4.74 1.37 -6.29
N ILE A 59 5.19 0.64 -5.27
CA ILE A 59 4.34 0.32 -4.13
C ILE A 59 3.88 1.58 -3.43
N ALA A 60 4.83 2.45 -3.09
CA ALA A 60 4.51 3.70 -2.39
C ALA A 60 3.44 4.51 -3.10
N ALA A 61 3.52 4.55 -4.42
CA ALA A 61 2.53 5.27 -5.22
C ALA A 61 1.22 4.48 -5.30
N ALA A 62 1.32 3.21 -5.66
CA ALA A 62 0.14 2.37 -5.87
C ALA A 62 -0.64 2.12 -4.59
N THR A 63 0.05 2.11 -3.46
CA THR A 63 -0.61 1.86 -2.18
C THR A 63 -1.46 3.05 -1.76
N SER A 64 -0.93 4.25 -1.93
CA SER A 64 -1.69 5.46 -1.65
C SER A 64 -2.91 5.51 -2.56
N ALA A 65 -2.69 5.18 -3.82
CA ALA A 65 -3.77 5.08 -4.80
C ALA A 65 -4.77 4.02 -4.36
N LEU A 66 -4.25 2.92 -3.83
CA LEU A 66 -5.07 1.82 -3.35
C LEU A 66 -5.98 2.28 -2.21
N VAL A 67 -5.43 2.99 -1.24
CA VAL A 67 -6.20 3.47 -0.10
C VAL A 67 -7.29 4.43 -0.57
N LYS A 68 -6.98 5.26 -1.55
CA LYS A 68 -7.95 6.19 -2.10
C LYS A 68 -8.99 5.47 -2.95
N ALA A 69 -8.55 4.44 -3.67
CA ALA A 69 -9.46 3.60 -4.44
C ALA A 69 -10.34 2.79 -3.50
N ALA A 70 -9.77 2.38 -2.38
CA ALA A 70 -10.52 1.69 -1.34
C ALA A 70 -11.61 2.60 -0.81
N SER A 71 -11.24 3.83 -0.46
CA SER A 71 -12.19 4.83 -0.02
C SER A 71 -13.25 5.08 -1.10
N ALA A 72 -12.82 5.07 -2.36
CA ALA A 72 -13.73 5.26 -3.47
C ALA A 72 -14.74 4.12 -3.55
N ALA A 73 -14.24 2.88 -3.47
CA ALA A 73 -15.10 1.70 -3.47
C ALA A 73 -16.00 1.70 -2.23
N GLN A 74 -15.39 2.05 -1.11
CA GLN A 74 -16.08 2.16 0.17
C GLN A 74 -17.21 3.17 0.09
N ARG A 75 -16.90 4.31 -0.51
CA ARG A 75 -17.82 5.42 -0.54
C ARG A 75 -18.91 5.23 -1.61
N GLU A 76 -18.56 4.60 -2.72
CA GLU A 76 -19.54 4.37 -3.77
C GLU A 76 -20.55 3.32 -3.31
N LEU A 77 -20.05 2.33 -2.59
CA LEU A 77 -20.88 1.26 -2.06
C LEU A 77 -21.74 1.76 -0.90
N VAL A 78 -21.13 2.59 -0.07
CA VAL A 78 -21.83 3.12 1.09
C VAL A 78 -22.91 4.11 0.65
N ALA A 79 -22.66 4.76 -0.48
CA ALA A 79 -23.63 5.64 -1.11
C ALA A 79 -24.85 4.86 -1.58
N GLN A 80 -24.62 3.60 -1.94
CA GLN A 80 -25.70 2.72 -2.36
C GLN A 80 -26.52 2.26 -1.16
N GLY A 81 -25.98 2.50 0.03
CA GLY A 81 -26.62 2.05 1.25
C GLY A 81 -26.45 0.56 1.45
N LYS A 82 -25.48 -0.02 0.75
CA LYS A 82 -25.26 -1.46 0.79
C LYS A 82 -24.26 -1.83 1.88
N VAL A 83 -23.86 -0.82 2.65
CA VAL A 83 -22.96 -1.05 3.77
C VAL A 83 -23.13 0.03 4.84
N GLY A 84 -23.93 -0.29 5.84
CA GLY A 84 -24.10 0.57 6.99
C GLY A 84 -24.50 1.99 6.65
N ALA A 85 -23.56 2.91 6.83
CA ALA A 85 -23.75 4.34 6.62
C ALA A 85 -24.71 4.93 7.64
N ILE A 86 -24.99 4.14 8.67
CA ILE A 86 -25.97 4.50 9.68
C ILE A 86 -25.47 4.13 11.07
N PRO A 87 -25.24 5.13 11.94
CA PRO A 87 -24.85 4.91 13.35
C PRO A 87 -25.68 3.81 14.05
N ALA A 88 -26.94 3.66 13.65
CA ALA A 88 -27.80 2.63 14.22
C ALA A 88 -27.36 1.21 13.82
N ASN A 89 -26.83 1.07 12.60
CA ASN A 89 -26.40 -0.23 12.11
C ASN A 89 -24.88 -0.34 12.16
N ALA A 90 -24.28 0.56 12.91
CA ALA A 90 -22.83 0.68 13.03
C ALA A 90 -22.23 -0.47 13.81
N LEU A 91 -23.05 -1.19 14.56
CA LEU A 91 -22.57 -2.34 15.32
C LEU A 91 -21.80 -3.30 14.40
N ASP A 92 -22.48 -3.76 13.36
CA ASP A 92 -21.91 -4.72 12.43
C ASP A 92 -21.00 -4.03 11.41
N ASP A 93 -21.54 -2.99 10.80
CA ASP A 93 -20.86 -2.32 9.70
C ASP A 93 -19.73 -1.41 10.19
N GLY A 94 -19.80 -1.02 11.45
CA GLY A 94 -18.72 -0.27 12.05
C GLY A 94 -17.49 -1.12 12.23
N GLN A 95 -17.70 -2.42 12.38
CA GLN A 95 -16.61 -3.37 12.46
C GLN A 95 -15.87 -3.40 11.14
N TRP A 96 -16.62 -3.27 10.05
CA TRP A 96 -16.04 -3.16 8.73
C TRP A 96 -15.29 -1.84 8.60
N SER A 97 -15.95 -0.77 9.02
CA SER A 97 -15.39 0.57 8.93
C SER A 97 -14.07 0.66 9.70
N GLN A 98 -14.10 0.29 10.98
CA GLN A 98 -12.92 0.34 11.82
C GLN A 98 -11.87 -0.65 11.36
N GLY A 99 -12.33 -1.81 10.89
CA GLY A 99 -11.41 -2.80 10.37
C GLY A 99 -10.67 -2.29 9.15
N LEU A 100 -11.38 -1.57 8.30
CA LEU A 100 -10.80 -0.96 7.11
C LEU A 100 -9.82 0.15 7.51
N ILE A 101 -10.22 0.95 8.49
CA ILE A 101 -9.36 2.00 9.03
C ILE A 101 -8.06 1.42 9.57
N SER A 102 -8.19 0.39 10.40
CA SER A 102 -7.04 -0.25 11.00
C SER A 102 -6.16 -0.90 9.93
N ALA A 103 -6.81 -1.47 8.91
CA ALA A 103 -6.09 -2.07 7.81
C ALA A 103 -5.28 -1.03 7.05
N ALA A 104 -5.87 0.15 6.86
CA ALA A 104 -5.19 1.24 6.18
C ALA A 104 -3.95 1.69 6.95
N ARG A 105 -4.05 1.69 8.28
CA ARG A 105 -2.89 2.02 9.11
C ARG A 105 -1.86 0.91 9.04
N MET A 106 -2.34 -0.32 8.93
CA MET A 106 -1.47 -1.47 8.78
C MET A 106 -0.69 -1.39 7.48
N VAL A 107 -1.39 -1.14 6.38
CA VAL A 107 -0.73 -1.06 5.08
C VAL A 107 0.19 0.16 5.05
N ALA A 108 -0.25 1.26 5.65
CA ALA A 108 0.55 2.48 5.70
C ALA A 108 1.85 2.24 6.46
N ALA A 109 1.79 1.40 7.48
CA ALA A 109 2.98 1.10 8.27
C ALA A 109 3.91 0.16 7.51
N ALA A 110 3.36 -0.93 7.00
CA ALA A 110 4.14 -1.94 6.29
C ALA A 110 4.81 -1.34 5.06
N THR A 111 4.02 -0.63 4.25
CA THR A 111 4.54 -0.03 3.03
C THR A 111 5.60 1.03 3.37
N ASN A 112 5.41 1.71 4.49
CA ASN A 112 6.34 2.74 4.94
C ASN A 112 7.65 2.09 5.35
N ASN A 113 7.55 0.95 6.00
CA ASN A 113 8.72 0.20 6.44
C ASN A 113 9.58 -0.23 5.27
N LEU A 114 8.92 -0.60 4.18
CA LEU A 114 9.63 -1.00 2.97
C LEU A 114 10.26 0.23 2.31
N CYS A 115 9.60 1.37 2.42
CA CYS A 115 10.14 2.63 1.95
C CYS A 115 11.43 2.96 2.71
N GLU A 116 11.41 2.68 4.01
CA GLU A 116 12.57 2.90 4.86
C GLU A 116 13.66 1.88 4.57
N ALA A 117 13.25 0.72 4.05
CA ALA A 117 14.19 -0.32 3.65
C ALA A 117 14.86 0.05 2.34
N ALA A 118 14.06 0.47 1.37
CA ALA A 118 14.59 0.92 0.09
C ALA A 118 15.54 2.08 0.29
N ASN A 119 15.19 2.96 1.23
CA ASN A 119 16.03 4.09 1.62
C ASN A 119 17.47 3.64 1.85
N ALA A 120 17.65 2.62 2.68
CA ALA A 120 18.97 2.12 3.00
C ALA A 120 19.59 1.41 1.80
N ALA A 121 18.76 0.67 1.07
CA ALA A 121 19.23 -0.11 -0.07
C ALA A 121 19.89 0.76 -1.12
N VAL A 122 19.23 1.86 -1.47
CA VAL A 122 19.75 2.78 -2.47
C VAL A 122 21.05 3.42 -1.99
N GLN A 123 21.08 3.79 -0.72
CA GLN A 123 22.17 4.57 -0.16
C GLN A 123 23.40 3.71 0.18
N GLY A 124 23.32 2.42 -0.08
CA GLY A 124 24.50 1.58 0.07
C GLY A 124 24.39 0.58 1.21
N HIS A 125 23.17 0.31 1.66
CA HIS A 125 22.94 -0.70 2.68
C HIS A 125 21.99 -1.77 2.17
N ALA A 126 22.56 -2.82 1.61
CA ALA A 126 21.76 -3.89 1.04
C ALA A 126 21.69 -5.08 1.98
N SER A 127 20.57 -5.21 2.67
CA SER A 127 20.33 -6.34 3.54
C SER A 127 19.16 -7.12 3.00
N GLN A 128 19.46 -8.12 2.17
CA GLN A 128 18.45 -8.82 1.43
C GLN A 128 17.51 -9.57 2.35
N GLU A 129 18.05 -10.06 3.46
CA GLU A 129 17.25 -10.79 4.45
C GLU A 129 16.08 -9.95 4.93
N LYS A 130 16.37 -8.74 5.41
CA LYS A 130 15.35 -7.88 5.97
C LYS A 130 14.50 -7.27 4.86
N LEU A 131 15.07 -7.18 3.66
CA LEU A 131 14.38 -6.60 2.52
C LEU A 131 13.33 -7.56 1.97
N ILE A 132 13.76 -8.79 1.68
CA ILE A 132 12.86 -9.80 1.12
C ILE A 132 11.68 -10.07 2.06
N SER A 133 11.99 -10.26 3.34
CA SER A 133 10.99 -10.57 4.34
C SER A 133 9.97 -9.43 4.46
N SER A 134 10.45 -8.20 4.44
CA SER A 134 9.60 -7.04 4.61
C SER A 134 8.69 -6.84 3.40
N ALA A 135 9.25 -7.05 2.21
CA ALA A 135 8.51 -6.81 0.97
C ALA A 135 7.33 -7.78 0.85
N LYS A 136 7.55 -9.01 1.27
CA LYS A 136 6.52 -10.02 1.23
C LYS A 136 5.41 -9.70 2.22
N GLN A 137 5.80 -9.15 3.36
CA GLN A 137 4.84 -8.72 4.37
C GLN A 137 4.01 -7.56 3.86
N VAL A 138 4.66 -6.63 3.17
CA VAL A 138 3.98 -5.48 2.58
C VAL A 138 2.89 -5.94 1.62
N ALA A 139 3.25 -6.82 0.70
CA ALA A 139 2.31 -7.38 -0.26
C ALA A 139 1.13 -8.01 0.45
N ALA A 140 1.40 -8.81 1.47
CA ALA A 140 0.37 -9.55 2.18
C ALA A 140 -0.55 -8.63 2.98
N SER A 141 0.04 -7.64 3.63
CA SER A 141 -0.74 -6.70 4.45
C SER A 141 -1.56 -5.76 3.58
N THR A 142 -0.94 -5.27 2.51
CA THR A 142 -1.59 -4.32 1.63
C THR A 142 -2.69 -5.00 0.79
N ALA A 143 -2.42 -6.20 0.31
CA ALA A 143 -3.40 -6.93 -0.46
C ALA A 143 -4.60 -7.29 0.43
N GLN A 144 -4.37 -7.29 1.74
CA GLN A 144 -5.41 -7.56 2.72
C GLN A 144 -6.39 -6.39 2.78
N LEU A 145 -5.89 -5.20 2.45
CA LEU A 145 -6.73 -4.01 2.40
C LEU A 145 -7.81 -4.19 1.33
N LEU A 146 -7.46 -4.92 0.27
CA LEU A 146 -8.43 -5.28 -0.76
C LEU A 146 -9.47 -6.24 -0.21
N VAL A 147 -9.01 -7.24 0.52
CA VAL A 147 -9.88 -8.25 1.10
C VAL A 147 -10.90 -7.59 2.02
N ALA A 148 -10.43 -6.64 2.82
CA ALA A 148 -11.31 -5.89 3.72
C ALA A 148 -12.41 -5.18 2.94
N CYS A 149 -12.03 -4.54 1.83
CA CYS A 149 -12.98 -3.88 0.96
C CYS A 149 -13.97 -4.89 0.38
N LYS A 150 -13.43 -6.01 -0.12
CA LYS A 150 -14.23 -7.04 -0.78
C LYS A 150 -15.31 -7.61 0.15
N VAL A 151 -15.08 -7.56 1.46
CA VAL A 151 -16.03 -8.09 2.44
C VAL A 151 -17.43 -7.51 2.22
N LYS A 152 -17.50 -6.23 1.91
CA LYS A 152 -18.77 -5.56 1.68
C LYS A 152 -18.96 -5.21 0.20
N ALA A 153 -17.85 -4.92 -0.48
CA ALA A 153 -17.91 -4.44 -1.86
C ALA A 153 -18.15 -5.58 -2.85
N ASP A 154 -18.64 -5.22 -4.02
CA ASP A 154 -18.91 -6.19 -5.07
C ASP A 154 -17.81 -6.18 -6.11
N GLN A 155 -17.74 -7.22 -6.92
CA GLN A 155 -16.75 -7.29 -7.99
C GLN A 155 -17.17 -6.39 -9.15
N ASP A 156 -18.44 -5.98 -9.14
CA ASP A 156 -18.97 -5.14 -10.21
C ASP A 156 -18.84 -3.67 -9.87
N SER A 157 -18.32 -3.36 -8.70
CA SER A 157 -18.10 -1.99 -8.30
C SER A 157 -16.90 -1.42 -9.06
N GLU A 158 -17.09 -0.24 -9.66
CA GLU A 158 -16.10 0.33 -10.57
C GLU A 158 -14.78 0.59 -9.86
N ALA A 159 -14.82 1.25 -8.70
CA ALA A 159 -13.61 1.55 -7.97
C ALA A 159 -12.96 0.28 -7.42
N MET A 160 -13.80 -0.73 -7.17
CA MET A 160 -13.32 -2.00 -6.66
C MET A 160 -12.48 -2.74 -7.71
N LYS A 161 -12.80 -2.48 -8.97
CA LYS A 161 -12.04 -3.05 -10.07
C LYS A 161 -10.62 -2.50 -10.04
N ARG A 162 -10.52 -1.19 -9.95
CA ARG A 162 -9.25 -0.50 -9.88
C ARG A 162 -8.55 -0.80 -8.55
N LEU A 163 -9.36 -0.96 -7.51
CA LEU A 163 -8.89 -1.34 -6.19
C LEU A 163 -8.09 -2.65 -6.29
N GLN A 164 -8.67 -3.63 -6.98
CA GLN A 164 -8.02 -4.91 -7.20
C GLN A 164 -6.70 -4.73 -7.96
N ALA A 165 -6.76 -3.97 -9.06
CA ALA A 165 -5.58 -3.69 -9.88
C ALA A 165 -4.49 -2.99 -9.07
N ALA A 166 -4.88 -2.10 -8.16
CA ALA A 166 -3.93 -1.40 -7.31
C ALA A 166 -3.24 -2.36 -6.36
N GLY A 167 -4.03 -3.21 -5.70
CA GLY A 167 -3.47 -4.24 -4.84
C GLY A 167 -2.61 -5.21 -5.62
N ASN A 168 -3.04 -5.47 -6.85
CA ASN A 168 -2.30 -6.31 -7.79
C ASN A 168 -0.90 -5.75 -7.99
N ALA A 169 -0.84 -4.42 -8.13
CA ALA A 169 0.42 -3.72 -8.34
C ALA A 169 1.33 -3.84 -7.12
N VAL A 170 0.73 -3.75 -5.92
CA VAL A 170 1.51 -3.87 -4.68
C VAL A 170 2.19 -5.23 -4.63
N LYS A 171 1.39 -6.27 -4.84
CA LYS A 171 1.88 -7.64 -4.82
C LYS A 171 2.94 -7.84 -5.89
N ARG A 172 2.68 -7.35 -7.09
CA ARG A 172 3.60 -7.50 -8.20
C ARG A 172 4.91 -6.76 -7.96
N ALA A 173 4.82 -5.53 -7.48
CA ALA A 173 6.01 -4.74 -7.20
C ALA A 173 6.80 -5.35 -6.05
N SER A 174 6.09 -5.98 -5.11
CA SER A 174 6.75 -6.69 -4.01
C SER A 174 7.45 -7.94 -4.53
N ASP A 175 6.74 -8.73 -5.33
CA ASP A 175 7.33 -9.92 -5.96
C ASP A 175 8.57 -9.55 -6.77
N ASN A 176 8.46 -8.50 -7.58
CA ASN A 176 9.58 -8.04 -8.39
C ASN A 176 10.73 -7.59 -7.50
N LEU A 177 10.39 -6.90 -6.42
CA LEU A 177 11.37 -6.42 -5.46
C LEU A 177 12.11 -7.59 -4.82
N VAL A 178 11.35 -8.62 -4.44
CA VAL A 178 11.91 -9.84 -3.91
C VAL A 178 12.84 -10.50 -4.93
N LYS A 179 12.35 -10.62 -6.16
CA LYS A 179 13.13 -11.21 -7.25
C LYS A 179 14.47 -10.47 -7.40
N ALA A 180 14.41 -9.15 -7.42
CA ALA A 180 15.62 -8.34 -7.55
C ALA A 180 16.55 -8.59 -6.38
N ALA A 181 15.99 -8.57 -5.17
CA ALA A 181 16.76 -8.81 -3.96
C ALA A 181 17.42 -10.19 -3.98
N GLN A 182 16.74 -11.17 -4.59
CA GLN A 182 17.27 -12.53 -4.69
C GLN A 182 18.62 -12.55 -5.40
N LYS A 183 18.74 -11.77 -6.46
CA LYS A 183 19.97 -11.80 -7.26
C LYS A 183 21.12 -11.13 -6.52
N ALA A 184 20.78 -10.40 -5.46
CA ALA A 184 21.81 -9.79 -4.62
C ALA A 184 22.00 -10.58 -3.34
N ALA A 185 21.33 -11.70 -3.26
CA ALA A 185 21.44 -12.57 -2.11
C ALA A 185 22.04 -13.91 -2.51
N ALA A 186 21.79 -14.32 -3.75
CA ALA A 186 22.32 -15.55 -4.32
C ALA A 186 21.71 -16.78 -3.68
N PHE A 187 20.62 -17.26 -4.28
CA PHE A 187 20.01 -18.53 -3.91
C PHE A 187 20.19 -19.51 -5.05
N GLU A 188 21.26 -19.33 -5.79
CA GLU A 188 21.56 -20.16 -6.94
C GLU A 188 22.30 -21.40 -6.50
N ASP A 189 21.78 -22.56 -6.89
CA ASP A 189 22.39 -23.87 -6.61
C ASP A 189 22.25 -24.22 -5.13
N GLY A 1 -23.90 8.71 15.75
CA GLY A 1 -24.66 7.51 16.20
C GLY A 1 -26.16 7.74 16.20
N ILE A 2 -26.61 8.74 16.96
CA ILE A 2 -28.04 9.03 17.08
C ILE A 2 -28.57 9.60 15.77
N ASP A 3 -27.91 10.64 15.28
CA ASP A 3 -28.29 11.28 14.04
C ASP A 3 -27.88 10.44 12.84
N PRO A 4 -28.66 10.53 11.76
CA PRO A 4 -28.39 9.80 10.51
C PRO A 4 -27.34 10.49 9.65
N PHE A 5 -26.60 11.42 10.24
CA PHE A 5 -25.60 12.18 9.50
C PHE A 5 -24.19 11.79 9.93
N THR A 6 -24.11 10.87 10.87
CA THR A 6 -22.84 10.34 11.31
C THR A 6 -22.59 8.96 10.70
N ASP A 7 -22.56 8.92 9.38
CA ASP A 7 -22.34 7.68 8.64
C ASP A 7 -20.97 7.11 8.99
N PRO A 8 -20.92 5.90 9.56
CA PRO A 8 -19.66 5.26 9.95
C PRO A 8 -18.70 5.12 8.78
N THR A 9 -19.27 4.95 7.61
CA THR A 9 -18.51 4.78 6.39
C THR A 9 -17.82 6.07 5.97
N VAL A 10 -18.56 7.17 5.96
CA VAL A 10 -18.03 8.47 5.58
C VAL A 10 -16.95 8.92 6.57
N ILE A 11 -17.15 8.59 7.83
CA ILE A 11 -16.16 8.87 8.86
C ILE A 11 -14.87 8.11 8.58
N ALA A 12 -15.01 6.85 8.17
CA ALA A 12 -13.86 6.02 7.83
C ALA A 12 -13.17 6.55 6.58
N GLU A 13 -13.95 7.11 5.67
CA GLU A 13 -13.43 7.71 4.43
C GLU A 13 -12.40 8.79 4.76
N ASN A 14 -12.73 9.61 5.75
CA ASN A 14 -11.86 10.70 6.17
C ASN A 14 -10.54 10.14 6.70
N GLU A 15 -10.62 9.01 7.37
CA GLU A 15 -9.47 8.37 7.97
C GLU A 15 -8.60 7.68 6.92
N LEU A 16 -9.23 7.26 5.82
CA LEU A 16 -8.48 6.67 4.72
C LEU A 16 -7.55 7.69 4.09
N LEU A 17 -8.05 8.91 3.90
CA LEU A 17 -7.23 10.00 3.42
C LEU A 17 -6.11 10.33 4.41
N GLY A 18 -6.40 10.14 5.69
CA GLY A 18 -5.40 10.34 6.72
C GLY A 18 -4.30 9.30 6.66
N ALA A 19 -4.67 8.07 6.32
CA ALA A 19 -3.71 7.00 6.15
C ALA A 19 -2.91 7.20 4.87
N ALA A 20 -3.58 7.71 3.85
CA ALA A 20 -2.95 7.99 2.57
C ALA A 20 -1.81 8.99 2.72
N ALA A 21 -1.98 9.92 3.67
CA ALA A 21 -0.97 10.92 3.94
C ALA A 21 0.36 10.29 4.33
N ALA A 22 0.29 9.20 5.10
CA ALA A 22 1.49 8.49 5.52
C ALA A 22 2.17 7.81 4.34
N ILE A 23 1.34 7.30 3.43
CA ILE A 23 1.85 6.65 2.22
C ILE A 23 2.51 7.67 1.30
N GLU A 24 1.87 8.83 1.14
CA GLU A 24 2.41 9.91 0.32
C GLU A 24 3.70 10.44 0.94
N ALA A 25 3.77 10.44 2.27
CA ALA A 25 4.97 10.86 2.98
C ALA A 25 6.11 9.88 2.72
N ALA A 26 5.77 8.60 2.58
CA ALA A 26 6.76 7.59 2.24
C ALA A 26 7.25 7.80 0.82
N ALA A 27 6.32 8.07 -0.09
CA ALA A 27 6.67 8.37 -1.48
C ALA A 27 7.54 9.62 -1.56
N LYS A 28 7.31 10.54 -0.63
CA LYS A 28 8.08 11.77 -0.53
C LYS A 28 9.56 11.44 -0.26
N LYS A 29 9.78 10.50 0.67
CA LYS A 29 11.14 10.08 0.98
C LYS A 29 11.78 9.40 -0.21
N LEU A 30 10.96 8.68 -0.97
CA LEU A 30 11.39 8.06 -2.21
C LEU A 30 11.84 9.10 -3.24
N GLU A 31 11.17 10.25 -3.23
CA GLU A 31 11.54 11.35 -4.11
C GLU A 31 12.89 11.92 -3.69
N GLN A 32 13.17 11.85 -2.40
CA GLN A 32 14.43 12.37 -1.86
C GLN A 32 15.55 11.36 -2.05
N LEU A 33 15.19 10.14 -2.42
CA LEU A 33 16.16 9.08 -2.61
C LEU A 33 16.86 9.23 -3.95
N LYS A 34 18.17 9.08 -3.92
CA LYS A 34 18.98 9.12 -5.12
C LYS A 34 20.09 8.10 -5.04
N PRO A 35 20.19 7.20 -6.03
CA PRO A 35 21.30 6.24 -6.11
C PRO A 35 22.63 6.96 -6.06
N ARG A 36 23.47 6.56 -5.09
CA ARG A 36 24.71 7.26 -4.78
C ARG A 36 25.54 7.58 -6.02
N ALA A 37 25.67 8.87 -6.28
CA ALA A 37 26.52 9.36 -7.36
C ALA A 37 27.88 9.75 -6.79
N LYS A 38 28.92 9.28 -7.42
CA LYS A 38 30.27 9.55 -6.98
C LYS A 38 30.79 10.83 -7.63
N PRO A 39 31.75 11.49 -6.98
CA PRO A 39 32.32 12.78 -7.43
C PRO A 39 32.69 12.77 -8.90
N LYS A 40 31.75 13.27 -9.69
CA LYS A 40 31.90 13.42 -11.13
C LYS A 40 32.09 12.07 -11.82
N GLU A 41 31.50 11.05 -11.25
CA GLU A 41 31.57 9.70 -11.79
C GLU A 41 30.39 8.87 -11.33
N ALA A 42 29.56 8.46 -12.28
CA ALA A 42 28.37 7.69 -11.97
C ALA A 42 28.45 6.31 -12.59
N ASP A 43 29.66 5.91 -12.95
CA ASP A 43 29.87 4.61 -13.59
C ASP A 43 29.88 3.48 -12.59
N GLU A 44 28.69 3.02 -12.19
CA GLU A 44 28.58 1.91 -11.27
C GLU A 44 27.94 0.72 -11.99
N SER A 45 28.52 -0.47 -11.79
CA SER A 45 28.02 -1.67 -12.43
C SER A 45 27.00 -2.36 -11.54
N LEU A 46 26.31 -1.56 -10.75
CA LEU A 46 25.33 -2.07 -9.80
C LEU A 46 24.08 -1.20 -9.84
N ASN A 47 23.02 -1.73 -10.43
CA ASN A 47 21.78 -0.99 -10.60
C ASN A 47 20.72 -1.51 -9.63
N PHE A 48 21.15 -2.33 -8.68
CA PHE A 48 20.27 -2.91 -7.68
C PHE A 48 19.47 -1.82 -6.95
N GLU A 49 20.18 -0.81 -6.48
CA GLU A 49 19.56 0.31 -5.77
C GLU A 49 18.49 0.98 -6.62
N GLU A 50 18.72 1.02 -7.93
CA GLU A 50 17.76 1.63 -8.85
C GLU A 50 16.54 0.73 -9.02
N GLN A 51 16.80 -0.57 -9.20
CA GLN A 51 15.73 -1.55 -9.33
C GLN A 51 14.82 -1.53 -8.10
N ILE A 52 15.44 -1.38 -6.94
CA ILE A 52 14.72 -1.27 -5.69
C ILE A 52 13.96 0.06 -5.63
N LEU A 53 14.64 1.13 -6.01
CA LEU A 53 14.07 2.47 -5.96
C LEU A 53 12.79 2.56 -6.79
N GLU A 54 12.85 2.15 -8.05
CA GLU A 54 11.68 2.21 -8.91
C GLU A 54 10.55 1.33 -8.41
N ALA A 55 10.90 0.13 -7.96
CA ALA A 55 9.89 -0.82 -7.53
C ALA A 55 9.20 -0.30 -6.26
N ALA A 56 9.98 0.32 -5.40
CA ALA A 56 9.44 0.95 -4.20
C ALA A 56 8.49 2.07 -4.59
N LYS A 57 8.89 2.87 -5.58
CA LYS A 57 8.04 3.94 -6.10
C LYS A 57 6.77 3.37 -6.71
N SER A 58 6.91 2.24 -7.39
CA SER A 58 5.77 1.54 -7.95
C SER A 58 4.77 1.18 -6.85
N ILE A 59 5.27 0.65 -5.74
CA ILE A 59 4.44 0.33 -4.59
C ILE A 59 3.87 1.61 -3.98
N ALA A 60 4.72 2.62 -3.79
CA ALA A 60 4.29 3.89 -3.21
C ALA A 60 3.14 4.51 -4.01
N ALA A 61 3.24 4.44 -5.32
CA ALA A 61 2.19 4.95 -6.19
C ALA A 61 0.97 4.05 -6.14
N ALA A 62 1.19 2.75 -6.28
CA ALA A 62 0.10 1.77 -6.29
C ALA A 62 -0.64 1.75 -4.95
N THR A 63 0.10 1.89 -3.85
CA THR A 63 -0.52 1.88 -2.54
C THR A 63 -1.36 3.13 -2.32
N SER A 64 -0.82 4.26 -2.76
CA SER A 64 -1.55 5.52 -2.69
C SER A 64 -2.82 5.43 -3.51
N ALA A 65 -2.72 4.81 -4.68
CA ALA A 65 -3.88 4.58 -5.52
C ALA A 65 -4.85 3.62 -4.84
N LEU A 66 -4.30 2.62 -4.18
CA LEU A 66 -5.09 1.62 -3.48
C LEU A 66 -5.95 2.23 -2.38
N VAL A 67 -5.32 3.01 -1.51
CA VAL A 67 -6.03 3.61 -0.39
C VAL A 67 -7.11 4.58 -0.87
N LYS A 68 -6.87 5.23 -2.01
CA LYS A 68 -7.87 6.10 -2.61
C LYS A 68 -8.97 5.25 -3.27
N ALA A 69 -8.56 4.18 -3.93
CA ALA A 69 -9.49 3.26 -4.56
C ALA A 69 -10.37 2.56 -3.53
N ALA A 70 -9.80 2.31 -2.35
CA ALA A 70 -10.56 1.74 -1.25
C ALA A 70 -11.67 2.68 -0.82
N SER A 71 -11.33 3.96 -0.72
CA SER A 71 -12.30 5.00 -0.41
C SER A 71 -13.34 5.09 -1.53
N ALA A 72 -12.89 4.95 -2.76
CA ALA A 72 -13.79 4.97 -3.92
C ALA A 72 -14.72 3.76 -3.89
N ALA A 73 -14.13 2.58 -3.68
CA ALA A 73 -14.89 1.34 -3.54
C ALA A 73 -15.92 1.47 -2.44
N GLN A 74 -15.47 1.95 -1.30
CA GLN A 74 -16.33 2.20 -0.15
C GLN A 74 -17.41 3.23 -0.49
N ARG A 75 -17.01 4.34 -1.11
CA ARG A 75 -17.93 5.42 -1.45
C ARG A 75 -19.01 4.94 -2.41
N GLU A 76 -18.62 4.16 -3.40
CA GLU A 76 -19.58 3.56 -4.34
C GLU A 76 -20.51 2.62 -3.59
N LEU A 77 -19.93 1.82 -2.71
CA LEU A 77 -20.68 0.88 -1.88
C LEU A 77 -21.68 1.63 -1.00
N VAL A 78 -21.27 2.81 -0.55
CA VAL A 78 -22.12 3.68 0.27
C VAL A 78 -23.25 4.29 -0.56
N ALA A 79 -22.89 4.91 -1.68
CA ALA A 79 -23.86 5.57 -2.54
C ALA A 79 -24.87 4.59 -3.12
N GLN A 80 -24.42 3.36 -3.34
CA GLN A 80 -25.26 2.32 -3.90
C GLN A 80 -26.11 1.67 -2.80
N GLY A 81 -25.70 1.86 -1.55
CA GLY A 81 -26.48 1.39 -0.42
C GLY A 81 -26.29 -0.10 -0.16
N LYS A 82 -25.18 -0.64 -0.64
CA LYS A 82 -24.89 -2.06 -0.45
C LYS A 82 -24.31 -2.27 0.94
N VAL A 83 -23.52 -1.30 1.39
CA VAL A 83 -22.91 -1.35 2.70
C VAL A 83 -23.82 -0.66 3.72
N GLY A 84 -23.62 -0.95 5.00
CA GLY A 84 -24.45 -0.35 6.03
C GLY A 84 -24.02 1.07 6.36
N ALA A 85 -24.21 1.97 5.40
CA ALA A 85 -23.83 3.37 5.56
C ALA A 85 -24.85 4.11 6.42
N ILE A 86 -25.34 3.44 7.44
CA ILE A 86 -26.37 3.98 8.32
C ILE A 86 -25.91 3.90 9.77
N PRO A 87 -25.87 5.04 10.48
CA PRO A 87 -25.56 5.08 11.91
C PRO A 87 -26.32 4.04 12.76
N ALA A 88 -27.51 3.67 12.31
CA ALA A 88 -28.29 2.64 12.97
C ALA A 88 -27.65 1.25 12.82
N ASN A 89 -26.73 1.15 11.87
CA ASN A 89 -26.01 -0.10 11.62
C ASN A 89 -24.55 0.05 12.03
N ALA A 90 -24.29 1.04 12.88
CA ALA A 90 -22.94 1.37 13.30
C ALA A 90 -22.27 0.22 14.05
N LEU A 91 -23.08 -0.62 14.67
CA LEU A 91 -22.55 -1.75 15.43
C LEU A 91 -21.81 -2.70 14.51
N ASP A 92 -22.44 -3.09 13.41
CA ASP A 92 -21.81 -4.00 12.45
C ASP A 92 -20.85 -3.27 11.53
N ASP A 93 -21.35 -2.25 10.83
CA ASP A 93 -20.56 -1.59 9.81
C ASP A 93 -19.42 -0.82 10.42
N GLY A 94 -19.56 -0.48 11.69
CA GLY A 94 -18.48 0.17 12.41
C GLY A 94 -17.28 -0.74 12.53
N GLN A 95 -17.53 -2.04 12.64
CA GLN A 95 -16.46 -3.03 12.74
C GLN A 95 -15.73 -3.10 11.41
N TRP A 96 -16.49 -2.90 10.34
CA TRP A 96 -15.95 -2.85 8.99
C TRP A 96 -15.17 -1.56 8.80
N SER A 97 -15.79 -0.45 9.19
CA SER A 97 -15.17 0.86 9.07
C SER A 97 -13.86 0.92 9.84
N GLN A 98 -13.91 0.57 11.14
CA GLN A 98 -12.72 0.59 11.98
C GLN A 98 -11.69 -0.41 11.48
N GLY A 99 -12.14 -1.57 11.03
CA GLY A 99 -11.25 -2.58 10.50
C GLY A 99 -10.52 -2.08 9.26
N LEU A 100 -11.26 -1.41 8.39
CA LEU A 100 -10.68 -0.83 7.19
C LEU A 100 -9.65 0.23 7.56
N ILE A 101 -9.98 1.05 8.56
CA ILE A 101 -9.06 2.08 9.05
C ILE A 101 -7.80 1.43 9.63
N SER A 102 -7.99 0.43 10.48
CA SER A 102 -6.87 -0.27 11.10
C SER A 102 -6.00 -0.95 10.06
N ALA A 103 -6.63 -1.56 9.06
CA ALA A 103 -5.89 -2.18 7.97
C ALA A 103 -5.16 -1.12 7.15
N ALA A 104 -5.77 0.04 7.00
CA ALA A 104 -5.12 1.15 6.30
C ALA A 104 -3.89 1.62 7.06
N ARG A 105 -3.98 1.61 8.39
CA ARG A 105 -2.82 1.92 9.22
C ARG A 105 -1.76 0.84 9.05
N MET A 106 -2.22 -0.39 8.91
CA MET A 106 -1.33 -1.54 8.73
C MET A 106 -0.58 -1.43 7.41
N VAL A 107 -1.30 -1.11 6.33
CA VAL A 107 -0.66 -0.97 5.03
C VAL A 107 0.23 0.26 5.04
N ALA A 108 -0.22 1.32 5.70
CA ALA A 108 0.56 2.55 5.78
C ALA A 108 1.88 2.32 6.49
N ALA A 109 1.86 1.49 7.52
CA ALA A 109 3.07 1.20 8.27
C ALA A 109 4.00 0.27 7.48
N ALA A 110 3.45 -0.82 6.98
CA ALA A 110 4.24 -1.80 6.23
C ALA A 110 4.89 -1.17 5.01
N THR A 111 4.10 -0.44 4.23
CA THR A 111 4.62 0.20 3.02
C THR A 111 5.62 1.30 3.37
N ASN A 112 5.43 1.92 4.54
CA ASN A 112 6.32 2.99 5.01
C ASN A 112 7.64 2.41 5.46
N ASN A 113 7.58 1.24 6.09
CA ASN A 113 8.78 0.57 6.55
C ASN A 113 9.57 0.03 5.36
N LEU A 114 8.86 -0.32 4.30
CA LEU A 114 9.49 -0.76 3.07
C LEU A 114 10.19 0.42 2.40
N CYS A 115 9.62 1.61 2.58
CA CYS A 115 10.26 2.84 2.14
C CYS A 115 11.63 2.98 2.79
N GLU A 116 11.70 2.72 4.08
CA GLU A 116 12.95 2.79 4.83
C GLU A 116 13.88 1.65 4.44
N ALA A 117 13.30 0.50 4.12
CA ALA A 117 14.09 -0.65 3.67
C ALA A 117 14.75 -0.36 2.33
N ALA A 118 13.98 0.21 1.41
CA ALA A 118 14.49 0.62 0.12
C ALA A 118 15.56 1.70 0.30
N ASN A 119 15.29 2.64 1.20
CA ASN A 119 16.24 3.70 1.54
C ASN A 119 17.58 3.11 1.96
N ALA A 120 17.53 2.13 2.85
CA ALA A 120 18.74 1.48 3.34
C ALA A 120 19.54 0.88 2.20
N ALA A 121 18.85 0.19 1.28
CA ALA A 121 19.49 -0.44 0.14
C ALA A 121 20.24 0.57 -0.72
N VAL A 122 19.61 1.71 -0.98
CA VAL A 122 20.23 2.78 -1.76
C VAL A 122 21.49 3.28 -1.07
N GLN A 123 21.43 3.33 0.26
CA GLN A 123 22.51 3.88 1.06
C GLN A 123 23.58 2.84 1.36
N GLY A 124 23.63 1.80 0.55
CA GLY A 124 24.71 0.83 0.65
C GLY A 124 24.46 -0.25 1.68
N HIS A 125 23.24 -0.34 2.17
CA HIS A 125 22.87 -1.38 3.12
C HIS A 125 22.00 -2.42 2.44
N ALA A 126 22.64 -3.40 1.82
CA ALA A 126 21.94 -4.42 1.07
C ALA A 126 21.67 -5.64 1.93
N SER A 127 20.45 -5.73 2.44
CA SER A 127 20.03 -6.85 3.24
C SER A 127 18.83 -7.51 2.59
N GLN A 128 19.10 -8.41 1.65
CA GLN A 128 18.06 -9.02 0.85
C GLN A 128 17.18 -9.93 1.70
N GLU A 129 17.71 -10.42 2.81
CA GLU A 129 16.95 -11.27 3.70
C GLU A 129 15.78 -10.49 4.29
N LYS A 130 16.07 -9.36 4.93
CA LYS A 130 15.04 -8.53 5.52
C LYS A 130 14.24 -7.80 4.45
N LEU A 131 14.90 -7.48 3.34
CA LEU A 131 14.26 -6.77 2.24
C LEU A 131 13.16 -7.61 1.63
N ILE A 132 13.47 -8.86 1.30
CA ILE A 132 12.48 -9.77 0.74
C ILE A 132 11.36 -10.03 1.75
N SER A 133 11.74 -10.33 2.99
CA SER A 133 10.77 -10.65 4.03
C SER A 133 9.77 -9.51 4.25
N SER A 134 10.27 -8.29 4.36
CA SER A 134 9.41 -7.14 4.59
C SER A 134 8.53 -6.86 3.37
N ALA A 135 9.08 -7.05 2.19
CA ALA A 135 8.35 -6.78 0.95
C ALA A 135 7.18 -7.74 0.80
N LYS A 136 7.40 -8.98 1.18
CA LYS A 136 6.37 -10.00 1.12
C LYS A 136 5.29 -9.69 2.15
N GLN A 137 5.70 -9.13 3.28
CA GLN A 137 4.75 -8.70 4.32
C GLN A 137 3.95 -7.50 3.84
N VAL A 138 4.62 -6.57 3.18
CA VAL A 138 3.96 -5.40 2.60
C VAL A 138 2.88 -5.84 1.64
N ALA A 139 3.26 -6.67 0.67
CA ALA A 139 2.32 -7.19 -0.30
C ALA A 139 1.13 -7.86 0.38
N ALA A 140 1.42 -8.69 1.37
CA ALA A 140 0.38 -9.43 2.08
C ALA A 140 -0.55 -8.49 2.84
N SER A 141 0.01 -7.58 3.62
CA SER A 141 -0.78 -6.70 4.47
C SER A 141 -1.57 -5.69 3.64
N THR A 142 -0.95 -5.21 2.57
CA THR A 142 -1.59 -4.25 1.70
C THR A 142 -2.71 -4.91 0.90
N ALA A 143 -2.46 -6.11 0.40
CA ALA A 143 -3.48 -6.85 -0.31
C ALA A 143 -4.60 -7.25 0.65
N GLN A 144 -4.27 -7.35 1.94
CA GLN A 144 -5.24 -7.66 2.98
C GLN A 144 -6.21 -6.49 3.16
N LEU A 145 -5.74 -5.28 2.84
CA LEU A 145 -6.59 -4.10 2.86
C LEU A 145 -7.75 -4.28 1.89
N LEU A 146 -7.46 -4.92 0.76
CA LEU A 146 -8.50 -5.26 -0.22
C LEU A 146 -9.49 -6.24 0.38
N VAL A 147 -8.96 -7.24 1.07
CA VAL A 147 -9.79 -8.29 1.67
C VAL A 147 -10.75 -7.69 2.68
N ALA A 148 -10.28 -6.71 3.44
CA ALA A 148 -11.10 -6.02 4.43
C ALA A 148 -12.32 -5.39 3.77
N CYS A 149 -12.10 -4.76 2.62
CA CYS A 149 -13.19 -4.15 1.87
C CYS A 149 -14.04 -5.23 1.23
N LYS A 150 -13.38 -6.28 0.73
CA LYS A 150 -14.04 -7.39 0.04
C LYS A 150 -15.09 -8.08 0.94
N VAL A 151 -14.94 -7.91 2.25
CA VAL A 151 -15.89 -8.49 3.20
C VAL A 151 -17.31 -7.98 2.92
N LYS A 152 -17.41 -6.77 2.40
CA LYS A 152 -18.71 -6.18 2.10
C LYS A 152 -18.81 -5.78 0.62
N ALA A 153 -17.68 -5.39 0.03
CA ALA A 153 -17.65 -5.07 -1.39
C ALA A 153 -17.55 -6.35 -2.21
N ASP A 154 -18.51 -6.56 -3.09
CA ASP A 154 -18.55 -7.75 -3.92
C ASP A 154 -17.62 -7.58 -5.13
N GLN A 155 -17.10 -8.68 -5.64
CA GLN A 155 -16.20 -8.66 -6.77
C GLN A 155 -16.85 -8.04 -8.00
N ASP A 156 -18.17 -8.17 -8.12
CA ASP A 156 -18.89 -7.60 -9.26
C ASP A 156 -19.15 -6.12 -9.03
N SER A 157 -18.08 -5.35 -8.94
CA SER A 157 -18.17 -3.92 -8.74
C SER A 157 -17.05 -3.23 -9.51
N GLU A 158 -17.41 -2.17 -10.23
CA GLU A 158 -16.44 -1.41 -11.03
C GLU A 158 -15.28 -0.92 -10.16
N ALA A 159 -15.63 -0.33 -9.03
CA ALA A 159 -14.63 0.18 -8.09
C ALA A 159 -13.79 -0.97 -7.52
N MET A 160 -14.42 -2.12 -7.35
CA MET A 160 -13.74 -3.29 -6.81
C MET A 160 -12.68 -3.80 -7.79
N LYS A 161 -12.97 -3.70 -9.08
CA LYS A 161 -12.00 -4.07 -10.11
C LYS A 161 -10.75 -3.19 -10.00
N ARG A 162 -10.97 -1.89 -9.92
CA ARG A 162 -9.88 -0.94 -9.78
C ARG A 162 -9.15 -1.16 -8.46
N LEU A 163 -9.93 -1.45 -7.42
CA LEU A 163 -9.41 -1.74 -6.10
C LEU A 163 -8.48 -2.95 -6.16
N GLN A 164 -8.95 -4.02 -6.78
CA GLN A 164 -8.15 -5.23 -6.95
C GLN A 164 -6.88 -4.93 -7.73
N ALA A 165 -7.02 -4.16 -8.81
CA ALA A 165 -5.89 -3.82 -9.67
C ALA A 165 -4.80 -3.07 -8.89
N ALA A 166 -5.22 -2.23 -7.97
CA ALA A 166 -4.28 -1.46 -7.16
C ALA A 166 -3.57 -2.36 -6.16
N GLY A 167 -4.33 -3.24 -5.51
CA GLY A 167 -3.74 -4.18 -4.57
C GLY A 167 -2.84 -5.18 -5.27
N ASN A 168 -3.29 -5.62 -6.43
CA ASN A 168 -2.52 -6.54 -7.27
C ASN A 168 -1.20 -5.89 -7.67
N ALA A 169 -1.25 -4.59 -7.93
CA ALA A 169 -0.06 -3.82 -8.27
C ALA A 169 0.94 -3.84 -7.13
N VAL A 170 0.44 -3.68 -5.89
CA VAL A 170 1.31 -3.73 -4.72
C VAL A 170 2.04 -5.07 -4.67
N LYS A 171 1.27 -6.13 -4.79
CA LYS A 171 1.78 -7.49 -4.66
C LYS A 171 2.74 -7.81 -5.81
N ARG A 172 2.40 -7.32 -7.00
CA ARG A 172 3.24 -7.53 -8.18
C ARG A 172 4.54 -6.74 -8.07
N ALA A 173 4.43 -5.50 -7.62
CA ALA A 173 5.59 -4.64 -7.43
C ALA A 173 6.47 -5.16 -6.30
N SER A 174 5.84 -5.70 -5.26
CA SER A 174 6.58 -6.31 -4.16
C SER A 174 7.29 -7.57 -4.63
N ASP A 175 6.62 -8.35 -5.48
CA ASP A 175 7.25 -9.51 -6.10
C ASP A 175 8.44 -9.09 -6.95
N ASN A 176 8.28 -7.99 -7.69
CA ASN A 176 9.38 -7.44 -8.49
C ASN A 176 10.52 -6.99 -7.57
N LEU A 177 10.17 -6.32 -6.49
CA LEU A 177 11.14 -5.87 -5.50
C LEU A 177 11.90 -7.06 -4.92
N VAL A 178 11.15 -8.11 -4.58
CA VAL A 178 11.75 -9.35 -4.10
C VAL A 178 12.68 -9.94 -5.15
N LYS A 179 12.20 -10.01 -6.38
CA LYS A 179 12.98 -10.53 -7.50
C LYS A 179 14.30 -9.77 -7.64
N ALA A 180 14.21 -8.45 -7.58
CA ALA A 180 15.40 -7.61 -7.70
C ALA A 180 16.41 -7.95 -6.60
N ALA A 181 15.90 -8.23 -5.40
CA ALA A 181 16.73 -8.65 -4.29
C ALA A 181 17.31 -10.04 -4.54
N GLN A 182 16.52 -10.91 -5.16
CA GLN A 182 16.95 -12.27 -5.49
C GLN A 182 18.07 -12.24 -6.53
N LYS A 183 18.21 -11.12 -7.22
CA LYS A 183 19.29 -10.94 -8.19
C LYS A 183 20.58 -10.51 -7.50
N ALA A 184 20.44 -9.73 -6.43
CA ALA A 184 21.61 -9.23 -5.71
C ALA A 184 22.02 -10.21 -4.62
N ALA A 185 21.30 -11.30 -4.55
CA ALA A 185 21.60 -12.36 -3.61
C ALA A 185 21.33 -13.71 -4.26
N ALA A 186 22.39 -14.33 -4.75
CA ALA A 186 22.27 -15.60 -5.45
C ALA A 186 21.83 -16.70 -4.50
N PHE A 187 20.64 -17.22 -4.74
CA PHE A 187 20.10 -18.30 -3.95
C PHE A 187 20.20 -19.61 -4.73
N GLU A 188 21.40 -20.13 -4.84
CA GLU A 188 21.65 -21.34 -5.60
C GLU A 188 22.34 -22.37 -4.72
N ASP A 189 21.87 -22.47 -3.50
CA ASP A 189 22.45 -23.37 -2.51
C ASP A 189 21.37 -24.23 -1.89
N GLY A 1 -32.01 12.87 16.88
CA GLY A 1 -31.98 11.97 15.70
C GLY A 1 -30.56 11.57 15.36
N ILE A 2 -30.18 11.79 14.11
CA ILE A 2 -28.83 11.48 13.66
C ILE A 2 -28.15 12.71 13.09
N ASP A 3 -26.84 12.71 13.08
CA ASP A 3 -26.07 13.86 12.60
C ASP A 3 -25.05 13.42 11.55
N PRO A 4 -24.74 14.32 10.61
CA PRO A 4 -23.77 14.06 9.53
C PRO A 4 -22.32 14.15 10.00
N PHE A 5 -22.10 14.09 11.29
CA PHE A 5 -20.77 14.20 11.84
C PHE A 5 -20.27 12.83 12.27
N THR A 6 -21.22 11.96 12.57
CA THR A 6 -20.91 10.64 13.08
C THR A 6 -21.30 9.55 12.09
N ASP A 7 -21.17 9.85 10.82
CA ASP A 7 -21.38 8.86 9.77
C ASP A 7 -20.20 7.89 9.75
N PRO A 8 -20.45 6.61 10.07
CA PRO A 8 -19.40 5.61 10.23
C PRO A 8 -18.45 5.54 9.04
N THR A 9 -19.01 5.46 7.84
CA THR A 9 -18.21 5.36 6.63
C THR A 9 -17.38 6.61 6.40
N VAL A 10 -17.95 7.78 6.68
CA VAL A 10 -17.23 9.04 6.54
C VAL A 10 -16.04 9.08 7.49
N ILE A 11 -16.27 8.65 8.72
CA ILE A 11 -15.22 8.58 9.72
C ILE A 11 -14.07 7.70 9.24
N ALA A 12 -14.43 6.56 8.65
CA ALA A 12 -13.44 5.63 8.12
C ALA A 12 -12.69 6.23 6.93
N GLU A 13 -13.41 6.93 6.08
CA GLU A 13 -12.81 7.57 4.91
C GLU A 13 -11.78 8.61 5.34
N ASN A 14 -12.09 9.33 6.40
CA ASN A 14 -11.19 10.35 6.95
C ASN A 14 -9.89 9.71 7.43
N GLU A 15 -9.99 8.45 7.84
CA GLU A 15 -8.83 7.70 8.28
C GLU A 15 -7.99 7.27 7.09
N LEU A 16 -8.65 6.98 5.98
CA LEU A 16 -7.97 6.57 4.76
C LEU A 16 -7.09 7.69 4.23
N LEU A 17 -7.67 8.88 4.10
CA LEU A 17 -6.95 10.03 3.60
C LEU A 17 -5.78 10.39 4.52
N GLY A 18 -5.94 10.12 5.80
CA GLY A 18 -4.86 10.33 6.75
C GLY A 18 -3.75 9.33 6.58
N ALA A 19 -4.12 8.09 6.25
CA ALA A 19 -3.16 7.02 6.05
C ALA A 19 -2.40 7.20 4.73
N ALA A 20 -3.15 7.49 3.68
CA ALA A 20 -2.55 7.68 2.35
C ALA A 20 -1.56 8.84 2.35
N ALA A 21 -1.87 9.87 3.13
CA ALA A 21 -1.00 11.04 3.24
C ALA A 21 0.38 10.68 3.76
N ALA A 22 0.42 9.68 4.64
CA ALA A 22 1.68 9.22 5.19
C ALA A 22 2.50 8.50 4.12
N ILE A 23 1.83 7.69 3.33
CA ILE A 23 2.47 6.96 2.24
C ILE A 23 3.04 7.93 1.21
N GLU A 24 2.26 8.94 0.85
CA GLU A 24 2.68 9.93 -0.14
C GLU A 24 3.87 10.73 0.38
N ALA A 25 3.90 10.97 1.68
CA ALA A 25 5.00 11.71 2.29
C ALA A 25 6.28 10.89 2.26
N ALA A 26 6.16 9.59 2.49
CA ALA A 26 7.30 8.69 2.40
C ALA A 26 7.76 8.58 0.96
N ALA A 27 6.78 8.44 0.06
CA ALA A 27 7.06 8.40 -1.37
C ALA A 27 7.79 9.67 -1.81
N LYS A 28 7.45 10.78 -1.18
CA LYS A 28 8.06 12.07 -1.46
C LYS A 28 9.57 12.00 -1.24
N LYS A 29 9.98 11.42 -0.12
CA LYS A 29 11.40 11.32 0.20
C LYS A 29 12.04 10.17 -0.57
N LEU A 30 11.23 9.20 -0.94
CA LEU A 30 11.65 8.07 -1.72
C LEU A 30 12.00 8.50 -3.15
N GLU A 31 11.23 9.44 -3.67
CA GLU A 31 11.49 9.99 -5.00
C GLU A 31 12.77 10.82 -5.01
N GLN A 32 13.18 11.27 -3.83
CA GLN A 32 14.36 12.12 -3.71
C GLN A 32 15.64 11.29 -3.58
N LEU A 33 15.50 9.97 -3.59
CA LEU A 33 16.66 9.09 -3.49
C LEU A 33 17.44 9.10 -4.80
N LYS A 34 16.71 9.01 -5.92
CA LYS A 34 17.28 9.15 -7.26
C LYS A 34 18.14 7.95 -7.65
N PRO A 35 18.04 7.52 -8.93
CA PRO A 35 18.92 6.50 -9.50
C PRO A 35 20.39 6.91 -9.43
N ARG A 36 21.27 5.96 -9.66
CA ARG A 36 22.71 6.20 -9.52
C ARG A 36 23.24 7.11 -10.63
N ALA A 37 24.48 7.54 -10.46
CA ALA A 37 25.17 8.32 -11.48
C ALA A 37 25.58 7.43 -12.64
N LYS A 38 26.36 8.01 -13.52
CA LYS A 38 26.92 7.30 -14.68
C LYS A 38 27.42 5.91 -14.30
N PRO A 39 27.24 4.93 -15.19
CA PRO A 39 27.47 3.51 -14.93
C PRO A 39 28.87 3.22 -14.42
N LYS A 40 28.95 3.12 -13.10
CA LYS A 40 30.18 2.74 -12.43
C LYS A 40 30.48 1.26 -12.66
N GLU A 41 31.75 0.89 -12.56
CA GLU A 41 32.14 -0.49 -12.70
C GLU A 41 33.35 -0.78 -11.82
N ALA A 42 33.46 -0.03 -10.74
CA ALA A 42 34.56 -0.17 -9.80
C ALA A 42 34.07 -0.48 -8.40
N ASP A 43 32.79 -0.77 -8.31
CA ASP A 43 32.15 -1.11 -7.04
C ASP A 43 31.02 -2.09 -7.30
N GLU A 44 31.32 -3.10 -8.12
CA GLU A 44 30.35 -4.05 -8.62
C GLU A 44 29.33 -3.39 -9.53
N SER A 45 28.62 -4.18 -10.32
CA SER A 45 27.56 -3.65 -11.15
C SER A 45 26.27 -3.60 -10.34
N LEU A 46 26.25 -2.72 -9.35
CA LEU A 46 25.13 -2.63 -8.43
C LEU A 46 24.04 -1.71 -8.97
N ASN A 47 23.06 -2.30 -9.62
CA ASN A 47 21.87 -1.59 -10.04
C ASN A 47 20.67 -2.11 -9.27
N PHE A 48 20.98 -2.97 -8.30
CA PHE A 48 19.99 -3.57 -7.41
C PHE A 48 19.19 -2.49 -6.69
N GLU A 49 19.91 -1.54 -6.10
CA GLU A 49 19.29 -0.43 -5.37
C GLU A 49 18.30 0.31 -6.26
N GLU A 50 18.68 0.50 -7.52
CA GLU A 50 17.82 1.17 -8.49
C GLU A 50 16.57 0.36 -8.75
N GLN A 51 16.73 -0.95 -8.94
CA GLN A 51 15.61 -1.86 -9.16
C GLN A 51 14.66 -1.84 -7.97
N ILE A 52 15.22 -1.73 -6.78
CA ILE A 52 14.42 -1.61 -5.57
C ILE A 52 13.69 -0.26 -5.56
N LEU A 53 14.44 0.79 -5.87
CA LEU A 53 13.91 2.15 -5.86
C LEU A 53 12.70 2.30 -6.80
N GLU A 54 12.85 1.89 -8.05
CA GLU A 54 11.78 2.04 -9.03
C GLU A 54 10.53 1.30 -8.62
N ALA A 55 10.69 0.08 -8.13
CA ALA A 55 9.56 -0.73 -7.77
C ALA A 55 8.95 -0.24 -6.46
N ALA A 56 9.77 0.30 -5.59
CA ALA A 56 9.27 0.91 -4.37
C ALA A 56 8.38 2.09 -4.70
N LYS A 57 8.78 2.82 -5.75
CA LYS A 57 7.96 3.91 -6.27
C LYS A 57 6.64 3.37 -6.82
N SER A 58 6.70 2.23 -7.50
CA SER A 58 5.50 1.63 -8.08
C SER A 58 4.55 1.21 -6.96
N ILE A 59 5.12 0.72 -5.86
CA ILE A 59 4.36 0.43 -4.64
C ILE A 59 3.76 1.72 -4.11
N ALA A 60 4.60 2.70 -3.86
CA ALA A 60 4.17 3.98 -3.31
C ALA A 60 3.02 4.59 -4.11
N ALA A 61 3.13 4.52 -5.44
CA ALA A 61 2.10 5.06 -6.32
C ALA A 61 0.82 4.23 -6.24
N ALA A 62 0.97 2.91 -6.29
CA ALA A 62 -0.16 2.01 -6.30
C ALA A 62 -0.82 1.95 -4.92
N THR A 63 -0.02 1.99 -3.86
CA THR A 63 -0.55 1.90 -2.52
C THR A 63 -1.34 3.15 -2.15
N SER A 64 -0.80 4.31 -2.51
CA SER A 64 -1.47 5.58 -2.28
C SER A 64 -2.79 5.63 -3.06
N ALA A 65 -2.80 5.03 -4.24
CA ALA A 65 -4.01 4.95 -5.05
C ALA A 65 -4.98 3.96 -4.44
N LEU A 66 -4.44 2.88 -3.88
CA LEU A 66 -5.26 1.85 -3.25
C LEU A 66 -6.12 2.42 -2.14
N VAL A 67 -5.51 3.20 -1.27
CA VAL A 67 -6.21 3.81 -0.15
C VAL A 67 -7.29 4.78 -0.65
N LYS A 68 -6.98 5.50 -1.72
CA LYS A 68 -7.95 6.41 -2.31
C LYS A 68 -9.07 5.64 -3.00
N ALA A 69 -8.72 4.51 -3.60
CA ALA A 69 -9.70 3.64 -4.24
C ALA A 69 -10.62 3.02 -3.20
N ALA A 70 -10.08 2.73 -2.02
CA ALA A 70 -10.87 2.21 -0.92
C ALA A 70 -11.93 3.23 -0.51
N SER A 71 -11.55 4.51 -0.51
CA SER A 71 -12.48 5.59 -0.25
C SER A 71 -13.60 5.61 -1.28
N ALA A 72 -13.23 5.46 -2.54
CA ALA A 72 -14.21 5.39 -3.62
C ALA A 72 -15.10 4.16 -3.46
N ALA A 73 -14.48 3.05 -3.05
CA ALA A 73 -15.20 1.79 -2.83
C ALA A 73 -16.26 1.96 -1.76
N GLN A 74 -15.87 2.58 -0.63
CA GLN A 74 -16.83 2.87 0.42
C GLN A 74 -18.00 3.66 -0.14
N ARG A 75 -17.67 4.73 -0.84
CA ARG A 75 -18.64 5.68 -1.35
C ARG A 75 -19.72 4.99 -2.21
N GLU A 76 -19.30 4.07 -3.07
CA GLU A 76 -20.24 3.36 -3.91
C GLU A 76 -21.11 2.44 -3.07
N LEU A 77 -20.51 1.76 -2.10
CA LEU A 77 -21.24 0.88 -1.20
C LEU A 77 -22.21 1.67 -0.34
N VAL A 78 -21.85 2.92 -0.04
CA VAL A 78 -22.71 3.82 0.70
C VAL A 78 -23.91 4.20 -0.17
N ALA A 79 -23.64 4.52 -1.43
CA ALA A 79 -24.68 4.86 -2.39
C ALA A 79 -25.64 3.69 -2.60
N GLN A 80 -25.08 2.48 -2.64
CA GLN A 80 -25.89 1.27 -2.77
C GLN A 80 -26.60 0.95 -1.46
N GLY A 81 -26.06 1.47 -0.36
CA GLY A 81 -26.60 1.17 0.95
C GLY A 81 -26.36 -0.27 1.35
N LYS A 82 -25.27 -0.83 0.84
CA LYS A 82 -24.95 -2.23 1.04
C LYS A 82 -24.32 -2.43 2.42
N VAL A 83 -23.79 -1.37 2.97
CA VAL A 83 -23.19 -1.39 4.29
C VAL A 83 -23.95 -0.42 5.20
N GLY A 84 -23.83 -0.61 6.51
CA GLY A 84 -24.45 0.30 7.46
C GLY A 84 -23.76 1.65 7.51
N ALA A 85 -23.83 2.38 6.40
CA ALA A 85 -23.17 3.67 6.28
C ALA A 85 -23.94 4.77 6.99
N ILE A 86 -25.06 4.38 7.54
CA ILE A 86 -25.92 5.29 8.30
C ILE A 86 -25.64 5.11 9.78
N PRO A 87 -25.52 6.21 10.54
CA PRO A 87 -25.32 6.18 12.01
C PRO A 87 -26.23 5.16 12.73
N ALA A 88 -27.46 5.01 12.25
CA ALA A 88 -28.40 4.06 12.84
C ALA A 88 -27.99 2.61 12.59
N ASN A 89 -27.11 2.43 11.62
CA ASN A 89 -26.63 1.10 11.26
C ASN A 89 -25.12 1.03 11.44
N ALA A 90 -24.59 1.93 12.28
CA ALA A 90 -23.15 2.06 12.48
C ALA A 90 -22.52 0.76 12.99
N LEU A 91 -23.31 -0.03 13.71
CA LEU A 91 -22.85 -1.31 14.22
C LEU A 91 -22.37 -2.20 13.05
N ASP A 92 -23.14 -2.18 11.96
CA ASP A 92 -22.83 -2.98 10.79
C ASP A 92 -21.51 -2.54 10.17
N ASP A 93 -21.39 -1.24 9.90
CA ASP A 93 -20.18 -0.68 9.33
C ASP A 93 -19.00 -0.85 10.28
N GLY A 94 -19.27 -0.74 11.58
CA GLY A 94 -18.21 -0.86 12.57
C GLY A 94 -17.49 -2.18 12.50
N GLN A 95 -18.16 -3.19 11.95
CA GLN A 95 -17.53 -4.49 11.74
C GLN A 95 -16.65 -4.44 10.49
N TRP A 96 -17.10 -3.66 9.51
CA TRP A 96 -16.40 -3.54 8.25
C TRP A 96 -15.23 -2.55 8.34
N SER A 97 -15.50 -1.35 8.83
CA SER A 97 -14.49 -0.31 8.88
C SER A 97 -13.41 -0.62 9.90
N GLN A 98 -13.75 -1.40 10.93
CA GLN A 98 -12.78 -1.83 11.90
C GLN A 98 -11.66 -2.63 11.23
N GLY A 99 -12.06 -3.55 10.36
CA GLY A 99 -11.10 -4.34 9.62
C GLY A 99 -10.46 -3.54 8.51
N LEU A 100 -11.21 -2.58 7.98
CA LEU A 100 -10.71 -1.72 6.92
C LEU A 100 -9.65 -0.76 7.45
N ILE A 101 -9.94 -0.12 8.59
CA ILE A 101 -9.02 0.81 9.22
C ILE A 101 -7.72 0.12 9.60
N SER A 102 -7.83 -1.00 10.31
CA SER A 102 -6.65 -1.74 10.76
C SER A 102 -5.76 -2.10 9.57
N ALA A 103 -6.39 -2.58 8.50
CA ALA A 103 -5.66 -2.93 7.29
C ALA A 103 -5.05 -1.69 6.64
N ALA A 104 -5.86 -0.66 6.44
CA ALA A 104 -5.38 0.58 5.79
C ALA A 104 -4.27 1.23 6.59
N ARG A 105 -4.45 1.31 7.90
CA ARG A 105 -3.44 1.89 8.78
C ARG A 105 -2.18 1.01 8.78
N MET A 106 -2.37 -0.29 8.61
CA MET A 106 -1.25 -1.21 8.49
C MET A 106 -0.53 -1.01 7.16
N VAL A 107 -1.30 -0.81 6.09
CA VAL A 107 -0.74 -0.54 4.78
C VAL A 107 0.15 0.68 4.82
N ALA A 108 -0.35 1.76 5.39
CA ALA A 108 0.40 3.00 5.50
C ALA A 108 1.72 2.79 6.22
N ALA A 109 1.70 1.94 7.25
CA ALA A 109 2.90 1.68 8.03
C ALA A 109 3.84 0.71 7.32
N ALA A 110 3.27 -0.40 6.84
CA ALA A 110 4.05 -1.43 6.17
C ALA A 110 4.72 -0.92 4.91
N THR A 111 3.95 -0.24 4.07
CA THR A 111 4.47 0.28 2.81
C THR A 111 5.49 1.39 3.07
N ASN A 112 5.30 2.10 4.19
CA ASN A 112 6.21 3.17 4.59
C ASN A 112 7.50 2.55 5.07
N ASN A 113 7.38 1.49 5.87
CA ASN A 113 8.53 0.75 6.36
C ASN A 113 9.36 0.21 5.19
N LEU A 114 8.68 -0.20 4.13
CA LEU A 114 9.34 -0.71 2.95
C LEU A 114 10.03 0.42 2.18
N CYS A 115 9.40 1.59 2.18
CA CYS A 115 10.00 2.78 1.60
C CYS A 115 11.29 3.13 2.35
N GLU A 116 11.26 2.93 3.67
CA GLU A 116 12.43 3.17 4.50
C GLU A 116 13.48 2.08 4.30
N ALA A 117 13.02 0.87 3.96
CA ALA A 117 13.92 -0.23 3.66
C ALA A 117 14.59 -0.02 2.32
N ALA A 118 13.80 0.40 1.34
CA ALA A 118 14.33 0.75 0.03
C ALA A 118 15.33 1.90 0.16
N ASN A 119 14.97 2.89 0.98
CA ASN A 119 15.86 4.02 1.28
C ASN A 119 17.23 3.53 1.70
N ALA A 120 17.26 2.68 2.72
CA ALA A 120 18.51 2.17 3.28
C ALA A 120 19.37 1.53 2.20
N ALA A 121 18.75 0.75 1.33
CA ALA A 121 19.46 0.06 0.26
C ALA A 121 20.17 1.05 -0.66
N VAL A 122 19.43 2.06 -1.11
CA VAL A 122 19.97 3.07 -2.03
C VAL A 122 21.12 3.83 -1.38
N GLN A 123 21.00 4.04 -0.08
CA GLN A 123 21.97 4.84 0.67
C GLN A 123 23.25 4.08 0.95
N GLY A 124 23.22 2.76 0.78
CA GLY A 124 24.42 1.97 0.95
C GLY A 124 24.31 0.97 2.09
N HIS A 125 23.12 0.85 2.65
CA HIS A 125 22.88 -0.12 3.72
C HIS A 125 21.80 -1.09 3.30
N ALA A 126 22.16 -2.04 2.44
CA ALA A 126 21.20 -2.98 1.90
C ALA A 126 21.27 -4.30 2.63
N SER A 127 20.10 -4.85 2.96
CA SER A 127 20.02 -6.16 3.55
C SER A 127 18.85 -6.91 2.94
N GLN A 128 19.15 -7.77 1.99
CA GLN A 128 18.13 -8.47 1.22
C GLN A 128 17.27 -9.34 2.12
N GLU A 129 17.87 -9.82 3.21
CA GLU A 129 17.18 -10.64 4.19
C GLU A 129 15.98 -9.89 4.76
N LYS A 130 16.21 -8.63 5.13
CA LYS A 130 15.14 -7.78 5.66
C LYS A 130 14.21 -7.37 4.53
N LEU A 131 14.80 -7.06 3.38
CA LEU A 131 14.05 -6.55 2.23
C LEU A 131 13.00 -7.55 1.77
N ILE A 132 13.40 -8.81 1.63
CA ILE A 132 12.48 -9.87 1.22
C ILE A 132 11.32 -10.01 2.22
N SER A 133 11.66 -10.11 3.49
CA SER A 133 10.67 -10.31 4.54
C SER A 133 9.69 -9.13 4.58
N SER A 134 10.24 -7.91 4.50
CA SER A 134 9.42 -6.70 4.55
C SER A 134 8.48 -6.61 3.36
N ALA A 135 9.00 -6.96 2.17
CA ALA A 135 8.21 -6.84 0.96
C ALA A 135 7.06 -7.84 0.96
N LYS A 136 7.30 -9.01 1.54
CA LYS A 136 6.27 -10.02 1.66
C LYS A 136 5.20 -9.58 2.64
N GLN A 137 5.60 -8.86 3.66
CA GLN A 137 4.66 -8.33 4.63
C GLN A 137 3.84 -7.22 4.03
N VAL A 138 4.49 -6.36 3.25
CA VAL A 138 3.80 -5.28 2.56
C VAL A 138 2.74 -5.83 1.62
N ALA A 139 3.16 -6.74 0.74
CA ALA A 139 2.25 -7.36 -0.20
C ALA A 139 1.05 -7.98 0.52
N ALA A 140 1.32 -8.72 1.58
CA ALA A 140 0.26 -9.42 2.31
C ALA A 140 -0.69 -8.45 2.98
N SER A 141 -0.13 -7.47 3.70
CA SER A 141 -0.94 -6.53 4.46
C SER A 141 -1.71 -5.59 3.54
N THR A 142 -1.09 -5.19 2.44
CA THR A 142 -1.71 -4.27 1.51
C THR A 142 -2.80 -4.97 0.70
N ALA A 143 -2.52 -6.19 0.27
CA ALA A 143 -3.50 -6.98 -0.46
C ALA A 143 -4.66 -7.36 0.46
N GLN A 144 -4.38 -7.35 1.77
CA GLN A 144 -5.40 -7.61 2.79
C GLN A 144 -6.37 -6.43 2.89
N LEU A 145 -5.88 -5.25 2.52
CA LEU A 145 -6.72 -4.06 2.47
C LEU A 145 -7.84 -4.28 1.46
N LEU A 146 -7.53 -4.99 0.39
CA LEU A 146 -8.53 -5.38 -0.59
C LEU A 146 -9.57 -6.30 0.04
N VAL A 147 -9.07 -7.30 0.76
CA VAL A 147 -9.94 -8.27 1.43
C VAL A 147 -10.83 -7.55 2.44
N ALA A 148 -10.26 -6.60 3.17
CA ALA A 148 -10.99 -5.83 4.15
C ALA A 148 -12.17 -5.10 3.52
N CYS A 149 -11.95 -4.53 2.34
CA CYS A 149 -13.02 -3.85 1.63
C CYS A 149 -14.01 -4.87 1.05
N LYS A 150 -13.46 -5.95 0.47
CA LYS A 150 -14.28 -6.99 -0.18
C LYS A 150 -15.32 -7.60 0.78
N VAL A 151 -15.11 -7.44 2.08
CA VAL A 151 -16.08 -7.91 3.08
C VAL A 151 -17.49 -7.40 2.78
N LYS A 152 -17.59 -6.15 2.34
CA LYS A 152 -18.87 -5.57 1.95
C LYS A 152 -18.88 -5.23 0.46
N ALA A 153 -17.70 -5.17 -0.15
CA ALA A 153 -17.57 -4.77 -1.54
C ALA A 153 -17.78 -5.96 -2.48
N ASP A 154 -18.54 -5.74 -3.54
CA ASP A 154 -18.74 -6.75 -4.56
C ASP A 154 -17.56 -6.71 -5.52
N GLN A 155 -17.15 -7.87 -6.02
CA GLN A 155 -15.93 -7.97 -6.82
C GLN A 155 -16.13 -7.39 -8.22
N ASP A 156 -17.39 -7.18 -8.62
CA ASP A 156 -17.67 -6.61 -9.93
C ASP A 156 -18.03 -5.13 -9.81
N SER A 157 -17.86 -4.59 -8.61
CA SER A 157 -18.09 -3.17 -8.37
C SER A 157 -17.00 -2.34 -9.05
N GLU A 158 -17.37 -1.16 -9.53
CA GLU A 158 -16.46 -0.31 -10.29
C GLU A 158 -15.27 0.11 -9.44
N ALA A 159 -15.53 0.58 -8.23
CA ALA A 159 -14.47 1.00 -7.34
C ALA A 159 -13.62 -0.19 -6.92
N MET A 160 -14.21 -1.37 -6.88
CA MET A 160 -13.48 -2.58 -6.52
C MET A 160 -12.50 -2.94 -7.63
N LYS A 161 -12.89 -2.70 -8.89
CA LYS A 161 -12.04 -2.97 -10.04
C LYS A 161 -10.68 -2.28 -9.88
N ARG A 162 -10.73 -0.96 -9.65
CA ARG A 162 -9.53 -0.16 -9.49
C ARG A 162 -8.83 -0.47 -8.18
N LEU A 163 -9.60 -0.93 -7.21
CA LEU A 163 -9.06 -1.33 -5.91
C LEU A 163 -8.21 -2.58 -6.09
N GLN A 164 -8.78 -3.58 -6.76
CA GLN A 164 -8.10 -4.84 -7.02
C GLN A 164 -6.84 -4.62 -7.86
N ALA A 165 -6.96 -3.81 -8.90
CA ALA A 165 -5.85 -3.52 -9.79
C ALA A 165 -4.67 -2.93 -9.03
N ALA A 166 -4.95 -2.03 -8.10
CA ALA A 166 -3.91 -1.41 -7.30
C ALA A 166 -3.28 -2.42 -6.35
N GLY A 167 -4.12 -3.24 -5.71
CA GLY A 167 -3.62 -4.27 -4.81
C GLY A 167 -2.76 -5.28 -5.52
N ASN A 168 -3.15 -5.64 -6.74
CA ASN A 168 -2.38 -6.55 -7.58
C ASN A 168 -1.00 -5.97 -7.84
N ALA A 169 -0.96 -4.66 -8.09
CA ALA A 169 0.29 -3.96 -8.36
C ALA A 169 1.22 -4.00 -7.15
N VAL A 170 0.65 -3.90 -5.96
CA VAL A 170 1.45 -3.95 -4.73
C VAL A 170 2.15 -5.30 -4.63
N LYS A 171 1.36 -6.37 -4.76
CA LYS A 171 1.87 -7.72 -4.68
C LYS A 171 2.92 -7.95 -5.78
N ARG A 172 2.61 -7.47 -6.98
CA ARG A 172 3.50 -7.61 -8.12
C ARG A 172 4.84 -6.93 -7.85
N ALA A 173 4.79 -5.68 -7.43
CA ALA A 173 5.98 -4.91 -7.15
C ALA A 173 6.77 -5.50 -5.98
N SER A 174 6.06 -5.96 -4.96
CA SER A 174 6.69 -6.55 -3.79
C SER A 174 7.37 -7.86 -4.16
N ASP A 175 6.71 -8.65 -5.02
CA ASP A 175 7.28 -9.90 -5.52
C ASP A 175 8.60 -9.60 -6.22
N ASN A 176 8.53 -8.62 -7.11
CA ASN A 176 9.71 -8.16 -7.86
C ASN A 176 10.80 -7.69 -6.90
N LEU A 177 10.41 -7.00 -5.85
CA LEU A 177 11.35 -6.52 -4.84
C LEU A 177 12.00 -7.70 -4.13
N VAL A 178 11.20 -8.72 -3.83
CA VAL A 178 11.71 -9.96 -3.26
C VAL A 178 12.65 -10.65 -4.25
N LYS A 179 12.16 -10.87 -5.47
CA LYS A 179 12.94 -11.50 -6.52
C LYS A 179 14.28 -10.79 -6.71
N ALA A 180 14.23 -9.47 -6.86
CA ALA A 180 15.43 -8.69 -7.09
C ALA A 180 16.40 -8.81 -5.91
N ALA A 181 15.85 -8.89 -4.71
CA ALA A 181 16.65 -9.05 -3.51
C ALA A 181 17.33 -10.42 -3.48
N GLN A 182 16.63 -11.42 -4.00
CA GLN A 182 17.17 -12.77 -4.10
C GLN A 182 18.38 -12.80 -5.03
N LYS A 183 18.50 -11.79 -5.87
CA LYS A 183 19.62 -11.69 -6.80
C LYS A 183 20.83 -11.06 -6.10
N ALA A 184 20.59 -10.17 -5.16
CA ALA A 184 21.66 -9.44 -4.51
C ALA A 184 22.16 -10.16 -3.27
N ALA A 185 21.73 -11.40 -3.11
CA ALA A 185 22.13 -12.21 -1.99
C ALA A 185 21.95 -13.69 -2.31
N ALA A 186 22.09 -14.55 -1.31
CA ALA A 186 21.93 -15.98 -1.52
C ALA A 186 20.62 -16.46 -0.92
N PHE A 187 19.60 -16.58 -1.77
CA PHE A 187 18.31 -17.07 -1.36
C PHE A 187 17.77 -18.04 -2.40
N GLU A 188 18.08 -19.30 -2.22
CA GLU A 188 17.59 -20.34 -3.11
C GLU A 188 17.37 -21.63 -2.32
N ASP A 189 16.16 -21.80 -1.83
CA ASP A 189 15.80 -23.00 -1.10
C ASP A 189 14.64 -23.70 -1.79
N GLY A 1 -22.90 7.78 17.45
CA GLY A 1 -23.78 6.84 16.72
C GLY A 1 -25.23 7.25 16.73
N ILE A 2 -25.61 8.07 17.71
CA ILE A 2 -26.96 8.62 17.79
C ILE A 2 -26.93 10.07 17.30
N ASP A 3 -26.07 10.32 16.33
CA ASP A 3 -25.81 11.67 15.84
C ASP A 3 -25.56 11.65 14.34
N PRO A 4 -25.83 12.78 13.67
CA PRO A 4 -25.59 12.95 12.24
C PRO A 4 -24.12 13.27 11.91
N PHE A 5 -23.22 12.93 12.82
CA PHE A 5 -21.81 13.25 12.63
C PHE A 5 -21.00 11.99 12.38
N THR A 6 -21.26 10.98 13.18
CA THR A 6 -20.49 9.74 13.15
C THR A 6 -21.07 8.73 12.16
N ASP A 7 -20.99 9.06 10.88
CA ASP A 7 -21.34 8.10 9.84
C ASP A 7 -20.15 7.18 9.61
N PRO A 8 -20.35 5.86 9.74
CA PRO A 8 -19.26 4.88 9.64
C PRO A 8 -18.52 4.96 8.31
N THR A 9 -19.22 5.36 7.27
CA THR A 9 -18.60 5.50 5.96
C THR A 9 -17.74 6.77 5.92
N VAL A 10 -18.25 7.84 6.50
CA VAL A 10 -17.54 9.12 6.56
C VAL A 10 -16.28 8.99 7.41
N ILE A 11 -16.31 8.05 8.35
CA ILE A 11 -15.12 7.73 9.13
C ILE A 11 -13.97 7.39 8.19
N ALA A 12 -14.26 6.57 7.20
CA ALA A 12 -13.26 6.12 6.25
C ALA A 12 -12.71 7.29 5.44
N GLU A 13 -13.58 8.18 4.98
CA GLU A 13 -13.15 9.36 4.23
C GLU A 13 -12.09 10.15 4.99
N ASN A 14 -12.32 10.36 6.26
CA ASN A 14 -11.39 11.13 7.09
C ASN A 14 -10.19 10.30 7.49
N GLU A 15 -10.43 9.05 7.86
CA GLU A 15 -9.40 8.20 8.44
C GLU A 15 -8.44 7.65 7.38
N LEU A 16 -8.98 7.20 6.25
CA LEU A 16 -8.17 6.66 5.17
C LEU A 16 -7.27 7.73 4.59
N LEU A 17 -7.84 8.89 4.31
CA LEU A 17 -7.09 10.02 3.80
C LEU A 17 -6.05 10.48 4.81
N GLY A 18 -6.36 10.31 6.08
CA GLY A 18 -5.40 10.62 7.13
C GLY A 18 -4.23 9.68 7.10
N ALA A 19 -4.51 8.38 6.95
CA ALA A 19 -3.46 7.37 6.85
C ALA A 19 -2.71 7.48 5.53
N ALA A 20 -3.42 7.94 4.50
CA ALA A 20 -2.84 8.11 3.17
C ALA A 20 -1.66 9.07 3.19
N ALA A 21 -1.72 10.05 4.08
CA ALA A 21 -0.66 11.05 4.21
C ALA A 21 0.68 10.38 4.50
N ALA A 22 0.65 9.37 5.37
CA ALA A 22 1.86 8.65 5.76
C ALA A 22 2.38 7.81 4.59
N ILE A 23 1.46 7.28 3.79
CA ILE A 23 1.84 6.48 2.64
C ILE A 23 2.40 7.36 1.54
N GLU A 24 1.75 8.49 1.30
CA GLU A 24 2.22 9.44 0.31
C GLU A 24 3.56 10.04 0.72
N ALA A 25 3.76 10.18 2.03
CA ALA A 25 5.04 10.65 2.56
C ALA A 25 6.19 9.73 2.13
N ALA A 26 5.87 8.47 1.89
CA ALA A 26 6.86 7.50 1.43
C ALA A 26 7.31 7.83 0.00
N ALA A 27 6.35 7.91 -0.92
CA ALA A 27 6.65 8.28 -2.30
C ALA A 27 7.25 9.69 -2.34
N LYS A 28 6.81 10.49 -1.40
CA LYS A 28 7.28 11.85 -1.19
C LYS A 28 8.77 11.85 -0.86
N LYS A 29 9.17 10.93 0.00
CA LYS A 29 10.58 10.76 0.33
C LYS A 29 11.33 10.21 -0.88
N LEU A 30 10.76 9.16 -1.47
CA LEU A 30 11.36 8.47 -2.60
C LEU A 30 11.68 9.40 -3.77
N GLU A 31 10.78 10.34 -4.07
CA GLU A 31 11.03 11.27 -5.17
C GLU A 31 12.10 12.28 -4.79
N GLN A 32 12.34 12.44 -3.50
CA GLN A 32 13.38 13.35 -3.02
C GLN A 32 14.67 12.59 -2.73
N LEU A 33 14.62 11.27 -2.90
CA LEU A 33 15.79 10.44 -2.66
C LEU A 33 16.67 10.39 -3.90
N LYS A 34 17.90 10.81 -3.73
CA LYS A 34 18.89 10.78 -4.79
C LYS A 34 20.02 9.83 -4.39
N PRO A 35 20.23 8.77 -5.19
CA PRO A 35 21.32 7.83 -4.95
C PRO A 35 22.66 8.53 -4.92
N ARG A 36 23.46 8.25 -3.89
CA ARG A 36 24.76 8.87 -3.73
C ARG A 36 25.75 8.29 -4.72
N ALA A 37 25.57 8.63 -5.97
CA ALA A 37 26.43 8.20 -7.05
C ALA A 37 26.23 9.11 -8.24
N LYS A 38 27.32 9.60 -8.80
CA LYS A 38 27.26 10.46 -9.96
C LYS A 38 26.64 9.71 -11.14
N PRO A 39 25.87 10.41 -11.99
CA PRO A 39 25.29 9.83 -13.19
C PRO A 39 26.38 9.40 -14.17
N LYS A 40 26.88 8.21 -13.96
CA LYS A 40 27.96 7.66 -14.72
C LYS A 40 27.65 6.21 -15.10
N GLU A 41 27.68 5.93 -16.39
CA GLU A 41 27.42 4.58 -16.87
C GLU A 41 28.62 3.70 -16.58
N ALA A 42 28.54 2.93 -15.51
CA ALA A 42 29.60 2.01 -15.13
C ALA A 42 29.23 0.58 -15.48
N ASP A 43 30.16 -0.13 -16.11
CA ASP A 43 29.90 -1.50 -16.55
C ASP A 43 30.05 -2.49 -15.41
N GLU A 44 29.07 -2.49 -14.52
CA GLU A 44 29.03 -3.42 -13.40
C GLU A 44 27.57 -3.71 -13.05
N SER A 45 27.32 -4.24 -11.86
CA SER A 45 25.97 -4.50 -11.41
C SER A 45 25.41 -3.28 -10.68
N LEU A 46 25.89 -2.12 -11.09
CA LEU A 46 25.47 -0.86 -10.51
C LEU A 46 24.18 -0.39 -11.16
N ASN A 47 23.08 -0.80 -10.56
CA ASN A 47 21.74 -0.60 -11.12
C ASN A 47 20.71 -1.28 -10.25
N PHE A 48 21.18 -2.25 -9.48
CA PHE A 48 20.36 -2.90 -8.46
C PHE A 48 19.71 -1.85 -7.56
N GLU A 49 20.49 -0.83 -7.22
CA GLU A 49 20.00 0.29 -6.42
C GLU A 49 18.80 0.94 -7.09
N GLU A 50 18.86 1.03 -8.41
CA GLU A 50 17.80 1.63 -9.20
C GLU A 50 16.61 0.69 -9.34
N GLN A 51 16.89 -0.60 -9.42
CA GLN A 51 15.85 -1.61 -9.48
C GLN A 51 15.04 -1.62 -8.19
N ILE A 52 15.73 -1.36 -7.09
CA ILE A 52 15.07 -1.21 -5.80
C ILE A 52 14.27 0.10 -5.78
N LEU A 53 14.91 1.15 -6.28
CA LEU A 53 14.33 2.48 -6.29
C LEU A 53 13.01 2.50 -7.08
N GLU A 54 13.01 1.94 -8.28
CA GLU A 54 11.81 1.92 -9.11
C GLU A 54 10.69 1.16 -8.44
N ALA A 55 11.00 -0.04 -7.97
CA ALA A 55 9.98 -0.91 -7.42
C ALA A 55 9.42 -0.33 -6.14
N ALA A 56 10.28 0.34 -5.37
CA ALA A 56 9.83 1.04 -4.17
C ALA A 56 8.84 2.13 -4.52
N LYS A 57 9.15 2.90 -5.56
CA LYS A 57 8.25 3.94 -6.04
C LYS A 57 6.96 3.34 -6.58
N SER A 58 7.09 2.18 -7.21
CA SER A 58 5.95 1.43 -7.71
C SER A 58 4.96 1.15 -6.56
N ILE A 59 5.49 0.56 -5.48
CA ILE A 59 4.70 0.30 -4.28
C ILE A 59 4.17 1.59 -3.69
N ALA A 60 5.06 2.56 -3.49
CA ALA A 60 4.68 3.83 -2.87
C ALA A 60 3.57 4.53 -3.65
N ALA A 61 3.64 4.46 -4.97
CA ALA A 61 2.63 5.09 -5.83
C ALA A 61 1.35 4.26 -5.83
N ALA A 62 1.49 2.95 -5.89
CA ALA A 62 0.33 2.06 -5.93
C ALA A 62 -0.40 2.03 -4.59
N THR A 63 0.35 2.04 -3.51
CA THR A 63 -0.24 1.96 -2.17
C THR A 63 -1.02 3.21 -1.83
N SER A 64 -0.45 4.38 -2.13
CA SER A 64 -1.09 5.65 -1.82
C SER A 64 -2.34 5.84 -2.68
N ALA A 65 -2.36 5.19 -3.84
CA ALA A 65 -3.53 5.18 -4.69
C ALA A 65 -4.55 4.17 -4.17
N LEU A 66 -4.04 3.04 -3.68
CA LEU A 66 -4.89 1.96 -3.19
C LEU A 66 -5.77 2.42 -2.03
N VAL A 67 -5.18 3.14 -1.09
CA VAL A 67 -5.94 3.62 0.07
C VAL A 67 -7.06 4.57 -0.36
N LYS A 68 -6.83 5.31 -1.44
CA LYS A 68 -7.85 6.18 -2.00
C LYS A 68 -8.87 5.36 -2.79
N ALA A 69 -8.37 4.38 -3.53
CA ALA A 69 -9.22 3.48 -4.31
C ALA A 69 -10.18 2.72 -3.41
N ALA A 70 -9.71 2.40 -2.21
CA ALA A 70 -10.56 1.76 -1.21
C ALA A 70 -11.73 2.66 -0.85
N SER A 71 -11.43 3.93 -0.60
CA SER A 71 -12.47 4.91 -0.27
C SER A 71 -13.36 5.16 -1.49
N ALA A 72 -12.79 5.05 -2.68
CA ALA A 72 -13.54 5.22 -3.91
C ALA A 72 -14.46 4.02 -4.13
N ALA A 73 -13.97 2.84 -3.76
CA ALA A 73 -14.78 1.64 -3.80
C ALA A 73 -15.99 1.79 -2.89
N GLN A 74 -15.73 2.34 -1.70
CA GLN A 74 -16.79 2.63 -0.76
C GLN A 74 -17.77 3.62 -1.36
N ARG A 75 -17.24 4.66 -2.00
CA ARG A 75 -18.05 5.71 -2.62
C ARG A 75 -19.18 5.13 -3.45
N GLU A 76 -18.86 4.15 -4.29
CA GLU A 76 -19.88 3.43 -5.06
C GLU A 76 -20.78 2.60 -4.16
N LEU A 77 -20.19 1.81 -3.28
CA LEU A 77 -20.94 0.93 -2.39
C LEU A 77 -21.88 1.71 -1.47
N VAL A 78 -21.44 2.88 -1.04
CA VAL A 78 -22.26 3.74 -0.19
C VAL A 78 -23.46 4.25 -0.98
N ALA A 79 -23.21 4.65 -2.23
CA ALA A 79 -24.27 5.11 -3.11
C ALA A 79 -25.25 4.00 -3.43
N GLN A 80 -24.72 2.78 -3.53
CA GLN A 80 -25.55 1.60 -3.74
C GLN A 80 -26.31 1.23 -2.47
N GLY A 81 -25.83 1.73 -1.34
CA GLY A 81 -26.40 1.36 -0.06
C GLY A 81 -26.00 -0.05 0.32
N LYS A 82 -24.94 -0.54 -0.31
CA LYS A 82 -24.45 -1.89 -0.10
C LYS A 82 -23.71 -1.97 1.23
N VAL A 83 -23.11 -0.85 1.61
CA VAL A 83 -22.49 -0.73 2.92
C VAL A 83 -23.32 0.17 3.80
N GLY A 84 -23.20 -0.01 5.11
CA GLY A 84 -23.97 0.76 6.06
C GLY A 84 -23.50 2.19 6.16
N ALA A 85 -24.26 3.10 5.59
CA ALA A 85 -23.92 4.51 5.61
C ALA A 85 -24.67 5.22 6.72
N ILE A 86 -25.24 4.43 7.61
CA ILE A 86 -26.09 4.94 8.68
C ILE A 86 -25.49 4.61 10.05
N PRO A 87 -25.22 5.62 10.88
CA PRO A 87 -24.71 5.42 12.24
C PRO A 87 -25.55 4.42 13.06
N ALA A 88 -26.81 4.28 12.70
CA ALA A 88 -27.70 3.31 13.34
C ALA A 88 -27.25 1.88 13.06
N ASN A 89 -26.96 1.56 11.80
CA ASN A 89 -26.57 0.20 11.44
C ASN A 89 -25.05 0.07 11.42
N ALA A 90 -24.41 1.09 11.99
CA ALA A 90 -22.95 1.12 12.11
C ALA A 90 -22.44 0.02 13.05
N LEU A 91 -23.34 -0.53 13.84
CA LEU A 91 -22.99 -1.66 14.70
C LEU A 91 -22.28 -2.74 13.88
N ASP A 92 -22.88 -3.13 12.77
CA ASP A 92 -22.29 -4.12 11.88
C ASP A 92 -21.25 -3.49 10.95
N ASP A 93 -21.68 -2.51 10.18
CA ASP A 93 -20.86 -1.93 9.11
C ASP A 93 -19.76 -1.01 9.63
N GLY A 94 -19.95 -0.48 10.82
CA GLY A 94 -18.94 0.35 11.43
C GLY A 94 -17.71 -0.46 11.81
N GLN A 95 -17.94 -1.74 12.09
CA GLN A 95 -16.84 -2.64 12.41
C GLN A 95 -16.14 -3.06 11.14
N TRP A 96 -16.87 -3.05 10.03
CA TRP A 96 -16.28 -3.19 8.72
C TRP A 96 -15.37 -2.00 8.45
N SER A 97 -15.94 -0.82 8.67
CA SER A 97 -15.20 0.43 8.53
C SER A 97 -13.93 0.39 9.37
N GLN A 98 -14.08 0.09 10.66
CA GLN A 98 -12.94 0.04 11.57
C GLN A 98 -11.95 -1.04 11.17
N GLY A 99 -12.45 -2.17 10.66
CA GLY A 99 -11.57 -3.21 10.17
C GLY A 99 -10.75 -2.73 8.99
N LEU A 100 -11.39 -1.95 8.13
CA LEU A 100 -10.72 -1.31 7.01
C LEU A 100 -9.72 -0.27 7.53
N ILE A 101 -10.11 0.43 8.59
CA ILE A 101 -9.25 1.42 9.24
C ILE A 101 -7.98 0.77 9.77
N SER A 102 -8.14 -0.29 10.56
CA SER A 102 -7.00 -1.00 11.13
C SER A 102 -6.05 -1.48 10.04
N ALA A 103 -6.62 -2.01 8.96
CA ALA A 103 -5.82 -2.47 7.84
C ALA A 103 -5.07 -1.32 7.20
N ALA A 104 -5.73 -0.16 7.11
CA ALA A 104 -5.12 1.02 6.51
C ALA A 104 -3.91 1.49 7.31
N ARG A 105 -4.04 1.50 8.64
CA ARG A 105 -2.90 1.83 9.49
C ARG A 105 -1.80 0.79 9.32
N MET A 106 -2.22 -0.45 9.14
CA MET A 106 -1.29 -1.55 8.97
C MET A 106 -0.52 -1.42 7.67
N VAL A 107 -1.23 -1.17 6.57
CA VAL A 107 -0.58 -0.99 5.27
C VAL A 107 0.28 0.26 5.28
N ALA A 108 -0.17 1.30 5.98
CA ALA A 108 0.58 2.53 6.08
C ALA A 108 1.92 2.28 6.76
N ALA A 109 1.90 1.49 7.83
CA ALA A 109 3.12 1.20 8.56
C ALA A 109 4.00 0.24 7.78
N ALA A 110 3.39 -0.82 7.24
CA ALA A 110 4.12 -1.83 6.49
C ALA A 110 4.83 -1.22 5.29
N THR A 111 4.09 -0.48 4.47
CA THR A 111 4.63 0.12 3.26
C THR A 111 5.66 1.20 3.60
N ASN A 112 5.47 1.87 4.73
CA ASN A 112 6.37 2.92 5.17
C ASN A 112 7.69 2.32 5.63
N ASN A 113 7.60 1.19 6.31
CA ASN A 113 8.77 0.46 6.75
C ASN A 113 9.55 -0.08 5.55
N LEU A 114 8.82 -0.43 4.50
CA LEU A 114 9.45 -0.93 3.28
C LEU A 114 10.22 0.19 2.59
N CYS A 115 9.71 1.41 2.69
CA CYS A 115 10.43 2.58 2.20
C CYS A 115 11.76 2.73 2.92
N GLU A 116 11.77 2.41 4.21
CA GLU A 116 12.98 2.46 5.01
C GLU A 116 13.96 1.37 4.59
N ALA A 117 13.41 0.18 4.30
CA ALA A 117 14.21 -0.95 3.85
C ALA A 117 14.79 -0.69 2.47
N ALA A 118 13.96 -0.15 1.57
CA ALA A 118 14.41 0.20 0.24
C ALA A 118 15.50 1.26 0.27
N ASN A 119 15.27 2.29 1.09
CA ASN A 119 16.25 3.37 1.27
C ASN A 119 17.61 2.82 1.68
N ALA A 120 17.61 1.81 2.54
CA ALA A 120 18.84 1.20 3.01
C ALA A 120 19.66 0.68 1.85
N ALA A 121 19.02 -0.06 0.96
CA ALA A 121 19.68 -0.64 -0.21
C ALA A 121 20.28 0.46 -1.09
N VAL A 122 19.54 1.55 -1.25
CA VAL A 122 20.01 2.69 -2.04
C VAL A 122 21.27 3.29 -1.43
N GLN A 123 21.29 3.34 -0.11
CA GLN A 123 22.39 3.96 0.63
C GLN A 123 23.57 3.01 0.74
N GLY A 124 23.41 1.78 0.27
CA GLY A 124 24.49 0.83 0.27
C GLY A 124 24.42 -0.15 1.43
N HIS A 125 23.31 -0.12 2.15
CA HIS A 125 23.10 -1.05 3.26
C HIS A 125 22.26 -2.23 2.80
N ALA A 126 22.93 -3.26 2.31
CA ALA A 126 22.24 -4.38 1.69
C ALA A 126 21.77 -5.38 2.73
N SER A 127 20.46 -5.42 2.92
CA SER A 127 19.83 -6.43 3.76
C SER A 127 18.77 -7.14 2.94
N GLN A 128 19.20 -8.15 2.20
CA GLN A 128 18.36 -8.80 1.20
C GLN A 128 17.28 -9.64 1.88
N GLU A 129 17.65 -10.26 2.98
CA GLU A 129 16.72 -11.11 3.73
C GLU A 129 15.53 -10.28 4.22
N LYS A 130 15.79 -9.19 4.93
CA LYS A 130 14.71 -8.37 5.45
C LYS A 130 14.00 -7.64 4.31
N LEU A 131 14.74 -7.34 3.25
CA LEU A 131 14.17 -6.63 2.10
C LEU A 131 13.08 -7.49 1.46
N ILE A 132 13.39 -8.76 1.23
CA ILE A 132 12.42 -9.70 0.68
C ILE A 132 11.28 -9.93 1.68
N SER A 133 11.64 -10.15 2.94
CA SER A 133 10.65 -10.40 3.98
C SER A 133 9.66 -9.25 4.09
N SER A 134 10.19 -8.04 4.22
CA SER A 134 9.35 -6.86 4.38
C SER A 134 8.45 -6.64 3.17
N ALA A 135 8.97 -6.93 1.98
CA ALA A 135 8.22 -6.73 0.75
C ALA A 135 7.06 -7.70 0.68
N LYS A 136 7.31 -8.94 1.10
CA LYS A 136 6.30 -9.97 1.11
C LYS A 136 5.24 -9.66 2.17
N GLN A 137 5.68 -9.05 3.26
CA GLN A 137 4.77 -8.64 4.32
C GLN A 137 3.87 -7.51 3.82
N VAL A 138 4.49 -6.50 3.22
CA VAL A 138 3.76 -5.38 2.64
C VAL A 138 2.72 -5.86 1.66
N ALA A 139 3.13 -6.71 0.74
CA ALA A 139 2.22 -7.26 -0.26
C ALA A 139 1.04 -7.96 0.39
N ALA A 140 1.30 -8.69 1.48
CA ALA A 140 0.26 -9.43 2.16
C ALA A 140 -0.69 -8.50 2.89
N SER A 141 -0.14 -7.58 3.68
CA SER A 141 -0.95 -6.68 4.48
C SER A 141 -1.70 -5.68 3.61
N THR A 142 -1.04 -5.18 2.57
CA THR A 142 -1.66 -4.20 1.70
C THR A 142 -2.74 -4.84 0.84
N ALA A 143 -2.49 -6.05 0.35
CA ALA A 143 -3.50 -6.76 -0.40
C ALA A 143 -4.63 -7.19 0.54
N GLN A 144 -4.32 -7.26 1.83
CA GLN A 144 -5.31 -7.57 2.85
C GLN A 144 -6.21 -6.38 3.09
N LEU A 145 -5.73 -5.19 2.74
CA LEU A 145 -6.56 -3.99 2.77
C LEU A 145 -7.73 -4.17 1.82
N LEU A 146 -7.47 -4.86 0.71
CA LEU A 146 -8.53 -5.25 -0.22
C LEU A 146 -9.48 -6.22 0.46
N VAL A 147 -8.91 -7.20 1.16
CA VAL A 147 -9.68 -8.21 1.87
C VAL A 147 -10.63 -7.57 2.88
N ALA A 148 -10.13 -6.53 3.55
CA ALA A 148 -10.93 -5.77 4.49
C ALA A 148 -12.19 -5.21 3.81
N CYS A 149 -11.99 -4.56 2.67
CA CYS A 149 -13.12 -4.01 1.92
C CYS A 149 -14.00 -5.14 1.40
N LYS A 150 -13.36 -6.23 0.96
CA LYS A 150 -14.04 -7.40 0.40
C LYS A 150 -15.13 -7.96 1.32
N VAL A 151 -15.07 -7.64 2.61
CA VAL A 151 -16.08 -8.09 3.56
C VAL A 151 -17.48 -7.61 3.13
N LYS A 152 -17.55 -6.38 2.65
CA LYS A 152 -18.81 -5.83 2.14
C LYS A 152 -18.77 -5.70 0.63
N ALA A 153 -17.57 -5.57 0.06
CA ALA A 153 -17.41 -5.45 -1.38
C ALA A 153 -17.38 -6.82 -2.04
N ASP A 154 -18.28 -7.02 -2.98
CA ASP A 154 -18.38 -8.29 -3.69
C ASP A 154 -17.36 -8.36 -4.82
N GLN A 155 -17.31 -9.51 -5.49
CA GLN A 155 -16.26 -9.78 -6.46
C GLN A 155 -16.56 -9.13 -7.81
N ASP A 156 -17.82 -9.10 -8.20
CA ASP A 156 -18.20 -8.62 -9.53
C ASP A 156 -18.33 -7.10 -9.55
N SER A 157 -18.25 -6.48 -8.39
CA SER A 157 -18.33 -5.03 -8.28
C SER A 157 -17.21 -4.36 -9.09
N GLU A 158 -17.58 -3.36 -9.88
CA GLU A 158 -16.62 -2.64 -10.69
C GLU A 158 -15.67 -1.84 -9.80
N ALA A 159 -16.21 -1.25 -8.75
CA ALA A 159 -15.40 -0.47 -7.83
C ALA A 159 -14.41 -1.36 -7.10
N MET A 160 -14.86 -2.56 -6.74
CA MET A 160 -14.00 -3.53 -6.08
C MET A 160 -12.99 -4.09 -7.06
N LYS A 161 -13.40 -4.22 -8.32
CA LYS A 161 -12.51 -4.68 -9.37
C LYS A 161 -11.34 -3.71 -9.53
N ARG A 162 -11.69 -2.43 -9.57
CA ARG A 162 -10.70 -1.36 -9.66
C ARG A 162 -9.78 -1.37 -8.44
N LEU A 163 -10.37 -1.59 -7.28
CA LEU A 163 -9.63 -1.72 -6.03
C LEU A 163 -8.64 -2.89 -6.13
N GLN A 164 -9.16 -4.02 -6.62
CA GLN A 164 -8.37 -5.23 -6.78
C GLN A 164 -7.17 -5.00 -7.71
N ALA A 165 -7.40 -4.28 -8.79
CA ALA A 165 -6.35 -3.97 -9.75
C ALA A 165 -5.22 -3.17 -9.11
N ALA A 166 -5.57 -2.31 -8.16
CA ALA A 166 -4.58 -1.51 -7.46
C ALA A 166 -3.84 -2.34 -6.41
N GLY A 167 -4.58 -3.23 -5.75
CA GLY A 167 -3.98 -4.13 -4.77
C GLY A 167 -3.01 -5.09 -5.41
N ASN A 168 -3.35 -5.55 -6.60
CA ASN A 168 -2.50 -6.45 -7.37
C ASN A 168 -1.16 -5.79 -7.65
N ALA A 169 -1.19 -4.48 -7.91
CA ALA A 169 0.01 -3.72 -8.19
C ALA A 169 0.99 -3.76 -7.01
N VAL A 170 0.47 -3.65 -5.79
CA VAL A 170 1.32 -3.68 -4.60
C VAL A 170 2.07 -5.01 -4.53
N LYS A 171 1.32 -6.09 -4.69
CA LYS A 171 1.86 -7.44 -4.65
C LYS A 171 2.91 -7.61 -5.75
N ARG A 172 2.57 -7.17 -6.95
CA ARG A 172 3.45 -7.32 -8.10
C ARG A 172 4.72 -6.51 -7.95
N ALA A 173 4.58 -5.30 -7.43
CA ALA A 173 5.73 -4.43 -7.19
C ALA A 173 6.61 -4.99 -6.08
N SER A 174 5.99 -5.53 -5.04
CA SER A 174 6.73 -6.12 -3.94
C SER A 174 7.45 -7.39 -4.39
N ASP A 175 6.76 -8.21 -5.18
CA ASP A 175 7.36 -9.41 -5.76
C ASP A 175 8.52 -9.05 -6.67
N ASN A 176 8.36 -7.93 -7.38
CA ASN A 176 9.40 -7.42 -8.26
C ASN A 176 10.62 -6.98 -7.44
N LEU A 177 10.35 -6.34 -6.31
CA LEU A 177 11.40 -5.92 -5.38
C LEU A 177 12.12 -7.14 -4.83
N VAL A 178 11.35 -8.17 -4.48
CA VAL A 178 11.90 -9.44 -4.05
C VAL A 178 12.84 -10.02 -5.11
N LYS A 179 12.34 -10.08 -6.34
CA LYS A 179 13.09 -10.59 -7.48
C LYS A 179 14.44 -9.86 -7.60
N ALA A 180 14.42 -8.53 -7.49
CA ALA A 180 15.64 -7.75 -7.59
C ALA A 180 16.61 -8.12 -6.48
N ALA A 181 16.08 -8.28 -5.28
CA ALA A 181 16.87 -8.65 -4.12
C ALA A 181 17.53 -10.01 -4.30
N GLN A 182 16.88 -10.88 -5.08
CA GLN A 182 17.40 -12.22 -5.34
C GLN A 182 18.63 -12.17 -6.23
N LYS A 183 18.84 -11.04 -6.90
CA LYS A 183 20.01 -10.86 -7.75
C LYS A 183 21.23 -10.46 -6.93
N ALA A 184 20.99 -9.73 -5.84
CA ALA A 184 22.10 -9.22 -5.04
C ALA A 184 22.57 -10.24 -4.02
N ALA A 185 22.04 -11.43 -4.12
CA ALA A 185 22.41 -12.53 -3.22
C ALA A 185 22.01 -13.86 -3.84
N ALA A 186 21.94 -14.90 -3.02
CA ALA A 186 21.54 -16.22 -3.49
C ALA A 186 20.25 -16.65 -2.82
N PHE A 187 19.15 -16.47 -3.53
CA PHE A 187 17.84 -16.81 -3.01
C PHE A 187 17.11 -17.75 -3.95
N GLU A 188 17.38 -19.03 -3.80
CA GLU A 188 16.70 -20.05 -4.57
C GLU A 188 15.71 -20.75 -3.65
N ASP A 189 14.63 -20.04 -3.33
CA ASP A 189 13.65 -20.50 -2.36
C ASP A 189 12.25 -20.24 -2.89
N GLY A 1 -28.72 15.88 4.90
CA GLY A 1 -27.43 15.40 4.37
C GLY A 1 -27.14 13.97 4.77
N ILE A 2 -26.14 13.77 5.59
CA ILE A 2 -25.81 12.44 6.08
C ILE A 2 -25.16 12.53 7.47
N ASP A 3 -25.59 11.63 8.35
CA ASP A 3 -25.07 11.50 9.73
C ASP A 3 -25.35 12.74 10.58
N PRO A 4 -25.59 12.52 11.89
CA PRO A 4 -25.77 13.61 12.84
C PRO A 4 -24.46 14.28 13.23
N PHE A 5 -23.54 13.46 13.70
CA PHE A 5 -22.23 13.93 14.11
C PHE A 5 -21.13 12.88 13.92
N THR A 6 -21.52 11.68 13.47
CA THR A 6 -20.60 10.55 13.36
C THR A 6 -21.19 9.48 12.46
N ASP A 7 -20.59 9.30 11.31
CA ASP A 7 -20.95 8.20 10.41
C ASP A 7 -19.77 7.27 10.23
N PRO A 8 -19.89 6.02 10.69
CA PRO A 8 -18.79 5.05 10.66
C PRO A 8 -18.20 4.85 9.27
N THR A 9 -19.06 4.87 8.26
CA THR A 9 -18.64 4.67 6.89
C THR A 9 -17.87 5.90 6.37
N VAL A 10 -18.42 7.08 6.60
CA VAL A 10 -17.78 8.31 6.16
C VAL A 10 -16.49 8.58 6.95
N ILE A 11 -16.45 8.18 8.22
CA ILE A 11 -15.22 8.29 9.00
C ILE A 11 -14.11 7.51 8.33
N ALA A 12 -14.38 6.24 8.04
CA ALA A 12 -13.40 5.38 7.40
C ALA A 12 -12.99 5.95 6.04
N GLU A 13 -13.95 6.55 5.34
CA GLU A 13 -13.68 7.19 4.06
C GLU A 13 -12.64 8.30 4.21
N ASN A 14 -12.88 9.19 5.16
CA ASN A 14 -11.96 10.31 5.42
C ASN A 14 -10.67 9.81 6.06
N GLU A 15 -10.81 8.79 6.90
CA GLU A 15 -9.70 8.22 7.64
C GLU A 15 -8.69 7.58 6.67
N LEU A 16 -9.18 7.02 5.58
CA LEU A 16 -8.31 6.47 4.55
C LEU A 16 -7.49 7.58 3.91
N LEU A 17 -8.12 8.73 3.67
CA LEU A 17 -7.41 9.89 3.17
C LEU A 17 -6.40 10.39 4.19
N GLY A 18 -6.74 10.23 5.46
CA GLY A 18 -5.83 10.58 6.53
C GLY A 18 -4.60 9.70 6.52
N ALA A 19 -4.81 8.40 6.34
CA ALA A 19 -3.71 7.46 6.21
C ALA A 19 -2.95 7.68 4.89
N ALA A 20 -3.69 8.02 3.85
CA ALA A 20 -3.12 8.27 2.52
C ALA A 20 -2.07 9.36 2.57
N ALA A 21 -2.33 10.38 3.38
CA ALA A 21 -1.40 11.49 3.54
C ALA A 21 -0.01 11.00 3.93
N ALA A 22 0.03 10.01 4.82
CA ALA A 22 1.28 9.46 5.29
C ALA A 22 1.91 8.56 4.24
N ILE A 23 1.08 7.83 3.50
CA ILE A 23 1.55 6.92 2.47
C ILE A 23 2.22 7.70 1.33
N GLU A 24 1.55 8.74 0.85
CA GLU A 24 2.08 9.56 -0.23
C GLU A 24 3.33 10.31 0.23
N ALA A 25 3.38 10.66 1.51
CA ALA A 25 4.54 11.31 2.07
C ALA A 25 5.74 10.35 2.10
N ALA A 26 5.46 9.06 2.23
CA ALA A 26 6.50 8.04 2.20
C ALA A 26 7.03 7.91 0.79
N ALA A 27 6.13 7.97 -0.19
CA ALA A 27 6.50 7.95 -1.60
C ALA A 27 7.40 9.13 -1.94
N LYS A 28 7.12 10.25 -1.27
CA LYS A 28 7.86 11.47 -1.48
C LYS A 28 9.31 11.33 -1.03
N LYS A 29 9.52 10.60 0.06
CA LYS A 29 10.87 10.31 0.54
C LYS A 29 11.61 9.49 -0.51
N LEU A 30 10.88 8.56 -1.13
CA LEU A 30 11.41 7.72 -2.17
C LEU A 30 11.83 8.52 -3.40
N GLU A 31 11.06 9.55 -3.72
CA GLU A 31 11.38 10.41 -4.86
C GLU A 31 12.63 11.22 -4.60
N GLN A 32 12.98 11.36 -3.33
CA GLN A 32 14.17 12.11 -2.94
C GLN A 32 15.35 11.16 -2.75
N LEU A 33 15.09 9.86 -2.82
CA LEU A 33 16.15 8.86 -2.74
C LEU A 33 16.91 8.80 -4.06
N LYS A 34 18.09 9.37 -4.07
CA LYS A 34 18.92 9.35 -5.24
C LYS A 34 20.03 8.32 -5.06
N PRO A 35 20.09 7.31 -5.94
CA PRO A 35 21.10 6.26 -5.87
C PRO A 35 22.51 6.78 -6.14
N ARG A 36 23.14 7.34 -5.11
CA ARG A 36 24.50 7.80 -5.22
C ARG A 36 25.48 6.68 -4.89
N ALA A 37 26.65 6.74 -5.49
CA ALA A 37 27.64 5.69 -5.33
C ALA A 37 28.53 5.94 -4.13
N LYS A 38 29.18 4.88 -3.67
CA LYS A 38 30.07 4.93 -2.54
C LYS A 38 31.48 5.27 -2.99
N PRO A 39 32.30 5.83 -2.10
CA PRO A 39 33.71 6.15 -2.39
C PRO A 39 34.55 4.88 -2.58
N LYS A 40 34.37 4.23 -3.72
CA LYS A 40 35.11 3.03 -4.07
C LYS A 40 34.88 2.71 -5.54
N GLU A 41 35.79 1.96 -6.12
CA GLU A 41 35.70 1.60 -7.53
C GLU A 41 34.52 0.66 -7.77
N ALA A 42 33.61 1.09 -8.64
CA ALA A 42 32.48 0.26 -9.03
C ALA A 42 32.89 -0.68 -10.15
N ASP A 43 33.05 -1.94 -9.82
CA ASP A 43 33.56 -2.92 -10.78
C ASP A 43 32.49 -3.96 -11.05
N GLU A 44 31.27 -3.55 -10.81
CA GLU A 44 30.10 -4.39 -11.00
C GLU A 44 28.92 -3.53 -11.42
N SER A 45 27.99 -4.10 -12.17
CA SER A 45 26.80 -3.37 -12.55
C SER A 45 25.80 -3.39 -11.39
N LEU A 46 25.90 -2.38 -10.55
CA LEU A 46 25.06 -2.30 -9.36
C LEU A 46 23.76 -1.57 -9.67
N ASN A 47 22.89 -2.25 -10.40
CA ASN A 47 21.58 -1.70 -10.76
C ASN A 47 20.54 -2.15 -9.74
N PHE A 48 21.01 -2.96 -8.80
CA PHE A 48 20.15 -3.55 -7.77
C PHE A 48 19.39 -2.48 -6.99
N GLU A 49 20.12 -1.54 -6.40
CA GLU A 49 19.54 -0.49 -5.58
C GLU A 49 18.52 0.33 -6.37
N GLU A 50 18.74 0.44 -7.67
CA GLU A 50 17.83 1.18 -8.54
C GLU A 50 16.58 0.36 -8.83
N GLN A 51 16.77 -0.93 -9.10
CA GLN A 51 15.65 -1.83 -9.31
C GLN A 51 14.80 -1.93 -8.04
N ILE A 52 15.45 -1.73 -6.90
CA ILE A 52 14.74 -1.64 -5.63
C ILE A 52 13.96 -0.33 -5.56
N LEU A 53 14.63 0.76 -5.93
CA LEU A 53 14.03 2.09 -5.86
C LEU A 53 12.77 2.18 -6.72
N GLU A 54 12.88 1.80 -8.00
CA GLU A 54 11.74 1.85 -8.90
C GLU A 54 10.59 1.01 -8.39
N ALA A 55 10.88 -0.21 -7.98
CA ALA A 55 9.84 -1.14 -7.57
C ALA A 55 9.17 -0.67 -6.30
N ALA A 56 9.98 -0.20 -5.34
CA ALA A 56 9.44 0.32 -4.09
C ALA A 56 8.60 1.57 -4.35
N LYS A 57 9.07 2.40 -5.28
CA LYS A 57 8.34 3.60 -5.67
C LYS A 57 7.03 3.22 -6.36
N SER A 58 7.07 2.13 -7.11
CA SER A 58 5.88 1.61 -7.76
C SER A 58 4.85 1.18 -6.72
N ILE A 59 5.31 0.52 -5.66
CA ILE A 59 4.46 0.18 -4.53
C ILE A 59 3.95 1.44 -3.86
N ALA A 60 4.84 2.39 -3.63
CA ALA A 60 4.47 3.67 -3.02
C ALA A 60 3.39 4.37 -3.83
N ALA A 61 3.53 4.36 -5.16
CA ALA A 61 2.55 4.95 -6.04
C ALA A 61 1.26 4.14 -6.06
N ALA A 62 1.41 2.82 -6.16
CA ALA A 62 0.26 1.92 -6.22
C ALA A 62 -0.51 1.93 -4.91
N THR A 63 0.20 1.99 -3.80
CA THR A 63 -0.45 2.01 -2.48
C THR A 63 -1.25 3.28 -2.30
N SER A 64 -0.68 4.40 -2.74
CA SER A 64 -1.36 5.69 -2.69
C SER A 64 -2.65 5.63 -3.49
N ALA A 65 -2.61 4.98 -4.65
CA ALA A 65 -3.79 4.82 -5.48
C ALA A 65 -4.77 3.84 -4.84
N LEU A 66 -4.21 2.82 -4.19
CA LEU A 66 -5.02 1.79 -3.55
C LEU A 66 -5.89 2.36 -2.43
N VAL A 67 -5.26 3.08 -1.51
CA VAL A 67 -5.97 3.62 -0.37
C VAL A 67 -7.06 4.63 -0.80
N LYS A 68 -6.81 5.31 -1.92
CA LYS A 68 -7.80 6.23 -2.48
C LYS A 68 -8.91 5.46 -3.17
N ALA A 69 -8.53 4.40 -3.89
CA ALA A 69 -9.50 3.54 -4.58
C ALA A 69 -10.43 2.87 -3.58
N ALA A 70 -9.85 2.41 -2.46
CA ALA A 70 -10.62 1.81 -1.39
C ALA A 70 -11.65 2.81 -0.84
N SER A 71 -11.21 4.05 -0.67
CA SER A 71 -12.08 5.12 -0.20
C SER A 71 -13.20 5.37 -1.21
N ALA A 72 -12.84 5.40 -2.49
CA ALA A 72 -13.82 5.58 -3.55
C ALA A 72 -14.81 4.42 -3.58
N ALA A 73 -14.29 3.22 -3.36
CA ALA A 73 -15.11 2.02 -3.28
C ALA A 73 -16.19 2.16 -2.21
N GLN A 74 -15.78 2.64 -1.04
CA GLN A 74 -16.71 2.85 0.07
C GLN A 74 -17.89 3.69 -0.38
N ARG A 75 -17.59 4.84 -0.97
CA ARG A 75 -18.61 5.79 -1.40
C ARG A 75 -19.60 5.13 -2.36
N GLU A 76 -19.13 4.21 -3.18
CA GLU A 76 -19.99 3.46 -4.08
C GLU A 76 -21.03 2.68 -3.30
N LEU A 77 -20.58 1.91 -2.33
CA LEU A 77 -21.46 1.08 -1.52
C LEU A 77 -22.36 1.94 -0.63
N VAL A 78 -21.79 3.02 -0.12
CA VAL A 78 -22.54 3.96 0.71
C VAL A 78 -23.67 4.61 -0.09
N ALA A 79 -23.35 5.11 -1.28
CA ALA A 79 -24.33 5.76 -2.13
C ALA A 79 -25.42 4.79 -2.58
N GLN A 80 -25.02 3.58 -2.91
CA GLN A 80 -25.97 2.56 -3.38
C GLN A 80 -26.70 1.92 -2.20
N GLY A 81 -26.31 2.30 -0.98
CA GLY A 81 -26.97 1.80 0.21
C GLY A 81 -26.83 0.31 0.40
N LYS A 82 -25.69 -0.24 -0.02
CA LYS A 82 -25.45 -1.67 0.11
C LYS A 82 -24.88 -1.98 1.49
N VAL A 83 -24.12 -1.03 2.03
CA VAL A 83 -23.64 -1.14 3.40
C VAL A 83 -24.65 -0.46 4.33
N GLY A 84 -24.32 -0.36 5.61
CA GLY A 84 -25.20 0.31 6.53
C GLY A 84 -25.27 1.80 6.24
N ALA A 85 -24.09 2.43 6.20
CA ALA A 85 -23.97 3.85 5.88
C ALA A 85 -24.79 4.69 6.86
N ILE A 86 -24.96 4.17 8.06
CA ILE A 86 -25.76 4.80 9.10
C ILE A 86 -25.12 4.54 10.47
N PRO A 87 -24.86 5.61 11.25
CA PRO A 87 -24.34 5.51 12.63
C PRO A 87 -25.06 4.46 13.49
N ALA A 88 -26.36 4.30 13.29
CA ALA A 88 -27.14 3.32 14.02
C ALA A 88 -26.74 1.88 13.67
N ASN A 89 -26.01 1.73 12.57
CA ASN A 89 -25.54 0.42 12.12
C ASN A 89 -24.07 0.24 12.45
N ALA A 90 -23.59 1.03 13.41
CA ALA A 90 -22.17 1.05 13.78
C ALA A 90 -21.71 -0.28 14.38
N LEU A 91 -22.65 -1.11 14.83
CA LEU A 91 -22.28 -2.43 15.32
C LEU A 91 -21.70 -3.26 14.18
N ASP A 92 -22.41 -3.29 13.06
CA ASP A 92 -21.96 -4.04 11.88
C ASP A 92 -20.91 -3.22 11.13
N ASP A 93 -21.30 -2.03 10.72
CA ASP A 93 -20.45 -1.17 9.89
C ASP A 93 -19.24 -0.65 10.66
N GLY A 94 -19.36 -0.63 11.97
CA GLY A 94 -18.24 -0.20 12.81
C GLY A 94 -17.12 -1.21 12.77
N GLN A 95 -17.47 -2.47 12.60
CA GLN A 95 -16.46 -3.52 12.58
C GLN A 95 -15.76 -3.53 11.22
N TRP A 96 -16.51 -3.18 10.19
CA TRP A 96 -15.95 -3.07 8.85
C TRP A 96 -15.03 -1.85 8.77
N SER A 97 -15.50 -0.72 9.30
CA SER A 97 -14.71 0.50 9.30
C SER A 97 -13.45 0.33 10.12
N GLN A 98 -13.57 -0.16 11.36
CA GLN A 98 -12.40 -0.39 12.21
C GLN A 98 -11.44 -1.36 11.56
N GLY A 99 -11.97 -2.41 10.95
CA GLY A 99 -11.14 -3.38 10.25
C GLY A 99 -10.41 -2.75 9.08
N LEU A 100 -11.14 -1.93 8.33
CA LEU A 100 -10.57 -1.24 7.18
C LEU A 100 -9.53 -0.22 7.63
N ILE A 101 -9.85 0.51 8.70
CA ILE A 101 -8.93 1.49 9.28
C ILE A 101 -7.67 0.80 9.79
N SER A 102 -7.84 -0.32 10.49
CA SER A 102 -6.71 -1.08 11.00
C SER A 102 -5.87 -1.61 9.86
N ALA A 103 -6.53 -2.04 8.79
CA ALA A 103 -5.83 -2.47 7.58
C ALA A 103 -5.05 -1.31 6.99
N ALA A 104 -5.67 -0.13 6.97
CA ALA A 104 -5.00 1.08 6.50
C ALA A 104 -3.79 1.39 7.35
N ARG A 105 -3.94 1.24 8.67
CA ARG A 105 -2.83 1.39 9.60
C ARG A 105 -1.72 0.40 9.25
N MET A 106 -2.12 -0.82 8.96
CA MET A 106 -1.18 -1.88 8.64
C MET A 106 -0.46 -1.60 7.32
N VAL A 107 -1.21 -1.25 6.29
CA VAL A 107 -0.60 -0.95 4.99
C VAL A 107 0.28 0.29 5.09
N ALA A 108 -0.18 1.29 5.83
CA ALA A 108 0.58 2.52 5.99
C ALA A 108 1.87 2.24 6.76
N ALA A 109 1.82 1.27 7.66
CA ALA A 109 3.00 0.91 8.43
C ALA A 109 3.96 0.09 7.58
N ALA A 110 3.45 -0.97 6.97
CA ALA A 110 4.27 -1.87 6.16
C ALA A 110 4.92 -1.13 5.00
N THR A 111 4.13 -0.35 4.26
CA THR A 111 4.64 0.39 3.12
C THR A 111 5.61 1.49 3.58
N ASN A 112 5.43 1.95 4.82
CA ASN A 112 6.32 2.94 5.41
C ASN A 112 7.64 2.29 5.79
N ASN A 113 7.54 1.07 6.32
CA ASN A 113 8.72 0.30 6.67
C ASN A 113 9.48 -0.09 5.41
N LEU A 114 8.75 -0.25 4.32
CA LEU A 114 9.34 -0.50 3.03
C LEU A 114 10.12 0.72 2.55
N CYS A 115 9.58 1.90 2.87
CA CYS A 115 10.27 3.15 2.59
C CYS A 115 11.62 3.17 3.29
N GLU A 116 11.66 2.61 4.48
CA GLU A 116 12.89 2.53 5.25
C GLU A 116 13.81 1.44 4.71
N ALA A 117 13.20 0.34 4.24
CA ALA A 117 13.95 -0.75 3.66
C ALA A 117 14.62 -0.33 2.35
N ALA A 118 13.85 0.36 1.51
CA ALA A 118 14.38 0.88 0.26
C ALA A 118 15.44 1.93 0.52
N ASN A 119 15.19 2.77 1.53
CA ASN A 119 16.13 3.80 1.96
C ASN A 119 17.49 3.18 2.26
N ALA A 120 17.48 2.13 3.06
CA ALA A 120 18.71 1.43 3.46
C ALA A 120 19.51 1.01 2.23
N ALA A 121 18.85 0.39 1.27
CA ALA A 121 19.51 -0.11 0.07
C ALA A 121 20.20 1.01 -0.69
N VAL A 122 19.50 2.13 -0.87
CA VAL A 122 20.04 3.28 -1.59
C VAL A 122 21.25 3.87 -0.85
N GLN A 123 21.11 3.98 0.46
CA GLN A 123 22.10 4.67 1.28
C GLN A 123 23.34 3.80 1.52
N GLY A 124 23.29 2.55 1.06
CA GLY A 124 24.46 1.70 1.14
C GLY A 124 24.35 0.58 2.15
N HIS A 125 23.13 0.25 2.55
CA HIS A 125 22.91 -0.87 3.45
C HIS A 125 22.11 -1.97 2.76
N ALA A 126 22.83 -2.85 2.08
CA ALA A 126 22.20 -3.93 1.36
C ALA A 126 21.92 -5.11 2.28
N SER A 127 20.64 -5.40 2.45
CA SER A 127 20.22 -6.54 3.25
C SER A 127 19.04 -7.22 2.57
N GLN A 128 19.37 -8.11 1.64
CA GLN A 128 18.36 -8.74 0.79
C GLN A 128 17.45 -9.65 1.59
N GLU A 129 18.03 -10.34 2.56
CA GLU A 129 17.27 -11.25 3.41
C GLU A 129 16.09 -10.54 4.07
N LYS A 130 16.37 -9.44 4.77
CA LYS A 130 15.33 -8.70 5.45
C LYS A 130 14.46 -7.95 4.43
N LEU A 131 15.07 -7.59 3.30
CA LEU A 131 14.37 -6.85 2.25
C LEU A 131 13.22 -7.70 1.68
N ILE A 132 13.51 -8.95 1.36
CA ILE A 132 12.51 -9.87 0.85
C ILE A 132 11.36 -10.02 1.86
N SER A 133 11.72 -10.28 3.10
CA SER A 133 10.73 -10.44 4.16
C SER A 133 9.86 -9.19 4.30
N SER A 134 10.49 -8.02 4.26
CA SER A 134 9.78 -6.76 4.40
C SER A 134 8.78 -6.56 3.26
N ALA A 135 9.23 -6.83 2.04
CA ALA A 135 8.40 -6.60 0.86
C ALA A 135 7.22 -7.56 0.83
N LYS A 136 7.47 -8.78 1.31
CA LYS A 136 6.42 -9.78 1.37
C LYS A 136 5.37 -9.39 2.39
N GLN A 137 5.82 -8.78 3.48
CA GLN A 137 4.92 -8.26 4.50
C GLN A 137 4.09 -7.12 3.95
N VAL A 138 4.72 -6.25 3.18
CA VAL A 138 4.03 -5.14 2.53
C VAL A 138 2.93 -5.66 1.62
N ALA A 139 3.31 -6.54 0.70
CA ALA A 139 2.36 -7.13 -0.23
C ALA A 139 1.20 -7.78 0.50
N ALA A 140 1.50 -8.53 1.55
CA ALA A 140 0.49 -9.26 2.29
C ALA A 140 -0.46 -8.33 3.02
N SER A 141 0.09 -7.34 3.71
CA SER A 141 -0.72 -6.43 4.51
C SER A 141 -1.54 -5.50 3.60
N THR A 142 -0.90 -5.01 2.54
CA THR A 142 -1.55 -4.08 1.64
C THR A 142 -2.64 -4.79 0.84
N ALA A 143 -2.37 -6.02 0.41
CA ALA A 143 -3.38 -6.79 -0.31
C ALA A 143 -4.53 -7.15 0.64
N GLN A 144 -4.25 -7.19 1.93
CA GLN A 144 -5.27 -7.49 2.94
C GLN A 144 -6.22 -6.30 3.07
N LEU A 145 -5.74 -5.12 2.71
CA LEU A 145 -6.57 -3.92 2.67
C LEU A 145 -7.71 -4.13 1.67
N LEU A 146 -7.41 -4.85 0.59
CA LEU A 146 -8.42 -5.22 -0.39
C LEU A 146 -9.43 -6.18 0.22
N VAL A 147 -8.94 -7.14 0.99
CA VAL A 147 -9.79 -8.16 1.61
C VAL A 147 -10.86 -7.50 2.48
N ALA A 148 -10.45 -6.53 3.28
CA ALA A 148 -11.38 -5.79 4.13
C ALA A 148 -12.45 -5.11 3.29
N CYS A 149 -12.03 -4.44 2.23
CA CYS A 149 -12.97 -3.77 1.33
C CYS A 149 -13.90 -4.78 0.67
N LYS A 150 -13.32 -5.90 0.24
CA LYS A 150 -14.03 -6.93 -0.51
C LYS A 150 -15.30 -7.40 0.19
N VAL A 151 -15.26 -7.44 1.52
CA VAL A 151 -16.37 -7.96 2.31
C VAL A 151 -17.67 -7.21 2.03
N LYS A 152 -17.63 -5.88 2.12
CA LYS A 152 -18.83 -5.06 1.96
C LYS A 152 -18.96 -4.54 0.53
N ALA A 153 -17.88 -4.63 -0.25
CA ALA A 153 -17.89 -4.12 -1.61
C ALA A 153 -18.56 -5.09 -2.56
N ASP A 154 -18.87 -4.61 -3.76
CA ASP A 154 -19.46 -5.45 -4.79
C ASP A 154 -18.39 -5.89 -5.77
N GLN A 155 -18.38 -7.17 -6.10
CA GLN A 155 -17.29 -7.77 -6.88
C GLN A 155 -17.30 -7.37 -8.35
N ASP A 156 -18.33 -6.66 -8.79
CA ASP A 156 -18.40 -6.24 -10.18
C ASP A 156 -18.29 -4.72 -10.31
N SER A 157 -18.18 -4.05 -9.17
CA SER A 157 -18.11 -2.60 -9.14
C SER A 157 -16.82 -2.10 -9.79
N GLU A 158 -16.90 -0.97 -10.48
CA GLU A 158 -15.74 -0.37 -11.13
C GLU A 158 -14.70 0.04 -10.11
N ALA A 159 -15.15 0.66 -9.03
CA ALA A 159 -14.27 1.09 -7.95
C ALA A 159 -13.61 -0.11 -7.29
N MET A 160 -14.33 -1.23 -7.24
CA MET A 160 -13.80 -2.46 -6.68
C MET A 160 -12.74 -3.05 -7.59
N LYS A 161 -13.00 -3.01 -8.89
CA LYS A 161 -12.08 -3.54 -9.87
C LYS A 161 -10.77 -2.75 -9.82
N ARG A 162 -10.89 -1.43 -9.77
CA ARG A 162 -9.75 -0.55 -9.68
C ARG A 162 -9.02 -0.74 -8.35
N LEU A 163 -9.80 -0.99 -7.30
CA LEU A 163 -9.26 -1.31 -5.97
C LEU A 163 -8.39 -2.55 -6.07
N GLN A 164 -8.95 -3.60 -6.65
CA GLN A 164 -8.25 -4.87 -6.82
C GLN A 164 -6.99 -4.69 -7.68
N ALA A 165 -7.13 -3.95 -8.77
CA ALA A 165 -6.01 -3.68 -9.67
C ALA A 165 -4.86 -2.98 -8.94
N ALA A 166 -5.20 -2.09 -8.03
CA ALA A 166 -4.19 -1.36 -7.26
C ALA A 166 -3.50 -2.28 -6.26
N GLY A 167 -4.28 -3.14 -5.62
CA GLY A 167 -3.73 -4.12 -4.69
C GLY A 167 -2.84 -5.13 -5.39
N ASN A 168 -3.29 -5.55 -6.57
CA ASN A 168 -2.52 -6.47 -7.39
C ASN A 168 -1.16 -5.86 -7.72
N ALA A 169 -1.17 -4.55 -7.97
CA ALA A 169 0.04 -3.81 -8.27
C ALA A 169 1.03 -3.86 -7.10
N VAL A 170 0.52 -3.71 -5.87
CA VAL A 170 1.39 -3.76 -4.69
C VAL A 170 2.09 -5.10 -4.62
N LYS A 171 1.31 -6.18 -4.72
CA LYS A 171 1.82 -7.53 -4.67
C LYS A 171 2.80 -7.79 -5.80
N ARG A 172 2.46 -7.34 -7.00
CA ARG A 172 3.29 -7.56 -8.17
C ARG A 172 4.61 -6.80 -8.07
N ALA A 173 4.53 -5.56 -7.62
CA ALA A 173 5.72 -4.74 -7.44
C ALA A 173 6.57 -5.28 -6.31
N SER A 174 5.92 -5.79 -5.26
CA SER A 174 6.64 -6.43 -4.16
C SER A 174 7.30 -7.71 -4.65
N ASP A 175 6.59 -8.45 -5.49
CA ASP A 175 7.15 -9.62 -6.15
C ASP A 175 8.42 -9.28 -6.90
N ASN A 176 8.35 -8.22 -7.70
CA ASN A 176 9.52 -7.75 -8.46
C ASN A 176 10.61 -7.29 -7.53
N LEU A 177 10.21 -6.65 -6.44
CA LEU A 177 11.15 -6.17 -5.43
C LEU A 177 11.87 -7.35 -4.78
N VAL A 178 11.11 -8.41 -4.50
CA VAL A 178 11.68 -9.65 -3.98
C VAL A 178 12.63 -10.25 -5.00
N LYS A 179 12.18 -10.34 -6.25
CA LYS A 179 12.98 -10.86 -7.35
C LYS A 179 14.31 -10.09 -7.44
N ALA A 180 14.23 -8.77 -7.40
CA ALA A 180 15.42 -7.93 -7.49
C ALA A 180 16.39 -8.26 -6.36
N ALA A 181 15.86 -8.51 -5.17
CA ALA A 181 16.67 -8.87 -4.02
C ALA A 181 17.32 -10.24 -4.21
N GLN A 182 16.60 -11.15 -4.87
CA GLN A 182 17.11 -12.48 -5.14
C GLN A 182 18.27 -12.41 -6.13
N LYS A 183 18.36 -11.31 -6.86
CA LYS A 183 19.43 -11.11 -7.82
C LYS A 183 20.72 -10.69 -7.13
N ALA A 184 20.58 -10.03 -6.00
CA ALA A 184 21.74 -9.53 -5.26
C ALA A 184 22.20 -10.54 -4.21
N ALA A 185 21.69 -11.75 -4.35
CA ALA A 185 22.09 -12.85 -3.48
C ALA A 185 22.11 -14.15 -4.25
N ALA A 186 22.73 -15.17 -3.68
CA ALA A 186 22.75 -16.49 -4.31
C ALA A 186 22.36 -17.56 -3.29
N PHE A 187 21.06 -17.68 -3.06
CA PHE A 187 20.55 -18.61 -2.08
C PHE A 187 19.52 -19.55 -2.70
N GLU A 188 20.01 -20.62 -3.31
CA GLU A 188 19.14 -21.64 -3.85
C GLU A 188 19.04 -22.79 -2.87
N ASP A 189 19.00 -22.41 -1.61
CA ASP A 189 18.95 -23.36 -0.50
C ASP A 189 17.55 -23.40 0.07
N GLY A 1 -16.67 13.20 16.12
CA GLY A 1 -16.69 13.95 17.39
C GLY A 1 -16.53 15.45 17.17
N ILE A 2 -15.86 15.83 16.10
CA ILE A 2 -15.72 17.24 15.74
C ILE A 2 -16.71 17.60 14.64
N ASP A 3 -17.73 16.77 14.53
CA ASP A 3 -18.68 16.84 13.42
C ASP A 3 -20.10 16.59 13.93
N PRO A 4 -21.09 17.23 13.31
CA PRO A 4 -22.50 17.06 13.68
C PRO A 4 -23.16 15.83 13.05
N PHE A 5 -22.48 15.22 12.11
CA PHE A 5 -23.10 14.14 11.34
C PHE A 5 -22.80 12.76 11.93
N THR A 6 -21.66 12.63 12.58
CA THR A 6 -21.25 11.39 13.26
C THR A 6 -21.41 10.17 12.36
N ASP A 7 -21.07 10.34 11.10
CA ASP A 7 -21.24 9.29 10.11
C ASP A 7 -20.04 8.34 10.13
N PRO A 8 -20.30 7.03 10.29
CA PRO A 8 -19.26 6.01 10.41
C PRO A 8 -18.34 5.94 9.19
N THR A 9 -18.90 6.14 8.01
CA THR A 9 -18.12 5.97 6.78
C THR A 9 -17.24 7.20 6.53
N VAL A 10 -17.72 8.38 6.91
CA VAL A 10 -16.92 9.60 6.77
C VAL A 10 -15.76 9.58 7.75
N ILE A 11 -15.97 8.99 8.92
CA ILE A 11 -14.90 8.83 9.89
C ILE A 11 -13.81 7.93 9.31
N ALA A 12 -14.22 6.91 8.55
CA ALA A 12 -13.27 6.04 7.87
C ALA A 12 -12.61 6.79 6.71
N GLU A 13 -13.42 7.57 5.99
CA GLU A 13 -12.93 8.45 4.92
C GLU A 13 -11.73 9.27 5.40
N ASN A 14 -11.90 9.91 6.56
CA ASN A 14 -10.87 10.76 7.13
C ASN A 14 -9.63 9.95 7.52
N GLU A 15 -9.83 8.71 7.93
CA GLU A 15 -8.73 7.86 8.34
C GLU A 15 -7.93 7.35 7.15
N LEU A 16 -8.63 6.96 6.10
CA LEU A 16 -7.98 6.46 4.90
C LEU A 16 -7.18 7.56 4.22
N LEU A 17 -7.77 8.74 4.10
CA LEU A 17 -7.09 9.89 3.53
C LEU A 17 -5.97 10.37 4.45
N GLY A 18 -6.12 10.11 5.75
CA GLY A 18 -5.08 10.45 6.70
C GLY A 18 -3.85 9.58 6.52
N ALA A 19 -4.08 8.28 6.37
CA ALA A 19 -3.00 7.33 6.14
C ALA A 19 -2.41 7.50 4.75
N ALA A 20 -3.27 7.88 3.80
CA ALA A 20 -2.84 8.12 2.42
C ALA A 20 -1.71 9.13 2.36
N ALA A 21 -1.88 10.23 3.10
CA ALA A 21 -0.88 11.29 3.14
C ALA A 21 0.47 10.77 3.64
N ALA A 22 0.43 9.83 4.57
CA ALA A 22 1.64 9.24 5.12
C ALA A 22 2.35 8.39 4.07
N ILE A 23 1.57 7.63 3.32
CA ILE A 23 2.12 6.79 2.26
C ILE A 23 2.67 7.67 1.13
N GLU A 24 1.96 8.76 0.84
CA GLU A 24 2.42 9.71 -0.16
C GLU A 24 3.72 10.38 0.26
N ALA A 25 3.86 10.62 1.56
CA ALA A 25 5.08 11.19 2.11
C ALA A 25 6.22 10.17 2.00
N ALA A 26 5.90 8.90 2.17
CA ALA A 26 6.87 7.84 1.99
C ALA A 26 7.28 7.73 0.53
N ALA A 27 6.30 7.85 -0.36
CA ALA A 27 6.55 7.90 -1.79
C ALA A 27 7.38 9.13 -2.14
N LYS A 28 7.18 10.18 -1.36
CA LYS A 28 7.84 11.45 -1.59
C LYS A 28 9.34 11.31 -1.36
N LYS A 29 9.69 10.55 -0.33
CA LYS A 29 11.09 10.25 -0.07
C LYS A 29 11.67 9.50 -1.26
N LEU A 30 10.97 8.43 -1.61
CA LEU A 30 11.37 7.54 -2.70
C LEU A 30 11.53 8.26 -4.04
N GLU A 31 10.52 9.01 -4.44
CA GLU A 31 10.53 9.67 -5.75
C GLU A 31 11.56 10.79 -5.80
N GLN A 32 11.93 11.33 -4.65
CA GLN A 32 12.92 12.39 -4.62
C GLN A 32 14.30 11.87 -4.24
N LEU A 33 14.41 10.55 -4.11
CA LEU A 33 15.72 9.92 -3.91
C LEU A 33 16.40 9.76 -5.25
N LYS A 34 17.71 9.94 -5.26
CA LYS A 34 18.48 9.81 -6.48
C LYS A 34 19.77 9.04 -6.22
N PRO A 35 19.89 7.84 -6.80
CA PRO A 35 21.07 7.01 -6.64
C PRO A 35 22.31 7.71 -7.19
N ARG A 36 23.38 7.71 -6.40
CA ARG A 36 24.62 8.37 -6.78
C ARG A 36 25.19 7.69 -8.02
N ALA A 37 24.99 8.31 -9.17
CA ALA A 37 25.41 7.73 -10.43
C ALA A 37 26.19 8.75 -11.25
N LYS A 38 27.21 8.27 -11.93
CA LYS A 38 28.02 9.12 -12.78
C LYS A 38 27.62 8.95 -14.23
N PRO A 39 27.81 9.99 -15.05
CA PRO A 39 27.54 9.93 -16.49
C PRO A 39 28.53 9.01 -17.19
N LYS A 40 28.19 7.74 -17.28
CA LYS A 40 29.06 6.75 -17.86
C LYS A 40 28.27 5.56 -18.39
N GLU A 41 28.65 5.07 -19.57
CA GLU A 41 28.05 3.87 -20.11
C GLU A 41 28.87 2.67 -19.66
N ALA A 42 28.39 1.99 -18.64
CA ALA A 42 29.11 0.86 -18.10
C ALA A 42 28.18 -0.31 -17.89
N ASP A 43 28.61 -1.48 -18.33
CA ASP A 43 27.87 -2.72 -18.09
C ASP A 43 27.86 -3.02 -16.60
N GLU A 44 26.77 -2.65 -15.94
CA GLU A 44 26.68 -2.77 -14.50
C GLU A 44 25.72 -3.88 -14.10
N SER A 45 26.00 -4.49 -12.97
CA SER A 45 25.09 -5.42 -12.35
C SER A 45 24.99 -5.09 -10.87
N LEU A 46 25.17 -3.81 -10.60
CA LEU A 46 25.13 -3.27 -9.25
C LEU A 46 24.10 -2.15 -9.18
N ASN A 47 23.06 -2.30 -9.98
CA ASN A 47 22.01 -1.30 -10.08
C ASN A 47 20.92 -1.60 -9.06
N PHE A 48 21.28 -2.39 -8.07
CA PHE A 48 20.36 -2.82 -7.02
C PHE A 48 19.61 -1.64 -6.41
N GLU A 49 20.35 -0.62 -5.97
CA GLU A 49 19.75 0.57 -5.38
C GLU A 49 18.67 1.16 -6.31
N GLU A 50 18.95 1.09 -7.60
CA GLU A 50 18.05 1.64 -8.59
C GLU A 50 16.86 0.71 -8.81
N GLN A 51 17.13 -0.56 -9.04
CA GLN A 51 16.09 -1.56 -9.30
C GLN A 51 15.12 -1.62 -8.13
N ILE A 52 15.64 -1.41 -6.93
CA ILE A 52 14.81 -1.37 -5.74
C ILE A 52 14.00 -0.08 -5.71
N LEU A 53 14.65 1.05 -5.94
CA LEU A 53 13.98 2.34 -5.92
C LEU A 53 12.84 2.38 -6.94
N GLU A 54 13.09 1.81 -8.11
CA GLU A 54 12.06 1.68 -9.16
C GLU A 54 10.80 1.02 -8.63
N ALA A 55 10.95 -0.20 -8.16
CA ALA A 55 9.82 -0.97 -7.71
C ALA A 55 9.27 -0.39 -6.42
N ALA A 56 10.13 0.32 -5.70
CA ALA A 56 9.72 0.98 -4.47
C ALA A 56 8.73 2.09 -4.78
N LYS A 57 9.04 2.89 -5.79
CA LYS A 57 8.14 3.93 -6.26
C LYS A 57 6.82 3.32 -6.70
N SER A 58 6.92 2.16 -7.33
CA SER A 58 5.74 1.45 -7.82
C SER A 58 4.79 1.10 -6.68
N ILE A 59 5.34 0.48 -5.62
CA ILE A 59 4.56 0.15 -4.43
C ILE A 59 4.03 1.42 -3.77
N ALA A 60 4.92 2.37 -3.51
CA ALA A 60 4.54 3.60 -2.83
C ALA A 60 3.41 4.34 -3.57
N ALA A 61 3.49 4.35 -4.89
CA ALA A 61 2.47 5.00 -5.71
C ALA A 61 1.19 4.19 -5.74
N ALA A 62 1.32 2.87 -5.92
CA ALA A 62 0.17 1.99 -6.01
C ALA A 62 -0.55 1.89 -4.66
N THR A 63 0.21 1.87 -3.58
CA THR A 63 -0.36 1.74 -2.25
C THR A 63 -1.18 2.97 -1.88
N SER A 64 -0.62 4.15 -2.16
CA SER A 64 -1.30 5.40 -1.88
C SER A 64 -2.55 5.55 -2.76
N ALA A 65 -2.51 4.94 -3.94
CA ALA A 65 -3.68 4.91 -4.80
C ALA A 65 -4.70 3.91 -4.27
N LEU A 66 -4.20 2.81 -3.73
CA LEU A 66 -5.05 1.76 -3.17
C LEU A 66 -5.85 2.25 -1.98
N VAL A 67 -5.18 2.90 -1.04
CA VAL A 67 -5.84 3.39 0.18
C VAL A 67 -6.90 4.44 -0.16
N LYS A 68 -6.67 5.21 -1.21
CA LYS A 68 -7.65 6.18 -1.67
C LYS A 68 -8.80 5.48 -2.37
N ALA A 69 -8.47 4.45 -3.14
CA ALA A 69 -9.46 3.64 -3.84
C ALA A 69 -10.39 2.94 -2.85
N ALA A 70 -9.84 2.60 -1.69
CA ALA A 70 -10.62 1.97 -0.63
C ALA A 70 -11.71 2.91 -0.13
N SER A 71 -11.37 4.17 0.03
CA SER A 71 -12.32 5.17 0.50
C SER A 71 -13.32 5.50 -0.61
N ALA A 72 -12.81 5.58 -1.84
CA ALA A 72 -13.67 5.78 -3.00
C ALA A 72 -14.64 4.61 -3.15
N ALA A 73 -14.14 3.42 -2.86
CA ALA A 73 -14.96 2.22 -2.86
C ALA A 73 -16.10 2.36 -1.86
N GLN A 74 -15.76 2.77 -0.63
CA GLN A 74 -16.75 2.99 0.42
C GLN A 74 -17.86 3.89 -0.10
N ARG A 75 -17.48 5.05 -0.60
CA ARG A 75 -18.42 6.07 -1.01
C ARG A 75 -19.46 5.54 -2.01
N GLU A 76 -19.01 4.72 -2.95
CA GLU A 76 -19.93 4.15 -3.94
C GLU A 76 -20.89 3.16 -3.30
N LEU A 77 -20.35 2.23 -2.51
CA LEU A 77 -21.19 1.27 -1.78
C LEU A 77 -22.12 2.01 -0.82
N VAL A 78 -21.61 3.08 -0.24
CA VAL A 78 -22.39 3.97 0.61
C VAL A 78 -23.55 4.59 -0.15
N ALA A 79 -23.25 5.20 -1.29
CA ALA A 79 -24.25 5.84 -2.12
C ALA A 79 -25.31 4.85 -2.57
N GLN A 80 -24.89 3.62 -2.84
CA GLN A 80 -25.81 2.57 -3.28
C GLN A 80 -26.58 1.98 -2.10
N GLY A 81 -26.08 2.23 -0.89
CA GLY A 81 -26.74 1.75 0.31
C GLY A 81 -26.44 0.30 0.60
N LYS A 82 -25.27 -0.17 0.15
CA LYS A 82 -24.86 -1.55 0.36
C LYS A 82 -24.31 -1.77 1.77
N VAL A 83 -23.88 -0.69 2.40
CA VAL A 83 -23.31 -0.77 3.75
C VAL A 83 -24.16 0.08 4.69
N GLY A 84 -24.04 -0.17 6.00
CA GLY A 84 -24.72 0.64 6.99
C GLY A 84 -24.12 2.04 7.08
N ALA A 85 -24.27 2.80 6.02
CA ALA A 85 -23.66 4.12 5.89
C ALA A 85 -24.49 5.18 6.60
N ILE A 86 -25.12 4.78 7.69
CA ILE A 86 -25.93 5.68 8.49
C ILE A 86 -25.50 5.52 9.94
N PRO A 87 -25.29 6.63 10.68
CA PRO A 87 -24.98 6.59 12.12
C PRO A 87 -25.88 5.62 12.90
N ALA A 88 -27.14 5.55 12.52
CA ALA A 88 -28.09 4.63 13.14
C ALA A 88 -27.77 3.17 12.81
N ASN A 89 -27.09 2.96 11.70
CA ASN A 89 -26.73 1.61 11.24
C ASN A 89 -25.22 1.42 11.31
N ALA A 90 -24.58 2.21 12.17
CA ALA A 90 -23.14 2.19 12.33
C ALA A 90 -22.65 0.84 12.82
N LEU A 91 -23.55 0.04 13.37
CA LEU A 91 -23.22 -1.31 13.77
C LEU A 91 -22.67 -2.10 12.58
N ASP A 92 -23.43 -2.12 11.50
CA ASP A 92 -23.04 -2.87 10.30
C ASP A 92 -21.74 -2.34 9.72
N ASP A 93 -21.70 -1.03 9.46
CA ASP A 93 -20.51 -0.43 8.87
C ASP A 93 -19.33 -0.51 9.80
N GLY A 94 -19.58 -0.26 11.07
CA GLY A 94 -18.52 -0.22 12.06
C GLY A 94 -17.74 -1.52 12.15
N GLN A 95 -18.34 -2.62 11.72
CA GLN A 95 -17.63 -3.89 11.70
C GLN A 95 -16.78 -3.97 10.44
N TRP A 96 -17.28 -3.36 9.38
CA TRP A 96 -16.61 -3.37 8.09
C TRP A 96 -15.50 -2.32 8.03
N SER A 97 -15.84 -1.09 8.38
CA SER A 97 -14.89 0.02 8.27
C SER A 97 -13.77 -0.11 9.29
N GLN A 98 -14.08 -0.69 10.45
CA GLN A 98 -13.07 -0.92 11.47
C GLN A 98 -11.96 -1.83 10.92
N GLY A 99 -12.37 -2.88 10.23
CA GLY A 99 -11.40 -3.78 9.63
C GLY A 99 -10.65 -3.11 8.51
N LEU A 100 -11.34 -2.25 7.77
CA LEU A 100 -10.73 -1.49 6.68
C LEU A 100 -9.69 -0.51 7.23
N ILE A 101 -10.07 0.22 8.28
CA ILE A 101 -9.18 1.19 8.90
C ILE A 101 -7.99 0.48 9.56
N SER A 102 -8.25 -0.60 10.27
CA SER A 102 -7.20 -1.36 10.93
C SER A 102 -6.20 -1.88 9.90
N ALA A 103 -6.72 -2.36 8.78
CA ALA A 103 -5.88 -2.83 7.69
C ALA A 103 -5.11 -1.67 7.07
N ALA A 104 -5.75 -0.51 6.99
CA ALA A 104 -5.11 0.67 6.44
C ALA A 104 -3.90 1.09 7.28
N ARG A 105 -4.06 1.11 8.60
CA ARG A 105 -2.93 1.41 9.48
C ARG A 105 -1.83 0.37 9.30
N MET A 106 -2.24 -0.86 9.04
CA MET A 106 -1.31 -1.95 8.82
C MET A 106 -0.55 -1.77 7.50
N VAL A 107 -1.27 -1.50 6.42
CA VAL A 107 -0.63 -1.31 5.13
C VAL A 107 0.22 -0.06 5.14
N ALA A 108 -0.26 0.98 5.84
CA ALA A 108 0.50 2.22 5.95
C ALA A 108 1.81 1.98 6.67
N ALA A 109 1.78 1.15 7.71
CA ALA A 109 2.99 0.85 8.46
C ALA A 109 3.91 -0.07 7.65
N ALA A 110 3.33 -1.12 7.10
CA ALA A 110 4.10 -2.10 6.33
C ALA A 110 4.80 -1.46 5.14
N THR A 111 4.04 -0.74 4.33
CA THR A 111 4.58 -0.12 3.13
C THR A 111 5.56 1.00 3.50
N ASN A 112 5.39 1.58 4.68
CA ASN A 112 6.26 2.65 5.16
C ASN A 112 7.58 2.06 5.63
N ASN A 113 7.51 0.89 6.25
CA ASN A 113 8.72 0.19 6.66
C ASN A 113 9.52 -0.24 5.45
N LEU A 114 8.81 -0.60 4.40
CA LEU A 114 9.44 -0.96 3.14
C LEU A 114 10.07 0.28 2.50
N CYS A 115 9.40 1.42 2.67
CA CYS A 115 9.94 2.70 2.23
C CYS A 115 11.28 2.95 2.92
N GLU A 116 11.33 2.71 4.22
CA GLU A 116 12.57 2.89 4.98
C GLU A 116 13.62 1.88 4.54
N ALA A 117 13.18 0.67 4.18
CA ALA A 117 14.09 -0.36 3.72
C ALA A 117 14.71 0.03 2.38
N ALA A 118 13.87 0.47 1.45
CA ALA A 118 14.34 0.94 0.16
C ALA A 118 15.24 2.17 0.32
N ASN A 119 14.79 3.12 1.13
CA ASN A 119 15.55 4.34 1.39
C ASN A 119 16.94 4.02 1.93
N ALA A 120 17.03 3.05 2.81
CA ALA A 120 18.31 2.64 3.37
C ALA A 120 19.19 2.00 2.30
N ALA A 121 18.57 1.12 1.49
CA ALA A 121 19.29 0.39 0.46
C ALA A 121 19.95 1.33 -0.55
N VAL A 122 19.20 2.32 -1.02
CA VAL A 122 19.69 3.24 -2.03
C VAL A 122 20.88 4.06 -1.51
N GLN A 123 20.86 4.36 -0.22
CA GLN A 123 21.83 5.28 0.34
C GLN A 123 23.07 4.56 0.89
N GLY A 124 23.13 3.25 0.69
CA GLY A 124 24.33 2.51 1.02
C GLY A 124 24.23 1.69 2.29
N HIS A 125 23.02 1.46 2.76
CA HIS A 125 22.81 0.58 3.91
C HIS A 125 21.72 -0.42 3.59
N ALA A 126 22.08 -1.42 2.79
CA ALA A 126 21.11 -2.36 2.26
C ALA A 126 21.11 -3.68 3.04
N SER A 127 19.96 -4.32 3.08
CA SER A 127 19.84 -5.66 3.61
C SER A 127 18.79 -6.42 2.82
N GLN A 128 19.24 -7.25 1.88
CA GLN A 128 18.33 -8.01 1.05
C GLN A 128 17.44 -8.93 1.88
N GLU A 129 17.94 -9.36 3.04
CA GLU A 129 17.16 -10.21 3.93
C GLU A 129 15.95 -9.45 4.46
N LYS A 130 16.19 -8.26 5.04
CA LYS A 130 15.10 -7.44 5.55
C LYS A 130 14.16 -7.03 4.43
N LEU A 131 14.75 -6.72 3.28
CA LEU A 131 14.00 -6.25 2.13
C LEU A 131 13.03 -7.33 1.63
N ILE A 132 13.53 -8.55 1.48
CA ILE A 132 12.70 -9.67 1.05
C ILE A 132 11.54 -9.87 2.04
N SER A 133 11.86 -9.88 3.33
CA SER A 133 10.85 -10.05 4.35
C SER A 133 9.83 -8.91 4.29
N SER A 134 10.32 -7.68 4.33
CA SER A 134 9.46 -6.51 4.34
C SER A 134 8.50 -6.51 3.16
N ALA A 135 9.02 -6.79 1.97
CA ALA A 135 8.22 -6.73 0.75
C ALA A 135 7.16 -7.82 0.74
N LYS A 136 7.52 -9.00 1.25
CA LYS A 136 6.59 -10.11 1.33
C LYS A 136 5.46 -9.79 2.31
N GLN A 137 5.81 -9.16 3.43
CA GLN A 137 4.83 -8.73 4.40
C GLN A 137 3.96 -7.62 3.84
N VAL A 138 4.59 -6.68 3.14
CA VAL A 138 3.88 -5.58 2.50
C VAL A 138 2.81 -6.10 1.57
N ALA A 139 3.20 -6.97 0.65
CA ALA A 139 2.27 -7.53 -0.32
C ALA A 139 1.09 -8.22 0.37
N ALA A 140 1.40 -8.99 1.41
CA ALA A 140 0.37 -9.75 2.10
C ALA A 140 -0.57 -8.83 2.88
N SER A 141 -0.01 -7.88 3.62
CA SER A 141 -0.80 -6.98 4.42
C SER A 141 -1.63 -6.04 3.56
N THR A 142 -1.03 -5.56 2.47
CA THR A 142 -1.68 -4.58 1.61
C THR A 142 -2.78 -5.22 0.78
N ALA A 143 -2.53 -6.42 0.27
CA ALA A 143 -3.52 -7.14 -0.51
C ALA A 143 -4.74 -7.47 0.37
N GLN A 144 -4.50 -7.59 1.67
CA GLN A 144 -5.56 -7.86 2.63
C GLN A 144 -6.44 -6.61 2.83
N LEU A 145 -5.89 -5.44 2.52
CA LEU A 145 -6.65 -4.20 2.57
C LEU A 145 -7.80 -4.28 1.57
N LEU A 146 -7.54 -4.94 0.45
CA LEU A 146 -8.59 -5.21 -0.53
C LEU A 146 -9.68 -6.07 0.08
N VAL A 147 -9.25 -7.15 0.73
CA VAL A 147 -10.17 -8.11 1.34
C VAL A 147 -11.12 -7.41 2.33
N ALA A 148 -10.57 -6.44 3.05
CA ALA A 148 -11.35 -5.67 4.01
C ALA A 148 -12.56 -5.03 3.36
N CYS A 149 -12.37 -4.42 2.19
CA CYS A 149 -13.45 -3.77 1.48
C CYS A 149 -14.33 -4.80 0.78
N LYS A 150 -13.69 -5.84 0.24
CA LYS A 150 -14.37 -6.92 -0.49
C LYS A 150 -15.51 -7.55 0.32
N VAL A 151 -15.48 -7.40 1.63
CA VAL A 151 -16.55 -7.92 2.48
C VAL A 151 -17.91 -7.37 2.07
N LYS A 152 -18.02 -6.05 1.96
CA LYS A 152 -19.28 -5.41 1.61
C LYS A 152 -19.33 -5.02 0.13
N ALA A 153 -18.16 -4.82 -0.47
CA ALA A 153 -18.07 -4.39 -1.86
C ALA A 153 -18.49 -5.50 -2.81
N ASP A 154 -19.39 -5.18 -3.72
CA ASP A 154 -19.87 -6.14 -4.71
C ASP A 154 -18.77 -6.44 -5.73
N GLN A 155 -18.71 -7.69 -6.17
CA GLN A 155 -17.63 -8.15 -7.04
C GLN A 155 -17.68 -7.46 -8.40
N ASP A 156 -18.87 -7.06 -8.83
CA ASP A 156 -19.05 -6.45 -10.13
C ASP A 156 -18.96 -4.92 -10.05
N SER A 157 -18.95 -4.41 -8.82
CA SER A 157 -18.84 -2.99 -8.58
C SER A 157 -17.51 -2.45 -9.11
N GLU A 158 -17.58 -1.35 -9.85
CA GLU A 158 -16.42 -0.78 -10.52
C GLU A 158 -15.28 -0.49 -9.54
N ALA A 159 -15.63 -0.01 -8.35
CA ALA A 159 -14.64 0.30 -7.33
C ALA A 159 -13.82 -0.94 -6.96
N MET A 160 -14.47 -2.09 -7.02
CA MET A 160 -13.83 -3.36 -6.69
C MET A 160 -12.72 -3.68 -7.71
N LYS A 161 -13.02 -3.45 -8.99
CA LYS A 161 -12.05 -3.71 -10.05
C LYS A 161 -10.83 -2.84 -9.89
N ARG A 162 -11.05 -1.56 -9.58
CA ARG A 162 -9.97 -0.62 -9.34
C ARG A 162 -9.15 -1.06 -8.14
N LEU A 163 -9.85 -1.43 -7.07
CA LEU A 163 -9.23 -1.96 -5.88
C LEU A 163 -8.34 -3.15 -6.20
N GLN A 164 -8.89 -4.09 -6.97
CA GLN A 164 -8.17 -5.30 -7.34
C GLN A 164 -6.88 -4.96 -8.09
N ALA A 165 -6.99 -4.07 -9.06
CA ALA A 165 -5.84 -3.67 -9.87
C ALA A 165 -4.74 -3.04 -9.02
N ALA A 166 -5.13 -2.12 -8.15
CA ALA A 166 -4.18 -1.44 -7.29
C ALA A 166 -3.52 -2.42 -6.30
N GLY A 167 -4.32 -3.35 -5.79
CA GLY A 167 -3.78 -4.38 -4.91
C GLY A 167 -2.84 -5.31 -5.62
N ASN A 168 -3.21 -5.68 -6.84
CA ASN A 168 -2.37 -6.52 -7.69
C ASN A 168 -1.01 -5.87 -7.90
N ALA A 169 -1.04 -4.55 -8.11
CA ALA A 169 0.17 -3.78 -8.32
C ALA A 169 1.11 -3.86 -7.12
N VAL A 170 0.55 -3.82 -5.90
CA VAL A 170 1.36 -3.92 -4.69
C VAL A 170 2.06 -5.27 -4.66
N LYS A 171 1.28 -6.32 -4.84
CA LYS A 171 1.80 -7.68 -4.83
C LYS A 171 2.88 -7.88 -5.89
N ARG A 172 2.60 -7.38 -7.10
CA ARG A 172 3.53 -7.52 -8.20
C ARG A 172 4.83 -6.77 -7.92
N ALA A 173 4.70 -5.52 -7.49
CA ALA A 173 5.86 -4.68 -7.24
C ALA A 173 6.65 -5.20 -6.04
N SER A 174 5.95 -5.71 -5.03
CA SER A 174 6.62 -6.25 -3.86
C SER A 174 7.38 -7.53 -4.22
N ASP A 175 6.73 -8.39 -5.00
CA ASP A 175 7.37 -9.62 -5.46
C ASP A 175 8.60 -9.30 -6.31
N ASN A 176 8.46 -8.31 -7.18
CA ASN A 176 9.57 -7.86 -8.02
C ASN A 176 10.71 -7.34 -7.15
N LEU A 177 10.35 -6.59 -6.11
CA LEU A 177 11.32 -6.06 -5.17
C LEU A 177 12.05 -7.20 -4.47
N VAL A 178 11.29 -8.21 -4.07
CA VAL A 178 11.86 -9.42 -3.47
C VAL A 178 12.81 -10.11 -4.44
N LYS A 179 12.36 -10.25 -5.68
CA LYS A 179 13.18 -10.87 -6.72
C LYS A 179 14.49 -10.12 -6.89
N ALA A 180 14.43 -8.80 -7.00
CA ALA A 180 15.61 -7.99 -7.21
C ALA A 180 16.59 -8.15 -6.04
N ALA A 181 16.05 -8.33 -4.84
CA ALA A 181 16.86 -8.53 -3.65
C ALA A 181 17.61 -9.86 -3.72
N GLN A 182 16.99 -10.86 -4.31
CA GLN A 182 17.61 -12.17 -4.49
C GLN A 182 18.84 -12.05 -5.38
N LYS A 183 18.79 -11.07 -6.28
CA LYS A 183 19.85 -10.84 -7.24
C LYS A 183 21.03 -10.12 -6.59
N ALA A 184 20.80 -9.58 -5.39
CA ALA A 184 21.86 -8.94 -4.63
C ALA A 184 22.51 -9.93 -3.69
N ALA A 185 22.07 -11.17 -3.80
CA ALA A 185 22.60 -12.24 -3.00
C ALA A 185 22.83 -13.48 -3.85
N ALA A 186 23.03 -14.62 -3.22
CA ALA A 186 23.24 -15.87 -3.94
C ALA A 186 22.58 -17.03 -3.22
N PHE A 187 21.35 -17.34 -3.61
CA PHE A 187 20.61 -18.45 -3.02
C PHE A 187 20.58 -19.62 -3.98
N GLU A 188 21.50 -19.59 -4.95
CA GLU A 188 21.61 -20.58 -6.03
C GLU A 188 20.25 -20.99 -6.57
N ASP A 189 19.46 -19.99 -6.93
CA ASP A 189 18.13 -20.21 -7.47
C ASP A 189 17.91 -19.29 -8.66
N GLY A 1 -22.41 9.80 16.74
CA GLY A 1 -23.41 8.69 16.71
C GLY A 1 -24.83 9.18 16.86
N ILE A 2 -25.10 9.91 17.94
CA ILE A 2 -26.44 10.45 18.20
C ILE A 2 -26.84 11.45 17.11
N ASP A 3 -25.85 12.08 16.51
CA ASP A 3 -26.08 13.03 15.45
C ASP A 3 -26.09 12.34 14.09
N PRO A 4 -26.81 12.92 13.13
CA PRO A 4 -26.90 12.40 11.76
C PRO A 4 -25.73 12.84 10.88
N PHE A 5 -24.67 13.33 11.50
CA PHE A 5 -23.55 13.90 10.76
C PHE A 5 -22.31 13.01 10.84
N THR A 6 -22.19 12.28 11.92
CA THR A 6 -21.04 11.40 12.12
C THR A 6 -21.28 10.05 11.48
N ASP A 7 -21.36 10.03 10.16
CA ASP A 7 -21.51 8.80 9.40
C ASP A 7 -20.22 8.00 9.46
N PRO A 8 -20.27 6.76 9.98
CA PRO A 8 -19.09 5.91 10.17
C PRO A 8 -18.28 5.75 8.89
N THR A 9 -18.97 5.69 7.76
CA THR A 9 -18.33 5.53 6.47
C THR A 9 -17.54 6.78 6.08
N VAL A 10 -18.11 7.96 6.35
CA VAL A 10 -17.44 9.21 6.02
C VAL A 10 -16.28 9.45 6.99
N ILE A 11 -16.46 9.02 8.23
CA ILE A 11 -15.38 9.04 9.21
C ILE A 11 -14.23 8.17 8.72
N ALA A 12 -14.56 6.92 8.39
CA ALA A 12 -13.58 5.97 7.87
C ALA A 12 -12.92 6.50 6.61
N GLU A 13 -13.70 7.20 5.79
CA GLU A 13 -13.18 7.82 4.57
C GLU A 13 -12.02 8.75 4.91
N ASN A 14 -12.25 9.66 5.84
CA ASN A 14 -11.21 10.62 6.24
C ASN A 14 -10.04 9.90 6.91
N GLU A 15 -10.34 8.82 7.60
CA GLU A 15 -9.32 7.99 8.21
C GLU A 15 -8.42 7.38 7.13
N LEU A 16 -9.04 6.93 6.05
CA LEU A 16 -8.31 6.36 4.93
C LEU A 16 -7.50 7.44 4.20
N LEU A 17 -8.14 8.56 3.90
CA LEU A 17 -7.48 9.68 3.24
C LEU A 17 -6.23 10.11 4.01
N GLY A 18 -6.35 10.20 5.32
CA GLY A 18 -5.21 10.55 6.16
C GLY A 18 -4.11 9.50 6.09
N ALA A 19 -4.51 8.24 6.15
CA ALA A 19 -3.55 7.14 6.06
C ALA A 19 -2.83 7.15 4.72
N ALA A 20 -3.58 7.42 3.66
CA ALA A 20 -3.03 7.49 2.31
C ALA A 20 -2.00 8.61 2.21
N ALA A 21 -2.31 9.74 2.84
CA ALA A 21 -1.42 10.90 2.82
C ALA A 21 -0.07 10.56 3.44
N ALA A 22 -0.09 9.72 4.47
CA ALA A 22 1.14 9.27 5.11
C ALA A 22 1.98 8.45 4.13
N ILE A 23 1.32 7.61 3.35
CA ILE A 23 2.01 6.81 2.35
C ILE A 23 2.51 7.68 1.21
N GLU A 24 1.72 8.69 0.84
CA GLU A 24 2.11 9.65 -0.19
C GLU A 24 3.39 10.37 0.23
N ALA A 25 3.51 10.63 1.53
CA ALA A 25 4.69 11.29 2.07
C ALA A 25 5.92 10.40 1.95
N ALA A 26 5.72 9.09 2.09
CA ALA A 26 6.80 8.13 1.88
C ALA A 26 7.24 8.13 0.42
N ALA A 27 6.25 8.11 -0.48
CA ALA A 27 6.52 8.18 -1.91
C ALA A 27 7.23 9.49 -2.27
N LYS A 28 6.89 10.53 -1.52
CA LYS A 28 7.49 11.84 -1.72
C LYS A 28 8.98 11.80 -1.38
N LYS A 29 9.32 11.06 -0.33
CA LYS A 29 10.71 10.85 0.05
C LYS A 29 11.40 9.97 -0.98
N LEU A 30 10.64 9.04 -1.53
CA LEU A 30 11.13 8.15 -2.57
C LEU A 30 11.44 8.91 -3.86
N GLU A 31 10.80 10.05 -4.04
CA GLU A 31 11.09 10.91 -5.18
C GLU A 31 12.40 11.66 -4.96
N GLN A 32 12.67 11.99 -3.70
CA GLN A 32 13.90 12.70 -3.34
C GLN A 32 15.10 11.79 -3.56
N LEU A 33 14.86 10.50 -3.46
CA LEU A 33 15.86 9.50 -3.84
C LEU A 33 16.05 9.59 -5.35
N LYS A 34 17.18 10.13 -5.76
CA LYS A 34 17.41 10.49 -7.14
C LYS A 34 18.67 9.83 -7.69
N PRO A 35 18.53 8.75 -8.46
CA PRO A 35 19.63 8.07 -9.10
C PRO A 35 19.91 8.65 -10.49
N ARG A 36 20.86 9.58 -10.56
CA ARG A 36 21.27 10.16 -11.83
C ARG A 36 22.77 10.20 -11.93
N ALA A 37 23.43 9.51 -11.02
CA ALA A 37 24.87 9.47 -10.97
C ALA A 37 25.34 8.05 -10.72
N LYS A 38 26.11 7.53 -11.66
CA LYS A 38 26.66 6.18 -11.54
C LYS A 38 27.71 6.15 -10.44
N PRO A 39 27.91 4.97 -9.82
CA PRO A 39 28.90 4.79 -8.77
C PRO A 39 30.32 4.99 -9.29
N LYS A 40 30.78 6.24 -9.20
CA LYS A 40 32.15 6.60 -9.59
C LYS A 40 32.35 6.47 -11.10
N GLU A 41 33.60 6.54 -11.54
CA GLU A 41 33.92 6.31 -12.94
C GLU A 41 34.02 4.81 -13.19
N ALA A 42 34.34 4.43 -14.42
CA ALA A 42 34.44 3.04 -14.81
C ALA A 42 33.09 2.35 -14.65
N ASP A 43 32.27 2.51 -15.69
CA ASP A 43 30.91 2.00 -15.71
C ASP A 43 30.79 0.56 -15.24
N GLU A 44 30.20 0.39 -14.07
CA GLU A 44 29.81 -0.92 -13.58
C GLU A 44 28.30 -1.03 -13.61
N SER A 45 27.77 -2.19 -13.95
CA SER A 45 26.33 -2.37 -14.03
C SER A 45 25.73 -2.53 -12.64
N LEU A 46 25.68 -1.43 -11.91
CA LEU A 46 25.11 -1.41 -10.57
C LEU A 46 23.80 -0.65 -10.57
N ASN A 47 22.71 -1.36 -10.79
CA ASN A 47 21.40 -0.73 -10.86
C ASN A 47 20.45 -1.36 -9.87
N PHE A 48 21.01 -2.14 -8.94
CA PHE A 48 20.22 -2.82 -7.92
C PHE A 48 19.38 -1.83 -7.12
N GLU A 49 20.02 -0.77 -6.64
CA GLU A 49 19.33 0.27 -5.90
C GLU A 49 18.21 0.88 -6.72
N GLU A 50 18.46 1.06 -8.01
CA GLU A 50 17.46 1.59 -8.93
C GLU A 50 16.29 0.64 -9.07
N GLN A 51 16.59 -0.66 -9.19
CA GLN A 51 15.57 -1.68 -9.35
C GLN A 51 14.72 -1.79 -8.07
N ILE A 52 15.36 -1.56 -6.94
CA ILE A 52 14.65 -1.52 -5.67
C ILE A 52 13.78 -0.27 -5.58
N LEU A 53 14.37 0.85 -5.96
CA LEU A 53 13.70 2.14 -5.86
C LEU A 53 12.44 2.18 -6.71
N GLU A 54 12.54 1.80 -7.99
CA GLU A 54 11.39 1.83 -8.88
C GLU A 54 10.21 1.04 -8.31
N ALA A 55 10.50 -0.19 -7.89
CA ALA A 55 9.46 -1.07 -7.41
C ALA A 55 8.86 -0.54 -6.12
N ALA A 56 9.73 -0.04 -5.23
CA ALA A 56 9.27 0.54 -3.98
C ALA A 56 8.39 1.76 -4.23
N LYS A 57 8.78 2.59 -5.20
CA LYS A 57 8.00 3.75 -5.58
C LYS A 57 6.65 3.33 -6.14
N SER A 58 6.66 2.28 -6.95
CA SER A 58 5.43 1.72 -7.48
C SER A 58 4.51 1.25 -6.36
N ILE A 59 5.09 0.63 -5.35
CA ILE A 59 4.33 0.21 -4.17
C ILE A 59 3.79 1.42 -3.44
N ALA A 60 4.64 2.39 -3.14
CA ALA A 60 4.22 3.58 -2.41
C ALA A 60 3.11 4.33 -3.16
N ALA A 61 3.23 4.39 -4.47
CA ALA A 61 2.22 5.03 -5.30
C ALA A 61 0.93 4.20 -5.35
N ALA A 62 1.10 2.89 -5.55
CA ALA A 62 -0.04 1.99 -5.68
C ALA A 62 -0.75 1.78 -4.34
N THR A 63 0.01 1.80 -3.25
CA THR A 63 -0.57 1.59 -1.93
C THR A 63 -1.40 2.79 -1.49
N SER A 64 -0.86 3.99 -1.69
CA SER A 64 -1.60 5.20 -1.37
C SER A 64 -2.83 5.31 -2.27
N ALA A 65 -2.66 4.98 -3.54
CA ALA A 65 -3.77 4.93 -4.48
C ALA A 65 -4.76 3.85 -4.06
N LEU A 66 -4.25 2.78 -3.47
CA LEU A 66 -5.10 1.69 -2.97
C LEU A 66 -6.00 2.18 -1.85
N VAL A 67 -5.43 2.91 -0.91
CA VAL A 67 -6.20 3.45 0.21
C VAL A 67 -7.23 4.45 -0.29
N LYS A 68 -6.85 5.21 -1.32
CA LYS A 68 -7.77 6.13 -1.99
C LYS A 68 -8.85 5.34 -2.71
N ALA A 69 -8.44 4.28 -3.39
CA ALA A 69 -9.36 3.43 -4.13
C ALA A 69 -10.32 2.72 -3.20
N ALA A 70 -9.84 2.39 -2.01
CA ALA A 70 -10.68 1.80 -0.97
C ALA A 70 -11.82 2.73 -0.63
N SER A 71 -11.48 3.97 -0.27
CA SER A 71 -12.44 5.01 -0.01
C SER A 71 -13.38 5.21 -1.20
N ALA A 72 -12.81 5.25 -2.40
CA ALA A 72 -13.60 5.43 -3.61
C ALA A 72 -14.59 4.29 -3.80
N ALA A 73 -14.10 3.05 -3.68
CA ALA A 73 -14.96 1.87 -3.79
C ALA A 73 -16.01 1.89 -2.70
N GLN A 74 -15.55 2.07 -1.47
CA GLN A 74 -16.41 2.16 -0.29
C GLN A 74 -17.51 3.21 -0.49
N ARG A 75 -17.13 4.37 -1.01
CA ARG A 75 -18.07 5.47 -1.22
C ARG A 75 -19.15 5.08 -2.23
N GLU A 76 -18.82 4.19 -3.14
CA GLU A 76 -19.80 3.69 -4.11
C GLU A 76 -20.87 2.88 -3.41
N LEU A 77 -20.46 2.06 -2.45
CA LEU A 77 -21.40 1.25 -1.68
C LEU A 77 -22.22 2.14 -0.77
N VAL A 78 -21.58 3.20 -0.29
CA VAL A 78 -22.27 4.22 0.51
C VAL A 78 -23.39 4.86 -0.29
N ALA A 79 -23.11 5.16 -1.56
CA ALA A 79 -24.09 5.78 -2.44
C ALA A 79 -25.23 4.83 -2.78
N GLN A 80 -24.88 3.62 -3.22
CA GLN A 80 -25.89 2.67 -3.68
C GLN A 80 -26.62 2.01 -2.50
N GLY A 81 -26.05 2.10 -1.31
CA GLY A 81 -26.69 1.54 -0.14
C GLY A 81 -26.39 0.06 0.03
N LYS A 82 -25.12 -0.29 -0.03
CA LYS A 82 -24.71 -1.67 0.21
C LYS A 82 -24.13 -1.82 1.61
N VAL A 83 -23.44 -0.78 2.06
CA VAL A 83 -22.87 -0.76 3.39
C VAL A 83 -23.83 -0.13 4.38
N GLY A 84 -23.39 0.08 5.61
CA GLY A 84 -24.21 0.78 6.57
C GLY A 84 -24.41 2.22 6.17
N ALA A 85 -23.29 2.95 6.10
CA ALA A 85 -23.24 4.33 5.59
C ALA A 85 -24.06 5.29 6.44
N ILE A 86 -24.57 4.80 7.55
CA ILE A 86 -25.45 5.56 8.41
C ILE A 86 -25.11 5.24 9.86
N PRO A 87 -25.06 6.25 10.75
CA PRO A 87 -24.84 6.03 12.19
C PRO A 87 -25.83 5.02 12.78
N ALA A 88 -27.00 4.90 12.15
CA ALA A 88 -28.02 3.95 12.58
C ALA A 88 -27.63 2.52 12.22
N ASN A 89 -26.82 2.38 11.18
CA ASN A 89 -26.41 1.07 10.70
C ASN A 89 -24.99 0.77 11.17
N ALA A 90 -24.52 1.57 12.12
CA ALA A 90 -23.15 1.50 12.60
C ALA A 90 -22.87 0.19 13.34
N LEU A 91 -23.92 -0.52 13.73
CA LEU A 91 -23.77 -1.82 14.37
C LEU A 91 -22.89 -2.74 13.51
N ASP A 92 -23.31 -2.96 12.28
CA ASP A 92 -22.57 -3.80 11.35
C ASP A 92 -21.44 -3.02 10.69
N ASP A 93 -21.76 -1.83 10.20
CA ASP A 93 -20.82 -1.01 9.42
C ASP A 93 -19.66 -0.53 10.28
N GLY A 94 -19.94 -0.24 11.54
CA GLY A 94 -18.91 0.25 12.42
C GLY A 94 -17.81 -0.75 12.65
N GLN A 95 -18.14 -2.03 12.50
CA GLN A 95 -17.14 -3.08 12.68
C GLN A 95 -16.34 -3.24 11.40
N TRP A 96 -16.98 -2.97 10.28
CA TRP A 96 -16.31 -3.02 8.99
C TRP A 96 -15.41 -1.81 8.81
N SER A 97 -15.95 -0.62 9.07
CA SER A 97 -15.20 0.62 8.89
C SER A 97 -13.98 0.68 9.79
N GLN A 98 -14.17 0.42 11.09
CA GLN A 98 -13.05 0.45 12.04
C GLN A 98 -12.00 -0.60 11.69
N GLY A 99 -12.45 -1.75 11.19
CA GLY A 99 -11.54 -2.79 10.75
C GLY A 99 -10.77 -2.37 9.51
N LEU A 100 -11.49 -1.78 8.57
CA LEU A 100 -10.90 -1.25 7.34
C LEU A 100 -9.83 -0.22 7.68
N ILE A 101 -10.15 0.65 8.63
CA ILE A 101 -9.22 1.66 9.12
C ILE A 101 -7.97 1.01 9.71
N SER A 102 -8.18 0.01 10.55
CA SER A 102 -7.07 -0.68 11.20
C SER A 102 -6.17 -1.34 10.16
N ALA A 103 -6.78 -1.93 9.14
CA ALA A 103 -6.04 -2.53 8.04
C ALA A 103 -5.23 -1.47 7.30
N ALA A 104 -5.80 -0.29 7.16
CA ALA A 104 -5.11 0.82 6.51
C ALA A 104 -3.92 1.27 7.34
N ARG A 105 -4.07 1.25 8.66
CA ARG A 105 -2.96 1.56 9.56
C ARG A 105 -1.87 0.49 9.41
N MET A 106 -2.30 -0.75 9.22
CA MET A 106 -1.41 -1.87 9.05
C MET A 106 -0.62 -1.75 7.75
N VAL A 107 -1.31 -1.48 6.65
CA VAL A 107 -0.64 -1.33 5.37
C VAL A 107 0.27 -0.10 5.38
N ALA A 108 -0.17 0.95 6.06
CA ALA A 108 0.61 2.18 6.16
C ALA A 108 1.89 1.96 6.96
N ALA A 109 1.87 0.98 7.86
CA ALA A 109 3.06 0.64 8.62
C ALA A 109 3.98 -0.23 7.79
N ALA A 110 3.43 -1.30 7.24
CA ALA A 110 4.20 -2.26 6.45
C ALA A 110 4.87 -1.57 5.25
N THR A 111 4.09 -0.83 4.48
CA THR A 111 4.60 -0.18 3.28
C THR A 111 5.60 0.92 3.63
N ASN A 112 5.42 1.51 4.81
CA ASN A 112 6.32 2.56 5.29
C ASN A 112 7.68 1.97 5.57
N ASN A 113 7.69 0.81 6.20
CA ASN A 113 8.92 0.12 6.54
C ASN A 113 9.69 -0.27 5.30
N LEU A 114 8.96 -0.66 4.26
CA LEU A 114 9.59 -1.05 3.01
C LEU A 114 10.18 0.18 2.32
N CYS A 115 9.53 1.32 2.48
CA CYS A 115 10.04 2.58 1.98
C CYS A 115 11.37 2.91 2.63
N GLU A 116 11.49 2.59 3.92
CA GLU A 116 12.72 2.79 4.66
C GLU A 116 13.79 1.80 4.22
N ALA A 117 13.37 0.55 4.02
CA ALA A 117 14.27 -0.49 3.54
C ALA A 117 14.85 -0.10 2.19
N ALA A 118 14.00 0.36 1.29
CA ALA A 118 14.44 0.86 -0.01
C ALA A 118 15.34 2.08 0.15
N ASN A 119 14.95 2.99 1.03
CA ASN A 119 15.72 4.20 1.30
C ASN A 119 17.16 3.86 1.66
N ALA A 120 17.32 2.94 2.59
CA ALA A 120 18.64 2.52 3.05
C ALA A 120 19.42 1.84 1.92
N ALA A 121 18.71 1.03 1.12
CA ALA A 121 19.34 0.31 0.02
C ALA A 121 20.00 1.27 -0.97
N VAL A 122 19.26 2.32 -1.35
CA VAL A 122 19.76 3.31 -2.31
C VAL A 122 21.02 3.98 -1.79
N GLN A 123 21.10 4.10 -0.48
CA GLN A 123 22.19 4.80 0.17
C GLN A 123 23.40 3.90 0.35
N GLY A 124 23.25 2.63 0.03
CA GLY A 124 24.34 1.69 0.14
C GLY A 124 24.30 0.88 1.41
N HIS A 125 23.11 0.72 1.97
CA HIS A 125 22.92 -0.09 3.16
C HIS A 125 21.77 -1.06 2.94
N ALA A 126 22.04 -2.13 2.21
CA ALA A 126 21.02 -3.10 1.87
C ALA A 126 21.08 -4.33 2.77
N SER A 127 19.95 -5.00 2.89
CA SER A 127 19.86 -6.27 3.59
C SER A 127 18.82 -7.13 2.90
N GLN A 128 19.28 -7.98 1.98
CA GLN A 128 18.41 -8.79 1.14
C GLN A 128 17.44 -9.62 1.99
N GLU A 129 17.93 -10.10 3.12
CA GLU A 129 17.12 -10.91 4.02
C GLU A 129 15.88 -10.15 4.46
N LYS A 130 16.08 -8.98 5.06
CA LYS A 130 14.97 -8.19 5.58
C LYS A 130 14.19 -7.55 4.44
N LEU A 131 14.86 -7.29 3.32
CA LEU A 131 14.24 -6.68 2.17
C LEU A 131 13.21 -7.63 1.55
N ILE A 132 13.65 -8.87 1.30
CA ILE A 132 12.75 -9.89 0.76
C ILE A 132 11.61 -10.17 1.73
N SER A 133 11.97 -10.34 3.00
CA SER A 133 10.99 -10.66 4.03
C SER A 133 9.93 -9.56 4.16
N SER A 134 10.39 -8.32 4.31
CA SER A 134 9.48 -7.20 4.50
C SER A 134 8.63 -6.95 3.25
N ALA A 135 9.21 -7.23 2.08
CA ALA A 135 8.48 -7.04 0.83
C ALA A 135 7.30 -8.00 0.76
N LYS A 136 7.54 -9.22 1.20
CA LYS A 136 6.50 -10.23 1.22
C LYS A 136 5.45 -9.88 2.26
N GLN A 137 5.90 -9.29 3.37
CA GLN A 137 4.99 -8.83 4.40
C GLN A 137 4.10 -7.71 3.87
N VAL A 138 4.71 -6.77 3.17
CA VAL A 138 3.97 -5.67 2.56
C VAL A 138 2.92 -6.20 1.60
N ALA A 139 3.35 -7.06 0.67
CA ALA A 139 2.46 -7.63 -0.33
C ALA A 139 1.31 -8.39 0.32
N ALA A 140 1.57 -9.03 1.46
CA ALA A 140 0.55 -9.80 2.13
C ALA A 140 -0.42 -8.88 2.87
N SER A 141 0.13 -7.99 3.69
CA SER A 141 -0.69 -7.12 4.53
C SER A 141 -1.48 -6.13 3.69
N THR A 142 -0.87 -5.64 2.61
CA THR A 142 -1.52 -4.65 1.76
C THR A 142 -2.64 -5.28 0.94
N ALA A 143 -2.40 -6.48 0.42
CA ALA A 143 -3.42 -7.16 -0.37
C ALA A 143 -4.63 -7.50 0.50
N GLN A 144 -4.39 -7.63 1.80
CA GLN A 144 -5.46 -7.91 2.76
C GLN A 144 -6.39 -6.71 2.91
N LEU A 145 -5.85 -5.52 2.64
CA LEU A 145 -6.65 -4.30 2.65
C LEU A 145 -7.74 -4.40 1.59
N LEU A 146 -7.39 -5.05 0.48
CA LEU A 146 -8.37 -5.30 -0.59
C LEU A 146 -9.44 -6.26 -0.12
N VAL A 147 -9.04 -7.25 0.68
CA VAL A 147 -9.97 -8.21 1.24
C VAL A 147 -11.01 -7.49 2.07
N ALA A 148 -10.54 -6.62 2.95
CA ALA A 148 -11.42 -5.85 3.83
C ALA A 148 -12.42 -5.02 3.03
N CYS A 149 -11.96 -4.43 1.94
CA CYS A 149 -12.83 -3.65 1.08
C CYS A 149 -13.89 -4.53 0.43
N LYS A 150 -13.45 -5.66 -0.14
CA LYS A 150 -14.35 -6.55 -0.88
C LYS A 150 -15.40 -7.21 0.02
N VAL A 151 -15.16 -7.22 1.33
CA VAL A 151 -16.15 -7.75 2.29
C VAL A 151 -17.49 -7.03 2.13
N LYS A 152 -17.43 -5.75 1.78
CA LYS A 152 -18.64 -4.95 1.63
C LYS A 152 -18.74 -4.36 0.23
N ALA A 153 -17.92 -4.84 -0.69
CA ALA A 153 -17.90 -4.30 -2.05
C ALA A 153 -18.24 -5.36 -3.08
N ASP A 154 -18.88 -4.94 -4.17
CA ASP A 154 -19.18 -5.83 -5.27
C ASP A 154 -17.98 -5.95 -6.20
N GLN A 155 -17.77 -7.14 -6.74
CA GLN A 155 -16.67 -7.37 -7.68
C GLN A 155 -16.99 -6.74 -9.03
N ASP A 156 -18.28 -6.60 -9.32
CA ASP A 156 -18.71 -5.89 -10.52
C ASP A 156 -18.84 -4.40 -10.25
N SER A 157 -17.72 -3.80 -9.91
CA SER A 157 -17.63 -2.38 -9.67
C SER A 157 -16.32 -1.86 -10.25
N GLU A 158 -16.38 -0.76 -11.00
CA GLU A 158 -15.19 -0.21 -11.62
C GLU A 158 -14.26 0.40 -10.57
N ALA A 159 -14.85 0.91 -9.51
CA ALA A 159 -14.07 1.37 -8.37
C ALA A 159 -13.32 0.19 -7.75
N MET A 160 -13.98 -0.97 -7.75
CA MET A 160 -13.38 -2.20 -7.25
C MET A 160 -12.25 -2.64 -8.19
N LYS A 161 -12.47 -2.47 -9.49
CA LYS A 161 -11.47 -2.85 -10.50
C LYS A 161 -10.14 -2.16 -10.22
N ARG A 162 -10.20 -0.85 -9.97
CA ARG A 162 -9.00 -0.08 -9.65
C ARG A 162 -8.43 -0.52 -8.31
N LEU A 163 -9.31 -0.72 -7.34
CA LEU A 163 -8.91 -1.15 -6.00
C LEU A 163 -8.12 -2.46 -6.08
N GLN A 164 -8.72 -3.44 -6.76
CA GLN A 164 -8.11 -4.76 -6.91
C GLN A 164 -6.79 -4.64 -7.67
N ALA A 165 -6.76 -3.76 -8.66
CA ALA A 165 -5.56 -3.54 -9.48
C ALA A 165 -4.43 -2.95 -8.65
N ALA A 166 -4.78 -2.06 -7.74
CA ALA A 166 -3.79 -1.41 -6.89
C ALA A 166 -3.09 -2.41 -5.99
N GLY A 167 -3.88 -3.28 -5.36
CA GLY A 167 -3.32 -4.33 -4.52
C GLY A 167 -2.50 -5.31 -5.31
N ASN A 168 -2.97 -5.62 -6.52
CA ASN A 168 -2.27 -6.50 -7.43
C ASN A 168 -0.88 -5.91 -7.74
N ALA A 169 -0.86 -4.60 -7.96
CA ALA A 169 0.39 -3.88 -8.21
C ALA A 169 1.33 -3.96 -7.02
N VAL A 170 0.79 -3.92 -5.80
CA VAL A 170 1.61 -4.04 -4.60
C VAL A 170 2.31 -5.39 -4.58
N LYS A 171 1.51 -6.44 -4.74
CA LYS A 171 2.02 -7.81 -4.77
C LYS A 171 3.05 -7.97 -5.89
N ARG A 172 2.72 -7.46 -7.06
CA ARG A 172 3.58 -7.58 -8.22
C ARG A 172 4.91 -6.85 -7.99
N ALA A 173 4.83 -5.60 -7.56
CA ALA A 173 6.00 -4.79 -7.30
C ALA A 173 6.82 -5.35 -6.15
N SER A 174 6.16 -5.87 -5.12
CA SER A 174 6.86 -6.46 -3.99
C SER A 174 7.58 -7.74 -4.42
N ASP A 175 6.91 -8.54 -5.24
CA ASP A 175 7.51 -9.76 -5.75
C ASP A 175 8.68 -9.44 -6.67
N ASN A 176 8.49 -8.43 -7.50
CA ASN A 176 9.56 -7.94 -8.37
C ASN A 176 10.72 -7.43 -7.52
N LEU A 177 10.38 -6.80 -6.40
CA LEU A 177 11.36 -6.32 -5.45
C LEU A 177 12.13 -7.50 -4.86
N VAL A 178 11.39 -8.54 -4.51
CA VAL A 178 11.98 -9.80 -4.05
C VAL A 178 12.95 -10.34 -5.10
N LYS A 179 12.48 -10.44 -6.34
CA LYS A 179 13.29 -10.90 -7.45
C LYS A 179 14.60 -10.09 -7.53
N ALA A 180 14.48 -8.78 -7.53
CA ALA A 180 15.65 -7.91 -7.62
C ALA A 180 16.57 -8.11 -6.42
N ALA A 181 15.97 -8.27 -5.25
CA ALA A 181 16.75 -8.53 -4.03
C ALA A 181 17.48 -9.87 -4.12
N GLN A 182 16.86 -10.83 -4.81
CA GLN A 182 17.46 -12.14 -5.00
C GLN A 182 18.70 -12.03 -5.90
N LYS A 183 18.70 -11.01 -6.74
CA LYS A 183 19.83 -10.75 -7.62
C LYS A 183 21.07 -10.40 -6.81
N ALA A 184 20.88 -9.64 -5.75
CA ALA A 184 21.99 -9.22 -4.89
C ALA A 184 22.16 -10.15 -3.72
N ALA A 185 21.42 -11.25 -3.75
CA ALA A 185 21.53 -12.24 -2.71
C ALA A 185 22.16 -13.51 -3.26
N ALA A 186 21.97 -13.73 -4.56
CA ALA A 186 22.54 -14.86 -5.28
C ALA A 186 21.95 -16.18 -4.80
N PHE A 187 20.83 -16.57 -5.38
CA PHE A 187 20.19 -17.83 -5.04
C PHE A 187 20.48 -18.89 -6.09
N GLU A 188 21.49 -18.62 -6.90
CA GLU A 188 21.97 -19.59 -7.86
C GLU A 188 23.33 -20.07 -7.37
N ASP A 189 23.31 -21.03 -6.46
CA ASP A 189 24.50 -21.50 -5.78
C ASP A 189 25.30 -22.42 -6.67
N GLY A 1 -17.39 13.72 13.59
CA GLY A 1 -16.88 14.62 14.64
C GLY A 1 -17.97 15.05 15.57
N ILE A 2 -17.92 16.30 16.01
CA ILE A 2 -18.98 16.87 16.83
C ILE A 2 -20.17 17.24 15.95
N ASP A 3 -20.88 16.22 15.49
CA ASP A 3 -22.03 16.40 14.62
C ASP A 3 -23.06 15.31 14.86
N PRO A 4 -24.33 15.62 14.61
CA PRO A 4 -25.45 14.69 14.84
C PRO A 4 -25.56 13.56 13.82
N PHE A 5 -24.53 13.38 13.02
CA PHE A 5 -24.52 12.34 12.01
C PHE A 5 -23.61 11.21 12.39
N THR A 6 -22.31 11.48 12.33
CA THR A 6 -21.26 10.49 12.55
C THR A 6 -21.52 9.20 11.76
N ASP A 7 -21.31 9.28 10.46
CA ASP A 7 -21.53 8.13 9.59
C ASP A 7 -20.33 7.20 9.65
N PRO A 8 -20.57 5.89 9.83
CA PRO A 8 -19.50 4.90 9.97
C PRO A 8 -18.58 4.89 8.77
N THR A 9 -19.19 4.84 7.60
CA THR A 9 -18.46 4.87 6.34
C THR A 9 -17.58 6.12 6.22
N VAL A 10 -18.12 7.26 6.63
CA VAL A 10 -17.39 8.52 6.54
C VAL A 10 -16.25 8.57 7.56
N ILE A 11 -16.51 8.05 8.76
CA ILE A 11 -15.48 7.99 9.79
C ILE A 11 -14.28 7.17 9.31
N ALA A 12 -14.56 6.04 8.67
CA ALA A 12 -13.51 5.21 8.08
C ALA A 12 -12.82 5.94 6.95
N GLU A 13 -13.61 6.65 6.15
CA GLU A 13 -13.09 7.45 5.04
C GLU A 13 -12.04 8.45 5.53
N ASN A 14 -12.32 9.08 6.65
CA ASN A 14 -11.42 10.08 7.22
C ASN A 14 -10.11 9.44 7.66
N GLU A 15 -10.17 8.18 8.05
CA GLU A 15 -9.00 7.47 8.50
C GLU A 15 -8.14 7.04 7.32
N LEU A 16 -8.78 6.62 6.25
CA LEU A 16 -8.09 6.29 5.01
C LEU A 16 -7.31 7.48 4.48
N LEU A 17 -7.98 8.63 4.36
CA LEU A 17 -7.34 9.85 3.89
C LEU A 17 -6.22 10.28 4.82
N GLY A 18 -6.38 9.99 6.11
CA GLY A 18 -5.33 10.31 7.07
C GLY A 18 -4.12 9.43 6.90
N ALA A 19 -4.35 8.14 6.68
CA ALA A 19 -3.26 7.19 6.46
C ALA A 19 -2.59 7.44 5.13
N ALA A 20 -3.38 7.87 4.14
CA ALA A 20 -2.88 8.18 2.81
C ALA A 20 -1.77 9.22 2.87
N ALA A 21 -1.96 10.23 3.72
CA ALA A 21 -0.99 11.31 3.86
C ALA A 21 0.39 10.79 4.28
N ALA A 22 0.39 9.73 5.07
CA ALA A 22 1.64 9.12 5.53
C ALA A 22 2.34 8.43 4.37
N ILE A 23 1.55 7.79 3.50
CA ILE A 23 2.09 7.11 2.33
C ILE A 23 2.57 8.13 1.30
N GLU A 24 1.80 9.19 1.11
CA GLU A 24 2.15 10.25 0.17
C GLU A 24 3.47 10.90 0.58
N ALA A 25 3.72 10.99 1.88
CA ALA A 25 4.96 11.54 2.39
C ALA A 25 6.11 10.56 2.22
N ALA A 26 5.81 9.28 2.38
CA ALA A 26 6.81 8.23 2.18
C ALA A 26 7.26 8.18 0.73
N ALA A 27 6.30 8.22 -0.18
CA ALA A 27 6.59 8.27 -1.61
C ALA A 27 7.38 9.52 -1.96
N LYS A 28 7.09 10.60 -1.24
CA LYS A 28 7.77 11.86 -1.43
C LYS A 28 9.24 11.73 -1.04
N LYS A 29 9.48 11.06 0.08
CA LYS A 29 10.84 10.77 0.53
C LYS A 29 11.53 9.87 -0.49
N LEU A 30 10.77 8.94 -1.06
CA LEU A 30 11.27 8.03 -2.08
C LEU A 30 11.68 8.76 -3.34
N GLU A 31 10.87 9.74 -3.74
CA GLU A 31 11.16 10.52 -4.94
C GLU A 31 12.34 11.46 -4.71
N GLN A 32 12.65 11.71 -3.44
CA GLN A 32 13.81 12.51 -3.08
C GLN A 32 15.06 11.65 -3.00
N LEU A 33 14.89 10.37 -3.34
CA LEU A 33 16.00 9.44 -3.43
C LEU A 33 16.38 9.25 -4.89
N LYS A 34 17.64 8.95 -5.13
CA LYS A 34 18.11 8.77 -6.49
C LYS A 34 19.35 7.89 -6.50
N PRO A 35 19.41 6.90 -7.41
CA PRO A 35 20.62 6.12 -7.64
C PRO A 35 21.66 7.00 -8.31
N ARG A 36 22.46 7.66 -7.50
CA ARG A 36 23.38 8.67 -7.98
C ARG A 36 24.63 8.05 -8.59
N ALA A 37 24.61 7.93 -9.90
CA ALA A 37 25.76 7.46 -10.65
C ALA A 37 26.00 8.38 -11.84
N LYS A 38 27.13 9.07 -11.83
CA LYS A 38 27.46 9.99 -12.90
C LYS A 38 27.73 9.23 -14.19
N PRO A 39 27.57 9.92 -15.34
CA PRO A 39 27.71 9.33 -16.67
C PRO A 39 29.05 8.62 -16.88
N LYS A 40 29.08 7.37 -16.45
CA LYS A 40 30.22 6.50 -16.68
C LYS A 40 29.71 5.16 -17.20
N GLU A 41 30.28 4.69 -18.30
CA GLU A 41 29.84 3.44 -18.89
C GLU A 41 30.30 2.25 -18.09
N ALA A 42 29.36 1.61 -17.42
CA ALA A 42 29.63 0.41 -16.67
C ALA A 42 28.59 -0.64 -17.02
N ASP A 43 29.04 -1.75 -17.59
CA ASP A 43 28.14 -2.83 -17.98
C ASP A 43 27.35 -3.31 -16.77
N GLU A 44 26.04 -3.05 -16.81
CA GLU A 44 25.19 -3.15 -15.64
C GLU A 44 25.80 -2.37 -14.47
N SER A 45 25.30 -1.16 -14.30
CA SER A 45 25.86 -0.20 -13.37
C SER A 45 25.25 -0.39 -11.99
N LEU A 46 25.12 -1.67 -11.60
CA LEU A 46 24.50 -2.03 -10.34
C LEU A 46 23.09 -1.48 -10.29
N ASN A 47 22.29 -1.92 -11.26
CA ASN A 47 20.96 -1.37 -11.46
C ASN A 47 19.99 -1.94 -10.46
N PHE A 48 20.51 -2.82 -9.62
CA PHE A 48 19.75 -3.38 -8.52
C PHE A 48 19.15 -2.27 -7.67
N GLU A 49 19.97 -1.27 -7.36
CA GLU A 49 19.52 -0.12 -6.57
C GLU A 49 18.36 0.57 -7.27
N GLU A 50 18.45 0.68 -8.60
CA GLU A 50 17.40 1.28 -9.40
C GLU A 50 16.13 0.43 -9.35
N GLN A 51 16.28 -0.85 -9.61
CA GLN A 51 15.16 -1.80 -9.65
C GLN A 51 14.41 -1.80 -8.31
N ILE A 52 15.15 -1.69 -7.23
CA ILE A 52 14.56 -1.61 -5.90
C ILE A 52 13.77 -0.32 -5.74
N LEU A 53 14.39 0.78 -6.14
CA LEU A 53 13.78 2.09 -5.99
C LEU A 53 12.49 2.19 -6.80
N GLU A 54 12.56 1.87 -8.09
CA GLU A 54 11.38 1.96 -8.95
C GLU A 54 10.26 1.09 -8.44
N ALA A 55 10.59 -0.09 -7.96
CA ALA A 55 9.57 -1.02 -7.51
C ALA A 55 8.97 -0.56 -6.19
N ALA A 56 9.80 0.00 -5.32
CA ALA A 56 9.31 0.57 -4.06
C ALA A 56 8.42 1.77 -4.34
N LYS A 57 8.83 2.60 -5.29
CA LYS A 57 8.03 3.75 -5.71
C LYS A 57 6.74 3.27 -6.36
N SER A 58 6.83 2.16 -7.07
CA SER A 58 5.67 1.52 -7.66
C SER A 58 4.64 1.21 -6.57
N ILE A 59 5.10 0.55 -5.51
CA ILE A 59 4.25 0.26 -4.35
C ILE A 59 3.75 1.55 -3.70
N ALA A 60 4.65 2.48 -3.46
CA ALA A 60 4.29 3.75 -2.82
C ALA A 60 3.21 4.48 -3.61
N ALA A 61 3.38 4.54 -4.92
CA ALA A 61 2.40 5.20 -5.78
C ALA A 61 1.11 4.38 -5.88
N ALA A 62 1.26 3.07 -5.98
CA ALA A 62 0.12 2.17 -6.09
C ALA A 62 -0.66 2.11 -4.78
N THR A 63 0.04 2.15 -3.66
CA THR A 63 -0.61 2.10 -2.36
C THR A 63 -1.36 3.41 -2.09
N SER A 64 -0.71 4.52 -2.43
CA SER A 64 -1.32 5.83 -2.36
C SER A 64 -2.61 5.85 -3.17
N ALA A 65 -2.56 5.24 -4.35
CA ALA A 65 -3.74 5.12 -5.19
C ALA A 65 -4.74 4.14 -4.59
N LEU A 66 -4.22 3.07 -4.00
CA LEU A 66 -5.04 2.02 -3.41
C LEU A 66 -5.89 2.55 -2.28
N VAL A 67 -5.27 3.24 -1.32
CA VAL A 67 -5.98 3.74 -0.16
C VAL A 67 -7.04 4.77 -0.56
N LYS A 68 -6.75 5.54 -1.61
CA LYS A 68 -7.71 6.52 -2.11
C LYS A 68 -8.78 5.83 -2.94
N ALA A 69 -8.41 4.76 -3.63
CA ALA A 69 -9.36 3.97 -4.41
C ALA A 69 -10.28 3.19 -3.48
N ALA A 70 -9.77 2.82 -2.32
CA ALA A 70 -10.57 2.16 -1.30
C ALA A 70 -11.65 3.10 -0.78
N SER A 71 -11.26 4.33 -0.51
CA SER A 71 -12.21 5.36 -0.11
C SER A 71 -13.21 5.63 -1.24
N ALA A 72 -12.72 5.61 -2.47
CA ALA A 72 -13.58 5.77 -3.64
C ALA A 72 -14.53 4.57 -3.76
N ALA A 73 -14.01 3.39 -3.44
CA ALA A 73 -14.80 2.17 -3.42
C ALA A 73 -15.96 2.30 -2.45
N GLN A 74 -15.69 2.91 -1.30
CA GLN A 74 -16.74 3.18 -0.30
C GLN A 74 -17.86 3.99 -0.94
N ARG A 75 -17.47 5.09 -1.58
CA ARG A 75 -18.42 6.00 -2.24
C ARG A 75 -19.34 5.22 -3.17
N GLU A 76 -18.76 4.35 -3.97
CA GLU A 76 -19.51 3.52 -4.90
C GLU A 76 -20.36 2.49 -4.15
N LEU A 77 -19.74 1.84 -3.18
CA LEU A 77 -20.37 0.78 -2.41
C LEU A 77 -21.54 1.31 -1.58
N VAL A 78 -21.38 2.51 -1.07
CA VAL A 78 -22.44 3.18 -0.32
C VAL A 78 -23.61 3.52 -1.25
N ALA A 79 -23.28 3.91 -2.47
CA ALA A 79 -24.28 4.15 -3.49
C ALA A 79 -24.97 2.84 -3.87
N GLN A 80 -24.20 1.77 -3.90
CA GLN A 80 -24.72 0.43 -4.16
C GLN A 80 -25.56 -0.07 -2.99
N GLY A 81 -25.35 0.52 -1.82
CA GLY A 81 -26.10 0.17 -0.64
C GLY A 81 -25.77 -1.22 -0.13
N LYS A 82 -24.50 -1.59 -0.22
CA LYS A 82 -24.06 -2.89 0.31
C LYS A 82 -23.67 -2.75 1.78
N VAL A 83 -23.81 -1.55 2.29
CA VAL A 83 -23.58 -1.27 3.69
C VAL A 83 -24.76 -0.49 4.23
N GLY A 84 -24.79 -0.29 5.54
CA GLY A 84 -25.86 0.50 6.14
C GLY A 84 -25.74 1.94 5.71
N ALA A 85 -24.52 2.47 5.78
CA ALA A 85 -24.21 3.83 5.33
C ALA A 85 -24.91 4.87 6.19
N ILE A 86 -25.42 4.42 7.33
CA ILE A 86 -26.20 5.25 8.23
C ILE A 86 -25.82 4.93 9.67
N PRO A 87 -25.63 5.94 10.53
CA PRO A 87 -25.31 5.76 11.95
C PRO A 87 -26.18 4.72 12.66
N ALA A 88 -27.45 4.62 12.24
CA ALA A 88 -28.37 3.63 12.80
C ALA A 88 -27.89 2.19 12.55
N ASN A 89 -27.03 2.04 11.54
CA ASN A 89 -26.50 0.72 11.18
C ASN A 89 -25.01 0.67 11.46
N ALA A 90 -24.55 1.48 12.39
CA ALA A 90 -23.14 1.58 12.73
C ALA A 90 -22.62 0.29 13.35
N LEU A 91 -23.52 -0.56 13.85
CA LEU A 91 -23.13 -1.82 14.44
C LEU A 91 -22.39 -2.72 13.44
N ASP A 92 -23.05 -3.06 12.34
CA ASP A 92 -22.45 -3.94 11.35
C ASP A 92 -21.41 -3.19 10.52
N ASP A 93 -21.76 -1.98 10.13
CA ASP A 93 -20.85 -1.14 9.33
C ASP A 93 -19.58 -0.84 10.11
N GLY A 94 -19.72 -0.73 11.42
CA GLY A 94 -18.58 -0.44 12.27
C GLY A 94 -17.55 -1.54 12.23
N GLN A 95 -17.98 -2.76 11.95
CA GLN A 95 -17.06 -3.89 11.86
C GLN A 95 -16.31 -3.83 10.54
N TRP A 96 -17.02 -3.41 9.49
CA TRP A 96 -16.43 -3.27 8.17
C TRP A 96 -15.44 -2.10 8.16
N SER A 97 -15.88 -0.98 8.72
CA SER A 97 -15.07 0.24 8.75
C SER A 97 -13.82 0.03 9.60
N GLN A 98 -13.99 -0.55 10.79
CA GLN A 98 -12.88 -0.78 11.69
C GLN A 98 -11.83 -1.67 11.02
N GLY A 99 -12.29 -2.74 10.38
CA GLY A 99 -11.40 -3.65 9.68
C GLY A 99 -10.67 -2.96 8.54
N LEU A 100 -11.32 -1.98 7.94
CA LEU A 100 -10.73 -1.20 6.86
C LEU A 100 -9.72 -0.21 7.45
N ILE A 101 -10.09 0.38 8.58
CA ILE A 101 -9.23 1.35 9.28
C ILE A 101 -7.94 0.67 9.77
N SER A 102 -8.09 -0.45 10.45
CA SER A 102 -6.93 -1.15 11.00
C SER A 102 -6.01 -1.64 9.89
N ALA A 103 -6.60 -2.09 8.79
CA ALA A 103 -5.85 -2.47 7.62
C ALA A 103 -5.09 -1.27 7.06
N ALA A 104 -5.77 -0.12 7.01
CA ALA A 104 -5.14 1.11 6.52
C ALA A 104 -3.93 1.48 7.38
N ARG A 105 -4.06 1.32 8.69
CA ARG A 105 -2.93 1.53 9.60
C ARG A 105 -1.80 0.58 9.26
N MET A 106 -2.15 -0.68 9.04
CA MET A 106 -1.17 -1.71 8.74
C MET A 106 -0.48 -1.46 7.41
N VAL A 107 -1.25 -1.12 6.38
CA VAL A 107 -0.67 -0.86 5.07
C VAL A 107 0.21 0.40 5.12
N ALA A 108 -0.24 1.41 5.86
CA ALA A 108 0.51 2.65 5.97
C ALA A 108 1.83 2.41 6.69
N ALA A 109 1.83 1.48 7.64
CA ALA A 109 3.05 1.16 8.36
C ALA A 109 3.95 0.26 7.53
N ALA A 110 3.39 -0.83 7.02
CA ALA A 110 4.17 -1.80 6.26
C ALA A 110 4.84 -1.16 5.05
N THR A 111 4.06 -0.46 4.23
CA THR A 111 4.57 0.17 3.03
C THR A 111 5.61 1.24 3.37
N ASN A 112 5.41 1.88 4.51
CA ASN A 112 6.28 2.96 4.98
C ASN A 112 7.63 2.39 5.38
N ASN A 113 7.60 1.22 6.01
CA ASN A 113 8.82 0.56 6.44
C ASN A 113 9.60 0.05 5.23
N LEU A 114 8.88 -0.42 4.24
CA LEU A 114 9.51 -0.89 3.00
C LEU A 114 10.12 0.28 2.24
N CYS A 115 9.50 1.45 2.38
CA CYS A 115 10.07 2.67 1.83
C CYS A 115 11.46 2.92 2.42
N GLU A 116 11.59 2.73 3.73
CA GLU A 116 12.87 2.81 4.39
C GLU A 116 13.80 1.66 4.04
N ALA A 117 13.24 0.48 3.82
CA ALA A 117 14.02 -0.67 3.40
C ALA A 117 14.68 -0.40 2.05
N ALA A 118 13.91 0.15 1.12
CA ALA A 118 14.43 0.55 -0.17
C ALA A 118 15.36 1.74 -0.03
N ASN A 119 14.96 2.69 0.81
CA ASN A 119 15.76 3.88 1.09
C ASN A 119 17.17 3.49 1.52
N ALA A 120 17.27 2.46 2.33
CA ALA A 120 18.55 1.94 2.75
C ALA A 120 19.30 1.32 1.57
N ALA A 121 18.61 0.46 0.83
CA ALA A 121 19.23 -0.35 -0.21
C ALA A 121 19.77 0.50 -1.36
N VAL A 122 18.95 1.45 -1.82
CA VAL A 122 19.32 2.27 -2.97
C VAL A 122 20.45 3.23 -2.62
N GLN A 123 20.63 3.48 -1.34
CA GLN A 123 21.59 4.48 -0.90
C GLN A 123 22.83 3.86 -0.27
N GLY A 124 22.98 2.54 -0.39
CA GLY A 124 24.22 1.90 0.03
C GLY A 124 24.03 0.71 0.96
N HIS A 125 22.96 0.71 1.74
CA HIS A 125 22.74 -0.34 2.72
C HIS A 125 21.95 -1.49 2.13
N ALA A 126 22.64 -2.41 1.49
CA ALA A 126 21.99 -3.54 0.83
C ALA A 126 21.87 -4.73 1.77
N SER A 127 20.67 -4.91 2.32
CA SER A 127 20.39 -6.05 3.17
C SER A 127 19.15 -6.75 2.66
N GLN A 128 19.36 -7.81 1.89
CA GLN A 128 18.27 -8.51 1.24
C GLN A 128 17.41 -9.19 2.28
N GLU A 129 18.01 -9.53 3.40
CA GLU A 129 17.29 -10.17 4.50
C GLU A 129 16.17 -9.26 5.01
N LYS A 130 16.52 -8.01 5.29
CA LYS A 130 15.53 -7.06 5.81
C LYS A 130 14.63 -6.55 4.69
N LEU A 131 15.13 -6.61 3.47
CA LEU A 131 14.40 -6.15 2.29
C LEU A 131 13.30 -7.15 1.92
N ILE A 132 13.69 -8.40 1.68
CA ILE A 132 12.76 -9.45 1.27
C ILE A 132 11.67 -9.65 2.33
N SER A 133 12.09 -9.75 3.58
CA SER A 133 11.16 -9.97 4.69
C SER A 133 10.10 -8.87 4.77
N SER A 134 10.52 -7.64 4.51
CA SER A 134 9.61 -6.50 4.58
C SER A 134 8.68 -6.51 3.38
N ALA A 135 9.20 -6.89 2.23
CA ALA A 135 8.44 -6.83 0.98
C ALA A 135 7.28 -7.83 1.02
N LYS A 136 7.53 -8.98 1.62
CA LYS A 136 6.52 -10.02 1.72
C LYS A 136 5.38 -9.56 2.61
N GLN A 137 5.75 -8.91 3.71
CA GLN A 137 4.78 -8.44 4.68
C GLN A 137 3.95 -7.28 4.12
N VAL A 138 4.61 -6.41 3.37
CA VAL A 138 3.92 -5.30 2.74
C VAL A 138 2.83 -5.81 1.81
N ALA A 139 3.21 -6.71 0.91
CA ALA A 139 2.27 -7.27 -0.05
C ALA A 139 1.07 -7.89 0.64
N ALA A 140 1.31 -8.69 1.67
CA ALA A 140 0.24 -9.38 2.36
C ALA A 140 -0.66 -8.42 3.13
N SER A 141 -0.05 -7.42 3.76
CA SER A 141 -0.80 -6.46 4.56
C SER A 141 -1.58 -5.50 3.68
N THR A 142 -0.99 -5.12 2.55
CA THR A 142 -1.62 -4.15 1.65
C THR A 142 -2.75 -4.80 0.86
N ALA A 143 -2.52 -6.01 0.37
CA ALA A 143 -3.56 -6.73 -0.35
C ALA A 143 -4.73 -7.04 0.59
N GLN A 144 -4.43 -7.04 1.89
CA GLN A 144 -5.44 -7.24 2.92
C GLN A 144 -6.41 -6.06 2.96
N LEU A 145 -5.90 -4.87 2.64
CA LEU A 145 -6.74 -3.67 2.62
C LEU A 145 -7.84 -3.83 1.58
N LEU A 146 -7.53 -4.55 0.50
CA LEU A 146 -8.53 -4.87 -0.51
C LEU A 146 -9.59 -5.79 0.08
N VAL A 147 -9.14 -6.85 0.74
CA VAL A 147 -10.03 -7.84 1.33
C VAL A 147 -10.96 -7.20 2.35
N ALA A 148 -10.42 -6.25 3.10
CA ALA A 148 -11.19 -5.52 4.11
C ALA A 148 -12.41 -4.86 3.49
N CYS A 149 -12.24 -4.28 2.30
CA CYS A 149 -13.35 -3.66 1.59
C CYS A 149 -14.22 -4.72 0.93
N LYS A 150 -13.55 -5.71 0.34
CA LYS A 150 -14.23 -6.80 -0.39
C LYS A 150 -15.24 -7.56 0.47
N VAL A 151 -15.12 -7.44 1.79
CA VAL A 151 -16.09 -8.06 2.71
C VAL A 151 -17.52 -7.64 2.36
N LYS A 152 -17.70 -6.37 1.99
CA LYS A 152 -19.00 -5.86 1.60
C LYS A 152 -19.05 -5.55 0.11
N ALA A 153 -17.88 -5.35 -0.50
CA ALA A 153 -17.81 -4.96 -1.89
C ALA A 153 -17.77 -6.17 -2.82
N ASP A 154 -18.57 -6.12 -3.87
CA ASP A 154 -18.58 -7.17 -4.89
C ASP A 154 -17.21 -7.25 -5.55
N GLN A 155 -16.73 -8.45 -5.80
CA GLN A 155 -15.42 -8.61 -6.43
C GLN A 155 -15.50 -8.28 -7.92
N ASP A 156 -16.71 -8.21 -8.44
CA ASP A 156 -16.94 -7.80 -9.83
C ASP A 156 -17.34 -6.34 -9.91
N SER A 157 -17.25 -5.63 -8.79
CA SER A 157 -17.62 -4.22 -8.74
C SER A 157 -16.58 -3.40 -9.49
N GLU A 158 -17.02 -2.39 -10.23
CA GLU A 158 -16.13 -1.51 -10.97
C GLU A 158 -15.13 -0.84 -10.03
N ALA A 159 -15.62 -0.34 -8.91
CA ALA A 159 -14.77 0.26 -7.89
C ALA A 159 -13.76 -0.76 -7.37
N MET A 160 -14.20 -2.01 -7.23
CA MET A 160 -13.34 -3.07 -6.73
C MET A 160 -12.28 -3.43 -7.77
N LYS A 161 -12.59 -3.23 -9.05
CA LYS A 161 -11.62 -3.46 -10.10
C LYS A 161 -10.46 -2.49 -9.95
N ARG A 162 -10.77 -1.25 -9.63
CA ARG A 162 -9.77 -0.24 -9.36
C ARG A 162 -8.96 -0.59 -8.11
N LEU A 163 -9.65 -1.16 -7.12
CA LEU A 163 -9.01 -1.64 -5.91
C LEU A 163 -8.06 -2.80 -6.22
N GLN A 164 -8.60 -3.81 -6.89
CA GLN A 164 -7.86 -5.04 -7.19
C GLN A 164 -6.61 -4.74 -7.99
N ALA A 165 -6.73 -3.89 -9.01
CA ALA A 165 -5.60 -3.57 -9.87
C ALA A 165 -4.48 -2.89 -9.09
N ALA A 166 -4.86 -2.06 -8.12
CA ALA A 166 -3.87 -1.36 -7.30
C ALA A 166 -3.23 -2.32 -6.29
N GLY A 167 -4.06 -3.14 -5.66
CA GLY A 167 -3.54 -4.14 -4.73
C GLY A 167 -2.68 -5.17 -5.42
N ASN A 168 -3.07 -5.51 -6.65
CA ASN A 168 -2.34 -6.46 -7.47
C ASN A 168 -0.95 -5.90 -7.77
N ALA A 169 -0.90 -4.60 -8.00
CA ALA A 169 0.36 -3.92 -8.25
C ALA A 169 1.28 -4.00 -7.03
N VAL A 170 0.70 -3.88 -5.84
CA VAL A 170 1.49 -3.95 -4.60
C VAL A 170 2.15 -5.31 -4.48
N LYS A 171 1.33 -6.36 -4.57
CA LYS A 171 1.81 -7.73 -4.46
C LYS A 171 2.89 -8.01 -5.50
N ARG A 172 2.60 -7.62 -6.74
CA ARG A 172 3.49 -7.90 -7.85
C ARG A 172 4.81 -7.14 -7.71
N ALA A 173 4.71 -5.88 -7.32
CA ALA A 173 5.91 -5.06 -7.12
C ALA A 173 6.72 -5.57 -5.94
N SER A 174 6.04 -6.07 -4.91
CA SER A 174 6.71 -6.65 -3.76
C SER A 174 7.37 -7.97 -4.15
N ASP A 175 6.63 -8.78 -4.92
CA ASP A 175 7.17 -10.03 -5.45
C ASP A 175 8.39 -9.75 -6.32
N ASN A 176 8.29 -8.73 -7.16
CA ASN A 176 9.41 -8.31 -8.00
C ASN A 176 10.58 -7.84 -7.15
N LEU A 177 10.26 -7.15 -6.07
CA LEU A 177 11.28 -6.64 -5.16
C LEU A 177 12.02 -7.80 -4.50
N VAL A 178 11.27 -8.84 -4.12
CA VAL A 178 11.85 -10.06 -3.58
C VAL A 178 12.75 -10.73 -4.63
N LYS A 179 12.19 -10.93 -5.82
CA LYS A 179 12.91 -11.54 -6.93
C LYS A 179 14.22 -10.79 -7.20
N ALA A 180 14.14 -9.47 -7.31
CA ALA A 180 15.31 -8.65 -7.58
C ALA A 180 16.33 -8.78 -6.47
N ALA A 181 15.86 -8.84 -5.23
CA ALA A 181 16.74 -9.00 -4.07
C ALA A 181 17.47 -10.34 -4.13
N GLN A 182 16.80 -11.36 -4.67
CA GLN A 182 17.39 -12.68 -4.80
C GLN A 182 18.57 -12.65 -5.78
N LYS A 183 18.53 -11.70 -6.70
CA LYS A 183 19.60 -11.54 -7.68
C LYS A 183 20.85 -10.98 -7.02
N ALA A 184 20.64 -10.26 -5.92
CA ALA A 184 21.74 -9.67 -5.16
C ALA A 184 22.01 -10.49 -3.90
N ALA A 185 21.53 -11.72 -3.91
CA ALA A 185 21.72 -12.61 -2.79
C ALA A 185 22.03 -14.02 -3.27
N ALA A 186 22.13 -14.96 -2.34
CA ALA A 186 22.42 -16.34 -2.68
C ALA A 186 21.60 -17.30 -1.84
N PHE A 187 20.73 -18.06 -2.50
CA PHE A 187 19.90 -19.04 -1.82
C PHE A 187 20.02 -20.38 -2.53
N GLU A 188 21.08 -20.52 -3.30
CA GLU A 188 21.26 -21.68 -4.15
C GLU A 188 22.07 -22.75 -3.43
N ASP A 189 21.47 -23.92 -3.28
CA ASP A 189 22.17 -25.08 -2.72
C ASP A 189 21.48 -26.36 -3.16
N GLY A 1 -18.83 14.27 13.43
CA GLY A 1 -18.01 15.31 14.11
C GLY A 1 -18.86 16.45 14.60
N ILE A 2 -18.89 17.54 13.85
CA ILE A 2 -19.72 18.68 14.18
C ILE A 2 -21.18 18.33 13.91
N ASP A 3 -21.36 17.50 12.90
CA ASP A 3 -22.68 17.00 12.51
C ASP A 3 -23.26 16.09 13.58
N PRO A 4 -24.59 16.08 13.69
CA PRO A 4 -25.32 15.22 14.62
C PRO A 4 -25.54 13.81 14.05
N PHE A 5 -24.75 13.43 13.07
CA PHE A 5 -24.92 12.15 12.40
C PHE A 5 -23.82 11.17 12.76
N THR A 6 -22.59 11.63 12.59
CA THR A 6 -21.37 10.81 12.74
C THR A 6 -21.53 9.45 12.06
N ASP A 7 -21.61 9.51 10.74
CA ASP A 7 -21.74 8.32 9.91
C ASP A 7 -20.46 7.50 9.98
N PRO A 8 -20.54 6.21 10.29
CA PRO A 8 -19.36 5.33 10.37
C PRO A 8 -18.61 5.29 9.04
N THR A 9 -19.35 5.46 7.96
CA THR A 9 -18.77 5.54 6.63
C THR A 9 -17.84 6.74 6.53
N VAL A 10 -18.29 7.89 7.03
CA VAL A 10 -17.48 9.10 7.05
C VAL A 10 -16.25 8.89 7.93
N ILE A 11 -16.45 8.27 9.08
CA ILE A 11 -15.37 7.99 10.01
C ILE A 11 -14.24 7.25 9.32
N ALA A 12 -14.60 6.16 8.64
CA ALA A 12 -13.62 5.33 7.95
C ALA A 12 -12.95 6.08 6.80
N GLU A 13 -13.76 6.69 5.93
CA GLU A 13 -13.25 7.41 4.78
C GLU A 13 -12.31 8.54 5.21
N ASN A 14 -12.70 9.24 6.27
CA ASN A 14 -11.96 10.40 6.75
C ASN A 14 -10.57 9.99 7.21
N GLU A 15 -10.50 8.83 7.86
CA GLU A 15 -9.23 8.29 8.33
C GLU A 15 -8.37 7.81 7.16
N LEU A 16 -9.02 7.34 6.10
CA LEU A 16 -8.31 6.88 4.90
C LEU A 16 -7.59 8.05 4.24
N LEU A 17 -8.24 9.20 4.18
CA LEU A 17 -7.62 10.40 3.63
C LEU A 17 -6.38 10.78 4.43
N GLY A 18 -6.48 10.64 5.75
CA GLY A 18 -5.33 10.88 6.61
C GLY A 18 -4.22 9.88 6.37
N ALA A 19 -4.61 8.61 6.22
CA ALA A 19 -3.67 7.54 5.93
C ALA A 19 -3.01 7.75 4.57
N ALA A 20 -3.79 8.27 3.62
CA ALA A 20 -3.28 8.56 2.28
C ALA A 20 -2.13 9.55 2.35
N ALA A 21 -2.28 10.57 3.19
CA ALA A 21 -1.22 11.55 3.39
C ALA A 21 0.02 10.89 3.98
N ALA A 22 -0.20 9.99 4.94
CA ALA A 22 0.90 9.29 5.59
C ALA A 22 1.63 8.38 4.60
N ILE A 23 0.87 7.72 3.74
CA ILE A 23 1.45 6.85 2.73
C ILE A 23 2.20 7.66 1.66
N GLU A 24 1.60 8.76 1.22
CA GLU A 24 2.24 9.61 0.22
C GLU A 24 3.49 10.27 0.80
N ALA A 25 3.52 10.43 2.12
CA ALA A 25 4.70 10.96 2.78
C ALA A 25 5.87 9.98 2.63
N ALA A 26 5.56 8.69 2.71
CA ALA A 26 6.57 7.65 2.49
C ALA A 26 6.97 7.62 1.02
N ALA A 27 5.96 7.71 0.14
CA ALA A 27 6.20 7.77 -1.30
C ALA A 27 7.06 8.98 -1.65
N LYS A 28 6.88 10.05 -0.88
CA LYS A 28 7.61 11.28 -1.05
C LYS A 28 9.09 11.07 -0.72
N LYS A 29 9.36 10.27 0.30
CA LYS A 29 10.73 9.90 0.65
C LYS A 29 11.34 9.10 -0.49
N LEU A 30 10.53 8.24 -1.09
CA LEU A 30 10.94 7.44 -2.24
C LEU A 30 11.26 8.31 -3.45
N GLU A 31 10.59 9.46 -3.54
CA GLU A 31 10.88 10.43 -4.59
C GLU A 31 12.16 11.20 -4.27
N GLN A 32 12.54 11.18 -3.00
CA GLN A 32 13.73 11.87 -2.55
C GLN A 32 14.93 10.92 -2.58
N LEU A 33 14.65 9.62 -2.57
CA LEU A 33 15.69 8.62 -2.67
C LEU A 33 16.44 8.78 -3.98
N LYS A 34 17.73 9.01 -3.89
CA LYS A 34 18.53 9.31 -5.05
C LYS A 34 19.81 8.48 -5.04
N PRO A 35 20.11 7.80 -6.17
CA PRO A 35 21.35 7.04 -6.30
C PRO A 35 22.56 7.95 -6.39
N ARG A 36 23.40 7.92 -5.37
CA ARG A 36 24.54 8.83 -5.29
C ARG A 36 25.79 8.17 -5.87
N ALA A 37 25.75 7.91 -7.17
CA ALA A 37 26.87 7.31 -7.86
C ALA A 37 26.70 7.44 -9.36
N LYS A 38 27.70 7.96 -10.03
CA LYS A 38 27.67 8.04 -11.47
C LYS A 38 28.27 6.78 -12.08
N PRO A 39 27.60 6.26 -13.11
CA PRO A 39 27.95 5.01 -13.76
C PRO A 39 29.14 5.16 -14.70
N LYS A 40 30.26 4.59 -14.30
CA LYS A 40 31.44 4.54 -15.14
C LYS A 40 31.45 3.27 -16.00
N GLU A 41 32.22 3.29 -17.06
CA GLU A 41 32.33 2.14 -17.95
C GLU A 41 33.12 1.01 -17.30
N ALA A 42 32.52 -0.18 -17.26
CA ALA A 42 33.14 -1.36 -16.67
C ALA A 42 33.29 -1.20 -15.15
N ASP A 43 32.55 -0.25 -14.60
CA ASP A 43 32.58 0.02 -13.16
C ASP A 43 31.44 -0.73 -12.48
N GLU A 44 31.35 -2.02 -12.79
CA GLU A 44 30.28 -2.89 -12.33
C GLU A 44 28.92 -2.51 -12.90
N SER A 45 28.13 -3.51 -13.22
CA SER A 45 26.80 -3.30 -13.77
C SER A 45 25.77 -3.29 -12.65
N LEU A 46 26.10 -2.59 -11.57
CA LEU A 46 25.22 -2.52 -10.42
C LEU A 46 24.05 -1.59 -10.68
N ASN A 47 22.93 -2.18 -11.09
CA ASN A 47 21.71 -1.43 -11.29
C ASN A 47 20.70 -1.85 -10.25
N PHE A 48 21.18 -2.61 -9.26
CA PHE A 48 20.32 -3.13 -8.20
C PHE A 48 19.62 -2.00 -7.46
N GLU A 49 20.37 -0.98 -7.10
CA GLU A 49 19.81 0.17 -6.38
C GLU A 49 18.70 0.83 -7.21
N GLU A 50 18.88 0.83 -8.53
CA GLU A 50 17.89 1.40 -9.43
C GLU A 50 16.65 0.52 -9.51
N GLN A 51 16.86 -0.80 -9.58
CA GLN A 51 15.75 -1.76 -9.60
C GLN A 51 14.89 -1.59 -8.35
N ILE A 52 15.55 -1.44 -7.22
CA ILE A 52 14.85 -1.22 -5.96
C ILE A 52 14.11 0.12 -6.00
N LEU A 53 14.77 1.11 -6.56
CA LEU A 53 14.24 2.46 -6.63
C LEU A 53 12.97 2.52 -7.48
N GLU A 54 13.01 1.93 -8.67
CA GLU A 54 11.86 1.95 -9.58
C GLU A 54 10.71 1.14 -9.01
N ALA A 55 11.01 -0.01 -8.45
CA ALA A 55 9.97 -0.89 -7.95
C ALA A 55 9.32 -0.27 -6.71
N ALA A 56 10.12 0.48 -5.96
CA ALA A 56 9.61 1.24 -4.82
C ALA A 56 8.58 2.26 -5.30
N LYS A 57 8.87 2.91 -6.43
CA LYS A 57 7.93 3.84 -7.05
C LYS A 57 6.62 3.14 -7.38
N SER A 58 6.72 1.90 -7.81
CA SER A 58 5.55 1.11 -8.19
C SER A 58 4.64 0.92 -6.96
N ILE A 59 5.25 0.58 -5.83
CA ILE A 59 4.53 0.44 -4.58
C ILE A 59 4.01 1.80 -4.12
N ALA A 60 4.87 2.80 -4.21
CA ALA A 60 4.50 4.16 -3.82
C ALA A 60 3.24 4.63 -4.53
N ALA A 61 3.25 4.50 -5.86
CA ALA A 61 2.11 4.89 -6.67
C ALA A 61 0.89 4.03 -6.37
N ALA A 62 1.10 2.73 -6.25
CA ALA A 62 0.01 1.80 -6.05
C ALA A 62 -0.62 1.94 -4.66
N THR A 63 0.22 2.05 -3.63
CA THR A 63 -0.28 2.10 -2.27
C THR A 63 -1.11 3.35 -2.02
N SER A 64 -0.59 4.49 -2.45
CA SER A 64 -1.27 5.77 -2.27
C SER A 64 -2.58 5.80 -3.07
N ALA A 65 -2.60 5.08 -4.19
CA ALA A 65 -3.82 4.98 -4.99
C ALA A 65 -4.79 4.00 -4.37
N LEU A 66 -4.25 2.95 -3.75
CA LEU A 66 -5.06 1.90 -3.13
C LEU A 66 -5.94 2.46 -2.03
N VAL A 67 -5.34 3.21 -1.10
CA VAL A 67 -6.08 3.77 0.03
C VAL A 67 -7.17 4.73 -0.44
N LYS A 68 -6.89 5.43 -1.54
CA LYS A 68 -7.86 6.36 -2.11
C LYS A 68 -8.94 5.60 -2.89
N ALA A 69 -8.54 4.50 -3.51
CA ALA A 69 -9.47 3.63 -4.22
C ALA A 69 -10.42 2.98 -3.23
N ALA A 70 -9.91 2.65 -2.05
CA ALA A 70 -10.72 2.09 -0.98
C ALA A 70 -11.81 3.08 -0.58
N SER A 71 -11.42 4.35 -0.44
CA SER A 71 -12.36 5.42 -0.13
C SER A 71 -13.45 5.51 -1.22
N ALA A 72 -13.03 5.42 -2.48
CA ALA A 72 -13.97 5.47 -3.59
C ALA A 72 -14.86 4.23 -3.58
N ALA A 73 -14.25 3.09 -3.27
CA ALA A 73 -14.99 1.84 -3.18
C ALA A 73 -16.08 1.93 -2.12
N GLN A 74 -15.73 2.49 -0.96
CA GLN A 74 -16.72 2.71 0.10
C GLN A 74 -17.92 3.43 -0.44
N ARG A 75 -17.66 4.54 -1.11
CA ARG A 75 -18.69 5.39 -1.66
C ARG A 75 -19.56 4.61 -2.64
N GLU A 76 -18.97 3.63 -3.31
CA GLU A 76 -19.71 2.75 -4.20
C GLU A 76 -20.68 1.87 -3.40
N LEU A 77 -20.16 1.21 -2.36
CA LEU A 77 -21.02 0.38 -1.51
C LEU A 77 -22.12 1.20 -0.87
N VAL A 78 -21.78 2.42 -0.47
CA VAL A 78 -22.75 3.35 0.10
C VAL A 78 -23.85 3.66 -0.91
N ALA A 79 -23.45 3.99 -2.14
CA ALA A 79 -24.40 4.27 -3.20
C ALA A 79 -25.22 3.03 -3.56
N GLN A 80 -24.58 1.88 -3.55
CA GLN A 80 -25.24 0.62 -3.85
C GLN A 80 -26.14 0.18 -2.68
N GLY A 81 -25.91 0.76 -1.51
CA GLY A 81 -26.64 0.36 -0.33
C GLY A 81 -26.23 -1.02 0.13
N LYS A 82 -25.00 -1.40 -0.22
CA LYS A 82 -24.46 -2.70 0.16
C LYS A 82 -24.07 -2.69 1.63
N VAL A 83 -23.74 -1.50 2.11
CA VAL A 83 -23.49 -1.28 3.52
C VAL A 83 -24.69 -0.55 4.12
N GLY A 84 -24.65 -0.29 5.41
CA GLY A 84 -25.73 0.43 6.05
C GLY A 84 -25.67 1.90 5.70
N ALA A 85 -24.47 2.45 5.80
CA ALA A 85 -24.21 3.86 5.43
C ALA A 85 -24.97 4.81 6.36
N ILE A 86 -25.38 4.29 7.50
CA ILE A 86 -26.21 5.03 8.44
C ILE A 86 -25.69 4.83 9.87
N PRO A 87 -25.51 5.93 10.63
CA PRO A 87 -25.08 5.88 12.04
C PRO A 87 -25.90 4.92 12.90
N ALA A 88 -27.20 4.84 12.63
CA ALA A 88 -28.08 3.92 13.36
C ALA A 88 -27.75 2.47 13.02
N ASN A 89 -26.99 2.27 11.95
CA ASN A 89 -26.60 0.94 11.50
C ASN A 89 -25.11 0.71 11.79
N ALA A 90 -24.57 1.54 12.69
CA ALA A 90 -23.14 1.51 13.01
C ALA A 90 -22.70 0.17 13.60
N LEU A 91 -23.67 -0.59 14.09
CA LEU A 91 -23.41 -1.92 14.63
C LEU A 91 -22.65 -2.76 13.59
N ASP A 92 -23.22 -2.87 12.40
CA ASP A 92 -22.60 -3.63 11.31
C ASP A 92 -21.53 -2.82 10.61
N ASP A 93 -21.89 -1.60 10.21
CA ASP A 93 -20.99 -0.72 9.44
C ASP A 93 -19.71 -0.41 10.20
N GLY A 94 -19.83 -0.27 11.51
CA GLY A 94 -18.68 0.06 12.32
C GLY A 94 -17.62 -1.02 12.30
N GLN A 95 -18.04 -2.25 12.04
CA GLN A 95 -17.11 -3.38 12.00
C GLN A 95 -16.33 -3.36 10.71
N TRP A 96 -17.02 -2.99 9.63
CA TRP A 96 -16.38 -2.86 8.34
C TRP A 96 -15.49 -1.62 8.32
N SER A 97 -15.97 -0.56 8.95
CA SER A 97 -15.23 0.69 9.03
C SER A 97 -13.93 0.50 9.80
N GLN A 98 -14.02 -0.01 11.02
CA GLN A 98 -12.83 -0.20 11.86
C GLN A 98 -11.84 -1.16 11.20
N GLY A 99 -12.36 -2.25 10.63
CA GLY A 99 -11.52 -3.21 9.94
C GLY A 99 -10.78 -2.60 8.77
N LEU A 100 -11.43 -1.64 8.11
CA LEU A 100 -10.83 -0.94 6.99
C LEU A 100 -9.80 0.07 7.48
N ILE A 101 -10.17 0.82 8.51
CA ILE A 101 -9.27 1.83 9.08
C ILE A 101 -7.98 1.20 9.60
N SER A 102 -8.12 0.14 10.38
CA SER A 102 -6.96 -0.52 10.96
C SER A 102 -6.07 -1.12 9.87
N ALA A 103 -6.69 -1.67 8.84
CA ALA A 103 -5.97 -2.22 7.70
C ALA A 103 -5.13 -1.13 7.03
N ALA A 104 -5.69 0.07 6.92
CA ALA A 104 -4.99 1.18 6.30
C ALA A 104 -3.75 1.57 7.10
N ARG A 105 -3.85 1.54 8.42
CA ARG A 105 -2.70 1.83 9.26
C ARG A 105 -1.72 0.66 9.23
N MET A 106 -2.25 -0.52 8.97
CA MET A 106 -1.43 -1.72 8.82
C MET A 106 -0.62 -1.64 7.53
N VAL A 107 -1.27 -1.27 6.44
CA VAL A 107 -0.56 -1.11 5.17
C VAL A 107 0.41 0.06 5.26
N ALA A 108 0.02 1.11 5.97
CA ALA A 108 0.88 2.27 6.14
C ALA A 108 2.16 1.88 6.85
N ALA A 109 2.05 1.04 7.87
CA ALA A 109 3.22 0.59 8.62
C ALA A 109 4.09 -0.33 7.76
N ALA A 110 3.45 -1.33 7.15
CA ALA A 110 4.17 -2.29 6.32
C ALA A 110 4.90 -1.60 5.17
N THR A 111 4.18 -0.79 4.41
CA THR A 111 4.75 -0.10 3.27
C THR A 111 5.81 0.91 3.72
N ASN A 112 5.67 1.40 4.96
CA ASN A 112 6.61 2.36 5.53
C ASN A 112 7.93 1.67 5.85
N ASN A 113 7.84 0.46 6.39
CA ASN A 113 9.03 -0.28 6.77
C ASN A 113 9.81 -0.67 5.54
N LEU A 114 9.10 -0.93 4.45
CA LEU A 114 9.74 -1.21 3.17
C LEU A 114 10.35 0.06 2.60
N CYS A 115 9.68 1.18 2.86
CA CYS A 115 10.19 2.49 2.49
C CYS A 115 11.54 2.73 3.18
N GLU A 116 11.64 2.31 4.43
CA GLU A 116 12.88 2.42 5.19
C GLU A 116 13.93 1.45 4.66
N ALA A 117 13.49 0.26 4.29
CA ALA A 117 14.39 -0.75 3.74
C ALA A 117 14.95 -0.29 2.39
N ALA A 118 14.09 0.27 1.56
CA ALA A 118 14.51 0.82 0.28
C ALA A 118 15.50 1.97 0.49
N ASN A 119 15.20 2.82 1.46
CA ASN A 119 16.08 3.93 1.81
C ASN A 119 17.48 3.45 2.14
N ALA A 120 17.56 2.37 2.90
CA ALA A 120 18.84 1.78 3.25
C ALA A 120 19.52 1.17 2.02
N ALA A 121 18.74 0.42 1.24
CA ALA A 121 19.26 -0.32 0.11
C ALA A 121 19.90 0.59 -0.94
N VAL A 122 19.20 1.65 -1.31
CA VAL A 122 19.68 2.59 -2.33
C VAL A 122 20.98 3.23 -1.88
N GLN A 123 21.08 3.50 -0.59
CA GLN A 123 22.19 4.28 -0.06
C GLN A 123 23.34 3.38 0.41
N GLY A 124 23.42 2.18 -0.14
CA GLY A 124 24.59 1.34 0.08
C GLY A 124 24.38 0.27 1.14
N HIS A 125 23.33 0.39 1.92
CA HIS A 125 23.06 -0.60 2.95
C HIS A 125 21.97 -1.56 2.49
N ALA A 126 22.33 -2.44 1.58
CA ALA A 126 21.38 -3.36 1.00
C ALA A 126 21.37 -4.68 1.74
N SER A 127 20.29 -4.94 2.45
CA SER A 127 20.12 -6.18 3.16
C SER A 127 18.96 -6.92 2.53
N GLN A 128 19.28 -7.82 1.62
CA GLN A 128 18.26 -8.46 0.80
C GLN A 128 17.31 -9.27 1.67
N GLU A 129 17.82 -9.80 2.76
CA GLU A 129 17.01 -10.55 3.71
C GLU A 129 15.84 -9.71 4.23
N LYS A 130 16.14 -8.56 4.84
CA LYS A 130 15.09 -7.68 5.36
C LYS A 130 14.21 -7.17 4.23
N LEU A 131 14.83 -6.96 3.07
CA LEU A 131 14.14 -6.41 1.92
C LEU A 131 13.06 -7.37 1.44
N ILE A 132 13.41 -8.64 1.30
CA ILE A 132 12.45 -9.65 0.89
C ILE A 132 11.40 -9.85 1.98
N SER A 133 11.84 -9.92 3.23
CA SER A 133 10.94 -10.08 4.36
C SER A 133 9.90 -8.95 4.39
N SER A 134 10.37 -7.72 4.31
CA SER A 134 9.48 -6.56 4.33
C SER A 134 8.57 -6.54 3.11
N ALA A 135 9.09 -6.93 1.95
CA ALA A 135 8.32 -6.90 0.71
C ALA A 135 7.16 -7.87 0.78
N LYS A 136 7.42 -9.04 1.33
CA LYS A 136 6.38 -10.06 1.49
C LYS A 136 5.33 -9.59 2.48
N GLN A 137 5.77 -8.90 3.53
CA GLN A 137 4.87 -8.33 4.51
C GLN A 137 4.03 -7.23 3.90
N VAL A 138 4.66 -6.37 3.11
CA VAL A 138 3.96 -5.30 2.42
C VAL A 138 2.86 -5.87 1.54
N ALA A 139 3.21 -6.80 0.68
CA ALA A 139 2.24 -7.43 -0.21
C ALA A 139 1.07 -8.01 0.57
N ALA A 140 1.37 -8.74 1.65
CA ALA A 140 0.33 -9.39 2.43
C ALA A 140 -0.54 -8.37 3.18
N SER A 141 0.11 -7.43 3.84
CA SER A 141 -0.61 -6.46 4.65
C SER A 141 -1.41 -5.49 3.78
N THR A 142 -0.84 -5.13 2.64
CA THR A 142 -1.48 -4.17 1.75
C THR A 142 -2.64 -4.81 0.99
N ALA A 143 -2.45 -6.06 0.56
CA ALA A 143 -3.51 -6.78 -0.12
C ALA A 143 -4.67 -7.00 0.85
N GLN A 144 -4.35 -7.05 2.14
CA GLN A 144 -5.35 -7.18 3.20
C GLN A 144 -6.27 -5.96 3.24
N LEU A 145 -5.76 -4.82 2.81
CA LEU A 145 -6.57 -3.60 2.73
C LEU A 145 -7.69 -3.80 1.71
N LEU A 146 -7.39 -4.57 0.67
CA LEU A 146 -8.40 -4.95 -0.31
C LEU A 146 -9.42 -5.88 0.34
N VAL A 147 -8.91 -6.84 1.10
CA VAL A 147 -9.76 -7.80 1.80
C VAL A 147 -10.74 -7.08 2.72
N ALA A 148 -10.24 -6.08 3.45
CA ALA A 148 -11.07 -5.27 4.34
C ALA A 148 -12.21 -4.62 3.57
N CYS A 149 -11.91 -4.18 2.35
CA CYS A 149 -12.93 -3.60 1.47
C CYS A 149 -13.92 -4.68 1.03
N LYS A 150 -13.37 -5.80 0.57
CA LYS A 150 -14.16 -6.90 0.01
C LYS A 150 -15.16 -7.50 1.01
N VAL A 151 -14.93 -7.28 2.30
CA VAL A 151 -15.81 -7.78 3.36
C VAL A 151 -17.26 -7.37 3.11
N LYS A 152 -17.47 -6.13 2.68
CA LYS A 152 -18.80 -5.62 2.40
C LYS A 152 -18.94 -5.25 0.94
N ALA A 153 -18.14 -5.88 0.08
CA ALA A 153 -18.11 -5.50 -1.33
C ALA A 153 -18.19 -6.72 -2.23
N ASP A 154 -18.64 -6.50 -3.46
CA ASP A 154 -18.65 -7.52 -4.49
C ASP A 154 -17.54 -7.22 -5.49
N GLN A 155 -16.91 -8.25 -6.01
CA GLN A 155 -15.80 -8.05 -6.95
C GLN A 155 -16.35 -7.68 -8.33
N ASP A 156 -17.61 -8.01 -8.56
CA ASP A 156 -18.24 -7.70 -9.85
C ASP A 156 -18.59 -6.22 -9.94
N SER A 157 -18.40 -5.49 -8.85
CA SER A 157 -18.61 -4.05 -8.85
C SER A 157 -17.47 -3.37 -9.62
N GLU A 158 -17.74 -2.19 -10.14
CA GLU A 158 -16.82 -1.53 -11.06
C GLU A 158 -15.54 -1.07 -10.36
N ALA A 159 -15.69 -0.33 -9.27
CA ALA A 159 -14.53 0.24 -8.57
C ALA A 159 -13.58 -0.84 -8.08
N MET A 160 -14.11 -2.02 -7.82
CA MET A 160 -13.34 -3.13 -7.29
C MET A 160 -12.32 -3.63 -8.30
N LYS A 161 -12.57 -3.36 -9.57
CA LYS A 161 -11.62 -3.72 -10.63
C LYS A 161 -10.32 -2.95 -10.43
N ARG A 162 -10.45 -1.65 -10.17
CA ARG A 162 -9.32 -0.81 -9.89
C ARG A 162 -8.75 -1.11 -8.51
N LEU A 163 -9.62 -1.43 -7.56
CA LEU A 163 -9.21 -1.77 -6.21
C LEU A 163 -8.28 -2.99 -6.23
N GLN A 164 -8.73 -4.07 -6.86
CA GLN A 164 -7.94 -5.29 -6.98
C GLN A 164 -6.61 -5.01 -7.66
N ALA A 165 -6.67 -4.39 -8.83
CA ALA A 165 -5.47 -4.05 -9.60
C ALA A 165 -4.48 -3.20 -8.79
N ALA A 166 -4.99 -2.38 -7.88
CA ALA A 166 -4.13 -1.56 -7.03
C ALA A 166 -3.34 -2.42 -6.05
N GLY A 167 -4.04 -3.31 -5.36
CA GLY A 167 -3.38 -4.26 -4.47
C GLY A 167 -2.49 -5.21 -5.25
N ASN A 168 -2.95 -5.56 -6.44
CA ASN A 168 -2.19 -6.39 -7.36
C ASN A 168 -0.86 -5.75 -7.67
N ALA A 169 -0.87 -4.44 -7.90
CA ALA A 169 0.34 -3.70 -8.21
C ALA A 169 1.31 -3.73 -7.03
N VAL A 170 0.78 -3.67 -5.81
CA VAL A 170 1.61 -3.76 -4.61
C VAL A 170 2.31 -5.10 -4.59
N LYS A 171 1.53 -6.16 -4.77
CA LYS A 171 2.04 -7.52 -4.74
C LYS A 171 3.03 -7.75 -5.89
N ARG A 172 2.70 -7.21 -7.05
CA ARG A 172 3.56 -7.31 -8.22
C ARG A 172 4.89 -6.63 -7.99
N ALA A 173 4.83 -5.39 -7.51
CA ALA A 173 6.04 -4.62 -7.23
C ALA A 173 6.85 -5.26 -6.12
N SER A 174 6.17 -5.79 -5.11
CA SER A 174 6.83 -6.49 -4.01
C SER A 174 7.51 -7.75 -4.52
N ASP A 175 6.83 -8.49 -5.38
CA ASP A 175 7.40 -9.69 -6.00
C ASP A 175 8.65 -9.33 -6.78
N ASN A 176 8.54 -8.29 -7.60
CA ASN A 176 9.65 -7.79 -8.40
C ASN A 176 10.79 -7.33 -7.50
N LEU A 177 10.43 -6.71 -6.38
CA LEU A 177 11.42 -6.24 -5.42
C LEU A 177 12.14 -7.44 -4.78
N VAL A 178 11.35 -8.46 -4.42
CA VAL A 178 11.91 -9.72 -3.93
C VAL A 178 12.83 -10.32 -4.98
N LYS A 179 12.32 -10.41 -6.21
CA LYS A 179 13.09 -10.92 -7.33
C LYS A 179 14.44 -10.21 -7.44
N ALA A 180 14.41 -8.89 -7.44
CA ALA A 180 15.62 -8.09 -7.55
C ALA A 180 16.56 -8.36 -6.38
N ALA A 181 16.00 -8.52 -5.19
CA ALA A 181 16.80 -8.79 -4.01
C ALA A 181 17.49 -10.15 -4.11
N GLN A 182 16.81 -11.10 -4.76
CA GLN A 182 17.34 -12.45 -4.90
C GLN A 182 18.62 -12.48 -5.73
N LYS A 183 18.77 -11.53 -6.64
CA LYS A 183 19.96 -11.48 -7.49
C LYS A 183 21.14 -10.88 -6.73
N ALA A 184 20.86 -10.06 -5.72
CA ALA A 184 21.92 -9.37 -4.98
C ALA A 184 22.34 -10.16 -3.76
N ALA A 185 21.92 -11.41 -3.70
CA ALA A 185 22.28 -12.29 -2.61
C ALA A 185 22.33 -13.73 -3.09
N ALA A 186 22.72 -14.64 -2.20
CA ALA A 186 22.77 -16.05 -2.51
C ALA A 186 21.76 -16.81 -1.67
N PHE A 187 20.71 -17.30 -2.32
CA PHE A 187 19.65 -18.03 -1.61
C PHE A 187 19.68 -19.51 -1.97
N GLU A 188 20.84 -19.99 -2.39
CA GLU A 188 21.00 -21.40 -2.72
C GLU A 188 21.16 -22.24 -1.45
N ASP A 189 20.16 -22.18 -0.60
CA ASP A 189 20.17 -22.90 0.66
C ASP A 189 19.45 -24.23 0.52
#